data_8ENU
#
_entry.id   8ENU
#
_cell.length_a   1.00
_cell.length_b   1.00
_cell.length_c   1.00
_cell.angle_alpha   90.00
_cell.angle_beta   90.00
_cell.angle_gamma   90.00
#
_symmetry.space_group_name_H-M   'P 1'
#
loop_
_entity.id
_entity.type
_entity.pdbx_description
1 polymer 'Complement C3 beta chain'
2 polymer "Complement C3b alpha' chain"
3 polymer 'Complement factor B'
4 polymer Lufaxin
5 branched beta-D-mannopyranose-(1-4)-2-acetamido-2-deoxy-beta-D-glucopyranose-(1-4)-2-acetamido-2-deoxy-beta-D-glucopyranose
6 branched beta-D-mannopyranose-(1-4)-2-acetamido-2-deoxy-beta-D-glucopyranose-(1-6)-2-acetamido-2-deoxy-beta-D-glucopyranose
7 non-polymer 2-acetamido-2-deoxy-beta-D-glucopyranose
#
loop_
_entity_poly.entity_id
_entity_poly.type
_entity_poly.pdbx_seq_one_letter_code
_entity_poly.pdbx_strand_id
1 'polypeptide(L)'
;SPMYSIITPNILRLESEETMVLEAHDAQGDVPVTVTVHDFPGKKLVLSSEKTVLTPATNHMGNVTFTIPANREFKSEKGR
NKFVTVQATFGTQVVEKVVLVSLQSGYLFIQTDKTIYTPGSTVLYRIFTVNHKLLPVGRTVMVNIENPEGIPVKQDSLSS
QNQLGVLPLSWDIPELVNMGQWKIRAYYENSPQQVFSTEFEVKEYVLPSFEVIVEPTEKFYYIYNEKGLEVTITARFLYG
KKVEGTAFVIFGIQDGEQRISLPESLKRIPIEDGSGEVVLSRKVLLDGVQNPRAEDLVGKSLYVSATVILHSGSDMVQAE
RSGIPIVTSPYQIHFTKTPKYFKPGMPFDLMVFVTNPDGSPAYRVPVAVQGEDTVQSLTQGDGVAKLSINTHPSQKPLSI
TVRTKKQELSEAEQATRTMQALPYSTVGNSNNYLHLSVLRTELRPGETLNVNFLLRMDRAHEAKIRYYTYLIMNKGRLLK
AGRQVREPGQDLVVLPLSITTDFIPSFRLVAYYTLIGASGQREVVADSVWVDVKDSCVGSLVVKSGQSEDRQPVPGQQMT
LKIEGDHGARVVLVAVDKGVFVLNKKNKLTQSKIWDVVEKADIGCTPGSGKDYAGVFSDAGLTFTSSSGQQTAQRAELQC
PQPAA
;
G
2 'polypeptide(L)'
;SNLDEDIIAEENIVSRSEFPESWLWNVEDLKEPPKNGISTKLMNIFLKDSITTWEILAVSMSDKKGICVADPFEVTVMQD
FFIDLRLPYSVVRNEQVEIRAVLYNYRQNQELKVRVELLHNPAFCSLATTKRRHQQTVTIPPKSSLSVPYVIVPLKTGLQ
EVEVKAAVYHHFISDGVRKSLKVVPEGIRMNKTVAVRTLDPERLGREGVQKEDIPPADLSDQVPDTESETRILLQGTPVA
QMTEDAVDAERLKHLIVTPSGCGEENMIGMTPTVIAVHYLDETEQWEKFGLEKRQGALELIKKGYTQQLAFRQPSSAFAA
FVKRAPSTWLTAYVVKVFSLAVNLIAIDSQVLCGAVKWLILEKQKPDGVFQEDAPVIHQEMIGGLRNNNEKDMALTAFVL
ISLQEAKDICEEQVNSLPGSITKAGDFLEANYMNLQRSYTVAIAGYALAQMGRLKGPLLNKFLTTAKDKNRWEDPGKQLY
NVEATSYALLALLQLKDFDFVPPVVRWLNEQRYYGGGYGSTQATFMVFQALAQYQKDAPDHQELNLDVSLQLPSRSSKIT
HRIHWESASLLRSEETKENEGFTVTAEGKGQGTLSVVTMYHAKAKDQLTCNKFDLKVTIKPAPETEKRPQDAKNTMILEI
CTRYRGDQDATMSILDISMMTGFAPDTDDLKQLANGVDRYISKYELDKAFSDRNTLIIYLDKVSHSEDDCLAFKVHQYFN
VELIQPGAVKVYAYYNLEESCTRFYHPEKEDGKLNKLCRDELCRCAEENCFIQKSDDKVTLEERLDKACEPGVDYVYKTR
LVKVQLSNDFDEYIMAIEQTIKSGSDEVQVGQQRTFISPIKCREALKLEEKKHYLMWGLSSDFWGEKPNLSYIIGKDTWV
EHWPEEDECQDEENQKQCQDLGAFTESMVVFGCPN
;
H
3 'polypeptide(L)'
;GSNLSPQLCLMPFILGLLSGGVTTTPWSLARPQGSCSLEGVEIKGGSFRLLQEGQALEYVCPSGFYPYPVQTRTCRSTGS
WSTLKTQDQKTVRKAECRAIHCPRPHDFENGEYWPRSPYYNVSDEISFHCYDGYTLRGSANRTCQVNGRWSGQTAICDNG
AGYCSNPGIPIGTRKVGSQYRLEDSVTYHCSRGLTLRGSQRRTCQEGGSWSGTEPSCQDSFMYDTPQEVAEAFLSSLTET
IEGVDAEDGHGPGEQQKRKIVLDPSGSMNIYLVLDGSDSIGASNFTGAKKCLVNLIEKVASYGVKPRYGLVTYATYPKIW
VKVSEADSSNADWVTKQLNEINYEDHKLKSGTNTKKALQAVYSMMSWPDDVPPEGWNRTRHVIILMTDGLHNMGGDPITV
IDEIRDLLYIGKDRKNPREDYLDVYVFGVGPLVNQVNINALASKKDNEQHVFKVKDMENLEDVFYQMIDESQSLSLCGMV
WEHRKGTDYHKQPWQAKISVIRPSKGHESCMGAVVSEYFVLTAAHCFTVDDKEHSIKVSVGGEKRDLEIEVVLFHPNYNI
NGKKEAGIPEFYDYDVALIKLKNKLKYGQTIRPICLPCTEGTTRALRLPPTTTCQQQKEELLPAQDIKALFVSEEEKKLT
RKEVYIKNGDKKGSCERDAQYAPGYDKVKDISEVVTPRFLCTGGVSPYADPNTCRGDSGGPLIVHKRSRFIQVGVISWGV
VDVCKNQKRQKQVPAHARDFHINLFQVLPWLKEKLQDEDLGFL
;
D
4 'polypeptide(L)'
;DGDEYFIGKYKEKDETLFFASYGLKRDPCQIVLGYKCSNNQTHFVLNFKTNKKSCISAIKLTSYPKINQNSDLTRNLYCQ
TGGIGTDNCKLVFKKRKRQIAANIEIYGIPAKKCSFKDRYIGADPLHVDSYGLSYQFDQEHGWNLERNNIFKDTRFSTEV
FYHKNGLFNTQITYLAEEDSFSEAREITAKDIKKKFSIILPNEEYKRISFLDVYWFQETMRKKPKYPYIHYNGECSNENK
TCELVFDTDELMTYALVKVFTNPESDGSRLKEEDLGRG
;
A
#
loop_
_chem_comp.id
_chem_comp.type
_chem_comp.name
_chem_comp.formula
BMA D-saccharide, beta linking beta-D-mannopyranose 'C6 H12 O6'
NAG D-saccharide, beta linking 2-acetamido-2-deoxy-beta-D-glucopyranose 'C8 H15 N O6'
#
# COMPACT_ATOMS: atom_id res chain seq x y z
N SER A 1 45.56 -51.84 0.04
CA SER A 1 44.15 -51.87 -0.33
C SER A 1 43.64 -50.48 -0.71
N PRO A 2 42.87 -50.40 -1.78
CA PRO A 2 42.30 -49.10 -2.18
C PRO A 2 41.41 -48.54 -1.07
N MET A 3 41.47 -47.22 -0.90
CA MET A 3 40.82 -46.57 0.22
C MET A 3 39.96 -45.42 -0.31
N TYR A 4 38.75 -45.31 0.25
CA TYR A 4 37.78 -44.33 -0.23
C TYR A 4 37.09 -43.68 0.96
N SER A 5 36.63 -42.45 0.74
CA SER A 5 35.99 -41.67 1.80
C SER A 5 35.09 -40.61 1.19
N ILE A 6 34.23 -40.02 2.02
CA ILE A 6 33.30 -39.00 1.60
C ILE A 6 33.56 -37.72 2.40
N ILE A 7 33.44 -36.58 1.73
CA ILE A 7 33.57 -35.27 2.37
C ILE A 7 32.31 -34.47 2.05
N THR A 8 31.52 -34.16 3.08
CA THR A 8 30.27 -33.43 2.91
C THR A 8 30.11 -32.37 3.98
N PRO A 9 29.39 -31.28 3.69
CA PRO A 9 29.11 -30.29 4.72
C PRO A 9 28.22 -30.87 5.82
N ASN A 10 28.33 -30.28 7.00
CA ASN A 10 27.56 -30.79 8.13
C ASN A 10 26.07 -30.49 7.99
N ILE A 11 25.72 -29.37 7.37
CA ILE A 11 24.33 -29.00 7.14
C ILE A 11 24.16 -28.51 5.72
N LEU A 12 23.11 -28.97 5.04
CA LEU A 12 22.78 -28.53 3.69
C LEU A 12 21.37 -27.94 3.68
N ARG A 13 21.19 -26.93 2.84
CA ARG A 13 19.94 -26.19 2.77
C ARG A 13 19.17 -26.55 1.51
N LEU A 14 17.85 -26.52 1.61
CA LEU A 14 16.99 -26.78 0.46
C LEU A 14 17.10 -25.65 -0.56
N GLU A 15 17.01 -26.01 -1.83
CA GLU A 15 17.08 -25.08 -2.95
C GLU A 15 18.39 -24.29 -2.91
N SER A 16 19.49 -25.03 -3.00
CA SER A 16 20.82 -24.44 -2.96
C SER A 16 21.77 -25.38 -3.69
N GLU A 17 23.07 -25.12 -3.56
CA GLU A 17 24.11 -25.93 -4.19
C GLU A 17 25.01 -26.50 -3.10
N GLU A 18 25.22 -27.81 -3.12
CA GLU A 18 26.09 -28.48 -2.17
C GLU A 18 27.18 -29.21 -2.93
N THR A 19 28.35 -29.35 -2.29
CA THR A 19 29.51 -29.96 -2.92
C THR A 19 30.09 -31.01 -1.98
N MET A 20 30.35 -32.21 -2.52
CA MET A 20 31.06 -33.24 -1.78
C MET A 20 32.35 -33.58 -2.49
N VAL A 21 33.26 -34.23 -1.74
CA VAL A 21 34.60 -34.55 -2.23
C VAL A 21 34.84 -36.04 -2.04
N LEU A 22 35.49 -36.64 -3.05
CA LEU A 22 35.85 -38.04 -3.07
C LEU A 22 37.33 -38.18 -3.33
N GLU A 23 37.98 -39.10 -2.62
CA GLU A 23 39.40 -39.36 -2.77
C GLU A 23 39.66 -40.85 -2.86
N ALA A 24 40.58 -41.23 -3.74
CA ALA A 24 40.97 -42.62 -3.92
C ALA A 24 42.43 -42.78 -3.53
N HIS A 25 42.69 -43.71 -2.61
CA HIS A 25 44.04 -43.96 -2.14
C HIS A 25 44.52 -45.35 -2.58
N ALA A 27 44.30 -46.30 -5.63
CA ALA A 27 43.23 -46.79 -6.49
C ALA A 27 43.22 -46.05 -7.82
N GLN A 28 44.41 -45.88 -8.41
CA GLN A 28 44.52 -45.18 -9.68
C GLN A 28 43.79 -45.93 -10.77
N GLY A 29 43.04 -45.20 -11.58
CA GLY A 29 42.27 -45.78 -12.67
C GLY A 29 40.93 -45.06 -12.83
N ASP A 30 40.37 -45.16 -14.02
CA ASP A 30 39.08 -44.54 -14.33
C ASP A 30 37.98 -45.31 -13.63
N VAL A 31 37.47 -44.77 -12.54
CA VAL A 31 36.39 -45.37 -11.78
C VAL A 31 35.23 -44.38 -11.69
N PRO A 32 34.03 -44.74 -12.13
CA PRO A 32 32.89 -43.84 -11.96
C PRO A 32 32.31 -43.92 -10.57
N VAL A 33 31.69 -42.82 -10.14
CA VAL A 33 31.04 -42.73 -8.85
C VAL A 33 29.64 -42.15 -9.07
N THR A 34 28.64 -42.79 -8.47
CA THR A 34 27.27 -42.30 -8.49
C THR A 34 26.87 -41.92 -7.07
N VAL A 35 26.38 -40.70 -6.91
CA VAL A 35 25.91 -40.20 -5.63
C VAL A 35 24.39 -40.04 -5.71
N THR A 36 23.69 -40.61 -4.74
CA THR A 36 22.24 -40.60 -4.71
C THR A 36 21.77 -39.98 -3.39
N VAL A 37 20.89 -38.99 -3.49
CA VAL A 37 20.27 -38.37 -2.33
C VAL A 37 18.80 -38.79 -2.33
N HIS A 38 18.41 -39.50 -1.28
CA HIS A 38 17.02 -39.90 -1.08
C HIS A 38 16.63 -39.58 0.36
N ASP A 39 15.34 -39.29 0.54
CA ASP A 39 14.86 -38.73 1.80
C ASP A 39 14.94 -39.76 2.93
N PHE A 40 14.92 -39.25 4.16
CA PHE A 40 14.90 -40.01 5.39
C PHE A 40 13.83 -39.44 6.31
N PRO A 41 13.14 -40.29 7.09
CA PRO A 41 13.27 -41.76 7.18
C PRO A 41 12.66 -42.50 6.00
N GLY A 42 12.99 -43.78 5.89
CA GLY A 42 12.50 -44.61 4.81
C GLY A 42 13.29 -44.42 3.53
N LYS A 43 12.82 -45.09 2.49
CA LYS A 43 13.43 -45.03 1.16
C LYS A 43 12.34 -44.67 0.15
N LYS A 44 12.16 -43.36 -0.05
CA LYS A 44 11.18 -42.87 -1.02
C LYS A 44 11.89 -42.39 -2.28
N VAL A 46 13.20 -41.14 -4.79
CA VAL A 46 14.55 -40.60 -4.83
C VAL A 46 14.51 -39.10 -5.07
N LEU A 47 15.42 -38.36 -4.42
CA LEU A 47 15.47 -36.92 -4.61
C LEU A 47 16.36 -36.56 -5.80
N SER A 48 17.63 -36.97 -5.75
CA SER A 48 18.57 -36.60 -6.80
C SER A 48 19.59 -37.71 -7.00
N SER A 49 20.21 -37.70 -8.17
CA SER A 49 21.24 -38.68 -8.51
C SER A 49 22.19 -38.08 -9.52
N GLU A 50 23.50 -38.18 -9.24
CA GLU A 50 24.54 -37.62 -10.10
C GLU A 50 25.63 -38.64 -10.30
N LYS A 51 26.36 -38.50 -11.41
CA LYS A 51 27.43 -39.42 -11.77
C LYS A 51 28.64 -38.64 -12.24
N THR A 52 29.83 -39.13 -11.89
CA THR A 52 31.07 -38.47 -12.30
C THR A 52 32.21 -39.47 -12.23
N VAL A 53 33.09 -39.42 -13.22
CA VAL A 53 34.23 -40.33 -13.32
C VAL A 53 35.49 -39.60 -12.86
N LEU A 54 36.28 -40.28 -12.03
CA LEU A 54 37.53 -39.72 -11.54
C LEU A 54 38.62 -39.81 -12.61
N THR A 55 39.72 -39.11 -12.38
CA THR A 55 40.82 -39.04 -13.33
C THR A 55 42.12 -39.40 -12.62
N PRO A 56 42.81 -40.47 -13.03
CA PRO A 56 44.10 -40.79 -12.40
C PRO A 56 45.12 -39.68 -12.51
N ALA A 57 45.12 -38.94 -13.62
CA ALA A 57 46.09 -37.87 -13.80
C ALA A 57 45.89 -36.72 -12.83
N THR A 58 44.73 -36.63 -12.20
CA THR A 58 44.43 -35.56 -11.25
C THR A 58 44.43 -36.02 -9.81
N ASN A 59 44.87 -37.25 -9.52
CA ASN A 59 44.95 -37.80 -8.17
C ASN A 59 43.58 -37.91 -7.50
N HIS A 60 42.50 -37.89 -8.28
CA HIS A 60 41.14 -38.20 -7.82
C HIS A 60 40.69 -37.24 -6.71
N MET A 61 40.50 -35.98 -7.09
CA MET A 61 39.79 -35.07 -6.20
C MET A 61 38.31 -35.13 -6.50
N GLY A 62 37.49 -34.89 -5.47
CA GLY A 62 36.07 -34.78 -5.72
C GLY A 62 35.61 -33.35 -5.89
N ASN A 63 35.57 -32.89 -7.14
CA ASN A 63 34.94 -31.61 -7.46
C ASN A 63 33.54 -31.86 -7.98
N VAL A 64 32.76 -32.57 -7.18
CA VAL A 64 31.42 -33.02 -7.55
C VAL A 64 30.40 -32.34 -6.67
N THR A 65 29.31 -31.88 -7.29
CA THR A 65 28.27 -31.14 -6.61
C THR A 65 26.92 -31.79 -6.88
N PHE A 66 25.93 -31.37 -6.09
CA PHE A 66 24.54 -31.74 -6.32
C PHE A 66 23.65 -30.62 -5.80
N THR A 67 22.42 -30.61 -6.30
CA THR A 67 21.40 -29.67 -5.88
C THR A 67 20.22 -30.45 -5.33
N ILE A 68 19.89 -30.20 -4.07
CA ILE A 68 18.75 -30.89 -3.45
C ILE A 68 17.46 -30.39 -4.09
N PRO A 69 16.49 -31.27 -4.38
CA PRO A 69 15.27 -30.82 -5.06
C PRO A 69 14.44 -29.87 -4.20
N ALA A 70 13.69 -29.00 -4.88
CA ALA A 70 12.74 -28.11 -4.24
C ALA A 70 11.46 -28.90 -3.96
N ASN A 71 11.50 -29.70 -2.90
CA ASN A 71 10.41 -30.61 -2.59
C ASN A 71 9.33 -29.89 -1.79
N ARG A 72 8.17 -30.55 -1.68
CA ARG A 72 7.02 -29.98 -1.00
C ARG A 72 6.44 -30.83 0.11
N GLU A 73 6.63 -32.15 0.07
CA GLU A 73 6.09 -33.00 1.12
C GLU A 73 6.95 -32.99 2.39
N PHE A 74 8.10 -32.35 2.37
CA PHE A 74 8.93 -32.20 3.57
C PHE A 74 8.25 -31.22 4.51
N LYS A 75 7.55 -31.74 5.52
CA LYS A 75 6.86 -30.90 6.48
C LYS A 75 6.56 -31.66 7.77
N LYS A 78 3.29 -29.75 13.20
CA LYS A 78 4.20 -30.53 12.36
C LYS A 78 4.82 -31.68 13.15
N GLY A 79 5.92 -31.41 13.83
CA GLY A 79 6.60 -32.41 14.61
C GLY A 79 8.09 -32.11 14.68
N ARG A 80 8.87 -33.17 14.88
CA ARG A 80 10.31 -33.04 15.01
C ARG A 80 10.95 -32.77 13.65
N ASN A 81 12.22 -32.37 13.69
CA ASN A 81 12.94 -32.02 12.48
C ASN A 81 13.22 -33.27 11.64
N LYS A 82 13.90 -33.07 10.52
CA LYS A 82 14.05 -34.09 9.49
C LYS A 82 15.51 -34.25 9.10
N PHE A 83 15.84 -35.47 8.65
CA PHE A 83 17.18 -35.82 8.20
C PHE A 83 17.11 -36.36 6.77
N VAL A 84 18.26 -36.38 6.11
CA VAL A 84 18.38 -36.88 4.74
C VAL A 84 19.54 -37.86 4.68
N THR A 85 19.33 -38.99 4.01
CA THR A 85 20.37 -40.00 3.83
C THR A 85 21.04 -39.78 2.49
N VAL A 86 22.34 -39.50 2.50
CA VAL A 86 23.12 -39.30 1.29
C VAL A 86 24.00 -40.53 1.08
N GLN A 87 24.00 -41.05 -0.15
CA GLN A 87 24.64 -42.31 -0.47
C GLN A 87 25.61 -42.10 -1.64
N ALA A 88 26.70 -42.85 -1.62
CA ALA A 88 27.69 -42.83 -2.70
C ALA A 88 28.13 -44.26 -3.00
N THR A 89 28.39 -44.51 -4.28
CA THR A 89 28.85 -45.82 -4.73
C THR A 89 29.80 -45.62 -5.89
N PHE A 90 31.06 -46.03 -5.71
CA PHE A 90 32.04 -46.00 -6.79
C PHE A 90 32.06 -47.32 -7.55
N GLY A 91 30.87 -47.77 -7.95
CA GLY A 91 30.76 -49.01 -8.71
C GLY A 91 30.66 -50.31 -7.92
N THR A 92 31.49 -50.49 -6.91
CA THR A 92 31.58 -51.77 -6.21
C THR A 92 31.22 -51.71 -4.73
N GLN A 93 31.27 -50.55 -4.09
CA GLN A 93 31.05 -50.45 -2.65
C GLN A 93 30.11 -49.29 -2.35
N VAL A 94 29.43 -49.37 -1.21
CA VAL A 94 28.39 -48.43 -0.83
C VAL A 94 28.81 -47.74 0.47
N VAL A 95 28.68 -46.41 0.51
CA VAL A 95 28.89 -45.62 1.72
C VAL A 95 27.77 -44.61 1.84
N GLU A 96 27.06 -44.61 2.97
CA GLU A 96 25.96 -43.68 3.17
C GLU A 96 26.08 -43.02 4.54
N LYS A 97 25.47 -41.85 4.66
CA LYS A 97 25.55 -41.09 5.90
C LYS A 97 24.29 -40.24 6.05
N VAL A 98 24.02 -39.84 7.29
CA VAL A 98 22.86 -39.03 7.62
C VAL A 98 23.29 -37.58 7.78
N VAL A 99 22.57 -36.67 7.13
CA VAL A 99 22.86 -35.25 7.18
C VAL A 99 21.58 -34.52 7.58
N LEU A 100 21.73 -33.32 8.11
CA LEU A 100 20.63 -32.50 8.57
C LEU A 100 20.32 -31.42 7.55
N VAL A 101 19.03 -31.20 7.29
CA VAL A 101 18.58 -30.14 6.40
C VAL A 101 18.10 -28.98 7.26
N SER A 102 18.16 -27.78 6.70
CA SER A 102 17.88 -26.56 7.45
C SER A 102 16.71 -25.82 6.83
N LEU A 103 15.76 -25.41 7.68
CA LEU A 103 14.68 -24.53 7.26
C LEU A 103 15.19 -23.13 6.97
N GLN A 104 16.39 -22.79 7.43
CA GLN A 104 17.00 -21.49 7.17
C GLN A 104 17.47 -21.41 5.72
N SER A 105 16.53 -21.37 4.78
CA SER A 105 16.88 -21.37 3.37
C SER A 105 17.64 -20.13 2.95
N GLY A 106 17.64 -19.08 3.75
CA GLY A 106 18.37 -17.88 3.41
C GLY A 106 18.28 -16.87 4.53
N TYR A 107 18.52 -15.61 4.18
CA TYR A 107 18.43 -14.51 5.11
C TYR A 107 17.43 -13.48 4.60
N LEU A 108 16.69 -12.86 5.52
CA LEU A 108 15.79 -11.77 5.20
C LEU A 108 16.26 -10.53 5.93
N PHE A 109 16.66 -9.52 5.19
CA PHE A 109 17.11 -8.26 5.76
C PHE A 109 15.98 -7.25 5.58
N ILE A 110 15.27 -6.99 6.68
CA ILE A 110 14.19 -6.01 6.67
C ILE A 110 14.79 -4.66 7.01
N GLN A 111 14.70 -3.71 6.09
CA GLN A 111 15.22 -2.38 6.35
C GLN A 111 14.10 -1.37 6.15
N THR A 112 13.87 -0.55 7.17
CA THR A 112 12.88 0.51 7.13
C THR A 112 13.55 1.83 6.82
N ASP A 113 12.76 2.78 6.33
CA ASP A 113 13.31 4.09 6.01
C ASP A 113 13.71 4.87 7.25
N LYS A 114 13.08 4.59 8.39
CA LYS A 114 13.38 5.31 9.62
C LYS A 114 13.53 4.38 10.81
N THR A 115 13.64 4.95 12.00
CA THR A 115 13.64 4.21 13.25
C THR A 115 12.49 4.58 14.16
N ILE A 116 11.99 5.81 14.08
CA ILE A 116 10.91 6.31 14.91
C ILE A 116 9.84 6.95 14.02
N TYR A 117 8.58 6.71 14.35
CA TYR A 117 7.46 7.15 13.55
C TYR A 117 6.43 7.88 14.40
N THR A 118 5.51 8.55 13.73
CA THR A 118 4.38 9.27 14.32
C THR A 118 3.07 8.62 13.91
N PRO A 119 2.04 8.72 14.76
CA PRO A 119 0.71 8.25 14.35
C PRO A 119 0.13 9.11 13.25
N GLY A 120 -0.02 8.54 12.06
CA GLY A 120 -0.53 9.28 10.93
C GLY A 120 0.47 9.35 9.79
N SER A 121 1.43 8.42 9.80
CA SER A 121 2.45 8.37 8.76
C SER A 121 2.49 6.99 8.13
N THR A 122 3.49 6.72 7.30
CA THR A 122 3.60 5.46 6.59
C THR A 122 4.95 4.82 6.90
N VAL A 123 4.91 3.57 7.34
CA VAL A 123 6.12 2.75 7.45
C VAL A 123 6.39 2.17 6.07
N LEU A 124 7.59 2.41 5.56
CA LEU A 124 8.05 1.86 4.29
C LEU A 124 9.18 0.90 4.59
N TYR A 125 9.12 -0.32 4.08
CA TYR A 125 10.20 -1.26 4.35
C TYR A 125 10.50 -2.09 3.11
N ARG A 126 11.74 -2.57 3.05
CA ARG A 126 12.22 -3.47 2.03
C ARG A 126 12.69 -4.76 2.68
N ILE A 127 12.19 -5.88 2.19
CA ILE A 127 12.73 -7.18 2.57
C ILE A 127 13.70 -7.61 1.49
N PHE A 128 14.95 -7.85 1.88
CA PHE A 128 15.98 -8.38 1.00
C PHE A 128 16.08 -9.86 1.29
N THR A 129 15.61 -10.68 0.36
CA THR A 129 15.65 -12.13 0.49
C THR A 129 16.91 -12.61 -0.22
N VAL A 130 17.90 -13.02 0.56
CA VAL A 130 19.12 -13.61 0.03
C VAL A 130 19.16 -15.07 0.45
N ASN A 131 20.11 -15.80 -0.13
CA ASN A 131 20.39 -17.17 0.25
C ASN A 131 21.69 -17.19 1.04
N HIS A 132 22.17 -18.39 1.35
CA HIS A 132 23.37 -18.51 2.17
C HIS A 132 24.64 -18.13 1.43
N LYS A 133 24.54 -17.79 0.14
CA LYS A 133 25.61 -17.12 -0.59
C LYS A 133 25.41 -15.62 -0.64
N LEU A 134 24.46 -15.08 0.12
CA LEU A 134 24.13 -13.66 0.11
C LEU A 134 23.68 -13.19 -1.28
N LEU A 135 23.04 -14.08 -2.03
CA LEU A 135 22.62 -13.84 -3.40
C LEU A 135 21.10 -13.79 -3.49
N PRO A 136 20.56 -12.94 -4.37
CA PRO A 136 19.09 -12.87 -4.51
C PRO A 136 18.51 -14.22 -4.92
N VAL A 137 17.34 -14.53 -4.34
CA VAL A 137 16.64 -15.77 -4.63
C VAL A 137 15.14 -15.48 -4.57
N GLY A 138 14.37 -16.30 -5.29
CA GLY A 138 12.93 -16.13 -5.33
C GLY A 138 12.19 -17.11 -4.45
N ARG A 139 11.49 -16.60 -3.43
CA ARG A 139 10.74 -17.43 -2.49
C ARG A 139 9.42 -16.74 -2.18
N THR A 140 8.69 -17.30 -1.22
CA THR A 140 7.45 -16.74 -0.71
C THR A 140 7.63 -16.39 0.75
N VAL A 141 7.17 -15.20 1.14
CA VAL A 141 7.41 -14.67 2.48
C VAL A 141 6.09 -14.31 3.13
N MET A 142 6.02 -14.55 4.43
CA MET A 142 4.87 -14.17 5.26
C MET A 142 5.34 -13.08 6.23
N VAL A 143 4.63 -11.97 6.22
CA VAL A 143 4.98 -10.76 6.98
C VAL A 143 3.88 -10.48 7.99
N ASN A 144 4.27 -10.17 9.23
CA ASN A 144 3.34 -9.80 10.28
C ASN A 144 3.79 -8.47 10.89
N ILE A 145 2.83 -7.60 11.18
CA ILE A 145 3.07 -6.36 11.90
C ILE A 145 2.44 -6.49 13.27
N GLU A 146 3.26 -6.51 14.31
CA GLU A 146 2.81 -6.72 15.68
C GLU A 146 2.82 -5.42 16.47
N ASN A 147 1.76 -5.24 17.26
CA ASN A 147 1.64 -4.13 18.18
C ASN A 147 2.56 -4.31 19.39
N PRO A 148 2.77 -3.25 20.17
CA PRO A 148 3.65 -3.38 21.34
C PRO A 148 3.19 -4.43 22.35
N GLU A 149 1.91 -4.81 22.33
CA GLU A 149 1.44 -5.84 23.23
C GLU A 149 1.89 -7.23 22.81
N GLY A 150 1.96 -7.49 21.51
CA GLY A 150 2.48 -8.76 21.02
C GLY A 150 1.51 -9.55 20.17
N ILE A 151 0.52 -8.87 19.60
CA ILE A 151 -0.46 -9.52 18.73
C ILE A 151 -0.48 -8.79 17.39
N PRO A 152 -0.36 -9.51 16.27
CA PRO A 152 -0.29 -8.84 14.96
C PRO A 152 -1.54 -8.04 14.65
N VAL A 153 -1.34 -6.89 14.00
CA VAL A 153 -2.44 -6.07 13.49
C VAL A 153 -2.60 -6.19 11.99
N LYS A 154 -1.65 -6.79 11.29
CA LYS A 154 -1.75 -7.00 9.86
C LYS A 154 -0.84 -8.15 9.48
N GLN A 155 -1.28 -8.96 8.51
CA GLN A 155 -0.47 -10.04 7.98
C GLN A 155 -0.59 -10.05 6.46
N ASP A 156 0.46 -10.54 5.81
CA ASP A 156 0.55 -10.51 4.36
C ASP A 156 1.42 -11.66 3.89
N SER A 157 1.28 -12.00 2.60
CA SER A 157 2.07 -13.08 2.01
C SER A 157 2.42 -12.67 0.58
N LEU A 158 3.71 -12.46 0.32
CA LEU A 158 4.18 -12.03 -0.98
C LEU A 158 5.10 -13.08 -1.61
N SER A 159 5.34 -12.92 -2.90
CA SER A 159 6.24 -13.79 -3.66
C SER A 159 7.37 -12.95 -4.26
N SER A 160 8.54 -13.56 -4.36
CA SER A 160 9.75 -12.89 -4.83
C SER A 160 10.22 -13.46 -6.15
N GLN A 161 9.29 -13.85 -7.01
CA GLN A 161 9.65 -14.45 -8.29
C GLN A 161 9.95 -13.34 -9.30
N ASN A 162 11.17 -13.36 -9.84
CA ASN A 162 11.63 -12.35 -10.79
C ASN A 162 11.52 -10.94 -10.21
N GLN A 163 11.93 -10.80 -8.94
CA GLN A 163 11.95 -9.51 -8.27
C GLN A 163 13.34 -9.09 -7.83
N LEU A 164 14.35 -9.93 -8.04
CA LEU A 164 15.76 -9.61 -7.77
C LEU A 164 16.02 -9.36 -6.29
N GLY A 165 15.21 -9.96 -5.43
CA GLY A 165 15.45 -9.95 -3.99
C GLY A 165 14.85 -8.78 -3.24
N VAL A 166 14.32 -7.77 -3.93
CA VAL A 166 13.76 -6.59 -3.31
C VAL A 166 12.25 -6.76 -3.21
N LEU A 167 11.72 -6.79 -1.99
CA LEU A 167 10.29 -6.86 -1.75
C LEU A 167 9.88 -5.58 -1.02
N PRO A 168 9.38 -4.60 -1.73
CA PRO A 168 8.98 -3.33 -1.11
C PRO A 168 7.54 -3.37 -0.63
N LEU A 169 7.35 -3.21 0.68
CA LEU A 169 6.03 -3.17 1.26
C LEU A 169 5.88 -1.91 2.09
N SER A 170 4.64 -1.62 2.47
CA SER A 170 4.30 -0.39 3.16
C SER A 170 3.16 -0.69 4.14
N TRP A 171 2.99 0.22 5.09
CA TRP A 171 1.96 0.08 6.11
C TRP A 171 1.56 1.47 6.57
N ASP A 172 0.28 1.66 6.82
CA ASP A 172 -0.24 2.95 7.25
C ASP A 172 -0.53 2.91 8.75
N ILE A 173 0.04 3.86 9.48
CA ILE A 173 -0.13 3.96 10.93
C ILE A 173 -1.44 4.70 11.23
N PRO A 174 -2.37 4.10 11.95
CA PRO A 174 -3.60 4.81 12.29
C PRO A 174 -3.33 5.98 13.21
N GLU A 175 -4.19 7.00 13.11
CA GLU A 175 -4.08 8.16 13.97
C GLU A 175 -4.49 7.90 15.41
N LEU A 176 -5.17 6.78 15.67
CA LEU A 176 -5.60 6.38 16.99
C LEU A 176 -4.96 5.02 17.25
N VAL A 177 -3.76 5.03 17.82
CA VAL A 177 -2.92 3.85 17.88
C VAL A 177 -2.15 3.85 19.19
N ASN A 178 -1.57 2.70 19.53
CA ASN A 178 -0.79 2.53 20.74
C ASN A 178 0.68 2.83 20.49
N MET A 179 1.30 3.54 21.44
CA MET A 179 2.68 3.98 21.29
C MET A 179 3.64 2.93 21.82
N GLY A 180 4.82 2.83 21.22
CA GLY A 180 5.83 1.95 21.75
C GLY A 180 6.59 1.24 20.65
N GLN A 181 7.11 0.06 21.00
CA GLN A 181 7.96 -0.73 20.12
C GLN A 181 7.11 -1.60 19.23
N TRP A 182 6.90 -1.17 17.99
CA TRP A 182 6.18 -1.96 17.00
C TRP A 182 7.16 -2.89 16.30
N LYS A 183 6.64 -4.04 15.85
CA LYS A 183 7.50 -5.09 15.34
C LYS A 183 7.05 -5.50 13.94
N ILE A 184 8.01 -5.83 13.09
CA ILE A 184 7.75 -6.51 11.83
C ILE A 184 8.48 -7.84 11.87
N ARG A 185 7.74 -8.92 11.66
CA ARG A 185 8.30 -10.27 11.69
C ARG A 185 8.01 -10.92 10.33
N ALA A 186 9.07 -11.17 9.57
CA ALA A 186 8.95 -11.79 8.25
C ALA A 186 9.69 -13.11 8.25
N TYR A 187 9.06 -14.14 7.69
CA TYR A 187 9.71 -15.44 7.57
C TYR A 187 9.31 -16.10 6.26
N TYR A 188 10.17 -16.99 5.79
CA TYR A 188 9.90 -17.69 4.54
C TYR A 188 8.67 -18.59 4.71
N GLU A 189 7.92 -18.75 3.62
CA GLU A 189 6.70 -19.53 3.67
C GLU A 189 6.95 -20.97 4.10
N ASN A 190 8.10 -21.53 3.72
CA ASN A 190 8.42 -22.91 4.07
C ASN A 190 8.90 -23.06 5.51
N SER A 191 9.32 -21.97 6.15
CA SER A 191 9.96 -22.02 7.47
C SER A 191 9.26 -21.09 8.44
N PRO A 192 8.26 -21.60 9.19
CA PRO A 192 7.60 -20.75 10.19
C PRO A 192 8.47 -20.43 11.40
N GLN A 193 9.57 -21.15 11.60
CA GLN A 193 10.48 -20.89 12.71
C GLN A 193 11.63 -19.98 12.32
N GLN A 194 11.68 -19.55 11.07
CA GLN A 194 12.74 -18.65 10.58
C GLN A 194 12.32 -17.20 10.69
N VAL A 195 11.91 -16.78 11.88
CA VAL A 195 11.34 -15.45 12.07
C VAL A 195 12.46 -14.43 12.11
N PHE A 196 12.37 -13.43 11.23
CA PHE A 196 13.26 -12.29 11.25
C PHE A 196 12.50 -11.05 11.73
N SER A 197 13.18 -10.25 12.53
CA SER A 197 12.53 -9.19 13.30
C SER A 197 13.08 -7.82 12.94
N THR A 198 12.23 -6.81 13.11
CA THR A 198 12.65 -5.42 12.96
C THR A 198 11.73 -4.57 13.85
N GLU A 199 12.31 -3.98 14.89
CA GLU A 199 11.53 -3.20 15.86
C GLU A 199 11.77 -1.71 15.63
N PHE A 200 10.68 -0.95 15.55
CA PHE A 200 10.75 0.49 15.36
C PHE A 200 9.81 1.18 16.34
N GLU A 201 10.16 2.41 16.70
CA GLU A 201 9.36 3.20 17.62
C GLU A 201 8.13 3.77 16.94
N VAL A 202 7.09 3.96 17.74
CA VAL A 202 5.99 4.87 17.43
C VAL A 202 5.82 5.78 18.63
N LYS A 203 5.94 7.09 18.40
CA LYS A 203 6.05 8.09 19.45
C LYS A 203 5.50 9.40 18.88
N GLU A 204 5.27 10.35 19.78
CA GLU A 204 4.82 11.68 19.42
C GLU A 204 5.99 12.63 19.65
N TYR A 205 6.78 12.86 18.59
CA TYR A 205 8.05 13.55 18.70
C TYR A 205 8.11 14.71 17.72
N VAL A 206 9.26 15.38 17.71
CA VAL A 206 9.55 16.47 16.79
C VAL A 206 11.06 16.53 16.60
N LEU A 207 11.50 17.00 15.44
CA LEU A 207 12.90 16.86 15.05
C LEU A 207 13.81 17.71 15.94
N PRO A 208 14.84 17.11 16.55
CA PRO A 208 15.88 17.91 17.20
C PRO A 208 16.70 18.67 16.19
N SER A 209 17.23 19.82 16.63
CA SER A 209 17.99 20.69 15.75
C SER A 209 19.51 20.52 15.90
N PHE A 210 19.96 19.72 16.86
CA PHE A 210 21.39 19.50 17.02
C PHE A 210 21.64 18.18 17.74
N GLU A 211 22.84 17.63 17.52
CA GLU A 211 23.32 16.45 18.21
C GLU A 211 24.32 16.84 19.29
N VAL A 212 24.11 16.31 20.50
CA VAL A 212 25.02 16.51 21.61
C VAL A 212 25.66 15.17 21.94
N ILE A 213 26.97 15.16 22.06
CA ILE A 213 27.71 13.97 22.49
C ILE A 213 28.51 14.33 23.73
N VAL A 214 28.52 13.42 24.70
CA VAL A 214 29.28 13.57 25.93
C VAL A 214 30.41 12.56 25.89
N GLU A 215 31.65 13.04 25.81
CA GLU A 215 32.76 12.12 25.61
C GLU A 215 33.78 12.28 26.73
N PRO A 216 34.29 11.18 27.27
CA PRO A 216 35.32 11.28 28.33
C PRO A 216 36.70 11.41 27.74
N THR A 217 37.55 12.18 28.43
CA THR A 217 38.96 12.25 28.05
C THR A 217 39.61 10.88 28.20
N GLU A 218 39.34 10.20 29.32
CA GLU A 218 39.70 8.80 29.51
C GLU A 218 38.41 7.99 29.43
N LYS A 219 38.34 7.13 28.42
CA LYS A 219 37.09 6.47 28.06
C LYS A 219 36.64 5.44 29.10
N PHE A 220 37.50 5.09 30.05
CA PHE A 220 37.16 4.24 31.18
C PHE A 220 37.19 5.08 32.46
N TYR A 221 37.03 4.42 33.60
CA TYR A 221 37.19 5.07 34.89
C TYR A 221 38.06 4.21 35.81
N TYR A 222 38.88 4.88 36.61
CA TYR A 222 39.79 4.23 37.55
C TYR A 222 39.38 4.58 38.98
N ILE A 223 39.48 3.60 39.87
CA ILE A 223 39.05 3.80 41.24
C ILE A 223 39.94 4.81 41.96
N TYR A 224 41.24 4.76 41.72
CA TYR A 224 42.21 5.54 42.48
C TYR A 224 42.61 6.83 41.76
N ASN A 225 41.69 7.46 41.04
CA ASN A 225 41.97 8.76 40.45
C ASN A 225 41.96 9.84 41.54
N GLU A 226 43.05 10.60 41.62
CA GLU A 226 43.16 11.68 42.59
C GLU A 226 42.63 13.01 42.07
N LYS A 227 42.18 13.06 40.82
CA LYS A 227 41.66 14.27 40.20
C LYS A 227 40.15 14.21 39.97
N GLY A 228 39.63 13.08 39.52
CA GLY A 228 38.22 12.91 39.25
C GLY A 228 38.02 12.36 37.86
N LEU A 229 36.80 12.49 37.35
CA LEU A 229 36.46 12.05 36.01
C LEU A 229 36.05 13.25 35.18
N GLU A 230 36.74 13.47 34.06
CA GLU A 230 36.48 14.62 33.19
C GLU A 230 35.73 14.15 31.95
N VAL A 231 34.59 14.78 31.70
CA VAL A 231 33.80 14.54 30.50
C VAL A 231 33.53 15.89 29.83
N THR A 232 33.61 15.91 28.51
CA THR A 232 33.43 17.14 27.74
C THR A 232 32.21 17.04 26.85
N ILE A 233 31.65 18.20 26.52
CA ILE A 233 30.37 18.32 25.84
C ILE A 233 30.64 18.83 24.44
N THR A 234 30.23 18.07 23.43
CA THR A 234 30.29 18.53 22.04
C THR A 234 28.85 18.59 21.54
N ALA A 235 28.26 19.78 21.62
CA ALA A 235 26.93 20.04 21.11
C ALA A 235 27.07 20.75 19.77
N ARG A 236 26.83 20.02 18.69
CA ARG A 236 26.99 20.57 17.35
C ARG A 236 25.70 20.37 16.59
N PHE A 237 25.36 21.34 15.75
CA PHE A 237 24.15 21.22 14.95
C PHE A 237 24.28 20.05 13.97
N LEU A 238 23.13 19.53 13.56
CA LEU A 238 23.13 18.37 12.67
C LEU A 238 23.80 18.67 11.34
N TYR A 239 23.94 19.95 10.99
CA TYR A 239 24.73 20.37 9.84
C TYR A 239 26.14 20.80 10.23
N GLY A 240 26.64 20.36 11.39
CA GLY A 240 28.05 20.43 11.69
C GLY A 240 28.58 21.74 12.20
N LYS A 241 27.73 22.60 12.76
CA LYS A 241 28.16 23.90 13.25
C LYS A 241 28.29 23.86 14.78
N LYS A 242 28.52 25.01 15.38
CA LYS A 242 28.76 25.12 16.81
C LYS A 242 27.64 25.93 17.47
N VAL A 243 27.33 25.58 18.73
CA VAL A 243 26.19 26.13 19.43
C VAL A 243 26.66 27.13 20.48
N GLU A 244 25.70 27.84 21.06
CA GLU A 244 25.91 28.66 22.26
C GLU A 244 24.71 28.43 23.17
N GLY A 245 24.94 27.84 24.32
CA GLY A 245 23.84 27.55 25.22
C GLY A 245 24.32 27.05 26.56
N THR A 246 23.41 26.40 27.29
CA THR A 246 23.73 25.85 28.59
C THR A 246 23.34 24.38 28.62
N ALA A 247 23.88 23.65 29.58
CA ALA A 247 23.61 22.23 29.68
C ALA A 247 23.52 21.81 31.13
N PHE A 248 22.75 20.75 31.37
CA PHE A 248 22.60 20.12 32.68
C PHE A 248 23.14 18.70 32.59
N VAL A 249 24.00 18.34 33.53
CA VAL A 249 24.68 17.05 33.54
C VAL A 249 24.40 16.35 34.86
N ILE A 250 23.94 15.09 34.78
CA ILE A 250 23.77 14.27 35.97
C ILE A 250 24.40 12.90 35.69
N PHE A 251 24.68 12.17 36.75
CA PHE A 251 25.33 10.87 36.66
C PHE A 251 24.46 9.80 37.32
N GLY A 252 24.98 8.59 37.36
CA GLY A 252 24.27 7.48 37.98
C GLY A 252 25.08 6.21 37.85
N ILE A 253 24.48 5.11 38.28
CA ILE A 253 25.15 3.82 38.27
C ILE A 253 24.22 2.79 37.63
N GLN A 254 24.77 1.97 36.74
CA GLN A 254 24.00 1.00 35.98
C GLN A 254 24.11 -0.35 36.69
N ASP A 255 23.24 -0.54 37.67
CA ASP A 255 23.18 -1.78 38.43
C ASP A 255 22.27 -2.77 37.69
N GLY A 256 21.89 -3.85 38.37
CA GLY A 256 21.07 -4.86 37.74
C GLY A 256 19.61 -4.48 37.64
N GLU A 257 19.17 -4.15 36.42
CA GLU A 257 17.77 -3.83 36.13
C GLU A 257 17.25 -2.69 37.00
N GLN A 258 18.08 -1.67 37.19
CA GLN A 258 17.68 -0.49 37.97
C GLN A 258 18.62 0.65 37.64
N ARG A 259 18.28 1.84 38.14
CA ARG A 259 19.06 3.04 37.91
C ARG A 259 19.01 3.90 39.17
N ILE A 260 20.18 4.19 39.74
CA ILE A 260 20.30 5.01 40.93
C ILE A 260 20.92 6.35 40.53
N SER A 261 20.23 7.43 40.86
CA SER A 261 20.67 8.77 40.49
C SER A 261 21.30 9.48 41.68
N LEU A 262 22.18 10.44 41.37
CA LEU A 262 22.91 11.21 42.37
C LEU A 262 22.56 12.68 42.20
N PRO A 263 21.60 13.19 42.98
CA PRO A 263 21.24 14.62 42.87
C PRO A 263 22.37 15.56 43.27
N GLU A 264 23.35 15.08 44.05
CA GLU A 264 24.49 15.92 44.41
C GLU A 264 25.33 16.25 43.17
N SER A 265 25.50 15.28 42.28
CA SER A 265 26.23 15.50 41.03
C SER A 265 25.30 15.99 39.92
N LEU A 266 24.55 17.05 40.23
CA LEU A 266 23.63 17.67 39.28
C LEU A 266 24.23 19.03 38.95
N LYS A 267 25.02 19.08 37.88
CA LYS A 267 25.80 20.27 37.56
C LYS A 267 25.21 20.97 36.34
N ARG A 268 25.47 22.27 36.27
CA ARG A 268 25.05 23.11 35.16
C ARG A 268 26.28 23.81 34.58
N ILE A 269 26.41 23.77 33.25
CA ILE A 269 27.62 24.28 32.62
C ILE A 269 27.30 25.11 31.38
N PRO A 270 28.05 26.18 31.12
CA PRO A 270 27.90 26.95 29.87
C PRO A 270 28.65 26.25 28.75
N ILE A 271 27.94 25.90 27.67
CA ILE A 271 28.58 25.29 26.52
C ILE A 271 29.25 26.40 25.72
N GLU A 272 30.56 26.58 25.92
CA GLU A 272 31.30 27.70 25.34
C GLU A 272 31.75 27.32 23.94
N ASP A 273 30.98 27.75 22.94
CA ASP A 273 31.31 27.55 21.52
C ASP A 273 31.46 26.06 21.21
N GLY A 274 30.39 25.32 21.47
CA GLY A 274 30.36 23.89 21.21
C GLY A 274 31.35 23.10 22.03
N SER A 275 31.56 23.49 23.29
CA SER A 275 32.54 22.81 24.13
C SER A 275 32.10 22.90 25.58
N GLY A 276 32.45 21.88 26.35
CA GLY A 276 32.16 21.85 27.77
C GLY A 276 33.26 21.12 28.51
N GLU A 277 33.29 21.32 29.83
CA GLU A 277 34.33 20.69 30.66
C GLU A 277 33.73 20.44 32.04
N VAL A 278 33.23 19.22 32.23
CA VAL A 278 32.57 18.81 33.46
C VAL A 278 33.49 17.85 34.20
N VAL A 279 33.70 18.10 35.48
CA VAL A 279 34.54 17.26 36.33
C VAL A 279 33.68 16.71 37.45
N LEU A 280 33.60 15.38 37.53
CA LEU A 280 32.94 14.70 38.63
C LEU A 280 34.01 14.34 39.66
N SER A 281 33.83 14.84 40.88
CA SER A 281 34.81 14.62 41.94
C SER A 281 34.58 13.26 42.60
N ARG A 282 35.66 12.71 43.17
CA ARG A 282 35.57 11.40 43.80
C ARG A 282 34.72 11.44 45.06
N LYS A 283 34.73 12.55 45.79
CA LYS A 283 33.96 12.64 47.03
C LYS A 283 32.45 12.54 46.76
N VAL A 284 31.99 13.18 45.68
CA VAL A 284 30.57 13.12 45.35
C VAL A 284 30.16 11.69 45.01
N LEU A 285 30.98 11.00 44.21
CA LEU A 285 30.67 9.62 43.86
C LEU A 285 30.68 8.72 45.09
N LEU A 286 31.64 8.94 45.99
CA LEU A 286 31.70 8.14 47.22
C LEU A 286 30.48 8.40 48.10
N ASP A 287 30.04 9.65 48.20
CA ASP A 287 28.87 9.98 49.01
C ASP A 287 27.57 9.56 48.33
N GLY A 288 27.59 9.28 47.04
CA GLY A 288 26.38 8.82 46.37
C GLY A 288 25.90 7.49 46.92
N VAL A 289 26.82 6.57 47.20
CA VAL A 289 26.48 5.27 47.77
C VAL A 289 26.92 5.25 49.23
N GLN A 290 26.50 4.21 49.94
CA GLN A 290 26.81 4.03 51.35
C GLN A 290 27.69 2.80 51.57
N ASN A 291 28.67 2.61 50.69
CA ASN A 291 29.58 1.47 50.83
C ASN A 291 30.91 1.93 51.39
N PRO A 292 31.38 1.33 52.48
CA PRO A 292 32.69 1.73 53.03
C PRO A 292 33.86 1.46 52.11
N ARG A 293 33.71 0.57 51.13
CA ARG A 293 34.79 0.18 50.24
C ARG A 293 34.46 0.60 48.82
N ALA A 294 35.40 1.26 48.16
CA ALA A 294 35.24 1.64 46.76
C ALA A 294 35.42 0.46 45.81
N GLU A 295 36.20 -0.56 46.21
CA GLU A 295 36.46 -1.71 45.34
C GLU A 295 35.18 -2.48 45.02
N ASP A 296 34.12 -2.31 45.82
CA ASP A 296 32.86 -2.96 45.51
C ASP A 296 32.17 -2.37 44.29
N LEU A 297 32.64 -1.23 43.78
CA LEU A 297 32.10 -0.67 42.55
C LEU A 297 32.65 -1.35 41.31
N VAL A 298 33.65 -2.21 41.45
CA VAL A 298 34.17 -2.96 40.31
C VAL A 298 33.12 -3.95 39.85
N GLY A 299 32.87 -3.97 38.55
CA GLY A 299 31.80 -4.78 37.99
C GLY A 299 30.53 -4.03 37.68
N LYS A 300 30.50 -2.72 37.92
CA LYS A 300 29.35 -1.87 37.62
C LYS A 300 29.85 -0.64 36.88
N SER A 301 29.00 -0.11 36.00
CA SER A 301 29.35 1.01 35.15
C SER A 301 28.48 2.21 35.47
N LEU A 302 28.99 3.39 35.13
CA LEU A 302 28.31 4.66 35.32
C LEU A 302 27.57 5.03 34.05
N TYR A 303 26.64 5.98 34.17
CA TYR A 303 26.05 6.58 32.98
C TYR A 303 25.92 8.08 33.19
N VAL A 304 26.17 8.83 32.13
CA VAL A 304 26.10 10.29 32.15
C VAL A 304 24.90 10.71 31.32
N SER A 305 23.99 11.46 31.93
CA SER A 305 22.81 11.98 31.24
C SER A 305 22.96 13.50 31.15
N ALA A 306 23.07 13.99 29.92
CA ALA A 306 23.18 15.42 29.67
C ALA A 306 21.98 15.93 28.91
N THR A 307 21.68 17.20 29.10
CA THR A 307 20.51 17.81 28.46
C THR A 307 20.86 19.27 28.18
N VAL A 308 20.92 19.63 26.90
CA VAL A 308 21.45 20.92 26.46
C VAL A 308 20.28 21.78 25.99
N ILE A 309 20.16 22.96 26.58
CA ILE A 309 19.13 23.93 26.22
C ILE A 309 19.81 25.12 25.57
N LEU A 310 19.28 25.52 24.42
CA LEU A 310 19.84 26.64 23.68
C LEU A 310 19.53 27.97 24.38
N HIS A 311 20.29 29.01 23.99
CA HIS A 311 20.04 30.32 24.56
C HIS A 311 18.67 30.86 24.17
N SER A 312 18.06 30.32 23.11
CA SER A 312 16.69 30.65 22.76
C SER A 312 15.67 29.80 23.50
N GLY A 313 16.11 28.78 24.23
CA GLY A 313 15.19 27.89 24.91
C GLY A 313 14.25 27.17 23.98
N SER A 314 14.71 26.79 22.79
CA SER A 314 13.84 26.22 21.77
C SER A 314 13.84 24.70 21.81
N ASP A 315 15.01 24.09 21.65
CA ASP A 315 15.10 22.64 21.51
C ASP A 315 15.48 21.99 22.84
N MET A 316 15.41 20.66 22.85
CA MET A 316 15.46 19.87 24.07
C MET A 316 16.14 18.56 23.70
N VAL A 317 17.45 18.50 23.89
CA VAL A 317 18.26 17.37 23.42
C VAL A 317 18.85 16.68 24.63
N GLN A 318 18.28 15.54 25.01
CA GLN A 318 18.76 14.75 26.13
C GLN A 318 19.55 13.57 25.57
N ALA A 319 20.87 13.59 25.79
CA ALA A 319 21.77 12.56 25.29
C ALA A 319 22.42 11.84 26.46
N GLU A 320 22.61 10.52 26.31
CA GLU A 320 23.15 9.69 27.36
C GLU A 320 24.29 8.84 26.83
N ARG A 321 25.43 8.89 27.53
CA ARG A 321 26.54 7.98 27.25
C ARG A 321 26.53 6.92 28.36
N SER A 322 25.68 5.92 28.18
CA SER A 322 25.56 4.86 29.16
C SER A 322 26.70 3.87 29.01
N GLY A 323 27.16 3.34 30.13
CA GLY A 323 28.21 2.34 30.11
C GLY A 323 29.61 2.90 30.13
N ILE A 324 29.93 3.69 31.15
CA ILE A 324 31.30 4.13 31.39
C ILE A 324 31.86 3.19 32.45
N PRO A 325 32.78 2.28 32.12
CA PRO A 325 33.16 1.24 33.07
C PRO A 325 34.13 1.73 34.13
N ILE A 326 33.96 1.18 35.33
CA ILE A 326 34.88 1.39 36.44
C ILE A 326 35.67 0.11 36.62
N VAL A 327 36.95 0.15 36.28
CA VAL A 327 37.79 -1.05 36.25
C VAL A 327 39.15 -0.72 36.86
N THR A 328 39.69 -1.68 37.63
CA THR A 328 41.05 -1.53 38.13
C THR A 328 42.06 -1.54 36.99
N SER A 329 41.86 -2.40 36.00
CA SER A 329 42.74 -2.50 34.85
C SER A 329 42.02 -1.99 33.61
N PRO A 330 42.64 -1.10 32.82
CA PRO A 330 41.96 -0.58 31.63
C PRO A 330 41.99 -1.51 30.44
N TYR A 331 42.56 -2.71 30.58
CA TYR A 331 42.66 -3.68 29.50
C TYR A 331 42.03 -4.99 29.91
N GLN A 332 41.27 -5.59 29.00
CA GLN A 332 40.61 -6.86 29.22
C GLN A 332 41.00 -7.84 28.12
N ILE A 333 41.26 -9.09 28.52
CA ILE A 333 41.74 -10.12 27.63
C ILE A 333 40.59 -11.06 27.29
N HIS A 334 40.61 -11.58 26.06
CA HIS A 334 39.56 -12.46 25.58
C HIS A 334 40.16 -13.73 24.99
N PHE A 335 39.36 -14.80 25.00
CA PHE A 335 39.72 -16.05 24.35
C PHE A 335 38.65 -16.47 23.35
N THR A 336 38.01 -15.48 22.71
CA THR A 336 36.91 -15.77 21.80
C THR A 336 37.39 -16.51 20.57
N LYS A 337 38.43 -16.00 19.91
CA LYS A 337 38.95 -16.59 18.68
C LYS A 337 40.19 -17.43 18.91
N THR A 338 40.35 -17.96 20.12
CA THR A 338 41.49 -18.80 20.48
C THR A 338 41.00 -20.21 20.80
N PRO A 339 41.61 -21.24 20.24
CA PRO A 339 41.15 -22.61 20.51
C PRO A 339 41.37 -23.00 21.96
N LYS A 340 40.53 -23.92 22.42
CA LYS A 340 40.57 -24.41 23.80
C LYS A 340 41.41 -25.67 23.95
N TYR A 341 42.12 -26.08 22.89
CA TYR A 341 42.95 -27.29 22.92
C TYR A 341 44.38 -26.92 22.52
N PHE A 342 45.34 -27.50 23.22
CA PHE A 342 46.75 -27.24 22.98
C PHE A 342 47.41 -28.44 22.32
N LYS A 343 48.51 -28.16 21.60
CA LYS A 343 49.25 -29.19 20.90
C LYS A 343 50.56 -29.48 21.61
N PRO A 344 50.71 -30.62 22.28
CA PRO A 344 51.99 -30.94 22.93
C PRO A 344 53.12 -31.02 21.92
N GLY A 345 54.30 -30.55 22.32
CA GLY A 345 55.47 -30.57 21.47
C GLY A 345 55.42 -29.53 20.37
N MET A 346 54.31 -29.49 19.64
CA MET A 346 54.10 -28.45 18.63
C MET A 346 53.98 -27.09 19.31
N PRO A 347 54.57 -26.03 18.73
CA PRO A 347 54.38 -24.69 19.29
C PRO A 347 52.93 -24.25 19.14
N PHE A 348 52.33 -23.85 20.25
CA PHE A 348 50.90 -23.51 20.28
C PHE A 348 50.76 -22.00 20.29
N ASP A 349 50.46 -21.44 19.11
CA ASP A 349 50.18 -20.02 19.00
C ASP A 349 48.82 -19.70 19.61
N LEU A 350 48.73 -18.51 20.22
CA LEU A 350 47.51 -18.04 20.83
C LEU A 350 47.02 -16.78 20.12
N MET A 351 45.72 -16.76 19.82
CA MET A 351 45.08 -15.58 19.26
C MET A 351 44.65 -14.69 20.42
N VAL A 352 45.42 -13.64 20.68
CA VAL A 352 45.20 -12.78 21.84
C VAL A 352 44.37 -11.58 21.42
N PHE A 353 43.26 -11.37 22.11
CA PHE A 353 42.30 -10.31 21.80
C PHE A 353 42.18 -9.44 23.05
N VAL A 354 42.96 -8.38 23.12
CA VAL A 354 42.98 -7.48 24.27
C VAL A 354 42.34 -6.16 23.87
N THR A 355 41.39 -5.71 24.68
CA THR A 355 40.52 -4.59 24.30
C THR A 355 40.23 -3.71 25.50
N ASN A 356 39.70 -2.53 25.21
CA ASN A 356 39.05 -1.73 26.23
C ASN A 356 37.89 -2.53 26.80
N PRO A 357 37.61 -2.43 28.11
CA PRO A 357 36.65 -3.37 28.73
C PRO A 357 35.21 -3.29 28.20
N ASP A 358 34.96 -2.47 27.18
CA ASP A 358 33.65 -2.42 26.55
C ASP A 358 33.69 -2.82 25.08
N GLY A 359 34.68 -3.64 24.70
CA GLY A 359 34.72 -4.28 23.40
C GLY A 359 35.53 -3.55 22.35
N SER A 360 35.82 -2.27 22.52
CA SER A 360 36.59 -1.54 21.52
C SER A 360 38.04 -2.00 21.55
N PRO A 361 38.62 -2.35 20.40
CA PRO A 361 39.96 -2.94 20.40
C PRO A 361 41.02 -1.97 20.91
N ALA A 362 42.07 -2.53 21.51
CA ALA A 362 43.20 -1.76 21.98
C ALA A 362 44.16 -1.50 20.83
N TYR A 363 45.32 -0.92 21.13
CA TYR A 363 46.30 -0.60 20.10
C TYR A 363 47.65 -0.37 20.77
N ARG A 364 48.71 -0.91 20.16
CA ARG A 364 50.08 -0.73 20.64
C ARG A 364 50.22 -1.17 22.11
N VAL A 365 49.68 -2.33 22.42
CA VAL A 365 49.72 -2.90 23.76
C VAL A 365 50.37 -4.28 23.66
N PRO A 366 51.33 -4.61 24.53
CA PRO A 366 51.97 -5.92 24.45
C PRO A 366 51.29 -6.99 25.28
N VAL A 367 51.86 -8.19 25.28
CA VAL A 367 51.37 -9.30 26.08
C VAL A 367 52.56 -9.97 26.76
N ALA A 368 52.35 -10.42 28.00
CA ALA A 368 53.42 -11.00 28.79
C ALA A 368 52.95 -12.30 29.43
N VAL A 369 53.91 -13.12 29.82
CA VAL A 369 53.66 -14.42 30.44
C VAL A 369 54.39 -14.46 31.77
N GLN A 370 53.80 -15.15 32.74
CA GLN A 370 54.38 -15.22 34.08
C GLN A 370 55.77 -15.84 34.06
N GLY A 371 55.94 -16.93 33.30
CA GLY A 371 57.22 -17.61 33.24
C GLY A 371 58.08 -17.19 32.08
N GLU A 372 57.47 -17.02 30.91
CA GLU A 372 58.22 -16.63 29.72
C GLU A 372 58.73 -15.20 29.87
N ASP A 373 59.92 -14.95 29.32
CA ASP A 373 60.56 -13.65 29.40
C ASP A 373 60.99 -13.20 28.02
N THR A 374 61.16 -11.88 27.87
CA THR A 374 61.71 -11.24 26.68
C THR A 374 60.76 -11.36 25.50
N VAL A 375 59.61 -12.01 25.70
CA VAL A 375 58.64 -12.21 24.63
C VAL A 375 57.54 -11.16 24.76
N GLN A 376 57.35 -10.38 23.70
CA GLN A 376 56.32 -9.35 23.67
C GLN A 376 55.94 -9.10 22.22
N SER A 377 54.82 -8.43 22.03
CA SER A 377 54.30 -8.17 20.69
C SER A 377 53.61 -6.81 20.68
N LEU A 378 52.93 -6.52 19.57
CA LEU A 378 52.21 -5.26 19.40
C LEU A 378 50.85 -5.56 18.79
N THR A 379 49.91 -4.64 19.01
CA THR A 379 48.53 -4.81 18.59
C THR A 379 48.25 -3.95 17.37
N GLN A 380 47.66 -4.56 16.34
CA GLN A 380 47.33 -3.86 15.11
C GLN A 380 45.93 -3.28 15.20
N GLY A 381 45.42 -2.80 14.05
CA GLY A 381 44.15 -2.07 14.06
C GLY A 381 42.97 -2.92 14.49
N ASP A 382 42.93 -4.18 14.06
CA ASP A 382 41.81 -5.04 14.42
C ASP A 382 41.76 -5.33 15.92
N GLY A 383 42.93 -5.37 16.57
CA GLY A 383 43.00 -5.61 17.98
C GLY A 383 43.45 -6.99 18.40
N VAL A 384 44.26 -7.66 17.58
CA VAL A 384 44.75 -9.00 17.88
C VAL A 384 46.26 -8.96 17.93
N ALA A 385 46.83 -9.55 18.98
CA ALA A 385 48.26 -9.70 19.13
C ALA A 385 48.65 -11.14 18.81
N LYS A 386 49.94 -11.46 18.94
CA LYS A 386 50.43 -12.76 18.54
C LYS A 386 51.49 -13.23 19.54
N LEU A 387 51.58 -14.54 19.74
CA LEU A 387 52.62 -15.11 20.57
C LEU A 387 52.87 -16.54 20.15
N SER A 388 54.00 -17.09 20.62
CA SER A 388 54.39 -18.46 20.34
C SER A 388 54.98 -19.07 21.59
N ILE A 389 54.41 -20.17 22.05
CA ILE A 389 54.89 -20.87 23.24
C ILE A 389 55.04 -22.35 22.95
N ASN A 390 56.18 -22.90 23.30
CA ASN A 390 56.40 -24.34 23.19
C ASN A 390 55.71 -25.06 24.34
N THR A 391 55.08 -26.19 24.02
CA THR A 391 54.25 -26.90 24.98
C THR A 391 54.95 -28.17 25.48
N HIS A 392 54.44 -28.68 26.59
CA HIS A 392 54.99 -29.88 27.20
C HIS A 392 54.62 -31.09 26.36
N PRO A 393 55.60 -31.89 25.92
CA PRO A 393 55.26 -33.07 25.09
C PRO A 393 54.39 -34.10 25.79
N SER A 394 54.38 -34.12 27.12
CA SER A 394 53.59 -35.09 27.87
C SER A 394 52.12 -34.67 27.87
N GLN A 395 51.31 -35.38 28.66
CA GLN A 395 49.87 -35.17 28.71
C GLN A 395 49.48 -34.14 29.79
N LYS A 396 50.40 -33.29 30.20
CA LYS A 396 50.11 -32.29 31.22
C LYS A 396 49.26 -31.17 30.64
N PRO A 397 48.08 -30.89 31.19
CA PRO A 397 47.29 -29.77 30.69
C PRO A 397 47.99 -28.45 30.92
N LEU A 398 47.73 -27.49 30.03
CA LEU A 398 48.36 -26.18 30.07
C LEU A 398 47.32 -25.15 30.45
N SER A 399 47.59 -24.39 31.51
CA SER A 399 46.74 -23.29 31.94
C SER A 399 47.61 -22.05 32.10
N ILE A 400 47.37 -21.05 31.27
CA ILE A 400 48.20 -19.85 31.23
C ILE A 400 47.30 -18.63 31.19
N THR A 401 47.84 -17.49 31.62
CA THR A 401 47.14 -16.22 31.62
C THR A 401 47.97 -15.18 30.89
N VAL A 402 47.28 -14.16 30.36
CA VAL A 402 47.92 -13.11 29.59
C VAL A 402 48.10 -11.89 30.49
N ARG A 403 49.34 -11.43 30.62
CA ARG A 403 49.67 -10.24 31.37
C ARG A 403 50.22 -9.18 30.43
N THR A 404 50.21 -7.93 30.88
CA THR A 404 50.62 -6.80 30.07
C THR A 404 51.85 -6.13 30.68
N LYS A 405 52.79 -5.76 29.83
CA LYS A 405 54.01 -5.06 30.25
C LYS A 405 54.04 -3.64 29.70
N LYS A 406 52.88 -2.99 29.68
CA LYS A 406 52.80 -1.63 29.17
C LYS A 406 53.56 -0.66 30.07
N GLN A 407 54.27 0.27 29.45
CA GLN A 407 55.05 1.26 30.19
C GLN A 407 54.12 2.30 30.80
N GLU A 408 54.74 3.27 31.48
CA GLU A 408 54.07 4.38 32.17
C GLU A 408 52.81 3.95 32.90
N LEU A 409 52.86 2.77 33.52
CA LEU A 409 51.71 2.25 34.24
C LEU A 409 52.20 1.38 35.38
N SER A 410 51.32 1.18 36.36
CA SER A 410 51.66 0.39 37.54
C SER A 410 51.49 -1.09 37.27
N GLU A 411 52.31 -1.90 37.95
CA GLU A 411 52.27 -3.35 37.81
C GLU A 411 51.00 -3.96 38.39
N ALA A 412 50.23 -3.22 39.18
CA ALA A 412 49.01 -3.72 39.77
C ALA A 412 47.80 -3.55 38.87
N GLU A 413 47.99 -3.00 37.66
CA GLU A 413 46.90 -2.78 36.72
C GLU A 413 46.93 -3.74 35.54
N GLN A 414 47.56 -4.91 35.72
CA GLN A 414 47.68 -5.90 34.66
C GLN A 414 46.62 -6.97 34.86
N ALA A 415 45.76 -7.15 33.86
CA ALA A 415 44.67 -8.10 33.96
C ALA A 415 45.19 -9.54 33.85
N THR A 416 44.37 -10.47 34.33
CA THR A 416 44.71 -11.88 34.29
C THR A 416 43.43 -12.71 34.22
N ARG A 417 43.54 -13.92 33.68
CA ARG A 417 42.41 -14.82 33.57
C ARG A 417 42.92 -16.22 33.27
N THR A 418 42.51 -17.18 34.10
CA THR A 418 42.93 -18.56 33.92
C THR A 418 42.17 -19.20 32.76
N MET A 419 42.91 -19.82 31.84
CA MET A 419 42.34 -20.48 30.68
C MET A 419 42.62 -21.97 30.77
N GLN A 420 41.61 -22.78 30.45
CA GLN A 420 41.72 -24.24 30.53
C GLN A 420 41.90 -24.82 29.14
N ALA A 421 42.94 -25.62 28.97
CA ALA A 421 43.25 -26.26 27.70
C ALA A 421 43.29 -27.77 27.88
N LEU A 422 42.81 -28.51 26.88
CA LEU A 422 42.74 -29.96 26.93
C LEU A 422 43.63 -30.58 25.86
N PRO A 423 44.35 -31.65 26.19
CA PRO A 423 45.21 -32.30 25.21
C PRO A 423 44.40 -32.99 24.12
N TYR A 424 44.98 -33.03 22.92
CA TYR A 424 44.34 -33.73 21.82
C TYR A 424 44.50 -35.24 21.99
N SER A 425 43.45 -35.99 21.65
CA SER A 425 43.46 -37.44 21.79
C SER A 425 44.01 -38.04 20.50
N THR A 426 45.33 -38.23 20.46
CA THR A 426 45.97 -38.84 19.30
C THR A 426 45.68 -40.33 19.27
N VAL A 427 45.26 -40.84 18.12
CA VAL A 427 44.93 -42.25 17.97
C VAL A 427 46.22 -43.04 17.87
N GLY A 428 46.38 -44.04 18.74
CA GLY A 428 47.56 -44.87 18.73
C GLY A 428 48.80 -44.25 19.31
N ASN A 429 48.67 -43.08 19.97
CA ASN A 429 49.81 -42.37 20.56
C ASN A 429 50.89 -42.10 19.50
N SER A 430 50.46 -41.71 18.31
CA SER A 430 51.37 -41.47 17.20
C SER A 430 52.06 -40.12 17.29
N ASN A 431 51.56 -39.19 18.12
CA ASN A 431 52.14 -37.86 18.27
C ASN A 431 52.21 -37.13 16.94
N ASN A 432 51.18 -37.30 16.11
CA ASN A 432 51.08 -36.64 14.82
C ASN A 432 49.98 -35.59 14.88
N TYR A 433 50.34 -34.34 14.61
CA TYR A 433 49.40 -33.24 14.71
C TYR A 433 49.36 -32.44 13.42
N LEU A 434 48.66 -31.30 13.43
CA LEU A 434 48.58 -30.43 12.27
C LEU A 434 48.31 -29.01 12.74
N HIS A 435 48.90 -28.04 12.06
CA HIS A 435 48.78 -26.65 12.46
C HIS A 435 48.79 -25.78 11.21
N LEU A 436 47.63 -25.23 10.85
CA LEU A 436 47.53 -24.29 9.74
C LEU A 436 47.63 -22.86 10.25
N SER A 437 48.71 -22.59 10.98
CA SER A 437 48.91 -21.26 11.55
C SER A 437 49.21 -20.26 10.45
N VAL A 438 48.63 -19.07 10.57
CA VAL A 438 48.77 -18.00 9.59
C VAL A 438 49.32 -16.77 10.28
N LEU A 439 50.19 -16.04 9.58
CA LEU A 439 50.69 -14.78 10.09
C LEU A 439 49.54 -13.77 10.15
N ARG A 440 49.39 -13.11 11.29
CA ARG A 440 48.24 -12.23 11.52
C ARG A 440 48.56 -10.84 10.98
N THR A 441 47.93 -10.50 9.87
CA THR A 441 48.08 -9.20 9.25
C THR A 441 46.70 -8.71 8.82
N GLU A 442 46.67 -7.64 8.03
CA GLU A 442 45.43 -7.08 7.51
C GLU A 442 45.15 -7.74 6.17
N LEU A 443 44.14 -8.61 6.12
CA LEU A 443 43.80 -9.31 4.90
C LEU A 443 42.87 -8.46 4.05
N ARG A 444 43.26 -8.23 2.80
CA ARG A 444 42.48 -7.43 1.88
C ARG A 444 42.27 -8.20 0.58
N PRO A 445 41.17 -7.94 -0.13
CA PRO A 445 40.96 -8.59 -1.43
C PRO A 445 42.04 -8.17 -2.42
N GLY A 446 42.39 -9.10 -3.31
CA GLY A 446 43.42 -8.84 -4.29
C GLY A 446 44.83 -9.00 -3.80
N GLU A 447 45.02 -9.44 -2.55
CA GLU A 447 46.33 -9.66 -1.97
C GLU A 447 46.64 -11.14 -1.95
N THR A 448 47.87 -11.46 -1.55
CA THR A 448 48.34 -12.83 -1.46
C THR A 448 48.67 -13.16 0.00
N LEU A 449 48.07 -14.23 0.51
CA LEU A 449 48.31 -14.69 1.87
C LEU A 449 49.21 -15.92 1.83
N ASN A 450 50.32 -15.86 2.56
CA ASN A 450 51.28 -16.96 2.62
C ASN A 450 50.85 -17.89 3.77
N VAL A 451 49.87 -18.73 3.46
CA VAL A 451 49.41 -19.71 4.44
C VAL A 451 50.49 -20.75 4.66
N ASN A 452 50.77 -21.06 5.93
CA ASN A 452 51.82 -21.99 6.31
C ASN A 452 51.20 -23.31 6.75
N PHE A 453 51.74 -24.41 6.23
CA PHE A 453 51.29 -25.76 6.60
C PHE A 453 52.30 -26.34 7.57
N LEU A 454 52.13 -26.02 8.85
CA LEU A 454 53.03 -26.55 9.88
C LEU A 454 52.85 -28.05 10.00
N LEU A 455 53.98 -28.76 10.07
CA LEU A 455 53.99 -30.21 10.08
C LEU A 455 54.84 -30.73 11.23
N ARG A 456 54.37 -31.79 11.88
CA ARG A 456 55.16 -32.47 12.92
C ARG A 456 54.80 -33.95 12.88
N MET A 457 55.57 -34.73 12.13
CA MET A 457 55.47 -36.19 12.13
C MET A 457 56.79 -36.78 12.62
N ASP A 458 56.90 -38.10 12.54
CA ASP A 458 58.09 -38.83 12.94
C ASP A 458 58.85 -39.29 11.70
N ARG A 459 60.18 -39.41 11.84
CA ARG A 459 61.02 -39.80 10.72
C ARG A 459 60.71 -41.21 10.22
N ALA A 460 60.02 -42.03 11.03
CA ALA A 460 59.68 -43.38 10.59
C ALA A 460 58.74 -43.37 9.40
N HIS A 461 57.76 -42.47 9.39
CA HIS A 461 56.76 -42.47 8.32
C HIS A 461 56.45 -41.07 7.80
N GLU A 462 57.37 -40.11 7.96
CA GLU A 462 57.12 -38.77 7.43
C GLU A 462 57.18 -38.74 5.92
N ALA A 463 58.00 -39.60 5.31
CA ALA A 463 58.19 -39.60 3.86
C ALA A 463 57.05 -40.28 3.12
N LYS A 464 56.10 -40.88 3.81
CA LYS A 464 54.99 -41.56 3.18
C LYS A 464 53.77 -40.67 2.99
N ILE A 465 53.86 -39.39 3.33
CA ILE A 465 52.77 -38.43 3.13
C ILE A 465 53.10 -37.68 1.86
N ARG A 466 52.52 -38.15 0.74
CA ARG A 466 52.86 -37.60 -0.56
C ARG A 466 52.29 -36.20 -0.75
N TYR A 467 51.03 -35.98 -0.37
CA TYR A 467 50.36 -34.73 -0.66
C TYR A 467 49.40 -34.37 0.46
N TYR A 468 49.05 -33.09 0.50
CA TYR A 468 48.11 -32.54 1.47
C TYR A 468 46.92 -31.97 0.72
N THR A 469 45.72 -32.30 1.18
CA THR A 469 44.48 -31.79 0.58
C THR A 469 43.85 -30.79 1.52
N TYR A 470 43.65 -29.57 1.02
CA TYR A 470 43.06 -28.49 1.79
C TYR A 470 41.69 -28.13 1.24
N LEU A 471 40.79 -27.79 2.17
CA LEU A 471 39.41 -27.44 1.91
C LEU A 471 39.12 -26.11 2.59
N ILE A 472 38.38 -25.25 1.91
CA ILE A 472 37.99 -23.95 2.43
C ILE A 472 36.49 -23.98 2.70
N MET A 473 36.09 -23.66 3.93
CA MET A 473 34.69 -23.61 4.32
C MET A 473 34.34 -22.17 4.67
N ASN A 474 33.48 -21.57 3.85
CA ASN A 474 33.01 -20.21 4.06
C ASN A 474 31.49 -20.20 4.01
N LYS A 475 30.86 -19.59 5.00
CA LYS A 475 29.40 -19.56 5.11
C LYS A 475 28.81 -20.97 5.14
N GLY A 476 29.53 -21.92 5.73
CA GLY A 476 29.03 -23.28 5.85
C GLY A 476 29.03 -24.09 4.57
N ARG A 477 29.89 -23.74 3.62
CA ARG A 477 29.97 -24.47 2.36
C ARG A 477 31.43 -24.67 1.98
N LEU A 478 31.68 -25.72 1.21
CA LEU A 478 33.04 -26.00 0.74
C LEU A 478 33.38 -25.01 -0.36
N LEU A 479 34.07 -23.92 0.01
CA LEU A 479 34.36 -22.86 -0.96
C LEU A 479 35.31 -23.35 -2.06
N LYS A 480 36.36 -24.06 -1.69
CA LYS A 480 37.34 -24.52 -2.67
C LYS A 480 38.08 -25.72 -2.11
N ALA A 481 38.71 -26.47 -3.02
CA ALA A 481 39.51 -27.63 -2.67
C ALA A 481 40.80 -27.59 -3.46
N GLY A 482 41.84 -28.19 -2.90
CA GLY A 482 43.12 -28.23 -3.60
C GLY A 482 44.06 -29.21 -2.95
N ARG A 483 45.18 -29.44 -3.65
CA ARG A 483 46.21 -30.36 -3.20
C ARG A 483 47.59 -29.73 -3.36
N GLN A 484 48.53 -30.19 -2.55
CA GLN A 484 49.91 -29.72 -2.60
C GLN A 484 50.83 -30.87 -2.22
N VAL A 485 51.78 -31.20 -3.11
CA VAL A 485 52.65 -32.33 -2.84
C VAL A 485 53.59 -32.02 -1.69
N ARG A 486 54.03 -33.08 -1.00
CA ARG A 486 54.95 -32.98 0.13
C ARG A 486 56.08 -33.98 -0.09
N GLU A 487 57.12 -33.55 -0.78
CA GLU A 487 58.28 -34.41 -1.00
C GLU A 487 59.04 -34.60 0.32
N PRO A 488 59.73 -35.73 0.48
CA PRO A 488 60.46 -35.97 1.73
C PRO A 488 61.56 -34.95 1.95
N GLY A 489 61.85 -34.68 3.22
CA GLY A 489 62.85 -33.71 3.60
C GLY A 489 62.34 -32.31 3.85
N GLN A 490 61.05 -32.05 3.61
CA GLN A 490 60.47 -30.75 3.83
C GLN A 490 59.62 -30.77 5.09
N ASP A 491 59.80 -29.76 5.95
CA ASP A 491 59.07 -29.65 7.20
C ASP A 491 58.11 -28.46 7.17
N LEU A 492 58.17 -27.64 6.12
CA LEU A 492 57.33 -26.45 6.04
C LEU A 492 57.13 -26.09 4.58
N VAL A 493 55.88 -25.82 4.20
CA VAL A 493 55.56 -25.39 2.84
C VAL A 493 54.64 -24.17 2.94
N VAL A 494 54.73 -23.30 1.95
CA VAL A 494 53.99 -22.04 1.92
C VAL A 494 53.08 -22.05 0.69
N LEU A 495 51.80 -21.74 0.91
CA LEU A 495 50.84 -21.64 -0.19
C LEU A 495 50.47 -20.18 -0.42
N PRO A 496 51.04 -19.52 -1.43
CA PRO A 496 50.68 -18.11 -1.69
C PRO A 496 49.28 -18.00 -2.26
N LEU A 497 48.26 -18.16 -1.42
CA LEU A 497 46.90 -18.14 -1.91
C LEU A 497 46.47 -16.71 -2.24
N SER A 498 45.92 -16.53 -3.44
CA SER A 498 45.44 -15.22 -3.86
C SER A 498 44.06 -15.01 -3.25
N ILE A 499 44.01 -14.24 -2.16
CA ILE A 499 42.75 -14.03 -1.45
C ILE A 499 41.85 -13.14 -2.30
N THR A 500 40.71 -13.67 -2.71
CA THR A 500 39.77 -12.97 -3.57
C THR A 500 38.63 -12.40 -2.73
N THR A 501 37.62 -11.87 -3.41
CA THR A 501 36.48 -11.26 -2.75
C THR A 501 35.47 -12.28 -2.25
N ASP A 502 35.69 -13.56 -2.48
CA ASP A 502 34.78 -14.60 -2.04
C ASP A 502 35.15 -15.20 -0.69
N PHE A 503 36.24 -14.73 -0.06
CA PHE A 503 36.66 -15.23 1.24
C PHE A 503 36.08 -14.42 2.39
N ILE A 504 35.39 -13.33 2.12
CA ILE A 504 34.77 -12.51 3.17
C ILE A 504 33.58 -13.27 3.73
N PRO A 505 33.38 -13.31 5.06
CA PRO A 505 34.11 -12.67 6.15
C PRO A 505 35.25 -13.49 6.72
N SER A 506 35.29 -14.78 6.42
CA SER A 506 36.24 -15.68 7.03
C SER A 506 36.28 -16.97 6.22
N PHE A 507 37.21 -17.84 6.56
CA PHE A 507 37.27 -19.14 5.90
C PHE A 507 38.01 -20.13 6.78
N ARG A 508 37.37 -21.26 7.04
CA ARG A 508 38.00 -22.36 7.78
C ARG A 508 38.81 -23.17 6.78
N LEU A 509 40.13 -23.15 6.94
CA LEU A 509 41.05 -23.89 6.08
C LEU A 509 41.37 -25.20 6.79
N VAL A 510 40.67 -26.27 6.42
CA VAL A 510 40.89 -27.58 7.00
C VAL A 510 41.78 -28.38 6.06
N ALA A 511 42.59 -29.27 6.61
CA ALA A 511 43.48 -30.08 5.81
C ALA A 511 43.41 -31.53 6.25
N TYR A 512 43.49 -32.45 5.30
CA TYR A 512 43.41 -33.87 5.60
C TYR A 512 44.37 -34.67 4.74
N TYR A 513 44.85 -35.77 5.29
CA TYR A 513 45.72 -36.70 4.59
C TYR A 513 45.64 -38.05 5.29
N THR A 514 45.93 -39.11 4.54
CA THR A 514 45.81 -40.47 5.07
C THR A 514 47.04 -40.84 5.90
N LEU A 515 46.89 -41.91 6.67
CA LEU A 515 47.99 -42.41 7.49
C LEU A 515 47.70 -43.87 7.85
N ILE A 516 48.76 -44.58 8.22
CA ILE A 516 48.67 -45.96 8.71
C ILE A 516 49.18 -45.97 10.13
N GLY A 517 48.34 -46.39 11.07
CA GLY A 517 48.78 -46.36 12.46
C GLY A 517 49.40 -47.65 12.96
N ALA A 518 50.72 -47.73 12.82
CA ALA A 518 51.60 -48.69 13.48
C ALA A 518 51.35 -50.15 13.11
N SER A 519 50.22 -50.45 12.47
CA SER A 519 50.02 -51.79 11.91
C SER A 519 48.88 -51.72 10.89
N GLY A 520 49.22 -51.61 9.62
CA GLY A 520 48.31 -51.86 8.51
C GLY A 520 46.88 -51.33 8.65
N GLN A 521 46.67 -50.28 9.43
CA GLN A 521 45.34 -49.83 9.77
C GLN A 521 45.14 -48.37 9.38
N ARG A 522 43.98 -48.07 8.82
CA ARG A 522 43.70 -46.76 8.27
C ARG A 522 43.45 -45.73 9.38
N GLU A 523 44.04 -44.55 9.22
CA GLU A 523 43.76 -43.42 10.09
C GLU A 523 43.82 -42.13 9.28
N VAL A 524 43.15 -41.10 9.77
CA VAL A 524 43.14 -39.79 9.15
C VAL A 524 43.55 -38.75 10.20
N VAL A 525 44.60 -38.01 9.91
CA VAL A 525 45.02 -36.88 10.74
C VAL A 525 44.59 -35.60 10.04
N ALA A 526 43.85 -34.76 10.75
CA ALA A 526 43.30 -33.57 10.14
C ALA A 526 43.13 -32.47 11.18
N ASP A 527 43.07 -31.24 10.69
CA ASP A 527 42.91 -30.08 11.56
C ASP A 527 42.49 -28.89 10.72
N SER A 528 41.85 -27.92 11.38
CA SER A 528 41.42 -26.68 10.77
C SER A 528 41.80 -25.52 11.67
N VAL A 529 41.95 -24.34 11.06
CA VAL A 529 42.32 -23.13 11.77
C VAL A 529 41.39 -22.01 11.33
N TRP A 530 40.92 -21.22 12.30
CA TRP A 530 40.05 -20.09 12.03
C TRP A 530 40.85 -18.94 11.44
N VAL A 531 40.43 -18.47 10.27
CA VAL A 531 41.04 -17.31 9.63
C VAL A 531 39.94 -16.32 9.29
N ASP A 532 40.15 -15.06 9.67
CA ASP A 532 39.20 -13.99 9.43
C ASP A 532 39.79 -12.98 8.46
N VAL A 533 38.91 -12.38 7.65
CA VAL A 533 39.28 -11.40 6.65
C VAL A 533 38.66 -10.06 7.04
N LYS A 534 39.33 -8.97 6.67
CA LYS A 534 38.79 -7.65 6.90
C LYS A 534 37.44 -7.50 6.22
N ASP A 535 36.45 -6.99 6.97
CA ASP A 535 35.06 -7.08 6.57
C ASP A 535 34.66 -5.87 5.73
N SER A 536 34.92 -5.99 4.43
CA SER A 536 34.40 -5.09 3.42
C SER A 536 33.39 -5.84 2.56
N CYS A 537 32.79 -5.13 1.61
CA CYS A 537 31.78 -5.74 0.75
C CYS A 537 32.39 -6.81 -0.14
N VAL A 538 31.58 -7.81 -0.47
CA VAL A 538 31.98 -8.76 -1.51
C VAL A 538 32.10 -8.05 -2.85
N GLY A 539 31.11 -7.21 -3.18
CA GLY A 539 31.18 -6.33 -4.31
C GLY A 539 31.85 -5.02 -3.95
N SER A 540 31.64 -4.02 -4.81
CA SER A 540 32.23 -2.69 -4.60
C SER A 540 31.14 -1.65 -4.88
N LEU A 541 30.38 -1.29 -3.85
CA LEU A 541 29.32 -0.30 -3.96
C LEU A 541 29.71 0.92 -3.13
N VAL A 542 29.93 2.05 -3.79
CA VAL A 542 30.20 3.30 -3.11
C VAL A 542 29.33 4.39 -3.72
N VAL A 543 29.06 5.43 -2.93
CA VAL A 543 28.23 6.55 -3.34
C VAL A 543 28.99 7.84 -3.06
N LYS A 544 28.94 8.77 -4.00
CA LYS A 544 29.58 10.07 -3.83
C LYS A 544 28.90 11.06 -4.77
N SER A 545 29.51 12.23 -4.92
CA SER A 545 28.97 13.30 -5.73
C SER A 545 29.75 13.42 -7.03
N GLY A 546 29.03 13.57 -8.14
CA GLY A 546 29.66 13.75 -9.43
C GLY A 546 30.26 15.11 -9.68
N GLN A 547 30.03 16.05 -8.76
CA GLN A 547 30.58 17.40 -8.88
C GLN A 547 32.05 17.38 -8.43
N SER A 548 32.63 18.56 -8.28
CA SER A 548 34.01 18.72 -7.85
C SER A 548 34.12 19.35 -6.47
N GLU A 549 33.07 19.25 -5.66
CA GLU A 549 33.04 19.80 -4.31
C GLU A 549 33.35 21.31 -4.32
N ASP A 550 32.68 22.02 -5.22
CA ASP A 550 32.90 23.46 -5.35
C ASP A 550 32.40 24.20 -4.12
N ARG A 551 31.10 24.08 -3.82
CA ARG A 551 30.50 24.78 -2.70
C ARG A 551 29.47 23.90 -2.04
N GLN A 552 28.94 24.36 -0.91
CA GLN A 552 27.99 23.58 -0.15
C GLN A 552 26.65 23.48 -0.89
N PRO A 553 25.93 22.37 -0.73
CA PRO A 553 24.58 22.29 -1.28
C PRO A 553 23.64 23.28 -0.61
N VAL A 554 22.62 23.69 -1.35
CA VAL A 554 21.64 24.67 -0.88
C VAL A 554 20.27 23.99 -0.95
N PRO A 555 19.35 24.27 -0.02
CA PRO A 555 18.04 23.62 -0.08
C PRO A 555 17.33 23.88 -1.39
N GLY A 556 16.68 22.84 -1.91
CA GLY A 556 15.95 22.93 -3.16
C GLY A 556 16.77 22.74 -4.41
N GLN A 557 18.06 22.45 -4.30
CA GLN A 557 18.95 22.31 -5.44
C GLN A 557 19.17 20.84 -5.78
N GLN A 558 19.54 20.60 -7.03
CA GLN A 558 19.80 19.26 -7.52
C GLN A 558 21.29 18.98 -7.55
N MET A 559 21.67 17.75 -7.21
CA MET A 559 23.03 17.27 -7.35
C MET A 559 23.01 15.95 -8.09
N THR A 560 24.00 15.74 -8.95
CA THR A 560 24.09 14.53 -9.76
C THR A 560 24.90 13.50 -8.98
N LEU A 561 24.20 12.58 -8.33
CA LEU A 561 24.84 11.56 -7.51
C LEU A 561 25.57 10.55 -8.39
N LYS A 562 26.71 10.07 -7.90
CA LYS A 562 27.50 9.05 -8.59
C LYS A 562 27.50 7.79 -7.73
N ILE A 563 27.08 6.67 -8.32
CA ILE A 563 27.03 5.38 -7.65
C ILE A 563 27.89 4.41 -8.43
N GLU A 564 28.83 3.76 -7.75
CA GLU A 564 29.71 2.78 -8.36
C GLU A 564 29.41 1.40 -7.77
N GLY A 565 29.17 0.43 -8.64
CA GLY A 565 28.79 -0.89 -8.19
C GLY A 565 29.07 -1.93 -9.25
N ASP A 566 28.50 -3.12 -9.02
CA ASP A 566 28.68 -4.23 -9.94
C ASP A 566 27.87 -4.00 -11.22
N HIS A 567 27.93 -4.99 -12.12
CA HIS A 567 27.12 -5.00 -13.32
C HIS A 567 26.01 -6.01 -13.17
N GLY A 568 24.78 -5.61 -13.52
CA GLY A 568 23.64 -6.47 -13.29
C GLY A 568 23.15 -6.46 -11.86
N ALA A 569 23.36 -5.36 -11.13
CA ALA A 569 22.97 -5.24 -9.74
C ALA A 569 21.85 -4.21 -9.60
N ARG A 570 21.03 -4.40 -8.57
CA ARG A 570 19.86 -3.57 -8.31
C ARG A 570 20.12 -2.79 -7.02
N VAL A 571 20.41 -1.49 -7.17
CA VAL A 571 20.76 -0.63 -6.06
C VAL A 571 19.54 0.17 -5.63
N VAL A 572 19.24 0.15 -4.33
CA VAL A 572 18.11 0.85 -3.75
C VAL A 572 18.62 1.97 -2.86
N LEU A 573 18.02 3.14 -2.98
CA LEU A 573 18.45 4.33 -2.24
C LEU A 573 17.47 4.66 -1.14
N VAL A 574 18.00 5.22 -0.05
CA VAL A 574 17.21 5.73 1.07
C VAL A 574 17.87 6.98 1.61
N ALA A 575 17.19 8.11 1.55
CA ALA A 575 17.66 9.35 2.15
C ALA A 575 16.84 9.63 3.39
N VAL A 576 17.50 9.71 4.54
CA VAL A 576 16.84 9.84 5.83
C VAL A 576 17.59 10.88 6.65
N ASP A 577 16.85 11.72 7.35
CA ASP A 577 17.46 12.74 8.19
C ASP A 577 18.19 12.09 9.36
N LYS A 578 19.24 12.77 9.82
CA LYS A 578 19.98 12.32 10.99
C LYS A 578 19.29 12.67 12.29
N GLY A 579 18.20 13.44 12.24
CA GLY A 579 17.42 13.71 13.44
C GLY A 579 16.78 12.47 14.02
N VAL A 580 16.36 11.53 13.16
CA VAL A 580 15.87 10.26 13.66
C VAL A 580 16.97 9.50 14.38
N PHE A 581 18.20 9.59 13.87
CA PHE A 581 19.35 9.03 14.57
C PHE A 581 19.61 9.77 15.87
N VAL A 582 19.28 11.05 15.95
CA VAL A 582 19.35 11.77 17.21
C VAL A 582 18.36 11.18 18.21
N LEU A 583 17.12 10.99 17.77
CA LEU A 583 16.08 10.48 18.68
C LEU A 583 16.26 9.00 18.97
N ASN A 584 16.58 8.21 17.95
CA ASN A 584 16.74 6.77 18.13
C ASN A 584 17.69 6.26 17.05
N LYS A 585 18.92 5.95 17.44
CA LYS A 585 19.92 5.39 16.54
C LYS A 585 19.97 3.87 16.60
N LYS A 586 19.05 3.25 17.32
CA LYS A 586 19.03 1.81 17.49
C LYS A 586 18.46 1.12 16.26
N ASN A 587 18.92 -0.12 16.02
CA ASN A 587 18.41 -0.99 14.95
C ASN A 587 18.60 -0.35 13.57
N LYS A 588 19.86 -0.17 13.21
CA LYS A 588 20.23 0.35 11.90
C LYS A 588 20.98 -0.72 11.12
N LEU A 589 20.75 -0.75 9.81
CA LEU A 589 21.32 -1.77 8.95
C LEU A 589 22.74 -1.39 8.55
N THR A 590 23.69 -2.29 8.83
CA THR A 590 25.09 -2.09 8.49
C THR A 590 25.65 -3.42 8.01
N GLN A 591 26.69 -3.34 7.17
CA GLN A 591 27.34 -4.54 6.67
C GLN A 591 27.90 -5.40 7.80
N SER A 592 28.35 -4.76 8.88
CA SER A 592 28.79 -5.51 10.05
C SER A 592 27.66 -6.32 10.65
N LYS A 593 26.44 -5.76 10.64
CA LYS A 593 25.27 -6.51 11.11
C LYS A 593 25.02 -7.72 10.21
N ILE A 594 25.18 -7.56 8.90
CA ILE A 594 24.98 -8.68 7.97
C ILE A 594 26.00 -9.77 8.24
N TRP A 595 27.26 -9.39 8.44
CA TRP A 595 28.30 -10.39 8.69
C TRP A 595 28.13 -11.06 10.04
N ASP A 596 27.68 -10.30 11.05
CA ASP A 596 27.39 -10.90 12.35
C ASP A 596 26.23 -11.88 12.26
N VAL A 597 25.21 -11.55 11.48
CA VAL A 597 24.10 -12.48 11.25
C VAL A 597 24.61 -13.75 10.57
N VAL A 598 25.48 -13.60 9.58
CA VAL A 598 26.04 -14.76 8.89
C VAL A 598 26.83 -15.63 9.88
N GLU A 599 27.70 -14.99 10.67
CA GLU A 599 28.56 -15.73 11.59
C GLU A 599 27.73 -16.45 12.66
N LYS A 600 26.71 -15.78 13.20
CA LYS A 600 25.83 -16.43 14.17
C LYS A 600 25.11 -17.62 13.54
N ALA A 601 24.83 -17.55 12.25
CA ALA A 601 24.22 -18.64 11.52
C ALA A 601 25.25 -19.57 10.89
N ASP A 602 26.54 -19.28 11.05
CA ASP A 602 27.58 -20.15 10.51
C ASP A 602 27.59 -21.49 11.25
N ILE A 603 28.06 -22.51 10.54
CA ILE A 603 28.06 -23.87 11.09
C ILE A 603 29.13 -24.08 12.15
N GLY A 604 30.05 -23.14 12.32
CA GLY A 604 31.15 -23.29 13.26
C GLY A 604 31.15 -22.19 14.30
N CYS A 605 31.43 -22.57 15.55
CA CYS A 605 31.59 -21.63 16.65
C CYS A 605 32.92 -21.83 17.38
N THR A 606 33.37 -23.07 17.54
CA THR A 606 34.67 -23.36 18.12
C THR A 606 35.75 -23.20 17.04
N PRO A 607 36.92 -22.64 17.39
CA PRO A 607 37.97 -22.46 16.38
C PRO A 607 38.38 -23.73 15.67
N GLY A 608 38.41 -24.85 16.38
CA GLY A 608 38.75 -26.13 15.78
C GLY A 608 39.61 -26.94 16.71
N SER A 609 40.20 -28.01 16.16
CA SER A 609 41.10 -28.90 16.88
C SER A 609 40.41 -29.49 18.13
N GLY A 610 39.36 -30.25 17.88
CA GLY A 610 38.60 -30.85 18.96
C GLY A 610 39.37 -31.96 19.65
N LYS A 611 38.62 -32.74 20.43
CA LYS A 611 39.23 -33.85 21.17
C LYS A 611 39.80 -34.90 20.22
N ASP A 612 39.07 -35.21 19.14
CA ASP A 612 39.50 -36.19 18.16
C ASP A 612 39.23 -35.65 16.76
N TYR A 613 39.52 -36.46 15.75
CA TYR A 613 39.26 -36.06 14.38
C TYR A 613 37.79 -35.81 14.14
N ALA A 614 36.92 -36.63 14.74
CA ALA A 614 35.49 -36.37 14.68
C ALA A 614 35.15 -35.03 15.32
N GLY A 615 35.73 -34.75 16.49
CA GLY A 615 35.55 -33.44 17.09
C GLY A 615 36.15 -32.33 16.26
N VAL A 616 37.30 -32.59 15.62
CA VAL A 616 37.93 -31.59 14.76
C VAL A 616 36.98 -31.20 13.65
N PHE A 617 36.35 -32.17 13.00
CA PHE A 617 35.44 -31.88 11.91
C PHE A 617 34.11 -31.31 12.40
N SER A 618 33.65 -31.72 13.58
CA SER A 618 32.45 -31.12 14.15
C SER A 618 32.67 -29.63 14.40
N ASP A 619 33.85 -29.26 14.91
CA ASP A 619 34.20 -27.86 15.03
C ASP A 619 34.31 -27.20 13.66
N ALA A 620 34.91 -27.90 12.70
CA ALA A 620 35.03 -27.39 11.34
C ALA A 620 33.73 -27.48 10.56
N GLY A 621 32.77 -28.27 11.02
CA GLY A 621 31.52 -28.43 10.31
C GLY A 621 31.65 -29.32 9.08
N LEU A 622 31.96 -30.59 9.29
CA LEU A 622 32.14 -31.54 8.19
C LEU A 622 31.67 -32.91 8.63
N THR A 623 31.36 -33.75 7.66
CA THR A 623 31.02 -35.15 7.93
C THR A 623 31.89 -36.03 7.06
N PHE A 624 32.72 -36.88 7.69
CA PHE A 624 33.55 -37.82 6.99
C PHE A 624 33.09 -39.24 7.28
N THR A 625 33.02 -40.07 6.24
CA THR A 625 32.60 -41.46 6.39
C THR A 625 33.32 -42.30 5.34
N SER A 626 33.67 -43.52 5.73
CA SER A 626 34.36 -44.43 4.84
C SER A 626 33.95 -45.87 5.13
N SER A 627 34.40 -46.77 4.26
CA SER A 627 34.06 -48.19 4.40
C SER A 627 34.68 -48.81 5.64
N SER A 628 35.72 -48.21 6.21
CA SER A 628 36.33 -48.74 7.42
C SER A 628 35.43 -48.64 8.64
N GLY A 629 34.35 -47.87 8.57
CA GLY A 629 33.42 -47.74 9.66
C GLY A 629 33.57 -46.49 10.50
N GLN A 630 34.60 -45.68 10.27
CA GLN A 630 34.76 -44.45 11.01
C GLN A 630 33.67 -43.46 10.63
N GLN A 631 33.12 -42.78 11.64
CA GLN A 631 32.02 -41.86 11.43
C GLN A 631 32.04 -40.80 12.52
N THR A 632 31.39 -39.68 12.24
CA THR A 632 31.28 -38.58 13.18
C THR A 632 29.90 -38.59 13.83
N ALA A 633 29.69 -37.67 14.76
CA ALA A 633 28.40 -37.52 15.42
C ALA A 633 27.47 -36.67 14.55
N GLN A 634 26.33 -36.29 15.10
CA GLN A 634 25.39 -35.43 14.40
C GLN A 634 24.84 -34.40 15.37
N ARG A 635 24.37 -33.28 14.81
CA ARG A 635 23.76 -32.22 15.57
C ARG A 635 22.42 -31.85 14.95
N ALA A 636 21.45 -31.52 15.81
CA ALA A 636 20.07 -31.30 15.38
C ALA A 636 19.63 -29.85 15.46
N GLU A 637 20.27 -29.04 16.29
CA GLU A 637 19.86 -27.65 16.44
C GLU A 637 20.48 -26.80 15.33
N LEU A 638 20.23 -25.50 15.39
CA LEU A 638 20.70 -24.56 14.38
C LEU A 638 21.89 -23.73 14.83
N GLN A 639 21.92 -23.30 16.09
CA GLN A 639 23.01 -22.50 16.62
C GLN A 639 23.84 -23.32 17.60
N CYS A 640 25.10 -22.93 17.76
CA CYS A 640 26.00 -23.66 18.64
C CYS A 640 25.54 -23.54 20.09
N PRO A 641 25.76 -24.57 20.90
CA PRO A 641 25.33 -24.51 22.30
C PRO A 641 26.04 -23.38 23.05
N GLN A 642 25.29 -22.74 23.95
CA GLN A 642 25.78 -21.64 24.75
C GLN A 642 26.42 -20.53 23.91
N ALA B 9 6.60 42.08 -0.74
CA ALA B 9 7.55 41.48 0.20
C ALA B 9 7.44 39.96 0.20
N GLU B 10 6.47 39.45 0.96
CA GLU B 10 6.28 38.01 1.15
C GLU B 10 5.16 37.46 0.28
N GLU B 11 4.99 37.99 -0.93
CA GLU B 11 3.95 37.55 -1.84
C GLU B 11 4.49 36.84 -3.07
N ASN B 12 5.59 37.32 -3.65
CA ASN B 12 6.20 36.72 -4.82
C ASN B 12 7.34 35.78 -4.46
N ILE B 13 7.49 35.43 -3.18
CA ILE B 13 8.58 34.60 -2.71
C ILE B 13 8.00 33.31 -2.15
N VAL B 14 8.52 32.17 -2.62
CA VAL B 14 8.04 30.87 -2.21
C VAL B 14 8.64 30.49 -0.86
N SER B 15 8.09 29.45 -0.24
CA SER B 15 8.54 28.96 1.05
C SER B 15 8.95 27.51 0.94
N ARG B 16 9.43 26.96 2.06
CA ARG B 16 9.83 25.57 2.16
C ARG B 16 8.72 24.78 2.84
N SER B 17 8.25 23.73 2.18
CA SER B 17 7.12 22.96 2.68
C SER B 17 7.43 21.48 2.84
N GLU B 18 8.20 20.90 1.94
CA GLU B 18 8.49 19.47 1.96
C GLU B 18 9.57 19.20 3.00
N PHE B 19 9.16 18.73 4.18
CA PHE B 19 10.07 18.35 5.25
C PHE B 19 9.79 16.90 5.62
N PRO B 20 10.20 15.95 4.79
CA PRO B 20 10.03 14.54 5.14
C PRO B 20 11.18 14.06 6.01
N GLU B 21 10.89 13.00 6.76
CA GLU B 21 11.90 12.37 7.60
C GLU B 21 12.58 11.21 6.90
N SER B 22 12.13 10.85 5.70
CA SER B 22 12.75 9.80 4.90
C SER B 22 12.25 9.91 3.48
N TRP B 23 13.16 10.08 2.52
CA TRP B 23 12.79 10.17 1.12
C TRP B 23 13.80 9.37 0.30
N LEU B 24 13.76 9.55 -1.02
CA LEU B 24 14.64 8.85 -1.96
C LEU B 24 14.45 7.33 -1.90
N TRP B 25 13.30 6.87 -1.40
CA TRP B 25 13.00 5.45 -1.27
C TRP B 25 12.73 4.92 -2.68
N ASN B 26 13.80 4.72 -3.44
CA ASN B 26 13.74 4.40 -4.85
C ASN B 26 14.53 3.14 -5.15
N VAL B 27 14.45 2.70 -6.40
CA VAL B 27 15.20 1.56 -6.90
C VAL B 27 15.95 1.99 -8.16
N GLU B 28 17.08 1.34 -8.41
CA GLU B 28 17.91 1.69 -9.55
C GLU B 28 18.64 0.46 -10.05
N ASP B 29 18.84 0.40 -11.37
CA ASP B 29 19.46 -0.74 -12.02
C ASP B 29 20.78 -0.31 -12.66
N LEU B 30 21.82 -1.10 -12.44
CA LEU B 30 23.14 -0.86 -13.00
C LEU B 30 23.28 -1.68 -14.28
N LYS B 31 23.22 -1.02 -15.43
CA LYS B 31 23.24 -1.69 -16.72
C LYS B 31 24.34 -1.20 -17.64
N GLU B 32 25.12 -0.21 -17.25
CA GLU B 32 26.24 0.23 -18.07
C GLU B 32 27.27 -0.88 -18.15
N PRO B 33 27.91 -1.08 -19.30
CA PRO B 33 28.94 -2.12 -19.43
C PRO B 33 30.05 -1.94 -18.42
N PRO B 34 30.56 -3.03 -17.87
CA PRO B 34 31.55 -2.92 -16.79
C PRO B 34 32.88 -2.35 -17.27
N LYS B 35 33.55 -1.64 -16.36
CA LYS B 35 34.90 -1.11 -16.58
C LYS B 35 35.72 -1.55 -15.36
N ASN B 36 36.34 -2.72 -15.46
CA ASN B 36 37.05 -3.34 -14.34
C ASN B 36 36.10 -3.59 -13.16
N GLY B 37 34.86 -3.97 -13.48
CA GLY B 37 33.89 -4.30 -12.45
C GLY B 37 33.27 -3.11 -11.75
N ILE B 38 33.35 -1.91 -12.34
CA ILE B 38 32.77 -0.71 -11.76
C ILE B 38 31.91 -0.02 -12.82
N SER B 39 30.67 0.29 -12.47
CA SER B 39 29.74 0.96 -13.36
C SER B 39 29.42 2.34 -12.84
N THR B 40 29.54 3.34 -13.69
CA THR B 40 29.26 4.72 -13.32
C THR B 40 27.82 5.08 -13.68
N LYS B 41 27.14 5.74 -12.75
CA LYS B 41 25.73 6.09 -12.91
C LYS B 41 25.53 7.52 -12.46
N LEU B 42 25.11 8.39 -13.39
CA LEU B 42 24.94 9.81 -13.11
C LEU B 42 23.43 10.09 -13.10
N MET B 43 22.88 10.34 -11.91
CA MET B 43 21.45 10.51 -11.73
C MET B 43 21.16 11.82 -11.01
N ASN B 44 20.12 12.51 -11.45
CA ASN B 44 19.75 13.80 -10.89
C ASN B 44 18.69 13.61 -9.82
N ILE B 45 18.97 14.10 -8.62
CA ILE B 45 18.03 14.07 -7.51
C ILE B 45 17.96 15.47 -6.91
N PHE B 46 16.84 15.78 -6.28
CA PHE B 46 16.59 17.10 -5.71
C PHE B 46 16.50 16.97 -4.20
N LEU B 47 17.45 17.59 -3.51
CA LEU B 47 17.45 17.54 -2.06
C LEU B 47 16.25 18.28 -1.48
N LYS B 48 15.78 17.81 -0.33
CA LYS B 48 14.57 18.34 0.26
C LYS B 48 14.78 19.77 0.74
N ASP B 49 13.66 20.46 0.96
CA ASP B 49 13.69 21.82 1.47
C ASP B 49 14.26 21.90 2.88
N SER B 50 14.26 20.80 3.62
CA SER B 50 14.79 20.80 4.97
C SER B 50 16.26 21.19 4.99
N ILE B 51 16.65 21.91 6.02
CA ILE B 51 18.05 22.28 6.21
C ILE B 51 18.67 21.44 7.32
N THR B 52 19.28 20.34 6.92
CA THR B 52 19.84 19.37 7.84
C THR B 52 20.81 18.47 7.07
N THR B 53 21.24 17.39 7.71
CA THR B 53 22.12 16.40 7.09
C THR B 53 21.31 15.18 6.68
N TRP B 54 21.56 14.69 5.48
CA TRP B 54 20.86 13.55 4.92
C TRP B 54 21.81 12.36 4.87
N GLU B 55 21.39 11.25 5.47
CA GLU B 55 22.17 10.02 5.48
C GLU B 55 21.67 9.11 4.37
N ILE B 56 22.21 9.31 3.18
CA ILE B 56 21.82 8.51 2.02
C ILE B 56 22.50 7.16 2.12
N LEU B 57 21.72 6.09 2.06
CA LEU B 57 22.20 4.73 2.13
C LEU B 57 21.87 4.01 0.83
N ALA B 58 22.76 3.11 0.43
CA ALA B 58 22.56 2.32 -0.78
C ALA B 58 22.80 0.85 -0.46
N VAL B 59 21.95 0.00 -1.03
CA VAL B 59 22.08 -1.45 -0.92
C VAL B 59 22.01 -2.03 -2.32
N SER B 60 23.00 -2.84 -2.68
CA SER B 60 23.11 -3.45 -3.99
C SER B 60 22.91 -4.95 -3.87
N MET B 61 22.09 -5.49 -4.78
CA MET B 61 21.73 -6.90 -4.86
C MET B 61 22.16 -7.42 -6.22
N SER B 62 23.41 -7.86 -6.32
CA SER B 62 23.95 -8.37 -7.57
C SER B 62 23.72 -9.88 -7.65
N ASP B 63 23.48 -10.35 -8.88
CA ASP B 63 23.21 -11.77 -9.11
C ASP B 63 24.48 -12.60 -9.25
N LYS B 64 25.65 -11.97 -9.18
CA LYS B 64 26.92 -12.68 -9.29
C LYS B 64 27.77 -12.58 -8.04
N LYS B 65 27.88 -11.40 -7.43
CA LYS B 65 28.72 -11.21 -6.25
C LYS B 65 27.93 -11.40 -4.95
N GLY B 66 26.90 -10.60 -4.75
CA GLY B 66 26.09 -10.72 -3.55
C GLY B 66 25.48 -9.38 -3.18
N ILE B 67 25.18 -9.23 -1.90
CA ILE B 67 24.58 -8.01 -1.34
C ILE B 67 25.69 -7.13 -0.78
N CYS B 68 25.46 -5.82 -0.80
CA CYS B 68 26.43 -4.87 -0.27
C CYS B 68 25.75 -3.57 0.11
N VAL B 69 25.99 -3.10 1.33
CA VAL B 69 25.52 -1.80 1.78
C VAL B 69 26.72 -0.84 1.77
N ALA B 70 26.51 0.34 1.23
CA ALA B 70 27.59 1.33 1.14
C ALA B 70 27.77 2.04 2.46
N ASP B 71 28.99 2.50 2.71
CA ASP B 71 29.25 3.32 3.88
C ASP B 71 28.38 4.57 3.80
N PRO B 72 27.67 4.92 4.87
CA PRO B 72 26.63 5.96 4.76
C PRO B 72 27.17 7.26 4.18
N PHE B 73 26.43 7.82 3.21
CA PHE B 73 26.85 9.06 2.57
C PHE B 73 26.12 10.21 3.23
N GLU B 74 26.87 11.10 3.87
CA GLU B 74 26.31 12.25 4.57
C GLU B 74 26.35 13.46 3.65
N VAL B 75 25.18 14.05 3.38
CA VAL B 75 25.06 15.26 2.60
C VAL B 75 24.67 16.38 3.55
N THR B 76 25.46 17.45 3.58
CA THR B 76 25.22 18.57 4.46
C THR B 76 24.60 19.71 3.67
N VAL B 77 23.47 20.21 4.15
CA VAL B 77 22.69 21.24 3.47
C VAL B 77 22.74 22.49 4.32
N MET B 78 23.05 23.63 3.70
CA MET B 78 23.42 24.82 4.46
C MET B 78 22.85 26.08 3.82
N GLN B 79 22.63 27.08 4.66
CA GLN B 79 22.30 28.42 4.20
C GLN B 79 22.95 29.44 5.13
N ASP B 80 23.34 30.58 4.56
CA ASP B 80 23.97 31.64 5.36
C ASP B 80 22.97 32.41 6.20
N PHE B 81 21.67 32.23 5.97
CA PHE B 81 20.63 32.84 6.79
C PHE B 81 19.34 32.09 6.52
N PHE B 82 18.75 31.51 7.56
CA PHE B 82 17.50 30.78 7.39
C PHE B 82 16.67 30.88 8.67
N ILE B 83 15.50 30.24 8.64
CA ILE B 83 14.58 30.25 9.77
C ILE B 83 14.17 28.81 10.06
N ASP B 84 14.06 28.48 11.35
CA ASP B 84 13.56 27.19 11.80
C ASP B 84 12.38 27.44 12.71
N LEU B 85 11.25 26.85 12.40
CA LEU B 85 10.03 26.99 13.20
C LEU B 85 9.86 25.71 14.03
N ARG B 86 9.98 25.82 15.34
CA ARG B 86 9.92 24.65 16.21
C ARG B 86 8.56 24.61 16.89
N LEU B 87 7.88 23.48 16.75
CA LEU B 87 6.52 23.28 17.20
C LEU B 87 6.44 22.04 18.06
N PRO B 88 5.49 21.98 18.99
CA PRO B 88 5.26 20.72 19.73
C PRO B 88 4.59 19.71 18.82
N TYR B 89 4.31 18.51 19.34
CA TYR B 89 3.62 17.53 18.51
C TYR B 89 2.16 17.92 18.31
N SER B 90 1.47 18.27 19.40
CA SER B 90 0.04 18.52 19.35
C SER B 90 -0.31 19.68 20.28
N VAL B 91 -1.44 20.33 19.97
CA VAL B 91 -1.99 21.38 20.80
C VAL B 91 -3.42 21.01 21.17
N VAL B 92 -3.98 21.77 22.10
CA VAL B 92 -5.31 21.52 22.63
C VAL B 92 -6.19 22.71 22.31
N ARG B 93 -7.44 22.44 21.92
CA ARG B 93 -8.33 23.48 21.43
C ARG B 93 -8.65 24.49 22.52
N ASN B 94 -8.86 25.74 22.09
CA ASN B 94 -9.29 26.84 22.95
C ASN B 94 -8.34 27.01 24.13
N GLU B 95 -7.05 27.12 23.80
CA GLU B 95 -6.01 27.32 24.80
C GLU B 95 -4.99 28.31 24.24
N GLN B 96 -4.27 28.95 25.15
CA GLN B 96 -3.15 29.79 24.75
C GLN B 96 -1.91 28.92 24.60
N VAL B 97 -1.23 29.06 23.46
CA VAL B 97 0.02 28.34 23.22
C VAL B 97 1.03 29.33 22.65
N GLU B 98 2.31 29.03 22.86
CA GLU B 98 3.40 29.85 22.39
C GLU B 98 4.39 28.99 21.61
N ILE B 99 4.82 29.50 20.46
CA ILE B 99 5.70 28.77 19.56
C ILE B 99 6.94 29.60 19.28
N ARG B 100 8.01 28.90 18.88
CA ARG B 100 9.34 29.47 18.72
C ARG B 100 9.69 29.55 17.24
N ALA B 101 10.06 30.74 16.78
CA ALA B 101 10.56 30.96 15.43
C ALA B 101 12.01 31.45 15.54
N VAL B 102 12.96 30.53 15.35
CA VAL B 102 14.38 30.83 15.47
C VAL B 102 14.88 31.30 14.12
N LEU B 103 15.72 32.32 14.10
CA LEU B 103 16.41 32.76 12.90
C LEU B 103 17.89 32.49 13.06
N TYR B 104 18.44 31.66 12.16
CA TYR B 104 19.84 31.30 12.20
C TYR B 104 20.62 32.09 11.16
N ASN B 105 21.79 32.57 11.55
CA ASN B 105 22.68 33.34 10.69
C ASN B 105 24.08 32.76 10.81
N TYR B 106 24.72 32.51 9.68
CA TYR B 106 26.09 32.00 9.66
C TYR B 106 26.98 32.83 8.74
N ARG B 107 26.64 34.10 8.54
CA ARG B 107 27.53 35.03 7.86
C ARG B 107 28.45 35.64 8.90
N GLN B 108 29.77 35.52 8.66
CA GLN B 108 30.73 35.83 9.71
C GLN B 108 30.73 37.32 10.06
N ASN B 109 30.68 38.19 9.06
CA ASN B 109 30.75 39.64 9.29
C ASN B 109 29.67 40.34 8.46
N GLN B 110 28.49 40.45 9.04
CA GLN B 110 27.39 41.19 8.44
C GLN B 110 26.26 41.40 9.44
N GLU B 111 25.82 42.64 9.63
CA GLU B 111 24.68 42.93 10.49
C GLU B 111 23.40 42.77 9.66
N LEU B 112 22.41 42.08 10.23
CA LEU B 112 21.19 41.77 9.52
C LEU B 112 20.02 42.48 10.17
N LYS B 113 19.14 43.07 9.35
CA LYS B 113 17.93 43.73 9.83
C LYS B 113 16.79 43.16 9.00
N VAL B 114 16.06 42.22 9.59
CA VAL B 114 15.16 41.34 8.84
C VAL B 114 13.72 41.64 9.22
N ARG B 115 12.83 41.50 8.24
CA ARG B 115 11.40 41.62 8.45
C ARG B 115 10.79 40.23 8.45
N VAL B 116 10.02 39.92 9.50
CA VAL B 116 9.46 38.58 9.69
C VAL B 116 7.94 38.70 9.77
N GLU B 117 7.24 37.75 9.16
CA GLU B 117 5.79 37.72 9.18
C GLU B 117 5.29 36.28 9.24
N LEU B 118 4.06 36.13 9.71
CA LEU B 118 3.32 34.87 9.60
C LEU B 118 1.93 35.17 9.08
N LEU B 119 1.48 34.38 8.10
CA LEU B 119 0.15 34.55 7.55
C LEU B 119 -0.89 33.94 8.47
N HIS B 120 -2.07 34.55 8.49
CA HIS B 120 -3.09 34.13 9.44
C HIS B 120 -3.64 32.76 9.05
N ASN B 121 -4.03 31.99 10.06
CA ASN B 121 -4.76 30.76 9.83
C ASN B 121 -6.20 30.96 10.26
N PRO B 122 -7.17 30.69 9.37
CA PRO B 122 -8.58 30.78 9.79
C PRO B 122 -8.92 29.81 10.90
N ALA B 123 -8.13 28.77 11.10
CA ALA B 123 -8.32 27.81 12.17
C ALA B 123 -7.50 28.15 13.41
N PHE B 124 -6.82 29.28 13.41
CA PHE B 124 -6.00 29.72 14.54
C PHE B 124 -6.42 31.12 14.95
N CYS B 125 -6.16 31.44 16.22
CA CYS B 125 -6.45 32.75 16.78
C CYS B 125 -5.13 33.35 17.27
N SER B 126 -4.45 34.06 16.39
CA SER B 126 -3.27 34.85 16.71
C SER B 126 -3.57 36.32 16.39
N LEU B 127 -2.54 37.16 16.56
CA LEU B 127 -2.70 38.56 16.18
C LEU B 127 -2.84 38.74 14.68
N ALA B 128 -2.49 37.72 13.89
CA ALA B 128 -2.59 37.82 12.44
C ALA B 128 -4.05 37.78 12.01
N THR B 129 -4.43 38.77 11.20
CA THR B 129 -5.80 38.90 10.70
C THR B 129 -5.71 39.20 9.21
N THR B 130 -6.82 38.99 8.50
CA THR B 130 -6.85 39.19 7.06
C THR B 130 -6.35 40.58 6.67
N LYS B 131 -6.65 41.59 7.49
CA LYS B 131 -6.14 42.94 7.26
C LYS B 131 -5.02 43.32 8.21
N ARG B 132 -5.23 43.18 9.51
CA ARG B 132 -4.20 43.50 10.50
C ARG B 132 -3.25 42.31 10.61
N ARG B 133 -2.09 42.43 9.96
CA ARG B 133 -1.10 41.36 9.92
C ARG B 133 0.12 41.77 10.72
N HIS B 134 0.93 40.77 11.09
CA HIS B 134 2.17 41.04 11.80
C HIS B 134 3.14 41.79 10.90
N GLN B 135 3.79 42.80 11.46
CA GLN B 135 4.84 43.54 10.75
C GLN B 135 5.91 43.89 11.79
N GLN B 136 6.90 43.03 11.92
CA GLN B 136 7.98 43.25 12.86
C GLN B 136 9.33 43.09 12.16
N THR B 137 10.27 43.93 12.57
CA THR B 137 11.62 43.96 12.04
C THR B 137 12.60 43.83 13.19
N VAL B 138 13.47 42.83 13.12
CA VAL B 138 14.41 42.55 14.19
C VAL B 138 15.84 42.65 13.65
N THR B 139 16.82 42.60 14.55
CA THR B 139 18.22 42.76 14.19
C THR B 139 19.02 41.57 14.71
N ILE B 140 19.85 41.01 13.85
CA ILE B 140 20.71 39.89 14.18
C ILE B 140 22.15 40.32 13.91
N PRO B 141 23.02 40.35 14.93
CA PRO B 141 24.45 40.49 14.68
C PRO B 141 24.99 39.23 14.03
N PRO B 142 26.10 39.33 13.30
CA PRO B 142 26.63 38.15 12.61
C PRO B 142 27.03 37.06 13.60
N LYS B 143 26.82 35.80 13.17
CA LYS B 143 27.15 34.61 13.95
C LYS B 143 26.46 34.64 15.31
N SER B 144 25.13 34.57 15.25
CA SER B 144 24.31 34.54 16.44
C SER B 144 22.97 33.89 16.08
N SER B 145 22.11 33.73 17.08
CA SER B 145 20.79 33.16 16.90
C SER B 145 19.76 34.04 17.60
N LEU B 146 18.54 34.02 17.07
CA LEU B 146 17.44 34.81 17.58
C LEU B 146 16.31 33.87 18.01
N SER B 147 15.20 34.46 18.43
CA SER B 147 13.99 33.70 18.76
C SER B 147 12.79 34.63 18.83
N VAL B 148 11.74 34.33 18.09
CA VAL B 148 10.50 35.09 18.12
C VAL B 148 9.42 34.21 18.75
N PRO B 149 8.85 34.61 19.88
CA PRO B 149 7.70 33.86 20.42
C PRO B 149 6.40 34.34 19.81
N TYR B 150 5.52 33.37 19.53
CA TYR B 150 4.23 33.66 18.92
C TYR B 150 3.12 33.05 19.76
N VAL B 151 2.00 33.77 19.86
CA VAL B 151 0.85 33.37 20.66
C VAL B 151 -0.26 32.93 19.73
N ILE B 152 -0.86 31.78 20.03
CA ILE B 152 -1.86 31.16 19.16
C ILE B 152 -2.94 30.51 20.03
N VAL B 153 -4.16 30.45 19.51
CA VAL B 153 -5.26 29.72 20.11
C VAL B 153 -5.79 28.74 19.09
N PRO B 154 -5.69 27.42 19.33
CA PRO B 154 -6.31 26.45 18.41
C PRO B 154 -7.83 26.46 18.56
N LEU B 155 -8.52 26.43 17.43
CA LEU B 155 -9.98 26.56 17.40
C LEU B 155 -10.68 25.27 16.99
N LYS B 156 -10.24 24.62 15.92
CA LYS B 156 -10.89 23.42 15.41
C LYS B 156 -9.89 22.27 15.31
N THR B 157 -10.37 21.07 15.61
CA THR B 157 -9.52 19.88 15.55
C THR B 157 -9.08 19.61 14.12
N GLY B 158 -7.81 19.22 13.97
CA GLY B 158 -7.28 18.82 12.68
C GLY B 158 -5.79 19.04 12.54
N LEU B 159 -5.26 18.68 11.39
CA LEU B 159 -3.87 18.97 11.04
C LEU B 159 -3.82 20.33 10.38
N GLN B 160 -3.28 21.32 11.07
CA GLN B 160 -3.30 22.69 10.58
C GLN B 160 -1.93 23.10 10.04
N GLU B 161 -1.88 24.30 9.47
CA GLU B 161 -0.67 24.82 8.84
C GLU B 161 -0.18 26.05 9.58
N VAL B 162 1.14 26.14 9.74
CA VAL B 162 1.79 27.33 10.28
C VAL B 162 2.75 27.85 9.22
N GLU B 163 2.58 29.12 8.86
CA GLU B 163 3.36 29.82 7.86
C GLU B 163 4.31 30.79 8.55
N VAL B 164 5.58 30.78 8.16
CA VAL B 164 6.50 31.84 8.56
C VAL B 164 7.34 32.25 7.35
N LYS B 165 7.55 33.55 7.18
CA LYS B 165 8.37 34.08 6.11
C LYS B 165 9.27 35.19 6.65
N ALA B 166 10.48 35.25 6.12
CA ALA B 166 11.48 36.21 6.58
C ALA B 166 12.28 36.73 5.40
N ALA B 167 12.55 38.04 5.41
CA ALA B 167 13.32 38.66 4.35
C ALA B 167 14.34 39.63 4.95
N VAL B 168 15.57 39.56 4.46
CA VAL B 168 16.65 40.42 4.94
C VAL B 168 16.77 41.64 4.03
N TYR B 169 16.95 42.80 4.65
CA TYR B 169 17.11 44.03 3.88
C TYR B 169 18.50 44.10 3.26
N HIS B 170 18.58 44.73 2.09
CA HIS B 170 19.80 44.98 1.33
C HIS B 170 20.45 43.72 0.79
N HIS B 171 19.81 42.57 0.94
CA HIS B 171 20.28 41.33 0.33
C HIS B 171 19.11 40.61 -0.30
N PHE B 172 19.38 39.91 -1.40
CA PHE B 172 18.37 39.08 -2.07
C PHE B 172 18.32 37.68 -1.46
N ILE B 173 18.14 37.63 -0.15
CA ILE B 173 18.07 36.37 0.59
C ILE B 173 16.76 36.35 1.35
N SER B 174 15.99 35.29 1.18
CA SER B 174 14.70 35.15 1.84
C SER B 174 14.51 33.71 2.28
N ASP B 175 13.56 33.50 3.19
CA ASP B 175 13.24 32.15 3.62
C ASP B 175 11.77 32.07 4.00
N GLY B 176 11.26 30.85 3.96
CA GLY B 176 9.91 30.56 4.42
C GLY B 176 9.82 29.13 4.86
N VAL B 177 8.96 28.88 5.85
CA VAL B 177 8.79 27.54 6.41
C VAL B 177 7.31 27.30 6.64
N ARG B 178 6.84 26.13 6.20
CA ARG B 178 5.48 25.65 6.44
C ARG B 178 5.55 24.39 7.28
N LYS B 179 4.78 24.35 8.37
CA LYS B 179 4.79 23.20 9.25
C LYS B 179 3.36 22.78 9.57
N SER B 180 3.22 21.50 9.93
CA SER B 180 1.94 20.90 10.24
C SER B 180 1.92 20.43 11.68
N LEU B 181 0.80 20.70 12.37
CA LEU B 181 0.62 20.31 13.75
C LEU B 181 -0.79 19.80 13.97
N LYS B 182 -0.94 18.91 14.93
CA LYS B 182 -2.22 18.33 15.29
C LYS B 182 -2.89 19.17 16.36
N VAL B 183 -4.19 19.39 16.22
CA VAL B 183 -5.00 20.07 17.22
C VAL B 183 -5.92 19.02 17.84
N VAL B 184 -5.90 18.93 19.17
CA VAL B 184 -6.59 17.87 19.88
C VAL B 184 -7.74 18.46 20.67
N PRO B 185 -8.93 17.83 20.68
CA PRO B 185 -10.02 18.32 21.52
C PRO B 185 -9.64 18.30 22.99
N GLU B 186 -10.16 19.26 23.73
CA GLU B 186 -9.88 19.36 25.15
C GLU B 186 -10.49 18.19 25.90
N GLY B 187 -9.82 17.79 26.98
CA GLY B 187 -10.22 16.63 27.76
C GLY B 187 -9.19 15.53 27.69
N ILE B 188 -9.48 14.46 28.44
CA ILE B 188 -8.59 13.31 28.52
C ILE B 188 -9.09 12.24 27.56
N ARG B 189 -8.21 11.74 26.70
CA ARG B 189 -8.55 10.65 25.80
C ARG B 189 -8.72 9.37 26.61
N MET B 190 -9.95 8.87 26.69
CA MET B 190 -10.24 7.68 27.47
C MET B 190 -10.90 6.64 26.58
N ASN B 191 -10.99 5.42 27.10
CA ASN B 191 -11.43 4.24 26.34
C ASN B 191 -12.36 3.44 27.25
N LYS B 192 -13.66 3.73 27.16
CA LYS B 192 -14.67 3.04 27.96
C LYS B 192 -15.04 1.75 27.24
N THR B 193 -14.64 0.61 27.83
CA THR B 193 -14.90 -0.69 27.23
C THR B 193 -16.40 -0.95 27.22
N VAL B 194 -17.01 -0.88 26.04
CA VAL B 194 -18.46 -1.08 25.93
C VAL B 194 -18.81 -2.53 26.21
N ALA B 195 -18.09 -3.46 25.58
CA ALA B 195 -18.50 -4.85 25.72
C ALA B 195 -17.31 -5.78 25.55
N VAL B 196 -17.30 -6.87 26.32
CA VAL B 196 -16.40 -8.00 26.10
C VAL B 196 -17.24 -9.27 26.12
N ARG B 197 -17.06 -10.10 25.09
CA ARG B 197 -17.90 -11.28 24.92
C ARG B 197 -17.06 -12.46 24.45
N THR B 198 -17.50 -13.65 24.82
CA THR B 198 -16.95 -14.90 24.32
C THR B 198 -17.95 -15.52 23.36
N LEU B 199 -17.47 -15.90 22.17
CA LEU B 199 -18.32 -16.41 21.11
C LEU B 199 -18.10 -17.92 21.02
N ASP B 200 -19.17 -18.69 21.23
CA ASP B 200 -19.02 -20.13 21.23
C ASP B 200 -20.34 -20.78 20.84
N PRO B 201 -20.46 -21.29 19.61
CA PRO B 201 -21.69 -21.98 19.20
C PRO B 201 -21.84 -23.32 19.90
N GLU B 202 -23.09 -23.80 19.93
CA GLU B 202 -23.51 -25.07 20.54
C GLU B 202 -23.16 -25.13 22.02
N ARG B 203 -22.70 -24.01 22.58
CA ARG B 203 -22.46 -23.87 24.01
C ARG B 203 -23.28 -22.73 24.59
N LEU B 204 -23.26 -21.56 23.95
CA LEU B 204 -24.10 -20.44 24.34
C LEU B 204 -25.13 -20.08 23.28
N GLY B 205 -25.04 -20.66 22.09
CA GLY B 205 -25.97 -20.38 21.01
C GLY B 205 -27.17 -21.29 21.01
N ARG B 206 -27.93 -21.23 19.92
CA ARG B 206 -29.16 -22.00 19.75
C ARG B 206 -29.06 -22.78 18.43
N GLU B 207 -28.58 -24.02 18.53
CA GLU B 207 -28.53 -24.95 17.39
C GLU B 207 -27.69 -24.37 16.24
N GLY B 208 -26.42 -24.15 16.52
CA GLY B 208 -25.48 -23.70 15.50
C GLY B 208 -25.43 -22.20 15.30
N VAL B 209 -26.48 -21.64 14.71
CA VAL B 209 -26.50 -20.21 14.44
C VAL B 209 -26.68 -19.44 15.74
N GLN B 210 -26.03 -18.28 15.84
CA GLN B 210 -26.09 -17.46 17.03
C GLN B 210 -26.27 -16.00 16.63
N LYS B 211 -26.85 -15.22 17.55
CA LYS B 211 -26.97 -13.79 17.37
C LYS B 211 -26.82 -13.13 18.73
N GLU B 212 -25.88 -12.19 18.84
CA GLU B 212 -25.62 -11.50 20.09
C GLU B 212 -25.70 -10.00 19.86
N ASP B 213 -26.34 -9.31 20.81
CA ASP B 213 -26.67 -7.90 20.70
C ASP B 213 -25.73 -7.08 21.57
N ILE B 214 -25.20 -6.00 21.02
CA ILE B 214 -24.28 -5.10 21.69
C ILE B 214 -24.99 -3.76 21.85
N PRO B 215 -25.25 -3.30 23.08
CA PRO B 215 -25.98 -2.05 23.27
C PRO B 215 -25.12 -0.85 22.91
N PRO B 216 -25.74 0.29 22.62
CA PRO B 216 -24.95 1.50 22.34
C PRO B 216 -24.17 1.94 23.56
N ALA B 217 -23.03 2.59 23.30
CA ALA B 217 -22.17 3.03 24.38
C ALA B 217 -22.84 4.13 25.20
N ASP B 218 -22.35 4.30 26.43
CA ASP B 218 -22.97 5.26 27.34
C ASP B 218 -22.73 6.69 26.88
N LEU B 219 -21.46 7.12 26.86
CA LEU B 219 -21.08 8.44 26.36
C LEU B 219 -21.87 9.56 27.01
N SER B 220 -22.04 9.46 28.33
CA SER B 220 -22.84 10.46 29.04
C SER B 220 -22.12 11.79 29.15
N ASP B 221 -20.80 11.77 29.34
CA ASP B 221 -20.01 12.98 29.57
C ASP B 221 -19.14 13.34 28.37
N GLN B 222 -19.58 12.99 27.16
CA GLN B 222 -18.79 13.27 25.98
C GLN B 222 -18.77 14.76 25.69
N VAL B 223 -17.60 15.25 25.26
CA VAL B 223 -17.46 16.65 24.85
C VAL B 223 -18.17 16.82 23.52
N PRO B 224 -19.12 17.72 23.40
CA PRO B 224 -19.80 17.93 22.11
C PRO B 224 -18.85 18.53 21.08
N ASP B 225 -19.31 18.50 19.83
CA ASP B 225 -18.53 18.92 18.67
C ASP B 225 -17.31 18.03 18.44
N THR B 226 -17.36 16.80 18.93
CA THR B 226 -16.29 15.82 18.73
C THR B 226 -16.88 14.55 18.15
N GLU B 227 -16.04 13.80 17.43
CA GLU B 227 -16.41 12.53 16.85
C GLU B 227 -15.68 11.39 17.55
N SER B 228 -16.40 10.31 17.81
CA SER B 228 -15.86 9.18 18.55
C SER B 228 -15.41 8.08 17.60
N GLU B 229 -14.87 7.01 18.18
CA GLU B 229 -14.35 5.90 17.38
C GLU B 229 -14.71 4.59 18.07
N THR B 230 -15.58 3.79 17.47
CA THR B 230 -15.95 2.49 18.03
C THR B 230 -15.15 1.42 17.30
N ARG B 231 -14.30 0.72 18.04
CA ARG B 231 -13.47 -0.35 17.49
C ARG B 231 -14.03 -1.69 17.96
N ILE B 232 -14.35 -2.55 17.00
CA ILE B 232 -14.77 -3.92 17.26
C ILE B 232 -13.59 -4.82 16.90
N LEU B 233 -13.08 -5.53 17.88
CA LEU B 233 -11.89 -6.34 17.77
C LEU B 233 -12.28 -7.81 17.86
N LEU B 234 -11.87 -8.59 16.86
CA LEU B 234 -12.14 -10.01 16.81
C LEU B 234 -10.83 -10.79 16.91
N GLN B 235 -10.89 -11.94 17.58
CA GLN B 235 -9.69 -12.75 17.78
C GLN B 235 -10.09 -14.19 18.00
N GLY B 236 -9.18 -15.09 17.65
CA GLY B 236 -9.36 -16.52 17.82
C GLY B 236 -8.45 -17.05 18.92
N THR B 237 -9.05 -17.78 19.85
CA THR B 237 -8.33 -18.30 21.00
C THR B 237 -7.83 -19.71 20.71
N PRO B 238 -6.52 -19.96 20.76
CA PRO B 238 -6.03 -21.32 20.54
C PRO B 238 -6.39 -22.22 21.71
N VAL B 239 -6.84 -23.44 21.39
CA VAL B 239 -7.23 -24.40 22.41
C VAL B 239 -6.28 -25.58 22.27
N ALA B 240 -5.03 -25.30 21.93
CA ALA B 240 -4.00 -26.33 21.85
C ALA B 240 -4.05 -27.24 23.06
N GLN B 241 -3.87 -28.53 22.81
CA GLN B 241 -4.27 -29.56 23.77
C GLN B 241 -3.18 -30.62 23.83
N MET B 242 -3.54 -31.78 24.39
CA MET B 242 -2.61 -32.86 24.67
C MET B 242 -2.25 -33.63 23.41
N THR B 243 -1.70 -34.84 23.58
CA THR B 243 -1.08 -35.63 22.51
C THR B 243 0.20 -34.94 22.02
N GLU B 244 1.09 -34.68 22.97
CA GLU B 244 2.43 -34.20 22.67
C GLU B 244 3.32 -35.37 22.27
N ASP B 245 4.63 -35.17 22.27
CA ASP B 245 5.58 -36.21 21.88
C ASP B 245 5.37 -37.47 22.71
N ALA B 246 5.42 -38.62 22.04
CA ALA B 246 5.13 -39.90 22.66
C ALA B 246 6.34 -40.39 23.46
N VAL B 247 6.31 -41.66 23.85
CA VAL B 247 7.39 -42.24 24.65
C VAL B 247 8.72 -42.12 23.91
N ASP B 248 9.78 -41.83 24.66
CA ASP B 248 11.11 -41.72 24.09
C ASP B 248 11.58 -43.05 23.53
N ALA B 249 12.60 -42.98 22.67
CA ALA B 249 13.12 -44.16 21.99
C ALA B 249 14.05 -45.00 22.87
N GLU B 250 14.46 -44.49 24.03
CA GLU B 250 15.41 -45.21 24.88
C GLU B 250 14.85 -46.57 25.29
N ARG B 251 13.54 -46.65 25.53
CA ARG B 251 12.93 -47.90 25.94
C ARG B 251 12.79 -48.90 24.80
N LEU B 252 13.05 -48.49 23.56
CA LEU B 252 12.88 -49.36 22.40
C LEU B 252 14.20 -49.99 21.93
N LYS B 253 15.26 -49.87 22.72
CA LYS B 253 16.58 -50.38 22.33
C LYS B 253 16.78 -51.85 22.69
N HIS B 254 15.70 -52.60 22.92
CA HIS B 254 15.81 -54.01 23.24
C HIS B 254 14.99 -54.92 22.33
N LEU B 255 14.10 -54.36 21.50
CA LEU B 255 13.24 -55.18 20.66
C LEU B 255 13.98 -55.76 19.45
N ILE B 256 15.20 -55.32 19.18
CA ILE B 256 15.95 -55.82 18.03
C ILE B 256 16.37 -57.26 18.32
N VAL B 257 15.75 -58.21 17.63
CA VAL B 257 16.01 -59.63 17.80
C VAL B 257 16.36 -60.22 16.44
N THR B 258 17.41 -61.02 16.40
CA THR B 258 17.86 -61.62 15.14
C THR B 258 16.82 -62.61 14.63
N PRO B 259 16.33 -62.46 13.40
CA PRO B 259 15.33 -63.40 12.85
C PRO B 259 15.98 -64.72 12.48
N SER B 260 15.57 -65.79 13.15
CA SER B 260 16.08 -67.12 12.84
C SER B 260 15.05 -68.15 13.28
N GLY B 261 15.10 -69.32 12.65
CA GLY B 261 14.20 -70.40 12.98
C GLY B 261 13.37 -70.88 11.80
N CYS B 262 12.22 -71.49 12.09
CA CYS B 262 11.32 -71.99 11.07
C CYS B 262 10.41 -70.86 10.60
N GLY B 263 9.38 -71.21 9.83
CA GLY B 263 8.44 -70.20 9.36
C GLY B 263 7.71 -69.51 10.49
N GLU B 264 7.28 -70.27 11.50
CA GLU B 264 6.61 -69.67 12.65
C GLU B 264 7.59 -68.89 13.52
N GLU B 265 8.81 -69.42 13.69
CA GLU B 265 9.78 -68.76 14.55
C GLU B 265 10.34 -67.48 13.95
N ASN B 266 10.34 -67.36 12.62
CA ASN B 266 10.82 -66.13 11.99
C ASN B 266 9.96 -64.94 12.37
N MET B 267 8.64 -65.13 12.42
CA MET B 267 7.74 -64.06 12.84
C MET B 267 8.05 -63.61 14.26
N ILE B 268 8.23 -64.57 15.17
CA ILE B 268 8.55 -64.22 16.56
C ILE B 268 9.89 -63.51 16.63
N GLY B 269 10.85 -63.93 15.81
CA GLY B 269 12.17 -63.34 15.84
C GLY B 269 12.20 -61.90 15.34
N MET B 270 11.46 -61.61 14.27
CA MET B 270 11.60 -60.32 13.59
C MET B 270 10.42 -59.37 13.79
N THR B 271 9.34 -59.78 14.47
CA THR B 271 8.22 -58.87 14.65
C THR B 271 8.57 -57.66 15.51
N PRO B 272 9.22 -57.79 16.68
CA PRO B 272 9.50 -56.58 17.48
C PRO B 272 10.34 -55.55 16.76
N THR B 273 11.32 -55.98 15.96
CA THR B 273 12.10 -55.03 15.17
C THR B 273 11.22 -54.29 14.18
N VAL B 274 10.30 -55.01 13.51
CA VAL B 274 9.41 -54.38 12.55
C VAL B 274 8.52 -53.35 13.24
N ILE B 275 7.93 -53.71 14.38
CA ILE B 275 7.03 -52.79 15.05
C ILE B 275 7.78 -51.58 15.57
N ALA B 276 9.01 -51.78 16.07
CA ALA B 276 9.81 -50.64 16.51
C ALA B 276 10.14 -49.72 15.36
N VAL B 277 10.51 -50.29 14.21
CA VAL B 277 10.86 -49.48 13.04
C VAL B 277 9.67 -48.64 12.59
N HIS B 278 8.50 -49.27 12.47
CA HIS B 278 7.32 -48.52 12.05
C HIS B 278 6.92 -47.46 13.07
N TYR B 279 6.98 -47.78 14.37
CA TYR B 279 6.61 -46.80 15.37
C TYR B 279 7.56 -45.60 15.34
N LEU B 280 8.86 -45.86 15.20
CA LEU B 280 9.82 -44.76 15.11
C LEU B 280 9.59 -43.94 13.85
N ASP B 281 9.30 -44.60 12.73
CA ASP B 281 9.07 -43.89 11.48
C ASP B 281 7.84 -42.98 11.57
N GLU B 282 6.75 -43.48 12.14
CA GLU B 282 5.53 -42.68 12.20
C GLU B 282 5.60 -41.60 13.27
N THR B 283 6.26 -41.89 14.40
CA THR B 283 6.29 -40.95 15.51
C THR B 283 7.35 -39.86 15.35
N GLU B 284 8.22 -39.97 14.35
CA GLU B 284 9.28 -38.98 14.10
C GLU B 284 10.18 -38.80 15.32
N GLN B 285 10.55 -39.93 15.95
CA GLN B 285 11.44 -39.93 17.10
C GLN B 285 12.75 -40.64 16.80
N TRP B 286 13.23 -40.53 15.57
CA TRP B 286 14.45 -41.19 15.14
C TRP B 286 15.72 -40.53 15.65
N GLU B 287 15.61 -39.31 16.21
CA GLU B 287 16.80 -38.55 16.57
C GLU B 287 17.55 -39.15 17.74
N LYS B 288 16.87 -39.90 18.62
CA LYS B 288 17.54 -40.57 19.72
C LYS B 288 17.41 -42.10 19.65
N PHE B 289 17.66 -42.69 18.48
CA PHE B 289 17.63 -44.14 18.37
C PHE B 289 18.89 -44.78 17.81
N GLY B 290 19.78 -44.02 17.17
CA GLY B 290 21.00 -44.64 16.69
C GLY B 290 21.58 -44.12 15.39
N LEU B 291 20.88 -43.21 14.71
CA LEU B 291 21.42 -42.54 13.52
C LEU B 291 21.80 -43.56 12.43
N GLU B 292 20.75 -44.11 11.82
CA GLU B 292 20.79 -45.11 10.75
C GLU B 292 20.99 -46.53 11.26
N LYS B 293 20.65 -46.78 12.54
CA LYS B 293 20.41 -48.16 12.95
C LYS B 293 19.25 -48.77 12.18
N ARG B 294 18.39 -47.93 11.60
CA ARG B 294 17.34 -48.40 10.71
C ARG B 294 17.91 -49.19 9.55
N GLN B 295 19.11 -48.86 9.09
CA GLN B 295 19.73 -49.62 8.00
C GLN B 295 19.90 -51.08 8.39
N GLY B 296 20.52 -51.34 9.54
CA GLY B 296 20.69 -52.70 10.00
C GLY B 296 19.36 -53.37 10.33
N ALA B 297 18.44 -52.62 10.95
CA ALA B 297 17.14 -53.19 11.30
C ALA B 297 16.40 -53.65 10.04
N LEU B 298 16.40 -52.83 8.99
CA LEU B 298 15.72 -53.20 7.76
C LEU B 298 16.48 -54.29 7.00
N GLU B 299 17.81 -54.33 7.12
CA GLU B 299 18.55 -55.44 6.53
C GLU B 299 18.15 -56.77 7.16
N LEU B 300 18.07 -56.79 8.50
CA LEU B 300 17.61 -58.01 9.17
C LEU B 300 16.16 -58.33 8.84
N ILE B 301 15.33 -57.29 8.70
CA ILE B 301 13.93 -57.51 8.32
C ILE B 301 13.84 -58.13 6.93
N LYS B 302 14.65 -57.63 5.99
CA LYS B 302 14.68 -58.20 4.65
C LYS B 302 15.19 -59.63 4.66
N LYS B 303 16.19 -59.92 5.50
CA LYS B 303 16.66 -61.30 5.63
C LYS B 303 15.56 -62.21 6.14
N GLY B 304 14.81 -61.75 7.14
CA GLY B 304 13.68 -62.55 7.63
C GLY B 304 12.59 -62.70 6.60
N TYR B 305 12.37 -61.65 5.79
CA TYR B 305 11.39 -61.73 4.70
C TYR B 305 11.81 -62.78 3.67
N THR B 306 13.09 -62.80 3.33
CA THR B 306 13.60 -63.83 2.42
C THR B 306 13.45 -65.22 3.02
N GLN B 307 13.73 -65.35 4.32
CA GLN B 307 13.56 -66.65 4.98
C GLN B 307 12.10 -67.10 4.94
N GLN B 308 11.18 -66.17 5.18
CA GLN B 308 9.75 -66.51 5.10
C GLN B 308 9.36 -66.90 3.68
N LEU B 309 9.86 -66.18 2.69
CA LEU B 309 9.61 -66.53 1.29
C LEU B 309 10.16 -67.90 0.93
N ALA B 310 11.25 -68.32 1.58
CA ALA B 310 11.84 -69.62 1.30
C ALA B 310 10.89 -70.78 1.59
N PHE B 311 9.90 -70.58 2.46
CA PHE B 311 8.91 -71.60 2.77
C PHE B 311 7.60 -71.37 2.04
N ARG B 312 7.66 -70.85 0.82
CA ARG B 312 6.45 -70.58 0.04
C ARG B 312 5.75 -71.89 -0.35
N GLN B 313 4.44 -71.81 -0.50
CA GLN B 313 3.59 -72.93 -0.88
C GLN B 313 2.89 -72.62 -2.18
N PRO B 314 2.45 -73.65 -2.93
CA PRO B 314 1.77 -73.39 -4.20
C PRO B 314 0.51 -72.56 -4.08
N SER B 315 -0.15 -72.57 -2.91
CA SER B 315 -1.32 -71.74 -2.68
C SER B 315 -0.98 -70.27 -2.44
N SER B 316 0.27 -69.87 -2.69
CA SER B 316 0.72 -68.48 -2.53
C SER B 316 0.56 -68.00 -1.10
N ALA B 317 0.68 -68.90 -0.14
CA ALA B 317 0.59 -68.57 1.27
C ALA B 317 1.90 -68.93 1.97
N PHE B 318 1.92 -68.78 3.29
CA PHE B 318 3.13 -69.05 4.06
C PHE B 318 2.75 -69.82 5.32
N ALA B 319 3.68 -70.67 5.77
CA ALA B 319 3.45 -71.49 6.95
C ALA B 319 4.81 -71.93 7.50
N ALA B 320 4.76 -72.60 8.65
CA ALA B 320 5.99 -73.06 9.30
C ALA B 320 6.69 -74.12 8.45
N PHE B 321 5.92 -75.05 7.88
CA PHE B 321 6.47 -76.15 7.10
C PHE B 321 6.01 -76.03 5.65
N VAL B 322 6.85 -76.53 4.74
CA VAL B 322 6.51 -76.51 3.32
C VAL B 322 5.36 -77.48 3.04
N LYS B 323 5.34 -78.63 3.73
CA LYS B 323 4.31 -79.63 3.53
C LYS B 323 3.06 -79.39 4.36
N ARG B 324 3.09 -78.45 5.31
CA ARG B 324 1.96 -78.18 6.18
C ARG B 324 1.02 -77.17 5.53
N ALA B 325 -0.27 -77.44 5.60
CA ALA B 325 -1.26 -76.51 5.08
C ALA B 325 -1.25 -75.22 5.88
N PRO B 326 -1.34 -74.07 5.22
CA PRO B 326 -1.31 -72.79 5.95
C PRO B 326 -2.52 -72.63 6.85
N SER B 327 -2.32 -71.92 7.96
CA SER B 327 -3.38 -71.61 8.90
C SER B 327 -4.05 -70.30 8.52
N THR B 328 -5.37 -70.25 8.71
CA THR B 328 -6.12 -69.05 8.35
C THR B 328 -5.67 -67.85 9.17
N TRP B 329 -5.56 -68.02 10.49
CA TRP B 329 -5.08 -66.93 11.34
C TRP B 329 -3.65 -66.56 11.00
N LEU B 330 -2.80 -67.54 10.75
CA LEU B 330 -1.41 -67.27 10.38
C LEU B 330 -1.35 -66.50 9.05
N THR B 331 -2.16 -66.92 8.08
CA THR B 331 -2.18 -66.23 6.79
C THR B 331 -2.66 -64.79 6.95
N ALA B 332 -3.70 -64.57 7.75
CA ALA B 332 -4.20 -63.21 7.97
C ALA B 332 -3.15 -62.35 8.67
N TYR B 333 -2.47 -62.91 9.67
CA TYR B 333 -1.44 -62.16 10.38
C TYR B 333 -0.28 -61.79 9.45
N VAL B 334 0.15 -62.74 8.63
CA VAL B 334 1.24 -62.47 7.69
C VAL B 334 0.83 -61.42 6.69
N VAL B 335 -0.40 -61.51 6.17
CA VAL B 335 -0.90 -60.53 5.21
C VAL B 335 -0.93 -59.14 5.84
N LYS B 336 -1.44 -59.04 7.07
CA LYS B 336 -1.49 -57.75 7.74
C LYS B 336 -0.09 -57.17 7.97
N VAL B 337 0.85 -58.01 8.42
CA VAL B 337 2.19 -57.53 8.69
C VAL B 337 2.87 -57.05 7.42
N PHE B 338 2.71 -57.80 6.32
CA PHE B 338 3.34 -57.40 5.07
C PHE B 338 2.64 -56.20 4.44
N SER B 339 1.34 -56.03 4.69
CA SER B 339 0.64 -54.87 4.14
C SER B 339 0.98 -53.60 4.90
N LEU B 340 1.25 -53.70 6.20
CA LEU B 340 1.61 -52.53 6.98
C LEU B 340 2.99 -51.99 6.61
N ALA B 341 3.82 -52.78 5.94
CA ALA B 341 5.20 -52.41 5.61
C ALA B 341 5.39 -52.15 4.12
N VAL B 342 4.45 -51.46 3.48
CA VAL B 342 4.49 -51.26 2.04
C VAL B 342 5.09 -49.91 1.67
N ASN B 343 5.87 -49.30 2.57
CA ASN B 343 6.47 -48.00 2.30
C ASN B 343 8.00 -47.97 2.46
N LEU B 344 8.63 -49.09 2.80
CA LEU B 344 10.07 -49.13 2.99
C LEU B 344 10.77 -50.01 1.96
N ILE B 345 10.35 -51.26 1.81
CA ILE B 345 11.01 -52.21 0.91
C ILE B 345 9.95 -52.80 -0.03
N ALA B 346 10.43 -53.33 -1.14
CA ALA B 346 9.55 -53.95 -2.12
C ALA B 346 8.91 -55.21 -1.54
N ILE B 347 7.62 -55.38 -1.82
CA ILE B 347 6.84 -56.49 -1.30
C ILE B 347 6.18 -57.21 -2.46
N ASP B 348 6.17 -58.54 -2.41
CA ASP B 348 5.51 -59.33 -3.45
C ASP B 348 4.03 -58.99 -3.52
N SER B 349 3.54 -58.77 -4.73
CA SER B 349 2.15 -58.36 -4.95
C SER B 349 1.25 -59.53 -5.32
N GLN B 350 1.65 -60.33 -6.31
CA GLN B 350 0.79 -61.43 -6.77
C GLN B 350 0.60 -62.49 -5.68
N VAL B 351 1.66 -62.78 -4.92
CA VAL B 351 1.59 -63.83 -3.90
C VAL B 351 0.60 -63.44 -2.81
N LEU B 352 0.66 -62.18 -2.34
CA LEU B 352 -0.26 -61.74 -1.30
C LEU B 352 -1.70 -61.73 -1.80
N CYS B 353 -1.92 -61.29 -3.04
CA CYS B 353 -3.27 -61.31 -3.60
C CYS B 353 -3.79 -62.74 -3.74
N GLY B 354 -2.93 -63.67 -4.13
CA GLY B 354 -3.34 -65.07 -4.20
C GLY B 354 -3.67 -65.63 -2.83
N ALA B 355 -2.90 -65.25 -1.82
CA ALA B 355 -3.22 -65.67 -0.45
C ALA B 355 -4.56 -65.10 0.00
N VAL B 356 -4.84 -63.84 -0.36
CA VAL B 356 -6.11 -63.23 -0.01
C VAL B 356 -7.26 -63.97 -0.70
N LYS B 357 -7.09 -64.29 -1.98
CA LYS B 357 -8.12 -65.03 -2.70
C LYS B 357 -8.34 -66.42 -2.10
N TRP B 358 -7.25 -67.09 -1.70
CA TRP B 358 -7.37 -68.39 -1.06
C TRP B 358 -8.12 -68.28 0.27
N LEU B 359 -7.83 -67.24 1.04
CA LEU B 359 -8.51 -67.05 2.31
C LEU B 359 -10.00 -66.77 2.09
N ILE B 360 -10.33 -65.98 1.08
CA ILE B 360 -11.72 -65.59 0.87
C ILE B 360 -12.54 -66.74 0.28
N LEU B 361 -12.08 -67.30 -0.85
CA LEU B 361 -12.88 -68.29 -1.56
C LEU B 361 -12.85 -69.65 -0.89
N GLU B 362 -11.69 -70.06 -0.37
CA GLU B 362 -11.54 -71.42 0.16
C GLU B 362 -11.80 -71.49 1.66
N LYS B 363 -11.04 -70.73 2.45
CA LYS B 363 -11.13 -70.80 3.91
C LYS B 363 -12.23 -69.86 4.43
N GLN B 364 -13.45 -70.11 3.95
CA GLN B 364 -14.60 -69.31 4.36
C GLN B 364 -15.88 -70.04 3.94
N LYS B 365 -16.82 -70.13 4.87
CA LYS B 365 -18.12 -70.71 4.56
C LYS B 365 -18.91 -69.77 3.65
N PRO B 366 -19.86 -70.31 2.88
CA PRO B 366 -20.68 -69.44 2.02
C PRO B 366 -21.44 -68.36 2.78
N ASP B 367 -21.79 -68.62 4.03
CA ASP B 367 -22.46 -67.61 4.85
C ASP B 367 -21.56 -66.44 5.20
N GLY B 368 -20.24 -66.57 5.01
CA GLY B 368 -19.31 -65.51 5.33
C GLY B 368 -18.49 -65.72 6.59
N VAL B 369 -18.54 -66.91 7.19
CA VAL B 369 -17.80 -67.20 8.41
C VAL B 369 -16.55 -67.97 8.06
N PHE B 370 -15.40 -67.49 8.55
CA PHE B 370 -14.11 -68.13 8.27
C PHE B 370 -13.82 -69.18 9.32
N GLN B 371 -13.39 -70.36 8.87
CA GLN B 371 -13.09 -71.48 9.75
C GLN B 371 -11.67 -71.96 9.50
N GLU B 372 -10.91 -72.16 10.56
CA GLU B 372 -9.56 -72.68 10.48
C GLU B 372 -9.55 -74.19 10.68
N ASP B 373 -8.61 -74.85 10.01
CA ASP B 373 -8.48 -76.30 10.06
C ASP B 373 -7.21 -76.77 10.74
N ALA B 374 -6.09 -76.05 10.56
CA ALA B 374 -4.81 -76.45 11.13
C ALA B 374 -4.38 -75.45 12.20
N PRO B 375 -4.51 -75.77 13.48
CA PRO B 375 -4.01 -74.87 14.52
C PRO B 375 -2.50 -74.74 14.46
N VAL B 376 -2.00 -73.58 14.91
CA VAL B 376 -0.57 -73.32 14.87
C VAL B 376 0.15 -74.24 15.85
N ILE B 377 1.41 -74.56 15.53
CA ILE B 377 2.19 -75.49 16.35
C ILE B 377 2.47 -74.88 17.71
N HIS B 378 2.94 -73.65 17.75
CA HIS B 378 3.31 -73.00 19.00
C HIS B 378 2.07 -72.46 19.72
N GLN B 379 2.12 -72.50 21.04
CA GLN B 379 1.01 -72.06 21.88
C GLN B 379 1.24 -70.70 22.51
N GLU B 380 2.27 -69.96 22.08
CA GLU B 380 2.58 -68.66 22.65
C GLU B 380 2.04 -67.49 21.84
N MET B 381 1.99 -67.63 20.52
CA MET B 381 1.54 -66.55 19.64
C MET B 381 0.04 -66.58 19.36
N ILE B 382 -0.70 -67.52 19.98
CA ILE B 382 -2.13 -67.58 19.77
C ILE B 382 -2.82 -66.32 20.27
N GLY B 383 -2.41 -65.84 21.44
CA GLY B 383 -2.99 -64.63 22.00
C GLY B 383 -4.30 -64.88 22.71
N GLY B 384 -5.37 -64.25 22.23
CA GLY B 384 -6.68 -64.40 22.82
C GLY B 384 -7.49 -65.59 22.35
N LEU B 385 -6.90 -66.45 21.51
CA LEU B 385 -7.60 -67.60 20.98
C LEU B 385 -7.40 -68.86 21.82
N ARG B 386 -6.70 -68.76 22.95
CA ARG B 386 -6.47 -69.93 23.80
C ARG B 386 -7.78 -70.48 24.36
N ASN B 387 -8.66 -69.59 24.83
CA ASN B 387 -9.93 -70.01 25.40
C ASN B 387 -10.90 -70.38 24.29
N ASN B 388 -11.32 -71.63 24.24
CA ASN B 388 -12.18 -72.15 23.17
C ASN B 388 -13.65 -71.93 23.53
N ASN B 389 -14.06 -70.67 23.47
CA ASN B 389 -15.44 -70.29 23.70
C ASN B 389 -16.06 -69.59 22.49
N GLU B 390 -15.36 -68.63 21.90
CA GLU B 390 -15.83 -67.88 20.74
C GLU B 390 -14.74 -67.79 19.69
N LYS B 391 -14.11 -68.93 19.39
CA LYS B 391 -12.99 -68.95 18.46
C LYS B 391 -13.44 -68.58 17.04
N ASP B 392 -14.59 -69.08 16.62
CA ASP B 392 -15.02 -68.91 15.23
C ASP B 392 -15.20 -67.45 14.86
N MET B 393 -15.99 -66.71 15.66
CA MET B 393 -16.26 -65.33 15.32
C MET B 393 -15.05 -64.44 15.55
N ALA B 394 -14.21 -64.75 16.53
CA ALA B 394 -12.97 -64.01 16.71
C ALA B 394 -12.06 -64.18 15.51
N LEU B 395 -11.93 -65.40 15.00
CA LEU B 395 -11.16 -65.64 13.78
C LEU B 395 -11.76 -64.89 12.61
N THR B 396 -13.09 -64.90 12.49
CA THR B 396 -13.74 -64.18 11.40
C THR B 396 -13.44 -62.70 11.47
N ALA B 397 -13.51 -62.11 12.67
CA ALA B 397 -13.23 -60.68 12.83
C ALA B 397 -11.77 -60.37 12.50
N PHE B 398 -10.83 -61.21 12.96
CA PHE B 398 -9.43 -60.96 12.67
C PHE B 398 -9.15 -61.06 11.17
N VAL B 399 -9.75 -62.05 10.51
CA VAL B 399 -9.58 -62.19 9.06
C VAL B 399 -10.17 -60.99 8.34
N LEU B 400 -11.33 -60.52 8.79
CA LEU B 400 -11.94 -59.35 8.18
C LEU B 400 -11.05 -58.12 8.33
N ILE B 401 -10.47 -57.94 9.52
CA ILE B 401 -9.59 -56.80 9.75
C ILE B 401 -8.36 -56.87 8.83
N SER B 402 -7.75 -58.05 8.73
CA SER B 402 -6.59 -58.20 7.86
C SER B 402 -6.96 -57.96 6.39
N LEU B 403 -8.11 -58.47 5.97
CA LEU B 403 -8.54 -58.28 4.59
C LEU B 403 -8.82 -56.81 4.29
N GLN B 404 -9.44 -56.10 5.23
CA GLN B 404 -9.66 -54.67 5.02
C GLN B 404 -8.35 -53.90 5.00
N GLU B 405 -7.38 -54.33 5.80
CA GLU B 405 -6.06 -53.69 5.76
C GLU B 405 -5.40 -53.90 4.40
N ALA B 406 -5.50 -55.10 3.84
CA ALA B 406 -4.89 -55.41 2.56
C ALA B 406 -5.75 -54.99 1.36
N LYS B 407 -6.97 -54.49 1.62
CA LYS B 407 -7.88 -54.10 0.55
C LYS B 407 -7.29 -53.02 -0.35
N ASP B 408 -6.41 -52.18 0.18
CA ASP B 408 -5.95 -51.00 -0.55
C ASP B 408 -5.06 -51.34 -1.74
N ILE B 409 -4.64 -52.59 -1.91
CA ILE B 409 -3.74 -52.94 -3.00
C ILE B 409 -4.32 -54.07 -3.85
N CYS B 410 -4.67 -55.18 -3.21
CA CYS B 410 -5.07 -56.40 -3.92
C CYS B 410 -6.51 -56.35 -4.44
N GLU B 411 -7.15 -55.18 -4.48
CA GLU B 411 -8.52 -55.12 -4.97
C GLU B 411 -8.60 -55.39 -6.46
N GLU B 412 -7.56 -55.03 -7.22
CA GLU B 412 -7.54 -55.29 -8.66
C GLU B 412 -7.31 -56.76 -8.99
N GLN B 413 -6.96 -57.59 -7.99
CA GLN B 413 -6.76 -59.02 -8.21
C GLN B 413 -7.83 -59.87 -7.56
N VAL B 414 -8.63 -59.32 -6.65
CA VAL B 414 -9.69 -60.05 -5.97
C VAL B 414 -11.01 -59.33 -6.23
N ASN B 415 -12.01 -60.08 -6.69
CA ASN B 415 -13.32 -59.51 -6.97
C ASN B 415 -14.38 -59.86 -5.94
N SER B 416 -14.15 -60.89 -5.12
CA SER B 416 -15.09 -61.29 -4.08
C SER B 416 -14.80 -60.63 -2.73
N LEU B 417 -13.75 -59.81 -2.65
CA LEU B 417 -13.41 -59.17 -1.38
C LEU B 417 -14.50 -58.25 -0.86
N PRO B 418 -15.09 -57.35 -1.66
CA PRO B 418 -16.22 -56.55 -1.13
C PRO B 418 -17.38 -57.41 -0.67
N GLY B 419 -17.69 -58.49 -1.40
CA GLY B 419 -18.77 -59.36 -0.98
C GLY B 419 -18.49 -60.07 0.33
N SER B 420 -17.26 -60.56 0.49
CA SER B 420 -16.87 -61.20 1.75
C SER B 420 -16.92 -60.21 2.90
N ILE B 421 -16.45 -58.97 2.67
CA ILE B 421 -16.49 -57.95 3.71
C ILE B 421 -17.92 -57.64 4.12
N THR B 422 -18.80 -57.48 3.12
CA THR B 422 -20.21 -57.19 3.42
C THR B 422 -20.85 -58.35 4.18
N LYS B 423 -20.58 -59.58 3.76
CA LYS B 423 -21.15 -60.74 4.46
C LYS B 423 -20.67 -60.79 5.90
N ALA B 424 -19.37 -60.59 6.12
CA ALA B 424 -18.82 -60.65 7.47
C ALA B 424 -19.41 -59.54 8.35
N GLY B 425 -19.51 -58.33 7.81
CA GLY B 425 -20.08 -57.24 8.59
C GLY B 425 -21.53 -57.46 8.94
N ASP B 426 -22.33 -57.87 7.96
CA ASP B 426 -23.75 -58.10 8.22
C ASP B 426 -23.96 -59.28 9.17
N PHE B 427 -23.08 -60.28 9.13
CA PHE B 427 -23.21 -61.41 10.05
C PHE B 427 -22.80 -61.01 11.47
N LEU B 428 -21.71 -60.26 11.60
CA LEU B 428 -21.24 -59.86 12.93
C LEU B 428 -22.04 -58.73 13.53
N GLU B 429 -22.89 -58.05 12.75
CA GLU B 429 -23.77 -57.03 13.32
C GLU B 429 -24.74 -57.64 14.33
N ALA B 430 -25.32 -58.80 13.99
CA ALA B 430 -26.32 -59.41 14.85
C ALA B 430 -25.72 -60.23 15.98
N ASN B 431 -24.43 -60.56 15.93
CA ASN B 431 -23.80 -61.37 16.96
C ASN B 431 -23.10 -60.54 18.03
N TYR B 432 -23.20 -59.20 17.97
CA TYR B 432 -22.53 -58.37 18.95
C TYR B 432 -23.19 -58.41 20.32
N MET B 433 -24.43 -58.91 20.40
CA MET B 433 -25.17 -58.96 21.66
C MET B 433 -25.03 -60.30 22.38
N ASN B 434 -24.23 -61.22 21.86
CA ASN B 434 -24.07 -62.54 22.45
C ASN B 434 -22.61 -62.86 22.70
N LEU B 435 -21.87 -61.92 23.29
CA LEU B 435 -20.46 -62.10 23.60
C LEU B 435 -20.25 -62.00 25.10
N GLN B 436 -19.36 -62.84 25.62
CA GLN B 436 -19.08 -62.92 27.05
C GLN B 436 -17.75 -62.28 27.44
N ARG B 437 -16.66 -62.72 26.84
CA ARG B 437 -15.34 -62.17 27.15
C ARG B 437 -15.22 -60.74 26.63
N SER B 438 -14.53 -59.89 27.40
CA SER B 438 -14.57 -58.45 27.15
C SER B 438 -13.73 -58.05 25.95
N TYR B 439 -12.52 -58.60 25.83
CA TYR B 439 -11.63 -58.15 24.76
C TYR B 439 -12.15 -58.55 23.38
N THR B 440 -12.89 -59.66 23.29
CA THR B 440 -13.57 -59.97 22.04
C THR B 440 -14.66 -58.95 21.74
N VAL B 441 -15.37 -58.49 22.77
CA VAL B 441 -16.34 -57.42 22.56
C VAL B 441 -15.65 -56.19 21.98
N ALA B 442 -14.50 -55.83 22.56
CA ALA B 442 -13.77 -54.66 22.07
C ALA B 442 -13.31 -54.83 20.63
N ILE B 443 -12.74 -56.01 20.30
CA ILE B 443 -12.20 -56.21 18.96
C ILE B 443 -13.34 -56.28 17.94
N ALA B 444 -14.47 -56.87 18.32
CA ALA B 444 -15.63 -56.90 17.42
C ALA B 444 -16.16 -55.50 17.19
N GLY B 445 -16.22 -54.68 18.24
CA GLY B 445 -16.62 -53.29 18.06
C GLY B 445 -15.69 -52.54 17.14
N TYR B 446 -14.38 -52.74 17.29
CA TYR B 446 -13.42 -52.08 16.41
C TYR B 446 -13.59 -52.55 14.97
N ALA B 447 -13.77 -53.86 14.76
CA ALA B 447 -13.93 -54.37 13.41
C ALA B 447 -15.19 -53.83 12.76
N LEU B 448 -16.29 -53.76 13.52
CA LEU B 448 -17.53 -53.22 12.98
C LEU B 448 -17.41 -51.73 12.68
N ALA B 449 -16.71 -50.98 13.55
CA ALA B 449 -16.54 -49.55 13.32
C ALA B 449 -15.56 -49.26 12.20
N GLN B 450 -14.71 -50.23 11.83
CA GLN B 450 -13.80 -50.02 10.71
C GLN B 450 -14.55 -49.67 9.44
N MET B 451 -15.65 -50.38 9.16
CA MET B 451 -16.49 -50.06 8.01
C MET B 451 -17.55 -49.02 8.35
N GLY B 452 -17.98 -48.95 9.61
CA GLY B 452 -18.99 -48.00 10.02
C GLY B 452 -20.30 -48.65 10.42
N ARG B 453 -20.22 -49.85 10.98
CA ARG B 453 -21.39 -50.60 11.42
C ARG B 453 -21.36 -50.77 12.93
N LEU B 454 -21.01 -49.70 13.64
CA LEU B 454 -21.02 -49.65 15.10
C LEU B 454 -21.75 -48.38 15.51
N LYS B 455 -23.05 -48.49 15.75
CA LYS B 455 -23.87 -47.34 16.10
C LYS B 455 -25.03 -47.78 16.97
N GLY B 456 -25.32 -46.99 18.00
CA GLY B 456 -26.46 -47.22 18.84
C GLY B 456 -26.19 -48.19 19.98
N PRO B 457 -27.07 -49.18 20.14
CA PRO B 457 -26.97 -50.08 21.30
C PRO B 457 -25.66 -50.83 21.39
N LEU B 458 -25.00 -51.07 20.25
CA LEU B 458 -23.68 -51.70 20.30
C LEU B 458 -22.72 -50.89 21.16
N LEU B 459 -22.70 -49.57 20.97
CA LEU B 459 -21.85 -48.71 21.80
C LEU B 459 -22.18 -48.86 23.27
N ASN B 460 -23.44 -49.17 23.60
CA ASN B 460 -23.81 -49.41 24.98
C ASN B 460 -22.99 -50.56 25.56
N LYS B 461 -22.88 -51.67 24.83
CA LYS B 461 -22.05 -52.78 25.29
C LYS B 461 -20.58 -52.36 25.38
N PHE B 462 -20.17 -51.40 24.57
CA PHE B 462 -18.82 -50.89 24.66
C PHE B 462 -18.64 -50.01 25.89
N LEU B 463 -19.72 -49.38 26.36
CA LEU B 463 -19.62 -48.40 27.44
C LEU B 463 -20.04 -48.98 28.79
N THR B 464 -21.18 -49.66 28.85
CA THR B 464 -21.73 -50.14 30.11
C THR B 464 -21.21 -51.52 30.49
N THR B 465 -21.22 -52.46 29.55
CA THR B 465 -20.80 -53.82 29.85
C THR B 465 -19.33 -53.90 30.26
N ALA B 466 -18.49 -53.01 29.74
CA ALA B 466 -17.08 -53.01 30.10
C ALA B 466 -16.90 -52.69 31.57
N LYS B 467 -15.96 -53.37 32.22
CA LYS B 467 -15.70 -53.17 33.64
C LYS B 467 -14.96 -51.86 33.86
N ASP B 468 -15.53 -51.00 34.70
CA ASP B 468 -14.99 -49.70 35.06
C ASP B 468 -14.83 -48.77 33.86
N LYS B 469 -15.40 -49.13 32.71
CA LYS B 469 -15.44 -48.30 31.51
C LYS B 469 -14.05 -48.04 30.93
N ASN B 470 -13.00 -48.60 31.54
CA ASN B 470 -11.64 -48.39 31.03
C ASN B 470 -10.78 -49.64 31.00
N ARG B 471 -11.16 -50.73 31.65
CA ARG B 471 -10.34 -51.93 31.72
C ARG B 471 -11.17 -53.14 31.34
N TRP B 472 -10.78 -53.81 30.26
CA TRP B 472 -11.39 -55.07 29.85
C TRP B 472 -10.57 -56.25 30.39
N GLU B 473 -10.43 -56.28 31.71
CA GLU B 473 -9.54 -57.23 32.35
C GLU B 473 -10.09 -58.66 32.26
N ASP B 474 -9.18 -59.61 32.24
CA ASP B 474 -9.48 -61.04 32.23
C ASP B 474 -8.48 -61.74 33.14
N PRO B 475 -8.84 -62.90 33.68
CA PRO B 475 -7.89 -63.66 34.52
C PRO B 475 -6.63 -64.01 33.74
N GLY B 476 -5.50 -63.44 34.14
CA GLY B 476 -4.26 -63.62 33.42
C GLY B 476 -4.23 -62.83 32.13
N LYS B 477 -3.05 -62.82 31.51
CA LYS B 477 -2.83 -62.16 30.22
C LYS B 477 -3.21 -60.67 30.30
N GLN B 478 -2.43 -59.96 31.13
CA GLN B 478 -2.68 -58.54 31.33
C GLN B 478 -2.67 -57.74 30.04
N LEU B 479 -1.86 -58.15 29.06
CA LEU B 479 -1.79 -57.46 27.78
C LEU B 479 -3.16 -57.29 27.13
N TYR B 480 -4.05 -58.28 27.31
CA TYR B 480 -5.42 -58.15 26.83
C TYR B 480 -5.97 -56.76 27.08
N ASN B 481 -5.84 -56.28 28.32
CA ASN B 481 -6.32 -54.95 28.68
C ASN B 481 -5.86 -53.91 27.67
N VAL B 482 -4.55 -53.73 27.54
CA VAL B 482 -4.07 -52.69 26.65
C VAL B 482 -4.51 -52.98 25.23
N GLU B 483 -4.53 -54.25 24.83
CA GLU B 483 -5.03 -54.60 23.51
C GLU B 483 -6.43 -54.06 23.32
N ALA B 484 -7.35 -54.38 24.25
CA ALA B 484 -8.69 -53.84 24.18
C ALA B 484 -8.65 -52.32 24.21
N THR B 485 -7.79 -51.76 25.07
CA THR B 485 -7.64 -50.31 25.11
C THR B 485 -7.36 -49.77 23.73
N SER B 486 -6.38 -50.36 23.03
CA SER B 486 -6.03 -49.85 21.71
C SER B 486 -7.23 -49.93 20.78
N TYR B 487 -7.95 -51.05 20.82
CA TYR B 487 -9.15 -51.17 19.99
C TYR B 487 -10.06 -49.98 20.21
N ALA B 488 -10.35 -49.66 21.48
CA ALA B 488 -11.22 -48.53 21.78
C ALA B 488 -10.71 -47.28 21.09
N LEU B 489 -9.43 -46.96 21.28
CA LEU B 489 -8.87 -45.78 20.65
C LEU B 489 -9.14 -45.79 19.15
N LEU B 490 -8.82 -46.90 18.49
CA LEU B 490 -9.03 -46.98 17.06
C LEU B 490 -10.49 -46.71 16.71
N ALA B 491 -11.41 -47.35 17.44
CA ALA B 491 -12.83 -47.12 17.19
C ALA B 491 -13.14 -45.64 17.34
N LEU B 492 -12.69 -45.03 18.43
CA LEU B 492 -12.93 -43.60 18.62
C LEU B 492 -12.27 -42.81 17.51
N LEU B 493 -11.04 -43.19 17.13
CA LEU B 493 -10.37 -42.49 16.05
C LEU B 493 -11.10 -42.69 14.74
N GLN B 494 -11.80 -43.82 14.58
CA GLN B 494 -12.65 -43.98 13.42
C GLN B 494 -13.86 -43.07 13.49
N LEU B 495 -14.41 -42.88 14.69
CA LEU B 495 -15.56 -42.01 14.86
C LEU B 495 -15.18 -40.56 15.12
N LYS B 496 -13.90 -40.28 15.37
CA LYS B 496 -13.40 -38.93 15.58
C LYS B 496 -14.13 -38.25 16.74
N ASP B 497 -14.04 -38.86 17.91
CA ASP B 497 -14.65 -38.34 19.14
C ASP B 497 -13.55 -38.11 20.17
N PHE B 498 -13.51 -36.89 20.72
CA PHE B 498 -12.50 -36.50 21.69
C PHE B 498 -12.99 -36.60 23.12
N ASP B 499 -14.19 -37.11 23.36
CA ASP B 499 -14.74 -37.12 24.70
C ASP B 499 -14.04 -38.14 25.60
N PHE B 500 -13.73 -39.32 25.06
CA PHE B 500 -13.20 -40.41 25.86
C PHE B 500 -11.75 -40.75 25.54
N VAL B 501 -11.14 -40.12 24.55
CA VAL B 501 -9.79 -40.47 24.12
C VAL B 501 -8.74 -40.02 25.13
N PRO B 502 -8.69 -38.74 25.52
CA PRO B 502 -7.60 -38.27 26.39
C PRO B 502 -7.48 -39.04 27.70
N PRO B 503 -8.58 -39.40 28.37
CA PRO B 503 -8.42 -40.17 29.62
C PRO B 503 -7.77 -41.52 29.41
N VAL B 504 -8.19 -42.26 28.38
CA VAL B 504 -7.60 -43.57 28.13
C VAL B 504 -6.15 -43.43 27.68
N VAL B 505 -5.85 -42.38 26.90
CA VAL B 505 -4.46 -42.15 26.49
C VAL B 505 -3.59 -41.88 27.72
N ARG B 506 -4.08 -41.06 28.65
CA ARG B 506 -3.34 -40.80 29.88
C ARG B 506 -3.16 -42.06 30.70
N TRP B 507 -4.20 -42.89 30.79
CA TRP B 507 -4.09 -44.15 31.51
C TRP B 507 -3.07 -45.08 30.87
N LEU B 508 -2.93 -45.02 29.55
CA LEU B 508 -1.99 -45.89 28.85
C LEU B 508 -0.55 -45.63 29.32
N ASN B 509 -0.19 -44.36 29.50
CA ASN B 509 1.18 -44.02 29.86
C ASN B 509 1.55 -44.48 31.27
N GLU B 510 0.57 -44.78 32.12
CA GLU B 510 0.86 -45.20 33.49
C GLU B 510 1.38 -46.62 33.58
N GLN B 511 1.34 -47.40 32.49
CA GLN B 511 1.81 -48.78 32.53
C GLN B 511 3.28 -48.87 32.12
N ARG B 512 3.66 -48.20 31.03
CA ARG B 512 5.04 -48.20 30.53
C ARG B 512 5.52 -49.62 30.23
N TYR B 513 4.82 -50.26 29.29
CA TYR B 513 5.13 -51.62 28.87
C TYR B 513 5.69 -51.61 27.46
N TYR B 514 6.78 -52.35 27.25
CA TYR B 514 7.48 -52.40 25.97
C TYR B 514 7.78 -53.84 25.58
N GLY B 515 6.79 -54.71 25.73
CA GLY B 515 6.95 -56.10 25.37
C GLY B 515 7.77 -56.86 26.40
N GLY B 516 8.15 -58.08 26.01
CA GLY B 516 8.93 -58.95 26.88
C GLY B 516 8.07 -59.91 27.68
N GLY B 517 8.31 -61.20 27.50
CA GLY B 517 7.56 -62.22 28.20
C GLY B 517 7.34 -63.41 27.30
N TYR B 518 6.29 -64.17 27.61
CA TYR B 518 5.92 -65.37 26.84
C TYR B 518 4.80 -65.01 25.88
N GLY B 519 5.11 -64.94 24.60
CA GLY B 519 4.11 -64.66 23.58
C GLY B 519 3.48 -63.29 23.68
N SER B 520 4.21 -62.30 24.19
CA SER B 520 3.71 -60.93 24.26
C SER B 520 4.17 -60.12 23.06
N THR B 521 3.79 -60.61 21.88
CA THR B 521 4.23 -60.03 20.61
C THR B 521 3.08 -59.50 19.78
N GLN B 522 2.01 -60.27 19.60
CA GLN B 522 0.89 -59.82 18.79
C GLN B 522 0.23 -58.59 19.40
N ALA B 523 0.00 -58.60 20.72
CA ALA B 523 -0.61 -57.48 21.38
C ALA B 523 0.25 -56.23 21.27
N THR B 524 1.58 -56.38 21.41
CA THR B 524 2.47 -55.25 21.28
C THR B 524 2.38 -54.65 19.88
N PHE B 525 2.35 -55.50 18.85
CA PHE B 525 2.21 -55.01 17.49
C PHE B 525 0.90 -54.26 17.29
N MET B 526 -0.20 -54.81 17.81
CA MET B 526 -1.49 -54.17 17.63
C MET B 526 -1.55 -52.83 18.36
N VAL B 527 -1.03 -52.76 19.58
CA VAL B 527 -1.08 -51.50 20.31
C VAL B 527 -0.16 -50.46 19.66
N PHE B 528 0.98 -50.90 19.13
CA PHE B 528 1.88 -49.95 18.48
C PHE B 528 1.29 -49.43 17.18
N GLN B 529 0.62 -50.30 16.40
CA GLN B 529 0.00 -49.81 15.17
C GLN B 529 -1.19 -48.90 15.47
N ALA B 530 -1.94 -49.20 16.54
CA ALA B 530 -3.02 -48.31 16.95
C ALA B 530 -2.47 -46.95 17.37
N LEU B 531 -1.36 -46.93 18.11
CA LEU B 531 -0.75 -45.68 18.51
C LEU B 531 -0.23 -44.91 17.29
N ALA B 532 0.31 -45.63 16.30
CA ALA B 532 0.77 -44.98 15.08
C ALA B 532 -0.38 -44.33 14.33
N GLN B 533 -1.51 -45.04 14.20
CA GLN B 533 -2.69 -44.45 13.57
C GLN B 533 -3.17 -43.25 14.37
N TYR B 534 -3.14 -43.35 15.70
CA TYR B 534 -3.56 -42.24 16.55
C TYR B 534 -2.70 -41.01 16.31
N GLN B 535 -1.38 -41.19 16.26
CA GLN B 535 -0.48 -40.08 16.00
C GLN B 535 -0.69 -39.50 14.62
N LYS B 536 -0.86 -40.36 13.62
CA LYS B 536 -1.02 -39.88 12.24
C LYS B 536 -2.30 -39.08 12.08
N ASP B 537 -3.40 -39.53 12.69
CA ASP B 537 -4.70 -38.92 12.46
C ASP B 537 -4.97 -37.73 13.37
N ALA B 538 -4.65 -37.86 14.66
CA ALA B 538 -5.00 -36.81 15.61
C ALA B 538 -4.17 -35.56 15.36
N PRO B 539 -4.80 -34.40 15.17
CA PRO B 539 -4.03 -33.15 15.02
C PRO B 539 -3.48 -32.67 16.35
N ASP B 540 -2.68 -31.59 16.31
CA ASP B 540 -2.16 -30.99 17.53
C ASP B 540 -3.24 -30.27 18.34
N HIS B 541 -4.43 -30.08 17.78
CA HIS B 541 -5.50 -29.37 18.45
C HIS B 541 -6.82 -30.00 18.02
N GLN B 542 -7.92 -29.39 18.45
CA GLN B 542 -9.25 -29.78 18.01
C GLN B 542 -9.70 -28.87 16.86
N GLU B 543 -10.77 -29.28 16.19
CA GLU B 543 -11.26 -28.55 15.04
C GLU B 543 -11.72 -27.15 15.43
N LEU B 544 -11.30 -26.16 14.65
CA LEU B 544 -11.66 -24.76 14.91
C LEU B 544 -11.75 -24.05 13.56
N ASN B 545 -12.98 -23.77 13.13
CA ASN B 545 -13.24 -23.04 11.88
C ASN B 545 -14.43 -22.12 12.12
N LEU B 546 -14.16 -20.86 12.42
CA LEU B 546 -15.22 -19.92 12.75
C LEU B 546 -15.57 -19.05 11.55
N ASP B 547 -16.85 -18.70 11.43
CA ASP B 547 -17.34 -17.82 10.37
C ASP B 547 -18.13 -16.73 11.08
N VAL B 548 -17.46 -15.65 11.47
CA VAL B 548 -18.05 -14.65 12.34
C VAL B 548 -18.48 -13.46 11.50
N SER B 549 -19.77 -13.13 11.54
CA SER B 549 -20.30 -12.04 10.77
C SER B 549 -20.86 -10.99 11.71
N LEU B 550 -21.05 -9.79 11.20
CA LEU B 550 -21.71 -8.75 11.96
C LEU B 550 -22.45 -7.82 11.02
N GLN B 551 -23.52 -7.21 11.53
CA GLN B 551 -24.32 -6.29 10.75
C GLN B 551 -24.55 -5.00 11.52
N LEU B 552 -24.57 -3.89 10.80
CA LEU B 552 -24.76 -2.58 11.34
C LEU B 552 -26.09 -1.99 10.85
N PRO B 553 -26.82 -1.28 11.71
CA PRO B 553 -28.03 -0.60 11.25
C PRO B 553 -27.75 0.54 10.27
N SER B 554 -26.51 1.00 10.18
CA SER B 554 -26.13 2.08 9.29
C SER B 554 -25.44 1.62 8.03
N ARG B 555 -25.09 0.33 7.94
CA ARG B 555 -24.36 -0.21 6.79
C ARG B 555 -25.16 -1.35 6.19
N SER B 556 -25.32 -1.32 4.86
CA SER B 556 -26.15 -2.31 4.19
C SER B 556 -25.47 -3.67 4.13
N SER B 557 -24.15 -3.69 3.93
CA SER B 557 -23.42 -4.93 3.77
C SER B 557 -23.29 -5.66 5.10
N LYS B 558 -23.12 -6.98 5.01
CA LYS B 558 -22.84 -7.82 6.17
C LYS B 558 -21.34 -8.08 6.19
N ILE B 559 -20.67 -7.65 7.25
CA ILE B 559 -19.22 -7.72 7.32
C ILE B 559 -18.87 -9.08 7.92
N THR B 560 -18.34 -9.97 7.10
CA THR B 560 -18.09 -11.35 7.47
C THR B 560 -16.59 -11.63 7.41
N HIS B 561 -16.05 -12.16 8.50
CA HIS B 561 -14.67 -12.61 8.56
C HIS B 561 -14.65 -14.10 8.89
N ARG B 562 -13.54 -14.74 8.56
CA ARG B 562 -13.35 -16.16 8.84
C ARG B 562 -12.12 -16.36 9.71
N ILE B 563 -12.27 -17.15 10.76
CA ILE B 563 -11.22 -17.44 11.72
C ILE B 563 -10.74 -18.86 11.48
N HIS B 564 -9.45 -19.00 11.16
CA HIS B 564 -8.80 -20.29 11.01
C HIS B 564 -7.70 -20.42 12.05
N TRP B 565 -7.37 -21.66 12.40
CA TRP B 565 -6.34 -21.89 13.41
C TRP B 565 -4.99 -21.33 12.97
N GLU B 566 -4.63 -21.54 11.70
CA GLU B 566 -3.35 -21.04 11.21
C GLU B 566 -3.29 -19.52 11.20
N SER B 567 -4.40 -18.87 10.83
CA SER B 567 -4.44 -17.43 10.68
C SER B 567 -5.05 -16.73 11.89
N ALA B 568 -5.20 -17.43 13.01
CA ALA B 568 -5.78 -16.84 14.21
C ALA B 568 -4.80 -15.89 14.87
N SER B 569 -5.18 -15.37 16.02
CA SER B 569 -4.37 -14.42 16.80
C SER B 569 -4.00 -13.19 15.98
N LEU B 570 -4.95 -12.73 15.16
CA LEU B 570 -4.78 -11.53 14.34
C LEU B 570 -5.82 -10.50 14.76
N LEU B 571 -5.40 -9.24 14.83
CA LEU B 571 -6.27 -8.14 15.25
C LEU B 571 -7.14 -7.72 14.07
N ARG B 572 -8.36 -8.25 14.02
CA ARG B 572 -9.37 -7.82 13.05
C ARG B 572 -10.14 -6.67 13.68
N SER B 573 -9.91 -5.47 13.15
CA SER B 573 -10.49 -4.24 13.68
C SER B 573 -11.53 -3.71 12.70
N GLU B 574 -12.74 -3.51 13.20
CA GLU B 574 -13.81 -2.88 12.43
C GLU B 574 -14.11 -1.53 13.08
N GLU B 575 -14.11 -0.48 12.27
CA GLU B 575 -14.21 0.89 12.76
C GLU B 575 -15.60 1.45 12.49
N THR B 576 -16.16 2.15 13.48
CA THR B 576 -17.51 2.70 13.39
C THR B 576 -17.49 4.12 13.94
N LYS B 577 -18.28 4.99 13.33
CA LYS B 577 -18.40 6.38 13.76
C LYS B 577 -19.67 6.67 14.55
N GLU B 578 -20.73 5.91 14.32
CA GLU B 578 -22.03 6.18 14.93
C GLU B 578 -22.28 5.23 16.09
N ASN B 579 -22.87 5.76 17.16
CA ASN B 579 -23.19 4.99 18.36
C ASN B 579 -24.54 4.31 18.15
N GLU B 580 -24.50 3.01 17.84
CA GLU B 580 -25.72 2.26 17.59
C GLU B 580 -25.51 0.82 18.04
N GLY B 581 -26.61 0.12 18.26
CA GLY B 581 -26.53 -1.27 18.65
C GLY B 581 -25.98 -2.14 17.52
N PHE B 582 -25.25 -3.18 17.90
CA PHE B 582 -24.62 -4.07 16.94
C PHE B 582 -25.17 -5.48 17.10
N THR B 583 -25.12 -6.25 16.01
CA THR B 583 -25.57 -7.64 16.04
C THR B 583 -24.49 -8.50 15.40
N VAL B 584 -23.95 -9.43 16.18
CA VAL B 584 -22.90 -10.34 15.71
C VAL B 584 -23.50 -11.73 15.60
N THR B 585 -22.98 -12.50 14.64
CA THR B 585 -23.39 -13.89 14.41
C THR B 585 -22.13 -14.74 14.43
N ALA B 586 -21.98 -15.54 15.49
CA ALA B 586 -20.84 -16.43 15.65
C ALA B 586 -21.29 -17.85 15.31
N GLU B 587 -20.89 -18.32 14.15
CA GLU B 587 -21.27 -19.65 13.67
C GLU B 587 -20.02 -20.43 13.25
N GLY B 588 -20.21 -21.72 13.06
CA GLY B 588 -19.11 -22.64 12.90
C GLY B 588 -18.87 -23.45 14.15
N LYS B 589 -17.65 -23.96 14.28
CA LYS B 589 -17.27 -24.77 15.43
C LYS B 589 -15.96 -24.25 15.99
N GLY B 590 -15.93 -24.03 17.31
CA GLY B 590 -14.76 -23.52 17.98
C GLY B 590 -15.12 -22.47 19.03
N GLN B 591 -14.20 -21.54 19.29
CA GLN B 591 -14.46 -20.45 20.21
C GLN B 591 -14.01 -19.12 19.60
N GLY B 592 -14.02 -18.05 20.39
CA GLY B 592 -13.59 -16.77 19.87
C GLY B 592 -13.68 -15.72 20.95
N THR B 593 -13.23 -14.52 20.59
CA THR B 593 -13.25 -13.37 21.48
C THR B 593 -13.81 -12.17 20.73
N LEU B 594 -14.52 -11.30 21.44
CA LEU B 594 -15.03 -10.08 20.83
C LEU B 594 -14.92 -8.95 21.84
N SER B 595 -14.40 -7.80 21.40
CA SER B 595 -14.34 -6.64 22.26
C SER B 595 -14.78 -5.40 21.51
N VAL B 596 -15.67 -4.62 22.11
CA VAL B 596 -16.15 -3.38 21.52
C VAL B 596 -15.78 -2.25 22.47
N VAL B 597 -14.97 -1.31 21.97
CA VAL B 597 -14.44 -0.21 22.77
C VAL B 597 -14.66 1.10 22.04
N THR B 598 -15.20 2.10 22.73
CA THR B 598 -15.40 3.43 22.17
C THR B 598 -14.36 4.38 22.74
N MET B 599 -13.51 4.90 21.86
CA MET B 599 -12.49 5.88 22.20
C MET B 599 -13.04 7.25 21.85
N TYR B 600 -13.05 8.15 22.83
CA TYR B 600 -13.71 9.44 22.72
C TYR B 600 -13.09 10.40 23.73
N HIS B 601 -13.65 11.61 23.79
CA HIS B 601 -13.22 12.64 24.73
C HIS B 601 -14.35 12.94 25.71
N ALA B 602 -13.99 13.08 26.98
CA ALA B 602 -14.96 13.30 28.05
C ALA B 602 -14.76 14.67 28.65
N LYS B 603 -15.86 15.27 29.08
CA LYS B 603 -15.83 16.60 29.71
C LYS B 603 -15.59 16.51 31.21
N ALA B 604 -14.54 15.77 31.58
CA ALA B 604 -14.04 15.71 32.94
C ALA B 604 -12.84 16.62 33.14
N LYS B 605 -12.81 17.75 32.44
CA LYS B 605 -11.65 18.63 32.41
C LYS B 605 -11.42 19.24 33.79
N ASP B 606 -10.36 18.78 34.45
CA ASP B 606 -9.92 19.37 35.71
C ASP B 606 -8.86 20.44 35.42
N GLN B 607 -8.17 20.89 36.45
CA GLN B 607 -7.11 21.89 36.29
C GLN B 607 -6.03 21.42 35.33
N THR B 609 -1.96 21.95 32.46
CA THR B 609 -2.62 21.47 33.66
C THR B 609 -2.02 22.10 34.92
N CYS B 610 -0.74 22.47 34.84
CA CYS B 610 -0.04 23.16 35.93
C CYS B 610 -0.16 22.39 37.24
N ASN B 611 0.02 21.07 37.17
CA ASN B 611 -0.11 20.23 38.35
C ASN B 611 1.04 20.45 39.33
N LYS B 612 2.27 20.46 38.83
CA LYS B 612 3.46 20.45 39.67
C LYS B 612 4.00 21.84 39.96
N PHE B 613 3.36 22.89 39.48
CA PHE B 613 3.83 24.26 39.72
C PHE B 613 2.64 25.16 39.99
N ASP B 614 2.93 26.33 40.56
CA ASP B 614 1.93 27.33 40.93
C ASP B 614 2.37 28.71 40.48
N LEU B 615 2.75 28.81 39.21
CA LEU B 615 3.26 30.06 38.67
C LEU B 615 2.20 31.16 38.72
N LYS B 616 2.62 32.36 39.11
CA LYS B 616 1.77 33.53 39.12
C LYS B 616 2.61 34.74 38.72
N VAL B 617 2.02 35.64 37.95
CA VAL B 617 2.74 36.76 37.36
C VAL B 617 2.02 38.07 37.68
N THR B 618 2.77 39.16 37.66
CA THR B 618 2.21 40.48 37.90
C THR B 618 3.06 41.52 37.19
N ILE B 619 2.41 42.57 36.68
CA ILE B 619 3.09 43.73 36.10
C ILE B 619 2.64 44.94 36.91
N LYS B 620 3.61 45.71 37.42
CA LYS B 620 3.25 46.83 38.25
C LYS B 620 4.07 48.07 37.92
N PRO B 621 3.45 49.12 37.37
CA PRO B 621 4.18 50.37 37.15
C PRO B 621 4.71 50.93 38.46
N ALA B 622 5.92 51.48 38.42
CA ALA B 622 6.58 51.99 39.60
C ALA B 622 7.16 53.37 39.32
N PRO B 623 7.28 54.22 40.36
CA PRO B 623 7.87 55.55 40.21
C PRO B 623 9.33 55.51 39.78
N THR B 635 8.71 51.79 31.50
CA THR B 635 9.67 51.12 32.37
C THR B 635 8.95 50.42 33.53
N MET B 636 7.92 49.65 33.20
CA MET B 636 7.17 48.92 34.21
C MET B 636 7.96 47.70 34.67
N ILE B 637 7.71 47.28 35.90
CA ILE B 637 8.42 46.15 36.49
C ILE B 637 7.53 44.92 36.44
N LEU B 638 8.18 43.76 36.39
CA LEU B 638 7.51 42.47 36.32
C LEU B 638 7.93 41.62 37.51
N GLU B 639 6.96 40.96 38.12
CA GLU B 639 7.18 40.08 39.26
C GLU B 639 6.61 38.70 38.97
N ILE B 640 7.36 37.67 39.36
CA ILE B 640 6.99 36.28 39.13
C ILE B 640 7.13 35.53 40.45
N CYS B 641 6.04 34.91 40.91
CA CYS B 641 6.05 34.11 42.11
C CYS B 641 5.74 32.66 41.75
N THR B 642 6.61 31.76 42.17
CA THR B 642 6.51 30.35 41.80
C THR B 642 6.52 29.47 43.03
N ARG B 643 5.95 28.27 42.88
CA ARG B 643 5.90 27.29 43.96
C ARG B 643 5.79 25.90 43.35
N TYR B 644 6.46 24.94 43.96
CA TYR B 644 6.43 23.55 43.53
C TYR B 644 5.41 22.79 44.36
N ARG B 645 4.50 22.08 43.69
CA ARG B 645 3.40 21.39 44.37
C ARG B 645 3.85 19.97 44.69
N GLY B 646 4.33 19.78 45.92
CA GLY B 646 4.79 18.47 46.34
C GLY B 646 5.27 18.54 47.78
N ASP B 647 5.65 17.37 48.28
CA ASP B 647 6.15 17.24 49.65
C ASP B 647 7.65 17.49 49.76
N GLN B 648 8.34 17.67 48.64
CA GLN B 648 9.77 17.96 48.63
C GLN B 648 10.05 19.12 47.69
N ASP B 649 11.18 19.78 47.93
CA ASP B 649 11.59 20.88 47.07
C ASP B 649 12.01 20.34 45.70
N ALA B 650 12.25 21.26 44.77
CA ALA B 650 12.58 20.92 43.40
C ALA B 650 14.07 21.13 43.14
N THR B 651 14.57 20.42 42.14
CA THR B 651 15.94 20.57 41.68
C THR B 651 16.04 21.83 40.82
N MET B 652 17.15 21.98 40.10
CA MET B 652 17.30 23.12 39.19
C MET B 652 16.13 23.18 38.22
N SER B 653 15.33 24.23 38.35
CA SER B 653 14.20 24.46 37.47
C SER B 653 14.58 25.50 36.43
N ILE B 654 13.90 25.42 35.28
CA ILE B 654 14.14 26.30 34.15
C ILE B 654 12.92 27.18 33.97
N LEU B 655 13.16 28.50 33.96
CA LEU B 655 12.13 29.51 33.85
C LEU B 655 12.40 30.30 32.58
N ASP B 656 11.55 30.13 31.57
CA ASP B 656 11.63 30.84 30.31
C ASP B 656 10.67 32.03 30.37
N ILE B 657 11.19 33.22 30.11
CA ILE B 657 10.39 34.43 30.10
C ILE B 657 10.48 35.05 28.72
N SER B 658 9.33 35.34 28.11
CA SER B 658 9.27 35.92 26.78
C SER B 658 8.80 37.36 26.89
N MET B 659 9.63 38.28 26.44
CA MET B 659 9.28 39.69 26.51
C MET B 659 8.32 40.05 25.38
N MET B 660 7.68 41.21 25.54
CA MET B 660 6.76 41.72 24.53
C MET B 660 7.56 42.37 23.41
N THR B 661 6.89 43.08 22.53
CA THR B 661 7.57 43.85 21.49
C THR B 661 8.02 45.20 22.05
N GLY B 662 9.29 45.52 21.85
CA GLY B 662 9.85 46.77 22.32
C GLY B 662 10.28 46.79 23.77
N PHE B 663 10.15 45.68 24.49
CA PHE B 663 10.51 45.62 25.90
C PHE B 663 11.78 44.80 26.10
N ALA B 664 12.51 45.14 27.17
CA ALA B 664 13.76 44.43 27.46
C ALA B 664 14.07 44.52 28.95
N PRO B 665 14.49 43.43 29.57
CA PRO B 665 14.83 43.48 31.00
C PRO B 665 16.07 44.35 31.26
N ASP B 666 16.14 44.87 32.48
CA ASP B 666 17.25 45.71 32.88
C ASP B 666 18.51 44.88 33.11
N THR B 667 19.66 45.55 33.01
CA THR B 667 20.95 44.89 33.13
C THR B 667 21.44 44.80 34.58
N ASP B 668 21.32 45.88 35.35
CA ASP B 668 21.80 45.87 36.72
C ASP B 668 21.02 44.89 37.58
N ASP B 669 19.71 44.73 37.33
CA ASP B 669 18.94 43.74 38.06
C ASP B 669 19.45 42.33 37.79
N LEU B 670 19.77 42.03 36.53
CA LEU B 670 20.30 40.71 36.20
C LEU B 670 21.69 40.52 36.82
N LYS B 671 22.49 41.58 36.86
CA LYS B 671 23.79 41.50 37.53
C LYS B 671 23.63 41.18 39.00
N GLN B 672 22.68 41.83 39.66
CA GLN B 672 22.42 41.55 41.07
C GLN B 672 21.93 40.13 41.26
N LEU B 673 21.06 39.66 40.36
CA LEU B 673 20.56 38.28 40.45
C LEU B 673 21.69 37.27 40.31
N ALA B 674 22.57 37.49 39.32
CA ALA B 674 23.70 36.59 39.15
C ALA B 674 24.66 36.66 40.33
N ASN B 675 24.77 37.83 40.97
CA ASN B 675 25.58 37.93 42.17
C ASN B 675 25.02 37.06 43.30
N GLY B 676 23.69 37.04 43.44
CA GLY B 676 23.07 36.24 44.47
C GLY B 676 23.07 34.76 44.15
N VAL B 677 22.87 33.95 45.19
CA VAL B 677 22.86 32.50 45.03
C VAL B 677 21.53 32.06 44.43
N ASP B 678 21.53 30.83 43.88
CA ASP B 678 20.33 30.13 43.42
C ASP B 678 19.85 30.74 42.10
N ARG B 679 20.45 31.85 41.70
CA ARG B 679 20.12 32.51 40.44
C ARG B 679 21.35 32.53 39.55
N TYR B 680 21.17 32.14 38.29
CA TYR B 680 22.26 32.13 37.33
C TYR B 680 21.77 32.68 36.00
N ILE B 681 22.46 33.70 35.49
CA ILE B 681 22.22 34.27 34.18
C ILE B 681 23.52 34.22 33.41
N SER B 682 23.47 33.76 32.16
CA SER B 682 24.66 33.52 31.38
C SER B 682 25.41 34.82 31.10
N LYS B 683 26.74 34.71 31.02
CA LYS B 683 27.56 35.87 30.69
C LYS B 683 27.23 36.40 29.30
N TYR B 684 26.91 35.50 28.37
CA TYR B 684 26.52 35.92 27.03
C TYR B 684 25.25 36.77 27.06
N GLU B 685 24.38 36.54 28.04
CA GLU B 685 23.20 37.38 28.21
C GLU B 685 23.58 38.77 28.69
N LEU B 686 24.70 38.90 29.40
CA LEU B 686 25.09 40.20 29.95
C LEU B 686 25.48 41.17 28.85
N ASP B 687 26.33 40.75 27.93
CA ASP B 687 26.72 41.60 26.79
C ASP B 687 25.74 41.43 25.63
N LYS B 688 24.46 41.59 25.94
CA LYS B 688 23.35 41.44 25.01
C LYS B 688 22.39 42.61 25.18
N ALA B 689 22.93 43.82 25.09
CA ALA B 689 22.27 45.04 25.54
C ALA B 689 20.96 45.33 24.82
N PHE B 690 20.32 46.45 25.20
CA PHE B 690 18.92 46.74 24.88
C PHE B 690 18.55 46.47 23.43
N SER B 691 19.51 46.45 22.52
CA SER B 691 19.20 46.22 21.11
C SER B 691 18.47 44.90 20.90
N ASP B 692 18.89 43.84 21.61
CA ASP B 692 18.28 42.52 21.44
C ASP B 692 18.27 41.80 22.79
N ARG B 693 17.11 41.79 23.45
CA ARG B 693 16.90 41.01 24.67
C ARG B 693 15.52 40.36 24.63
N ASN B 694 15.18 39.75 23.49
CA ASN B 694 13.81 39.30 23.26
C ASN B 694 13.37 38.25 24.26
N THR B 695 14.24 37.30 24.59
CA THR B 695 13.90 36.20 25.48
C THR B 695 14.93 36.13 26.61
N LEU B 696 14.48 35.68 27.78
CA LEU B 696 15.35 35.53 28.93
C LEU B 696 15.29 34.10 29.44
N ILE B 697 16.33 33.69 30.15
CA ILE B 697 16.42 32.36 30.72
C ILE B 697 16.88 32.49 32.17
N ILE B 698 16.19 31.79 33.08
CA ILE B 698 16.54 31.78 34.49
C ILE B 698 16.64 30.33 34.95
N TYR B 699 17.67 30.03 35.74
CA TYR B 699 17.82 28.71 36.35
C TYR B 699 17.77 28.87 37.86
N LEU B 700 16.92 28.07 38.50
CA LEU B 700 16.75 28.09 39.94
C LEU B 700 17.37 26.84 40.56
N ASP B 701 18.23 27.04 41.56
CA ASP B 701 18.85 25.90 42.23
C ASP B 701 17.81 25.07 42.97
N LYS B 702 16.85 25.71 43.61
CA LYS B 702 15.77 25.01 44.31
C LYS B 702 14.52 25.87 44.28
N VAL B 703 13.37 25.20 44.35
CA VAL B 703 12.08 25.87 44.37
C VAL B 703 11.41 25.56 45.70
N SER B 704 10.98 26.60 46.40
CA SER B 704 10.39 26.45 47.73
C SER B 704 8.95 25.96 47.61
N HIS B 705 8.67 24.82 48.23
CA HIS B 705 7.31 24.27 48.23
C HIS B 705 6.47 24.77 49.40
N SER B 706 7.09 25.16 50.51
CA SER B 706 6.34 25.66 51.65
C SER B 706 5.72 27.03 51.36
N GLU B 707 6.47 27.90 50.70
CA GLU B 707 5.99 29.25 50.40
C GLU B 707 6.19 29.57 48.92
N ASP B 708 5.93 30.83 48.55
CA ASP B 708 6.07 31.28 47.17
C ASP B 708 7.36 32.07 47.02
N ASP B 709 8.18 31.67 46.05
CA ASP B 709 9.44 32.36 45.76
C ASP B 709 9.13 33.43 44.72
N CYS B 710 9.31 34.70 45.10
CA CYS B 710 8.97 35.83 44.25
C CYS B 710 10.24 36.54 43.80
N LEU B 711 10.31 36.83 42.51
CA LEU B 711 11.45 37.51 41.90
C LEU B 711 10.93 38.57 40.96
N ALA B 712 11.44 39.80 41.08
CA ALA B 712 10.94 40.90 40.28
C ALA B 712 12.12 41.68 39.70
N PHE B 713 11.88 42.29 38.54
CA PHE B 713 12.90 43.12 37.91
C PHE B 713 12.23 44.14 36.99
N LYS B 714 12.98 45.17 36.66
CA LYS B 714 12.51 46.26 35.82
C LYS B 714 12.65 45.90 34.35
N VAL B 715 11.62 46.19 33.57
CA VAL B 715 11.63 45.97 32.13
C VAL B 715 11.38 47.31 31.45
N HIS B 716 12.31 47.72 30.59
CA HIS B 716 12.27 49.02 29.95
C HIS B 716 11.73 48.89 28.54
N GLN B 717 11.42 50.04 27.92
CA GLN B 717 10.99 50.11 26.53
C GLN B 717 11.83 51.16 25.81
N TYR B 718 11.91 51.02 24.48
CA TYR B 718 12.72 51.94 23.69
C TYR B 718 11.92 52.55 22.53
N PHE B 719 10.96 51.80 22.00
CA PHE B 719 10.16 52.25 20.86
C PHE B 719 8.70 51.98 21.13
N ASN B 720 7.85 52.96 20.82
CA ASN B 720 6.41 52.80 20.95
C ASN B 720 5.89 51.93 19.82
N VAL B 721 5.15 50.87 20.17
CA VAL B 721 4.65 49.89 19.21
C VAL B 721 3.15 49.75 19.40
N GLU B 722 2.42 49.81 18.29
CA GLU B 722 0.96 49.70 18.31
C GLU B 722 0.53 48.23 18.36
N LEU B 723 -0.49 47.96 19.18
CA LEU B 723 -1.05 46.62 19.39
C LEU B 723 0.04 45.59 19.69
N ILE B 724 0.66 45.78 20.86
CA ILE B 724 1.63 44.81 21.34
C ILE B 724 0.94 43.48 21.62
N GLN B 725 1.76 42.43 21.74
CA GLN B 725 1.26 41.11 22.04
C GLN B 725 1.70 40.67 23.43
N PRO B 726 0.93 39.84 24.12
CA PRO B 726 1.30 39.42 25.47
C PRO B 726 2.37 38.35 25.47
N GLY B 727 3.24 38.41 26.48
CA GLY B 727 4.28 37.43 26.66
C GLY B 727 3.87 36.34 27.62
N ALA B 728 4.73 35.33 27.73
CA ALA B 728 4.45 34.16 28.53
C ALA B 728 5.69 33.75 29.32
N VAL B 729 5.44 33.11 30.47
CA VAL B 729 6.47 32.54 31.32
C VAL B 729 6.17 31.06 31.48
N LYS B 730 7.16 30.23 31.21
CA LYS B 730 7.04 28.79 31.31
C LYS B 730 8.05 28.28 32.32
N VAL B 731 7.57 27.54 33.31
CA VAL B 731 8.44 26.97 34.33
C VAL B 731 8.34 25.45 34.26
N TYR B 732 9.50 24.79 34.33
CA TYR B 732 9.51 23.34 34.26
C TYR B 732 10.79 22.78 34.88
N ALA B 733 10.71 21.53 35.31
CA ALA B 733 11.88 20.84 35.83
C ALA B 733 12.85 20.50 34.69
N TYR B 734 14.12 20.34 35.05
CA TYR B 734 15.14 20.17 34.01
C TYR B 734 15.00 18.85 33.26
N TYR B 735 14.35 17.85 33.86
CA TYR B 735 14.24 16.53 33.22
C TYR B 735 12.99 16.38 32.38
N ASN B 736 11.86 16.95 32.80
CA ASN B 736 10.61 16.87 32.07
C ASN B 736 10.18 18.27 31.64
N LEU B 737 9.85 18.42 30.36
CA LEU B 737 9.36 19.68 29.83
C LEU B 737 7.85 19.67 29.62
N GLU B 738 7.23 18.50 29.48
CA GLU B 738 5.80 18.42 29.29
C GLU B 738 5.02 18.73 30.56
N GLU B 739 5.65 18.60 31.73
CA GLU B 739 5.03 18.99 33.00
C GLU B 739 5.44 20.42 33.36
N SER B 740 5.15 21.33 32.44
CA SER B 740 5.46 22.74 32.57
C SER B 740 4.19 23.53 32.82
N CYS B 741 4.35 24.74 33.35
CA CYS B 741 3.21 25.62 33.59
C CYS B 741 3.44 26.94 32.88
N THR B 742 2.66 27.19 31.83
CA THR B 742 2.80 28.40 31.04
C THR B 742 1.72 29.41 31.45
N ARG B 743 2.15 30.59 31.88
CA ARG B 743 1.25 31.65 32.29
C ARG B 743 1.63 32.94 31.58
N PHE B 744 0.64 33.61 31.00
CA PHE B 744 0.87 34.81 30.23
C PHE B 744 0.74 36.05 31.10
N TYR B 745 1.16 37.18 30.55
CA TYR B 745 1.00 38.45 31.26
C TYR B 745 0.74 39.56 30.26
N HIS B 746 0.06 40.60 30.73
CA HIS B 746 -0.23 41.77 29.91
C HIS B 746 -0.74 42.92 30.79
N PRO B 747 -0.29 44.15 30.53
CA PRO B 747 -0.72 45.27 31.39
C PRO B 747 -2.22 45.52 31.36
N GLU B 748 -2.89 45.32 30.24
CA GLU B 748 -4.31 45.62 30.10
C GLU B 748 -5.14 44.40 29.71
N LYS B 749 -4.68 43.22 30.09
CA LYS B 749 -5.40 41.98 29.78
C LYS B 749 -5.44 41.11 31.02
N GLU B 750 -6.43 40.22 31.06
CA GLU B 750 -6.61 39.30 32.18
C GLU B 750 -5.78 38.05 31.91
N ASP B 751 -4.70 37.87 32.66
CA ASP B 751 -3.82 36.72 32.55
C ASP B 751 -3.22 36.59 31.14
N GLY B 752 -3.08 37.72 30.45
CA GLY B 752 -2.54 37.70 29.11
C GLY B 752 -3.32 36.81 28.16
N LYS B 753 -4.64 36.85 28.24
CA LYS B 753 -5.51 35.91 27.56
C LYS B 753 -6.25 36.69 26.47
N LEU B 754 -6.00 36.33 25.21
CA LEU B 754 -6.62 37.04 24.10
C LEU B 754 -8.14 36.92 24.15
N ASN B 755 -8.81 38.02 23.82
CA ASN B 755 -10.27 38.11 23.95
C ASN B 755 -10.94 37.21 22.93
N LYS B 756 -11.53 36.11 23.41
CA LYS B 756 -12.32 35.22 22.58
C LYS B 756 -13.67 34.97 23.27
N LEU B 757 -14.70 34.81 22.46
CA LEU B 757 -16.06 34.60 22.94
C LEU B 757 -16.49 33.19 22.57
N CYS B 758 -17.01 32.47 23.56
CA CYS B 758 -17.22 31.04 23.43
C CYS B 758 -18.60 30.68 23.97
N ARG B 759 -19.17 29.60 23.46
CA ARG B 759 -20.28 28.91 24.15
C ARG B 759 -19.84 27.48 24.40
N ASP B 760 -18.96 27.31 25.39
CA ASP B 760 -18.59 26.05 26.01
C ASP B 760 -17.92 25.07 25.04
N GLU B 761 -18.00 25.33 23.72
CA GLU B 761 -17.40 24.43 22.75
C GLU B 761 -16.76 25.11 21.55
N LEU B 762 -17.19 26.33 21.16
CA LEU B 762 -16.82 26.91 19.88
C LEU B 762 -16.51 28.38 20.08
N CYS B 763 -15.43 28.84 19.47
CA CYS B 763 -14.95 30.19 19.71
C CYS B 763 -14.48 30.83 18.41
N ARG B 764 -14.49 32.16 18.40
CA ARG B 764 -13.89 32.95 17.34
C ARG B 764 -13.49 34.29 17.96
N CYS B 765 -12.20 34.46 18.23
CA CYS B 765 -11.75 35.61 18.99
C CYS B 765 -11.99 36.91 18.24
N ALA B 766 -12.23 37.97 18.99
CA ALA B 766 -12.61 39.25 18.42
C ALA B 766 -11.60 40.35 18.75
N GLU B 767 -10.31 40.05 18.60
CA GLU B 767 -9.27 41.08 18.73
C GLU B 767 -9.19 41.90 17.45
N GLU B 768 -10.30 42.57 17.14
CA GLU B 768 -10.41 43.43 15.98
C GLU B 768 -11.16 44.69 16.41
N ASN B 769 -11.59 45.49 15.43
CA ASN B 769 -12.25 46.76 15.69
C ASN B 769 -13.76 46.58 15.71
N CYS B 770 -14.41 47.24 16.66
CA CYS B 770 -15.87 47.17 16.75
C CYS B 770 -16.53 47.79 15.52
N PHE B 771 -16.01 48.92 15.06
CA PHE B 771 -16.53 49.59 13.87
C PHE B 771 -15.37 50.11 13.03
N ILE B 772 -15.66 50.89 11.99
CA ILE B 772 -14.61 51.40 11.11
C ILE B 772 -14.53 52.92 11.23
N GLN B 773 -15.60 53.61 10.86
CA GLN B 773 -15.61 55.06 10.91
C GLN B 773 -17.05 55.57 10.99
N LYS B 774 -17.20 56.74 11.59
CA LYS B 774 -18.51 57.40 11.71
C LYS B 774 -18.39 58.90 11.50
N LYS B 778 -19.06 62.84 7.11
CA LYS B 778 -18.55 61.44 7.17
C LYS B 778 -19.46 60.54 6.32
N VAL B 779 -19.93 59.42 6.88
CA VAL B 779 -20.81 58.47 6.16
C VAL B 779 -22.04 59.23 5.65
N THR B 780 -22.40 59.02 4.38
CA THR B 780 -23.58 59.71 3.78
C THR B 780 -24.41 58.69 2.99
N LEU B 781 -25.38 59.17 2.20
CA LEU B 781 -26.23 58.31 1.39
C LEU B 781 -25.42 57.50 0.39
N GLU B 782 -24.46 58.13 -0.28
CA GLU B 782 -23.60 57.41 -1.20
C GLU B 782 -22.73 56.40 -0.48
N GLU B 783 -22.25 56.76 0.72
CA GLU B 783 -21.47 55.81 1.52
C GLU B 783 -22.31 54.58 1.85
N ARG B 784 -23.56 54.79 2.27
CA ARG B 784 -24.43 53.65 2.55
C ARG B 784 -24.69 52.82 1.30
N LEU B 785 -24.88 53.50 0.16
CA LEU B 785 -25.13 52.78 -1.09
C LEU B 785 -23.94 51.88 -1.44
N ASP B 786 -22.73 52.40 -1.31
CA ASP B 786 -21.56 51.62 -1.71
C ASP B 786 -21.25 50.52 -0.71
N LYS B 787 -21.45 50.78 0.59
CA LYS B 787 -21.08 49.81 1.62
C LYS B 787 -22.23 48.89 2.01
N ALA B 788 -23.40 49.02 1.38
CA ALA B 788 -24.53 48.15 1.66
C ALA B 788 -24.87 47.21 0.52
N CYS B 789 -24.32 47.44 -0.67
CA CYS B 789 -24.51 46.54 -1.81
C CYS B 789 -23.34 45.59 -1.99
N GLU B 790 -22.55 45.38 -0.93
CA GLU B 790 -21.39 44.51 -1.02
C GLU B 790 -21.82 43.06 -1.24
N PRO B 791 -20.95 42.24 -1.85
CA PRO B 791 -21.30 40.83 -2.04
C PRO B 791 -21.40 40.04 -0.75
N GLY B 792 -20.87 40.56 0.36
CA GLY B 792 -20.83 39.82 1.59
C GLY B 792 -21.94 40.12 2.59
N VAL B 793 -22.75 41.12 2.30
CA VAL B 793 -23.85 41.47 3.20
C VAL B 793 -24.99 40.48 3.01
N ASP B 794 -25.68 40.18 4.11
CA ASP B 794 -26.72 39.16 4.12
C ASP B 794 -28.06 39.66 4.62
N TYR B 795 -28.07 40.53 5.62
CA TYR B 795 -29.31 41.00 6.23
C TYR B 795 -29.21 42.50 6.48
N VAL B 796 -30.36 43.16 6.48
CA VAL B 796 -30.48 44.57 6.86
C VAL B 796 -31.63 44.63 7.87
N TYR B 797 -31.29 44.78 9.15
CA TYR B 797 -32.29 44.69 10.20
C TYR B 797 -32.31 45.97 11.04
N LYS B 798 -33.52 46.42 11.36
CA LYS B 798 -33.72 47.48 12.33
C LYS B 798 -34.33 46.89 13.60
N THR B 799 -33.80 47.31 14.75
CA THR B 799 -34.20 46.74 16.03
C THR B 799 -34.32 47.87 17.05
N ARG B 800 -34.81 47.53 18.24
CA ARG B 800 -34.90 48.46 19.35
C ARG B 800 -34.36 47.77 20.59
N LEU B 801 -33.47 48.45 21.31
CA LEU B 801 -32.84 47.84 22.47
C LEU B 801 -33.82 47.70 23.61
N VAL B 802 -33.93 46.48 24.14
CA VAL B 802 -34.87 46.18 25.23
C VAL B 802 -34.08 45.76 26.46
N LYS B 803 -33.25 44.72 26.32
CA LYS B 803 -32.53 44.17 27.45
C LYS B 803 -31.07 43.92 27.09
N VAL B 804 -30.19 44.24 28.03
CA VAL B 804 -28.75 43.99 27.93
C VAL B 804 -28.35 43.19 29.16
N GLN B 805 -27.58 42.13 28.93
CA GLN B 805 -27.05 41.28 30.01
C GLN B 805 -25.56 41.54 30.13
N LEU B 806 -25.20 42.55 30.91
CA LEU B 806 -23.79 42.85 31.13
C LEU B 806 -23.12 41.74 31.93
N SER B 807 -21.89 41.44 31.57
CA SER B 807 -21.12 40.40 32.24
C SER B 807 -19.63 40.68 32.02
N ASN B 808 -18.79 39.70 32.35
CA ASN B 808 -17.35 39.84 32.21
C ASN B 808 -16.84 39.30 30.87
N ASP B 809 -17.27 38.09 30.51
CA ASP B 809 -16.79 37.49 29.26
C ASP B 809 -17.34 38.23 28.04
N PHE B 810 -18.60 38.63 28.08
CA PHE B 810 -19.23 39.32 26.96
C PHE B 810 -20.50 39.99 27.47
N ASP B 811 -21.28 40.55 26.55
CA ASP B 811 -22.58 41.11 26.85
C ASP B 811 -23.56 40.73 25.75
N GLU B 812 -24.77 40.37 26.14
CA GLU B 812 -25.81 39.93 25.21
C GLU B 812 -26.88 41.00 25.11
N TYR B 813 -27.21 41.39 23.87
CA TYR B 813 -28.26 42.36 23.59
C TYR B 813 -29.43 41.61 22.97
N ILE B 814 -30.61 41.73 23.58
CA ILE B 814 -31.81 41.07 23.07
C ILE B 814 -32.75 42.11 22.49
N MET B 815 -33.19 41.90 21.26
CA MET B 815 -33.97 42.88 20.52
C MET B 815 -35.33 42.30 20.15
N ALA B 816 -36.19 43.18 19.64
CA ALA B 816 -37.45 42.82 19.02
C ALA B 816 -37.48 43.42 17.61
N ILE B 817 -38.00 42.65 16.65
CA ILE B 817 -37.91 43.00 15.24
C ILE B 817 -39.23 43.63 14.81
N GLU B 818 -39.16 44.83 14.22
CA GLU B 818 -40.34 45.46 13.65
C GLU B 818 -40.61 44.93 12.24
N GLN B 819 -39.68 45.14 11.32
CA GLN B 819 -39.78 44.60 9.97
C GLN B 819 -38.40 44.62 9.33
N THR B 820 -38.16 43.64 8.47
CA THR B 820 -36.83 43.37 7.92
C THR B 820 -36.73 43.90 6.49
N ILE B 821 -35.70 44.68 6.23
CA ILE B 821 -35.48 45.20 4.88
C ILE B 821 -35.06 44.08 3.95
N LYS B 822 -34.09 43.27 4.36
CA LYS B 822 -33.56 42.19 3.55
C LYS B 822 -33.63 40.90 4.34
N SER B 823 -33.96 39.81 3.64
CA SER B 823 -34.09 38.51 4.29
C SER B 823 -32.74 37.80 4.36
N GLY B 824 -32.57 37.01 5.42
CA GLY B 824 -31.38 36.22 5.61
C GLY B 824 -31.67 34.73 5.49
N SER B 825 -30.59 33.94 5.53
CA SER B 825 -30.73 32.50 5.43
C SER B 825 -31.39 31.88 6.65
N ASP B 826 -31.55 32.64 7.73
CA ASP B 826 -32.24 32.17 8.92
C ASP B 826 -33.70 32.64 8.90
N GLU B 827 -34.58 31.80 9.43
CA GLU B 827 -36.00 32.14 9.48
C GLU B 827 -36.22 33.37 10.35
N VAL B 828 -36.75 34.43 9.76
CA VAL B 828 -36.95 35.69 10.44
C VAL B 828 -38.39 36.15 10.22
N GLN B 829 -39.01 36.67 11.28
CA GLN B 829 -40.37 37.16 11.21
C GLN B 829 -40.56 38.19 12.32
N VAL B 830 -41.63 38.97 12.21
CA VAL B 830 -41.94 39.97 13.23
C VAL B 830 -42.33 39.26 14.51
N GLY B 831 -41.57 39.50 15.59
CA GLY B 831 -41.93 39.00 16.89
C GLY B 831 -40.89 38.17 17.61
N GLN B 832 -40.19 37.30 16.89
CA GLN B 832 -39.23 36.42 17.54
C GLN B 832 -38.03 37.21 18.07
N GLN B 833 -37.51 36.74 19.20
CA GLN B 833 -36.39 37.40 19.87
C GLN B 833 -35.06 37.08 19.19
N ARG B 834 -34.16 38.05 19.19
CA ARG B 834 -32.83 37.88 18.63
C ARG B 834 -31.79 38.40 19.60
N THR B 835 -30.66 37.70 19.66
CA THR B 835 -29.57 38.02 20.57
C THR B 835 -28.32 38.39 19.77
N PHE B 836 -27.52 39.28 20.32
CA PHE B 836 -26.29 39.73 19.68
C PHE B 836 -25.19 39.85 20.73
N ILE B 837 -23.95 39.60 20.29
CA ILE B 837 -22.79 39.55 21.18
C ILE B 837 -21.71 40.45 20.61
N SER B 838 -21.05 41.19 21.50
CA SER B 838 -19.92 42.03 21.15
C SER B 838 -18.86 41.94 22.25
N PRO B 839 -17.60 42.14 21.91
CA PRO B 839 -16.56 42.19 22.93
C PRO B 839 -16.66 43.43 23.81
N ILE B 840 -16.01 43.35 24.97
CA ILE B 840 -16.08 44.41 25.97
C ILE B 840 -15.54 45.73 25.43
N LYS B 841 -14.63 45.68 24.45
CA LYS B 841 -14.05 46.90 23.91
C LYS B 841 -15.08 47.80 23.24
N CYS B 842 -16.24 47.27 22.87
CA CYS B 842 -17.31 48.08 22.29
C CYS B 842 -18.19 48.73 23.35
N ARG B 843 -17.92 48.50 24.63
CA ARG B 843 -18.75 49.08 25.69
C ARG B 843 -18.69 50.61 25.70
N GLU B 844 -17.70 51.20 25.05
CA GLU B 844 -17.57 52.65 24.99
C GLU B 844 -17.59 53.20 23.57
N ALA B 845 -17.08 52.45 22.58
CA ALA B 845 -17.01 52.97 21.22
C ALA B 845 -18.39 53.20 20.62
N LEU B 846 -19.32 52.27 20.83
CA LEU B 846 -20.64 52.36 20.23
C LEU B 846 -21.65 53.09 21.11
N LYS B 847 -21.33 53.31 22.38
CA LYS B 847 -22.18 53.99 23.36
C LYS B 847 -23.65 53.61 23.19
N LEU B 848 -23.90 52.31 23.29
CA LEU B 848 -25.26 51.79 23.14
C LEU B 848 -26.14 52.22 24.31
N GLU B 849 -27.39 52.57 23.99
CA GLU B 849 -28.37 52.97 25.01
C GLU B 849 -29.68 52.23 24.76
N GLU B 850 -30.40 51.98 25.84
CA GLU B 850 -31.65 51.23 25.76
C GLU B 850 -32.79 52.11 25.28
N LYS B 851 -33.91 51.46 24.94
CA LYS B 851 -35.13 52.14 24.48
C LYS B 851 -34.87 53.03 23.27
N LYS B 852 -33.98 52.60 22.38
CA LYS B 852 -33.66 53.35 21.18
C LYS B 852 -33.53 52.40 20.00
N HIS B 853 -33.80 52.91 18.81
CA HIS B 853 -33.78 52.10 17.60
C HIS B 853 -32.42 52.18 16.91
N TYR B 854 -32.12 51.15 16.14
CA TYR B 854 -30.84 51.03 15.45
C TYR B 854 -31.06 50.24 14.16
N LEU B 855 -30.14 50.40 13.21
CA LEU B 855 -30.21 49.67 11.96
C LEU B 855 -28.83 49.14 11.61
N MET B 856 -28.76 47.91 11.14
CA MET B 856 -27.44 47.31 10.95
C MET B 856 -27.48 46.26 9.85
N TRP B 857 -26.30 46.04 9.26
CA TRP B 857 -26.06 44.96 8.31
C TRP B 857 -24.64 44.45 8.54
N GLY B 858 -24.42 43.18 8.23
CA GLY B 858 -23.13 42.60 8.55
C GLY B 858 -22.78 41.42 7.67
N LEU B 859 -21.61 40.86 7.95
CA LEU B 859 -21.08 39.73 7.19
C LEU B 859 -21.94 38.49 7.41
N SER B 860 -21.98 37.63 6.40
CA SER B 860 -22.78 36.41 6.44
C SER B 860 -22.24 35.37 7.42
N SER B 861 -21.04 35.56 7.96
CA SER B 861 -20.47 34.66 8.94
C SER B 861 -20.92 34.96 10.36
N ASP B 862 -22.04 35.69 10.52
CA ASP B 862 -22.53 36.05 11.83
C ASP B 862 -23.17 34.88 12.57
N PHE B 863 -23.65 33.88 11.85
CA PHE B 863 -24.46 32.82 12.46
C PHE B 863 -23.67 32.07 13.52
N TRP B 864 -24.28 31.92 14.69
CA TRP B 864 -23.58 31.40 15.86
C TRP B 864 -24.64 30.94 16.85
N GLY B 865 -24.64 29.64 17.15
CA GLY B 865 -25.61 29.03 18.04
C GLY B 865 -26.29 27.86 17.37
N GLU B 866 -27.49 27.54 17.86
CA GLU B 866 -28.29 26.44 17.33
C GLU B 866 -29.69 26.95 17.04
N LYS B 867 -30.29 26.42 15.98
CA LYS B 867 -31.58 26.92 15.51
C LYS B 867 -32.66 26.68 16.56
N PRO B 868 -33.55 27.65 16.82
CA PRO B 868 -33.62 28.98 16.20
C PRO B 868 -32.95 30.09 17.01
N ASN B 869 -32.33 29.73 18.13
CA ASN B 869 -31.69 30.71 19.00
C ASN B 869 -30.30 31.08 18.50
N LEU B 870 -30.20 31.52 17.24
CA LEU B 870 -28.95 31.98 16.69
C LEU B 870 -28.67 33.42 17.13
N SER B 871 -27.43 33.84 16.95
CA SER B 871 -27.01 35.20 17.26
C SER B 871 -26.21 35.78 16.11
N TYR B 872 -26.25 37.09 15.97
CA TYR B 872 -25.48 37.81 14.96
C TYR B 872 -24.33 38.51 15.66
N ILE B 873 -23.11 37.99 15.48
CA ILE B 873 -21.95 38.53 16.18
C ILE B 873 -21.54 39.85 15.54
N ILE B 874 -21.33 40.87 16.38
CA ILE B 874 -20.92 42.19 15.91
C ILE B 874 -19.39 42.16 15.83
N GLY B 875 -18.88 41.70 14.69
CA GLY B 875 -17.47 41.54 14.46
C GLY B 875 -16.85 42.71 13.72
N LYS B 876 -15.78 42.42 12.99
CA LYS B 876 -15.09 43.47 12.25
C LYS B 876 -15.93 44.00 11.10
N ASP B 877 -16.55 43.09 10.33
CA ASP B 877 -17.31 43.49 9.16
C ASP B 877 -18.72 43.96 9.49
N THR B 878 -19.18 43.77 10.73
CA THR B 878 -20.53 44.15 11.09
C THR B 878 -20.64 45.66 11.23
N TRP B 879 -21.62 46.25 10.54
CA TRP B 879 -21.85 47.69 10.53
C TRP B 879 -23.18 47.97 11.20
N VAL B 880 -23.15 48.74 12.29
CA VAL B 880 -24.33 49.12 13.05
C VAL B 880 -24.38 50.63 13.12
N GLU B 881 -25.55 51.21 12.86
CA GLU B 881 -25.73 52.65 12.83
C GLU B 881 -26.97 53.04 13.63
N HIS B 882 -26.96 54.28 14.11
CA HIS B 882 -28.03 54.79 14.95
C HIS B 882 -29.24 55.14 14.10
N TRP B 883 -30.40 54.57 14.45
CA TRP B 883 -31.65 54.88 13.78
C TRP B 883 -32.51 55.70 14.74
N PRO B 884 -32.54 57.03 14.59
CA PRO B 884 -33.31 57.84 15.53
C PRO B 884 -34.80 57.56 15.42
N GLU B 885 -35.48 57.67 16.56
CA GLU B 885 -36.93 57.51 16.59
C GLU B 885 -37.60 58.78 16.03
N GLU B 886 -38.92 58.81 16.13
CA GLU B 886 -39.67 59.96 15.60
C GLU B 886 -39.31 61.25 16.33
N ASP B 887 -39.15 61.17 17.66
CA ASP B 887 -38.85 62.36 18.44
C ASP B 887 -37.49 62.95 18.06
N GLU B 888 -36.47 62.10 17.94
CA GLU B 888 -35.14 62.59 17.60
C GLU B 888 -35.02 62.96 16.13
N CYS B 889 -35.81 62.35 15.26
CA CYS B 889 -35.76 62.68 13.84
C CYS B 889 -36.20 64.12 13.58
N GLN B 890 -36.90 64.75 14.52
CA GLN B 890 -37.30 66.14 14.38
C GLN B 890 -36.15 67.11 14.67
N ASP B 891 -35.06 66.64 15.26
CA ASP B 891 -33.92 67.50 15.55
C ASP B 891 -33.17 67.81 14.25
N GLU B 892 -32.84 69.09 14.06
CA GLU B 892 -32.19 69.53 12.82
C GLU B 892 -30.88 68.80 12.58
N GLU B 893 -30.17 68.42 13.65
CA GLU B 893 -28.90 67.71 13.49
C GLU B 893 -29.11 66.36 12.81
N ASN B 894 -30.16 65.64 13.19
CA ASN B 894 -30.40 64.29 12.67
C ASN B 894 -31.49 64.25 11.61
N GLN B 895 -32.02 65.40 11.18
CA GLN B 895 -33.06 65.38 10.14
C GLN B 895 -32.52 64.81 8.83
N LYS B 896 -31.33 65.24 8.42
CA LYS B 896 -30.74 64.72 7.19
C LYS B 896 -30.48 63.23 7.29
N GLN B 897 -29.96 62.76 8.42
CA GLN B 897 -29.72 61.34 8.59
C GLN B 897 -31.02 60.54 8.54
N CYS B 898 -32.07 61.04 9.19
CA CYS B 898 -33.35 60.34 9.17
C CYS B 898 -33.93 60.28 7.77
N GLN B 899 -33.88 61.39 7.04
CA GLN B 899 -34.41 61.42 5.68
C GLN B 899 -33.63 60.49 4.77
N ASP B 900 -32.30 60.49 4.88
CA ASP B 900 -31.49 59.58 4.06
C ASP B 900 -31.77 58.13 4.43
N LEU B 901 -31.95 57.84 5.71
CA LEU B 901 -32.27 56.48 6.13
C LEU B 901 -33.60 56.03 5.56
N GLY B 902 -34.62 56.91 5.60
CA GLY B 902 -35.91 56.54 5.03
C GLY B 902 -35.85 56.32 3.54
N ALA B 903 -35.16 57.21 2.82
CA ALA B 903 -35.05 57.07 1.37
C ALA B 903 -34.29 55.79 1.01
N PHE B 904 -33.20 55.50 1.72
CA PHE B 904 -32.43 54.29 1.48
C PHE B 904 -33.24 53.04 1.79
N THR B 905 -34.03 53.09 2.88
CA THR B 905 -34.92 51.99 3.23
C THR B 905 -35.91 51.70 2.12
N GLU B 906 -36.62 52.74 1.66
CA GLU B 906 -37.59 52.53 0.59
C GLU B 906 -36.90 52.13 -0.72
N SER B 907 -35.66 52.58 -0.93
CA SER B 907 -34.92 52.19 -2.12
C SER B 907 -34.67 50.69 -2.15
N MET B 908 -34.13 50.14 -1.06
CA MET B 908 -33.92 48.69 -1.07
C MET B 908 -35.22 47.91 -0.92
N VAL B 909 -36.27 48.53 -0.39
CA VAL B 909 -37.56 47.84 -0.33
C VAL B 909 -38.14 47.68 -1.72
N VAL B 910 -38.10 48.74 -2.53
CA VAL B 910 -38.71 48.70 -3.85
C VAL B 910 -37.78 48.08 -4.88
N PHE B 911 -36.62 48.70 -5.08
CA PHE B 911 -35.69 48.28 -6.12
C PHE B 911 -34.64 47.31 -5.60
N GLY B 912 -33.86 47.73 -4.61
CA GLY B 912 -32.79 46.92 -4.08
C GLY B 912 -31.49 47.08 -4.83
N CYS B 913 -30.47 46.39 -4.32
CA CYS B 913 -29.15 46.47 -4.93
C CYS B 913 -29.16 45.82 -6.31
N PRO B 914 -28.36 46.34 -7.24
CA PRO B 914 -28.28 45.73 -8.58
C PRO B 914 -27.60 44.37 -8.53
N ASN B 915 -27.93 43.55 -9.52
CA ASN B 915 -27.37 42.21 -9.66
C ASN B 915 -27.67 41.34 -8.44
N SER C 35 -21.39 56.90 -17.95
CA SER C 35 -20.42 55.92 -17.46
C SER C 35 -19.40 56.58 -16.53
N CYS C 36 -18.49 55.78 -16.00
CA CYS C 36 -17.46 56.27 -15.09
C CYS C 36 -16.29 56.84 -15.88
N SER C 37 -15.28 57.33 -15.16
CA SER C 37 -14.11 57.90 -15.79
C SER C 37 -13.29 56.82 -16.49
N LEU C 38 -12.93 57.06 -17.74
CA LEU C 38 -12.15 56.10 -18.52
C LEU C 38 -10.65 56.22 -18.29
N GLU C 39 -10.19 57.22 -17.55
CA GLU C 39 -8.78 57.41 -17.31
C GLU C 39 -8.28 56.49 -16.20
N GLY C 40 -7.10 55.93 -16.40
CA GLY C 40 -6.51 55.04 -15.41
C GLY C 40 -7.25 53.74 -15.21
N VAL C 41 -7.85 53.20 -16.26
CA VAL C 41 -8.54 51.91 -16.21
C VAL C 41 -8.03 50.92 -17.24
N GLU C 42 -7.05 51.32 -18.05
CA GLU C 42 -6.51 50.43 -19.07
C GLU C 42 -5.63 49.35 -18.42
N ILE C 43 -5.12 48.45 -19.26
CA ILE C 43 -4.30 47.34 -18.81
C ILE C 43 -2.95 47.42 -19.52
N LYS C 44 -1.87 47.31 -18.74
CA LYS C 44 -0.54 47.33 -19.32
C LYS C 44 -0.26 46.01 -20.02
N GLY C 45 0.22 46.08 -21.26
CA GLY C 45 0.45 44.88 -22.05
C GLY C 45 -0.79 44.27 -22.65
N GLY C 46 -1.95 44.92 -22.53
CA GLY C 46 -3.18 44.42 -23.11
C GLY C 46 -4.02 45.52 -23.74
N SER C 47 -5.30 45.24 -23.94
CA SER C 47 -6.23 46.19 -24.54
C SER C 47 -7.50 46.26 -23.71
N PHE C 48 -8.08 47.45 -23.65
CA PHE C 48 -9.32 47.68 -22.92
C PHE C 48 -10.37 48.27 -23.85
N ARG C 49 -11.61 47.82 -23.70
CA ARG C 49 -12.72 48.32 -24.49
C ARG C 49 -13.95 48.46 -23.60
N LEU C 50 -14.84 49.37 -23.99
CA LEU C 50 -16.03 49.66 -23.21
C LEU C 50 -17.19 48.80 -23.72
N LEU C 51 -17.70 47.93 -22.86
CA LEU C 51 -18.81 47.05 -23.18
C LEU C 51 -20.02 47.41 -22.31
N GLN C 52 -21.19 47.00 -22.78
CA GLN C 52 -22.46 47.33 -22.15
C GLN C 52 -22.65 48.85 -22.06
N GLU C 53 -22.29 49.53 -23.15
CA GLU C 53 -22.42 50.99 -23.26
C GLU C 53 -21.69 51.69 -22.11
N GLY C 54 -20.46 51.25 -21.84
CA GLY C 54 -19.66 51.81 -20.78
C GLY C 54 -19.94 51.28 -19.40
N GLN C 55 -20.86 50.32 -19.26
CA GLN C 55 -21.15 49.76 -17.95
C GLN C 55 -20.06 48.81 -17.49
N ALA C 56 -19.21 48.33 -18.41
CA ALA C 56 -18.16 47.40 -18.04
C ALA C 56 -16.99 47.54 -19.01
N LEU C 57 -15.86 46.96 -18.61
CA LEU C 57 -14.67 46.90 -19.45
C LEU C 57 -14.02 45.53 -19.30
N GLU C 58 -13.55 44.98 -20.41
CA GLU C 58 -13.02 43.62 -20.45
C GLU C 58 -11.56 43.63 -20.89
N TYR C 59 -10.76 42.82 -20.21
CA TYR C 59 -9.33 42.71 -20.50
C TYR C 59 -9.07 41.42 -21.28
N VAL C 60 -8.25 41.51 -22.32
CA VAL C 60 -7.91 40.35 -23.14
C VAL C 60 -6.47 40.47 -23.63
N CYS C 61 -5.74 39.36 -23.60
CA CYS C 61 -4.45 39.16 -24.24
C CYS C 61 -4.41 37.79 -24.88
N PRO C 62 -3.51 37.56 -25.85
CA PRO C 62 -3.46 36.26 -26.53
C PRO C 62 -2.88 35.17 -25.65
N SER C 63 -2.68 33.99 -26.23
CA SER C 63 -2.26 32.82 -25.47
C SER C 63 -0.95 33.08 -24.74
N GLY C 64 -0.85 32.52 -23.54
CA GLY C 64 0.30 32.74 -22.68
C GLY C 64 0.20 33.94 -21.78
N PHE C 65 -0.95 34.63 -21.76
CA PHE C 65 -1.12 35.81 -20.93
C PHE C 65 -2.58 35.92 -20.52
N TYR C 66 -2.82 36.14 -19.23
CA TYR C 66 -4.17 36.39 -18.74
C TYR C 66 -4.15 37.58 -17.80
N PRO C 67 -5.25 38.35 -17.73
CA PRO C 67 -5.25 39.56 -16.91
C PRO C 67 -5.06 39.24 -15.43
N TYR C 68 -4.46 40.20 -14.71
CA TYR C 68 -4.21 40.08 -13.29
C TYR C 68 -4.48 41.42 -12.63
N PRO C 69 -5.13 41.43 -11.45
CA PRO C 69 -5.64 40.23 -10.78
C PRO C 69 -7.12 39.96 -11.10
N VAL C 70 -7.72 40.82 -11.91
CA VAL C 70 -9.13 40.72 -12.26
C VAL C 70 -9.28 40.84 -13.77
N GLN C 71 -10.50 40.62 -14.24
CA GLN C 71 -10.83 40.68 -15.66
C GLN C 71 -11.76 41.83 -16.01
N THR C 72 -12.75 42.12 -15.17
CA THR C 72 -13.74 43.15 -15.47
C THR C 72 -13.95 44.04 -14.26
N ARG C 73 -14.33 45.29 -14.53
CA ARG C 73 -14.69 46.25 -13.50
C ARG C 73 -16.08 46.82 -13.81
N THR C 74 -16.82 47.12 -12.75
CA THR C 74 -18.19 47.60 -12.88
C THR C 74 -18.25 49.09 -12.55
N CYS C 75 -18.91 49.86 -13.42
CA CYS C 75 -19.06 51.30 -13.22
C CYS C 75 -20.26 51.52 -12.31
N ARG C 76 -20.00 51.69 -11.02
CA ARG C 76 -21.06 51.89 -10.04
C ARG C 76 -21.64 53.30 -10.17
N SER C 77 -22.56 53.62 -9.26
CA SER C 77 -23.24 54.91 -9.28
C SER C 77 -22.44 56.03 -8.62
N THR C 78 -21.26 55.72 -8.08
CA THR C 78 -20.43 56.73 -7.44
C THR C 78 -19.61 57.54 -8.44
N GLY C 79 -19.66 57.21 -9.72
CA GLY C 79 -18.84 57.86 -10.72
C GLY C 79 -17.49 57.22 -10.95
N SER C 80 -17.14 56.18 -10.19
CA SER C 80 -15.89 55.48 -10.36
C SER C 80 -16.15 53.99 -10.48
N TRP C 81 -15.22 53.29 -11.13
CA TRP C 81 -15.36 51.85 -11.34
C TRP C 81 -15.11 51.10 -10.03
N SER C 82 -15.41 49.81 -10.05
CA SER C 82 -15.22 48.97 -8.88
C SER C 82 -13.73 48.84 -8.56
N THR C 83 -13.43 48.80 -7.26
CA THR C 83 -12.05 48.74 -6.81
C THR C 83 -11.38 47.43 -7.25
N LEU C 84 -10.09 47.52 -7.53
CA LEU C 84 -9.30 46.35 -7.93
C LEU C 84 -9.16 45.43 -6.73
N LYS C 85 -9.91 44.33 -6.73
CA LYS C 85 -9.99 43.42 -5.60
C LYS C 85 -9.17 42.17 -5.89
N THR C 86 -8.19 41.89 -5.03
CA THR C 86 -7.40 40.67 -5.14
C THR C 86 -7.99 39.60 -4.21
N GLN C 87 -7.28 38.48 -4.07
CA GLN C 87 -7.75 37.45 -3.14
C GLN C 87 -7.77 37.96 -1.71
N ASP C 88 -6.73 38.70 -1.32
CA ASP C 88 -6.66 39.32 0.00
C ASP C 88 -7.20 40.74 0.02
N GLN C 89 -7.74 41.22 -1.10
CA GLN C 89 -8.29 42.58 -1.21
C GLN C 89 -7.24 43.63 -0.89
N LYS C 90 -6.16 43.60 -1.68
CA LYS C 90 -5.03 44.50 -1.52
C LYS C 90 -5.05 45.60 -2.58
N THR C 91 -4.14 46.54 -2.42
CA THR C 91 -4.00 47.64 -3.38
C THR C 91 -3.18 47.19 -4.59
N VAL C 92 -3.64 47.58 -5.77
CA VAL C 92 -2.99 47.22 -7.04
C VAL C 92 -2.48 48.49 -7.69
N ARG C 93 -1.17 48.54 -7.93
CA ARG C 93 -0.58 49.71 -8.58
C ARG C 93 -1.09 49.87 -10.00
N LYS C 94 -1.09 48.79 -10.77
CA LYS C 94 -1.48 48.84 -12.18
C LYS C 94 -2.02 47.49 -12.60
N ALA C 95 -2.89 47.51 -13.61
CA ALA C 95 -3.44 46.29 -14.16
C ALA C 95 -2.59 45.84 -15.34
N GLU C 96 -2.11 44.60 -15.26
CA GLU C 96 -1.29 44.01 -16.31
C GLU C 96 -1.78 42.59 -16.56
N CYS C 97 -1.54 42.09 -17.76
CA CYS C 97 -1.88 40.70 -18.03
C CYS C 97 -0.60 39.88 -17.96
N ARG C 98 -0.58 39.00 -16.96
CA ARG C 98 0.60 38.24 -16.55
C ARG C 98 0.71 36.95 -17.34
N ALA C 99 1.95 36.47 -17.46
CA ALA C 99 2.23 35.27 -18.24
C ALA C 99 1.58 34.06 -17.61
N ILE C 100 1.13 33.12 -18.45
CA ILE C 100 0.47 31.93 -17.96
C ILE C 100 1.51 31.01 -17.34
N HIS C 101 1.37 30.77 -16.04
CA HIS C 101 2.11 29.74 -15.33
C HIS C 101 1.16 28.62 -14.95
N CYS C 102 1.67 27.66 -14.19
CA CYS C 102 0.92 26.45 -14.00
C CYS C 102 1.03 26.04 -12.54
N PRO C 103 -0.04 25.53 -11.94
CA PRO C 103 -0.04 25.30 -10.49
C PRO C 103 1.06 24.34 -10.05
N ARG C 104 1.77 24.72 -9.01
CA ARG C 104 2.81 23.86 -8.45
C ARG C 104 2.18 22.76 -7.60
N PRO C 105 2.73 21.55 -7.61
CA PRO C 105 2.22 20.50 -6.74
C PRO C 105 2.38 20.85 -5.27
N HIS C 106 1.25 21.08 -4.58
CA HIS C 106 1.30 21.39 -3.16
C HIS C 106 1.85 20.21 -2.36
N ASP C 107 1.72 18.99 -2.88
CA ASP C 107 2.32 17.78 -2.32
C ASP C 107 2.07 16.65 -3.31
N PHE C 108 2.98 15.68 -3.33
CA PHE C 108 2.78 14.43 -4.03
C PHE C 108 3.28 13.33 -3.10
N GLU C 109 2.36 12.76 -2.32
CA GLU C 109 2.73 11.80 -1.29
C GLU C 109 3.12 10.47 -1.92
N ASN C 110 4.11 9.83 -1.32
CA ASN C 110 4.58 8.51 -1.73
C ASN C 110 5.08 8.53 -3.18
N GLY C 111 6.07 9.37 -3.41
CA GLY C 111 6.65 9.49 -4.73
C GLY C 111 7.40 10.80 -4.87
N GLU C 112 7.72 11.12 -6.12
CA GLU C 112 8.43 12.36 -6.43
C GLU C 112 7.99 12.86 -7.80
N TYR C 113 8.25 14.14 -8.03
CA TYR C 113 7.99 14.76 -9.31
C TYR C 113 9.25 15.46 -9.79
N TRP C 114 9.46 15.42 -11.10
CA TRP C 114 10.71 15.79 -11.74
C TRP C 114 10.41 16.62 -12.98
N PRO C 115 10.84 17.89 -13.02
CA PRO C 115 11.62 18.55 -11.96
C PRO C 115 10.77 19.38 -11.02
N ARG C 116 11.41 20.03 -10.05
CA ARG C 116 10.74 20.88 -9.08
C ARG C 116 11.14 22.33 -9.31
N SER C 117 10.14 23.20 -9.46
CA SER C 117 10.38 24.60 -9.77
C SER C 117 9.45 25.46 -8.93
N PRO C 118 9.87 26.69 -8.60
CA PRO C 118 8.94 27.63 -7.94
C PRO C 118 7.71 27.94 -8.77
N TYR C 119 7.83 27.86 -10.09
CA TYR C 119 6.69 28.07 -10.98
C TYR C 119 6.94 27.29 -12.26
N TYR C 120 5.87 26.83 -12.88
CA TYR C 120 5.93 26.04 -14.10
C TYR C 120 5.39 26.84 -15.27
N ASN C 121 6.11 26.81 -16.38
CA ASN C 121 5.73 27.60 -17.55
C ASN C 121 4.71 26.83 -18.38
N VAL C 122 4.36 27.39 -19.53
CA VAL C 122 3.46 26.72 -20.46
C VAL C 122 4.22 25.61 -21.17
N SER C 123 3.55 24.47 -21.35
CA SER C 123 4.10 23.31 -22.04
C SER C 123 5.29 22.68 -21.31
N ASP C 124 5.48 23.04 -20.04
CA ASP C 124 6.46 22.33 -19.22
C ASP C 124 5.92 20.96 -18.85
N GLU C 125 6.84 20.00 -18.71
CA GLU C 125 6.47 18.62 -18.47
C GLU C 125 7.05 18.12 -17.16
N ILE C 126 6.25 17.34 -16.44
CA ILE C 126 6.65 16.70 -15.19
C ILE C 126 6.54 15.19 -15.36
N SER C 127 7.50 14.47 -14.81
CA SER C 127 7.42 13.01 -14.72
C SER C 127 7.13 12.64 -13.27
N PHE C 128 5.98 12.00 -13.05
CA PHE C 128 5.60 11.57 -11.71
C PHE C 128 6.06 10.14 -11.51
N HIS C 129 6.87 9.93 -10.47
CA HIS C 129 7.49 8.65 -10.21
C HIS C 129 7.02 8.19 -8.84
N CYS C 130 6.69 6.90 -8.72
CA CYS C 130 6.24 6.37 -7.45
C CYS C 130 7.43 5.76 -6.69
N TYR C 131 7.26 5.64 -5.37
CA TYR C 131 8.20 4.83 -4.59
C TYR C 131 7.98 3.34 -4.85
N ASP C 132 8.68 2.55 -4.06
CA ASP C 132 8.70 1.11 -4.20
C ASP C 132 7.50 0.49 -3.51
N GLY C 133 6.78 -0.37 -4.22
CA GLY C 133 5.58 -0.99 -3.69
C GLY C 133 4.31 -0.17 -3.86
N TYR C 134 4.41 0.99 -4.51
CA TYR C 134 3.26 1.84 -4.80
C TYR C 134 3.04 1.86 -6.30
N THR C 135 1.81 1.57 -6.72
CA THR C 135 1.45 1.48 -8.13
C THR C 135 0.87 2.80 -8.59
N LEU C 136 1.26 3.23 -9.78
CA LEU C 136 0.82 4.50 -10.32
C LEU C 136 -0.49 4.35 -11.09
N ARG C 137 -1.35 5.34 -10.96
CA ARG C 137 -2.63 5.39 -11.65
C ARG C 137 -2.83 6.84 -12.10
N GLY C 138 -2.80 7.06 -13.40
CA GLY C 138 -2.93 8.38 -13.98
C GLY C 138 -1.82 8.60 -14.98
N SER C 139 -1.67 9.86 -15.38
CA SER C 139 -0.64 10.24 -16.34
C SER C 139 0.66 10.55 -15.59
N ALA C 140 1.74 9.88 -15.97
CA ALA C 140 3.05 10.19 -15.39
C ALA C 140 3.65 11.40 -16.08
N ASN C 141 3.88 11.31 -17.38
CA ASN C 141 4.30 12.45 -18.18
C ASN C 141 3.13 13.40 -18.33
N ARG C 142 3.17 14.52 -17.63
CA ARG C 142 2.07 15.49 -17.65
C ARG C 142 2.62 16.86 -18.05
N THR C 143 2.05 17.42 -19.10
CA THR C 143 2.28 18.80 -19.48
C THR C 143 0.95 19.53 -19.44
N CYS C 144 0.97 20.76 -18.94
CA CYS C 144 -0.24 21.55 -18.76
C CYS C 144 -0.32 22.62 -19.84
N GLN C 145 -1.42 22.63 -20.59
CA GLN C 145 -1.57 23.49 -21.75
C GLN C 145 -2.03 24.87 -21.29
N VAL C 146 -2.45 25.70 -22.26
CA VAL C 146 -2.88 27.06 -21.96
C VAL C 146 -4.16 27.12 -21.14
N ASN C 147 -4.87 25.99 -21.00
CA ASN C 147 -6.06 25.97 -20.16
C ASN C 147 -5.72 26.08 -18.67
N GLY C 148 -4.51 25.68 -18.28
CA GLY C 148 -4.07 25.78 -16.91
C GLY C 148 -4.13 24.49 -16.12
N ARG C 149 -4.53 23.38 -16.74
CA ARG C 149 -4.58 22.09 -16.08
C ARG C 149 -3.61 21.13 -16.76
N TRP C 150 -3.08 20.20 -15.97
CA TRP C 150 -2.16 19.20 -16.51
C TRP C 150 -2.91 18.19 -17.37
N SER C 151 -2.26 17.74 -18.43
CA SER C 151 -2.88 16.79 -19.35
C SER C 151 -2.96 15.42 -18.70
N GLY C 152 -4.13 14.81 -18.79
CA GLY C 152 -4.33 13.45 -18.32
C GLY C 152 -4.91 13.40 -16.93
N GLN C 153 -5.03 12.17 -16.44
CA GLN C 153 -5.58 11.93 -15.11
C GLN C 153 -4.52 12.21 -14.05
N THR C 154 -4.99 12.55 -12.86
CA THR C 154 -4.08 12.85 -11.75
C THR C 154 -3.30 11.60 -11.37
N ALA C 155 -1.99 11.77 -11.19
CA ALA C 155 -1.11 10.66 -10.87
C ALA C 155 -1.20 10.30 -9.40
N ILE C 156 -1.52 9.04 -9.11
CA ILE C 156 -1.69 8.55 -7.76
C ILE C 156 -0.79 7.35 -7.56
N CYS C 157 -0.14 7.27 -6.40
CA CYS C 157 0.60 6.07 -5.99
C CYS C 157 -0.16 5.40 -4.86
N ASP C 158 -0.60 4.17 -5.08
CA ASP C 158 -1.43 3.48 -4.10
C ASP C 158 -0.80 2.15 -3.72
N ASN C 159 -1.05 1.73 -2.48
CA ASN C 159 -0.59 0.43 -2.00
C ASN C 159 -1.69 -0.62 -1.96
N GLY C 160 -2.95 -0.21 -2.02
CA GLY C 160 -4.06 -1.13 -2.12
C GLY C 160 -4.25 -2.05 -0.93
N ALA C 161 -4.29 -1.50 0.28
CA ALA C 161 -4.45 -2.30 1.48
C ALA C 161 -5.58 -1.78 2.37
N GLY C 162 -6.59 -1.15 1.77
CA GLY C 162 -7.70 -0.60 2.54
C GLY C 162 -9.04 -0.96 1.91
N TYR C 163 -10.10 -0.47 2.56
CA TYR C 163 -11.45 -0.66 2.03
C TYR C 163 -11.62 0.08 0.72
N CYS C 164 -11.28 1.37 0.70
CA CYS C 164 -11.25 2.14 -0.52
C CYS C 164 -9.84 2.65 -0.76
N SER C 165 -9.62 3.19 -1.95
CA SER C 165 -8.30 3.54 -2.43
C SER C 165 -8.00 5.02 -2.18
N ASN C 166 -6.75 5.37 -2.45
CA ASN C 166 -6.30 6.76 -2.35
C ASN C 166 -7.09 7.62 -3.33
N PRO C 167 -7.76 8.68 -2.88
CA PRO C 167 -8.50 9.53 -3.81
C PRO C 167 -7.59 10.39 -4.66
N GLY C 168 -6.28 10.35 -4.42
CA GLY C 168 -5.35 11.20 -5.11
C GLY C 168 -5.17 12.54 -4.42
N ILE C 169 -4.07 13.19 -4.75
CA ILE C 169 -3.79 14.54 -4.28
C ILE C 169 -3.61 15.42 -5.52
N PRO C 170 -4.66 16.11 -5.96
CA PRO C 170 -4.54 16.92 -7.18
C PRO C 170 -3.52 18.03 -7.02
N ILE C 171 -3.11 18.58 -8.17
CA ILE C 171 -2.04 19.59 -8.18
C ILE C 171 -2.58 20.90 -7.61
N GLY C 172 -1.89 21.40 -6.58
CA GLY C 172 -2.30 22.61 -5.89
C GLY C 172 -3.19 22.38 -4.70
N THR C 173 -3.84 21.22 -4.62
CA THR C 173 -4.72 20.87 -3.52
C THR C 173 -4.00 19.88 -2.61
N ARG C 174 -4.11 20.08 -1.29
CA ARG C 174 -3.37 19.23 -0.36
C ARG C 174 -4.34 18.47 0.54
N LYS C 175 -4.03 17.20 0.75
CA LYS C 175 -4.94 16.25 1.38
C LYS C 175 -4.62 16.07 2.86
N VAL C 176 -5.66 16.07 3.68
CA VAL C 176 -5.56 15.82 5.11
C VAL C 176 -6.35 14.56 5.42
N GLY C 177 -5.68 13.57 6.00
CA GLY C 177 -6.28 12.30 6.31
C GLY C 177 -5.69 11.17 5.51
N SER C 178 -4.86 10.35 6.14
CA SER C 178 -4.23 9.22 5.48
C SER C 178 -4.99 7.92 5.72
N GLN C 179 -6.14 7.98 6.38
CA GLN C 179 -6.93 6.80 6.68
C GLN C 179 -7.94 6.58 5.57
N TYR C 180 -7.88 5.41 4.94
CA TYR C 180 -8.75 5.08 3.81
C TYR C 180 -9.70 3.94 4.12
N ARG C 181 -10.02 3.72 5.39
CA ARG C 181 -10.96 2.68 5.76
C ARG C 181 -12.38 3.17 5.51
N LEU C 182 -13.38 2.42 5.95
CA LEU C 182 -14.77 2.81 5.75
C LEU C 182 -15.20 3.82 6.80
N GLU C 183 -16.06 4.76 6.39
CA GLU C 183 -16.59 5.84 7.22
C GLU C 183 -15.53 6.88 7.51
N ASP C 184 -14.29 6.63 7.07
CA ASP C 184 -13.24 7.63 7.17
C ASP C 184 -13.41 8.66 6.07
N SER C 185 -13.15 9.92 6.40
CA SER C 185 -13.26 11.01 5.44
C SER C 185 -11.94 11.75 5.38
N VAL C 186 -11.66 12.30 4.19
CA VAL C 186 -10.47 13.10 3.96
C VAL C 186 -10.92 14.51 3.58
N THR C 187 -10.03 15.46 3.82
CA THR C 187 -10.31 16.86 3.51
C THR C 187 -9.35 17.37 2.47
N TYR C 188 -9.87 18.14 1.52
CA TYR C 188 -9.10 18.76 0.45
C TYR C 188 -9.27 20.27 0.52
N HIS C 189 -8.17 20.97 0.29
CA HIS C 189 -8.25 22.43 0.17
C HIS C 189 -7.03 22.95 -0.58
N CYS C 190 -7.19 24.14 -1.15
CA CYS C 190 -6.27 24.75 -2.09
C CYS C 190 -5.33 25.73 -1.37
N SER C 191 -4.32 26.17 -2.11
CA SER C 191 -3.34 27.10 -1.58
C SER C 191 -3.79 28.54 -1.87
N ARG C 192 -2.88 29.50 -1.67
CA ARG C 192 -3.20 30.90 -1.90
C ARG C 192 -3.48 31.15 -3.38
N GLY C 193 -4.54 31.90 -3.66
CA GLY C 193 -4.90 32.24 -5.02
C GLY C 193 -5.70 31.19 -5.76
N LEU C 194 -5.91 30.02 -5.17
CA LEU C 194 -6.63 28.92 -5.80
C LEU C 194 -7.95 28.70 -5.07
N THR C 195 -9.00 28.39 -5.83
CA THR C 195 -10.30 28.09 -5.25
C THR C 195 -10.61 26.61 -5.48
N LEU C 196 -11.28 25.99 -4.51
CA LEU C 196 -11.54 24.56 -4.56
C LEU C 196 -12.86 24.31 -5.28
N ARG C 197 -12.82 23.42 -6.28
CA ARG C 197 -14.03 23.00 -6.99
C ARG C 197 -14.08 21.47 -6.93
N GLY C 198 -15.06 20.94 -6.22
CA GLY C 198 -15.18 19.51 -6.02
C GLY C 198 -15.87 19.21 -4.70
N SER C 199 -15.23 18.40 -3.86
CA SER C 199 -15.74 18.10 -2.53
C SER C 199 -14.76 18.60 -1.49
N GLN C 200 -15.24 19.45 -0.58
CA GLN C 200 -14.40 19.91 0.51
C GLN C 200 -14.00 18.75 1.43
N ARG C 201 -14.86 17.75 1.57
CA ARG C 201 -14.56 16.56 2.34
C ARG C 201 -15.22 15.37 1.67
N ARG C 202 -14.45 14.31 1.47
CA ARG C 202 -14.95 13.10 0.84
C ARG C 202 -14.96 11.96 1.86
N THR C 203 -16.09 11.29 1.97
CA THR C 203 -16.28 10.20 2.92
C THR C 203 -16.38 8.88 2.17
N CYS C 204 -15.65 7.87 2.63
CA CYS C 204 -15.65 6.58 1.98
C CYS C 204 -17.00 5.90 2.14
N GLN C 205 -17.59 5.48 1.02
CA GLN C 205 -18.92 4.88 1.01
C GLN C 205 -18.84 3.38 1.27
N GLU C 206 -19.99 2.82 1.69
CA GLU C 206 -20.08 1.40 1.93
C GLU C 206 -20.02 0.57 0.66
N GLY C 207 -20.11 1.22 -0.51
CA GLY C 207 -19.93 0.53 -1.77
C GLY C 207 -18.46 0.38 -2.12
N GLY C 208 -17.62 1.25 -1.56
CA GLY C 208 -16.19 1.19 -1.80
C GLY C 208 -15.67 2.42 -2.50
N SER C 209 -16.48 3.47 -2.57
CA SER C 209 -16.14 4.69 -3.27
C SER C 209 -16.14 5.86 -2.29
N TRP C 210 -15.94 7.06 -2.83
CA TRP C 210 -15.96 8.30 -2.06
C TRP C 210 -17.17 9.12 -2.47
N SER C 211 -17.77 9.80 -1.50
CA SER C 211 -18.99 10.57 -1.74
C SER C 211 -18.61 11.97 -2.19
N GLY C 212 -18.72 12.23 -3.49
CA GLY C 212 -18.42 13.52 -4.05
C GLY C 212 -17.50 13.40 -5.25
N THR C 213 -17.25 14.55 -5.88
CA THR C 213 -16.40 14.64 -7.05
C THR C 213 -14.96 14.94 -6.64
N GLU C 214 -14.05 14.60 -7.53
CA GLU C 214 -12.63 14.84 -7.31
C GLU C 214 -12.36 16.33 -7.30
N PRO C 215 -11.77 16.88 -6.24
CA PRO C 215 -11.54 18.32 -6.19
C PRO C 215 -10.44 18.78 -7.13
N SER C 216 -10.44 20.07 -7.40
CA SER C 216 -9.40 20.70 -8.21
C SER C 216 -9.21 22.14 -7.74
N CYS C 217 -8.03 22.67 -8.05
CA CYS C 217 -7.70 24.07 -7.76
C CYS C 217 -7.89 24.88 -9.03
N GLN C 218 -8.75 25.89 -8.95
CA GLN C 218 -9.12 26.70 -10.11
C GLN C 218 -8.77 28.16 -9.85
N ASP C 219 -8.75 28.93 -10.94
CA ASP C 219 -8.43 30.35 -10.92
C ASP C 219 -9.53 31.13 -11.61
N SER C 220 -9.36 32.45 -11.70
CA SER C 220 -10.33 33.29 -12.36
C SER C 220 -10.22 33.23 -13.88
N PHE C 221 -9.03 33.02 -14.41
CA PHE C 221 -8.83 33.02 -15.86
C PHE C 221 -9.21 31.69 -16.50
N MET C 222 -9.33 30.63 -15.71
CA MET C 222 -9.52 29.29 -16.24
C MET C 222 -10.96 29.08 -16.68
N TYR C 223 -11.14 28.54 -17.88
CA TYR C 223 -12.45 28.21 -18.42
C TYR C 223 -12.40 26.80 -19.00
N ASP C 224 -13.54 26.12 -18.92
CA ASP C 224 -13.67 24.78 -19.48
C ASP C 224 -14.07 24.89 -20.95
N THR C 225 -13.33 24.20 -21.82
CA THR C 225 -13.64 24.23 -23.24
C THR C 225 -14.96 23.54 -23.51
N PRO C 226 -15.70 23.98 -24.52
CA PRO C 226 -17.03 23.39 -24.76
C PRO C 226 -17.00 21.89 -25.03
N GLN C 227 -15.93 21.37 -25.62
CA GLN C 227 -15.87 19.96 -25.99
C GLN C 227 -15.92 19.06 -24.76
N GLU C 228 -15.08 19.34 -23.76
CA GLU C 228 -15.08 18.52 -22.55
C GLU C 228 -16.35 18.76 -21.73
N VAL C 229 -16.93 19.95 -21.81
CA VAL C 229 -18.22 20.19 -21.15
C VAL C 229 -19.27 19.28 -21.73
N ALA C 230 -19.33 19.19 -23.07
CA ALA C 230 -20.30 18.31 -23.71
C ALA C 230 -20.02 16.85 -23.37
N GLU C 231 -18.74 16.46 -23.35
CA GLU C 231 -18.38 15.09 -23.02
C GLU C 231 -18.84 14.72 -21.61
N ALA C 232 -18.58 15.61 -20.64
CA ALA C 232 -18.97 15.33 -19.26
C ALA C 232 -20.47 15.35 -19.09
N PHE C 233 -21.16 16.26 -19.78
CA PHE C 233 -22.62 16.29 -19.72
C PHE C 233 -23.23 15.01 -20.27
N LEU C 234 -22.69 14.52 -21.39
CA LEU C 234 -23.16 13.26 -21.94
C LEU C 234 -22.86 12.09 -21.01
N SER C 235 -21.66 12.07 -20.42
CA SER C 235 -21.30 10.96 -19.54
C SER C 235 -22.18 10.92 -18.31
N SER C 236 -22.49 12.08 -17.74
CA SER C 236 -23.33 12.12 -16.55
C SER C 236 -24.79 11.83 -16.89
N LEU C 237 -25.29 12.38 -17.99
CA LEU C 237 -26.70 12.24 -18.33
C LEU C 237 -27.03 10.87 -18.91
N THR C 238 -26.12 10.28 -19.68
CA THR C 238 -26.40 9.09 -20.47
C THR C 238 -25.57 7.90 -19.96
N GLU C 239 -25.77 6.75 -20.59
CA GLU C 239 -25.01 5.54 -20.34
C GLU C 239 -24.42 5.06 -21.65
N THR C 240 -23.10 4.93 -21.69
CA THR C 240 -22.44 4.52 -22.93
C THR C 240 -22.69 3.04 -23.22
N ILE C 241 -22.75 2.72 -24.52
CA ILE C 241 -22.94 1.34 -24.96
C ILE C 241 -21.72 0.86 -25.73
N LYS C 257 -23.25 3.04 -28.54
CA LYS C 257 -23.74 4.42 -28.51
C LYS C 257 -24.03 4.87 -27.09
N ARG C 258 -25.04 5.73 -26.94
CA ARG C 258 -25.42 6.25 -25.63
C ARG C 258 -26.94 6.20 -25.51
N LYS C 259 -27.41 6.16 -24.26
CA LYS C 259 -28.84 6.08 -24.00
C LYS C 259 -29.14 6.67 -22.63
N ILE C 260 -30.37 7.16 -22.47
CA ILE C 260 -30.84 7.66 -21.18
C ILE C 260 -31.85 6.66 -20.62
N VAL C 261 -31.38 5.74 -19.79
CA VAL C 261 -32.28 4.74 -19.23
C VAL C 261 -33.01 5.32 -18.03
N LEU C 262 -34.13 4.68 -17.67
CA LEU C 262 -34.93 5.08 -16.52
C LEU C 262 -35.48 3.82 -15.86
N ASP C 263 -36.11 4.02 -14.70
CA ASP C 263 -36.77 2.93 -14.03
C ASP C 263 -37.92 2.41 -14.90
N PRO C 264 -38.15 1.09 -14.94
CA PRO C 264 -39.25 0.57 -15.75
C PRO C 264 -40.58 1.15 -15.32
N SER C 265 -41.42 1.45 -16.31
CA SER C 265 -42.71 2.12 -16.09
C SER C 265 -42.53 3.43 -15.32
N GLY C 266 -41.51 4.19 -15.70
CA GLY C 266 -41.25 5.46 -15.05
C GLY C 266 -40.79 6.50 -16.06
N SER C 267 -40.95 7.76 -15.66
CA SER C 267 -40.59 8.90 -16.50
C SER C 267 -39.67 9.83 -15.71
N MET C 268 -39.18 10.86 -16.38
CA MET C 268 -38.27 11.83 -15.77
C MET C 268 -38.81 13.23 -15.98
N ASN C 269 -38.31 14.15 -15.15
CA ASN C 269 -38.70 15.55 -15.19
C ASN C 269 -37.45 16.42 -15.23
N ILE C 270 -37.51 17.47 -16.04
CA ILE C 270 -36.41 18.42 -16.18
C ILE C 270 -36.90 19.79 -15.74
N TYR C 271 -36.06 20.51 -15.00
CA TYR C 271 -36.38 21.84 -14.51
C TYR C 271 -35.34 22.80 -15.05
N LEU C 272 -35.65 23.45 -16.16
CA LEU C 272 -34.74 24.41 -16.77
C LEU C 272 -34.94 25.78 -16.13
N VAL C 273 -33.90 26.30 -15.49
CA VAL C 273 -33.99 27.52 -14.71
C VAL C 273 -32.98 28.51 -15.25
N LEU C 274 -33.44 29.74 -15.52
CA LEU C 274 -32.61 30.79 -16.08
C LEU C 274 -32.54 31.97 -15.12
N ASP C 275 -31.57 32.85 -15.34
CA ASP C 275 -31.34 34.01 -14.50
C ASP C 275 -31.54 35.28 -15.32
N GLY C 276 -32.42 36.15 -14.84
CA GLY C 276 -32.62 37.45 -15.46
C GLY C 276 -31.80 38.54 -14.80
N SER C 277 -30.52 38.27 -14.58
CA SER C 277 -29.65 39.22 -13.90
C SER C 277 -29.33 40.40 -14.82
N ASP C 278 -28.83 41.47 -14.20
CA ASP C 278 -28.45 42.68 -14.94
C ASP C 278 -27.03 42.59 -15.46
N SER C 279 -26.74 41.53 -16.22
CA SER C 279 -25.44 41.34 -16.83
C SER C 279 -25.50 41.32 -18.35
N ILE C 280 -26.33 40.46 -18.94
CA ILE C 280 -26.50 40.46 -20.38
C ILE C 280 -27.97 40.69 -20.72
N GLY C 281 -28.83 39.75 -20.34
CA GLY C 281 -30.27 39.86 -20.45
C GLY C 281 -30.80 40.59 -21.68
N ALA C 282 -30.22 40.32 -22.85
CA ALA C 282 -30.46 41.12 -24.04
C ALA C 282 -31.21 40.31 -25.09
N SER C 283 -32.23 40.93 -25.68
CA SER C 283 -32.94 40.39 -26.85
C SER C 283 -33.52 39.01 -26.57
N ASN C 284 -34.18 38.88 -25.41
CA ASN C 284 -34.93 37.68 -25.06
C ASN C 284 -34.06 36.43 -25.07
N PHE C 285 -32.99 36.48 -24.27
CA PHE C 285 -32.07 35.36 -24.09
C PHE C 285 -31.56 34.84 -25.43
N THR C 286 -30.90 35.72 -26.16
CA THR C 286 -30.37 35.38 -27.48
C THR C 286 -29.32 34.28 -27.36
N GLY C 287 -29.64 33.10 -27.90
CA GLY C 287 -28.75 31.96 -27.81
C GLY C 287 -29.18 30.96 -26.76
N ALA C 288 -29.60 31.46 -25.60
CA ALA C 288 -30.08 30.56 -24.55
C ALA C 288 -31.32 29.81 -24.99
N LYS C 289 -32.23 30.49 -25.69
CA LYS C 289 -33.39 29.82 -26.25
C LYS C 289 -32.97 28.75 -27.25
N LYS C 290 -31.99 29.04 -28.09
CA LYS C 290 -31.47 28.04 -29.02
C LYS C 290 -30.84 26.88 -28.27
N CYS C 291 -30.10 27.17 -27.20
CA CYS C 291 -29.50 26.10 -26.39
C CYS C 291 -30.57 25.17 -25.84
N LEU C 292 -31.61 25.75 -25.25
CA LEU C 292 -32.64 24.93 -24.63
C LEU C 292 -33.45 24.16 -25.67
N VAL C 293 -33.71 24.79 -26.82
CA VAL C 293 -34.43 24.09 -27.89
C VAL C 293 -33.62 22.90 -28.39
N ASN C 294 -32.32 23.09 -28.60
CA ASN C 294 -31.46 22.00 -29.04
C ASN C 294 -31.39 20.90 -27.99
N LEU C 295 -31.33 21.27 -26.71
CA LEU C 295 -31.30 20.27 -25.65
C LEU C 295 -32.59 19.46 -25.62
N ILE C 296 -33.74 20.13 -25.76
CA ILE C 296 -35.03 19.45 -25.76
C ILE C 296 -35.14 18.51 -26.94
N GLU C 297 -34.71 18.97 -28.12
CA GLU C 297 -34.74 18.10 -29.30
C GLU C 297 -33.81 16.91 -29.13
N LYS C 298 -32.64 17.12 -28.54
CA LYS C 298 -31.65 16.06 -28.42
C LYS C 298 -32.08 15.00 -27.42
N VAL C 299 -32.62 15.41 -26.26
CA VAL C 299 -32.97 14.44 -25.23
C VAL C 299 -34.08 13.51 -25.70
N ALA C 300 -35.02 14.03 -26.51
CA ALA C 300 -36.11 13.21 -27.02
C ALA C 300 -35.65 12.20 -28.06
N SER C 301 -34.43 12.31 -28.55
CA SER C 301 -33.91 11.41 -29.58
C SER C 301 -33.33 10.12 -28.99
N TYR C 302 -33.46 9.90 -27.69
CA TYR C 302 -32.95 8.71 -27.05
C TYR C 302 -34.03 7.66 -26.83
N GLY C 303 -35.21 7.84 -27.42
CA GLY C 303 -36.29 6.89 -27.29
C GLY C 303 -37.16 7.04 -26.06
N VAL C 304 -37.00 8.13 -25.31
CA VAL C 304 -37.76 8.35 -24.09
C VAL C 304 -38.42 9.73 -24.18
N LYS C 305 -39.65 9.82 -23.70
CA LYS C 305 -40.39 11.07 -23.67
C LYS C 305 -40.39 11.64 -22.25
N PRO C 306 -39.58 12.65 -21.98
CA PRO C 306 -39.52 13.22 -20.62
C PRO C 306 -40.63 14.25 -20.41
N ARG C 307 -40.60 14.88 -19.24
CA ARG C 307 -41.47 16.00 -18.93
C ARG C 307 -40.61 17.19 -18.54
N TYR C 308 -41.14 18.39 -18.74
CA TYR C 308 -40.34 19.60 -18.65
C TYR C 308 -41.01 20.62 -17.73
N GLY C 309 -40.20 21.56 -17.26
CA GLY C 309 -40.64 22.70 -16.48
C GLY C 309 -39.71 23.87 -16.65
N LEU C 310 -40.24 25.09 -16.66
CA LEU C 310 -39.47 26.28 -17.01
C LEU C 310 -39.60 27.33 -15.92
N VAL C 311 -38.45 27.79 -15.42
CA VAL C 311 -38.37 28.79 -14.36
C VAL C 311 -37.46 29.91 -14.82
N THR C 312 -37.92 31.15 -14.71
CA THR C 312 -37.11 32.32 -14.98
C THR C 312 -37.40 33.36 -13.91
N TYR C 313 -36.38 34.07 -13.47
CA TYR C 313 -36.57 35.04 -12.40
C TYR C 313 -35.62 36.21 -12.58
N ALA C 314 -36.17 37.42 -12.39
CA ALA C 314 -35.38 38.64 -12.27
C ALA C 314 -35.50 39.23 -10.87
N THR C 315 -36.73 39.48 -10.41
CA THR C 315 -37.01 39.87 -9.05
C THR C 315 -37.86 38.86 -8.30
N TYR C 316 -38.77 38.18 -8.99
CA TYR C 316 -39.57 37.10 -8.42
C TYR C 316 -39.62 35.96 -9.42
N PRO C 317 -39.74 34.71 -8.94
CA PRO C 317 -39.82 33.58 -9.87
C PRO C 317 -41.07 33.63 -10.73
N LYS C 318 -40.97 33.06 -11.92
CA LYS C 318 -42.10 32.93 -12.82
C LYS C 318 -42.19 31.48 -13.30
N ILE C 319 -43.42 30.97 -13.36
CA ILE C 319 -43.68 29.60 -13.77
C ILE C 319 -44.12 29.63 -15.23
N TRP C 320 -43.47 28.82 -16.07
CA TRP C 320 -43.88 28.73 -17.46
C TRP C 320 -44.46 27.37 -17.81
N VAL C 321 -43.82 26.29 -17.37
CA VAL C 321 -44.32 24.94 -17.57
C VAL C 321 -44.20 24.20 -16.26
N LYS C 322 -45.25 23.46 -15.89
CA LYS C 322 -45.24 22.63 -14.70
C LYS C 322 -45.28 21.15 -15.08
N VAL C 323 -44.81 20.31 -14.17
CA VAL C 323 -44.78 18.88 -14.43
C VAL C 323 -46.19 18.28 -14.45
N SER C 324 -47.19 18.99 -13.92
CA SER C 324 -48.54 18.47 -13.85
C SER C 324 -49.33 18.69 -15.13
N GLU C 325 -48.82 19.47 -16.07
CA GLU C 325 -49.54 19.72 -17.31
C GLU C 325 -49.67 18.46 -18.15
N ALA C 326 -50.78 18.35 -18.87
CA ALA C 326 -51.02 17.18 -19.70
C ALA C 326 -50.04 17.13 -20.87
N ASP C 327 -49.75 18.28 -21.49
CA ASP C 327 -48.91 18.35 -22.68
C ASP C 327 -47.48 18.76 -22.35
N SER C 328 -46.98 18.35 -21.18
CA SER C 328 -45.60 18.66 -20.83
C SER C 328 -44.59 17.68 -21.42
N SER C 329 -45.07 16.60 -22.04
CA SER C 329 -44.21 15.61 -22.66
C SER C 329 -44.08 15.78 -24.16
N ASN C 330 -44.56 16.90 -24.71
CA ASN C 330 -44.50 17.17 -26.13
C ASN C 330 -43.45 18.24 -26.39
N ALA C 331 -42.53 17.96 -27.32
CA ALA C 331 -41.43 18.89 -27.57
C ALA C 331 -41.90 20.15 -28.27
N ASP C 332 -42.90 20.03 -29.16
CA ASP C 332 -43.31 21.17 -29.97
C ASP C 332 -43.86 22.30 -29.11
N TRP C 333 -44.80 21.98 -28.21
CA TRP C 333 -45.43 23.03 -27.42
C TRP C 333 -44.46 23.62 -26.40
N VAL C 334 -43.60 22.78 -25.80
CA VAL C 334 -42.65 23.32 -24.84
C VAL C 334 -41.63 24.21 -25.53
N THR C 335 -41.23 23.88 -26.76
CA THR C 335 -40.36 24.77 -27.52
C THR C 335 -41.08 26.06 -27.88
N LYS C 336 -42.36 25.96 -28.27
CA LYS C 336 -43.12 27.15 -28.63
C LYS C 336 -43.19 28.10 -27.43
N GLN C 337 -43.50 27.57 -26.25
CA GLN C 337 -43.50 28.40 -25.04
C GLN C 337 -42.09 28.88 -24.69
N LEU C 338 -41.07 28.08 -25.03
CA LEU C 338 -39.69 28.49 -24.83
C LEU C 338 -39.35 29.71 -25.67
N ASN C 339 -39.99 29.87 -26.82
CA ASN C 339 -39.78 31.04 -27.66
C ASN C 339 -40.61 32.23 -27.21
N GLU C 340 -41.41 32.09 -26.15
CA GLU C 340 -42.27 33.16 -25.65
C GLU C 340 -41.80 33.70 -24.30
N ILE C 341 -40.49 33.84 -24.11
CA ILE C 341 -39.92 34.35 -22.86
C ILE C 341 -39.52 35.79 -23.07
N ASN C 342 -39.87 36.65 -22.11
CA ASN C 342 -39.55 38.07 -22.18
C ASN C 342 -39.13 38.56 -20.80
N TYR C 343 -38.51 39.74 -20.79
CA TYR C 343 -38.09 40.37 -19.54
C TYR C 343 -39.24 41.18 -18.98
N GLU C 344 -39.79 40.73 -17.85
CA GLU C 344 -40.90 41.41 -17.18
C GLU C 344 -42.09 41.63 -18.12
N SER C 350 -35.15 43.75 -10.94
CA SER C 350 -33.85 43.11 -11.09
C SER C 350 -33.48 42.31 -9.85
N GLY C 351 -32.21 41.96 -9.72
CA GLY C 351 -31.72 41.19 -8.59
C GLY C 351 -31.53 39.73 -8.94
N THR C 352 -31.03 38.99 -7.95
CA THR C 352 -30.81 37.54 -8.07
C THR C 352 -31.34 36.89 -6.80
N ASN C 353 -32.62 36.52 -6.80
CA ASN C 353 -33.23 35.84 -5.66
C ASN C 353 -33.40 34.37 -6.02
N THR C 354 -32.33 33.60 -5.82
CA THR C 354 -32.32 32.19 -6.19
C THR C 354 -33.10 31.34 -5.20
N LYS C 355 -33.07 31.71 -3.91
CA LYS C 355 -33.79 30.92 -2.91
C LYS C 355 -35.28 30.91 -3.19
N LYS C 356 -35.87 32.06 -3.53
CA LYS C 356 -37.29 32.10 -3.83
C LYS C 356 -37.64 31.32 -5.08
N ALA C 357 -36.80 31.41 -6.11
CA ALA C 357 -37.06 30.67 -7.35
C ALA C 357 -37.02 29.17 -7.11
N LEU C 358 -36.02 28.70 -6.37
CA LEU C 358 -35.95 27.27 -6.13
C LEU C 358 -36.95 26.83 -5.07
N GLN C 359 -37.48 27.75 -4.25
CA GLN C 359 -38.66 27.46 -3.44
C GLN C 359 -39.88 27.25 -4.33
N ALA C 360 -40.00 28.05 -5.38
CA ALA C 360 -41.07 27.81 -6.35
C ALA C 360 -40.91 26.45 -7.02
N VAL C 361 -39.67 26.09 -7.35
CA VAL C 361 -39.42 24.76 -7.92
C VAL C 361 -39.79 23.67 -6.91
N TYR C 362 -39.45 23.90 -5.64
CA TYR C 362 -39.89 23.03 -4.55
C TYR C 362 -41.40 22.87 -4.51
N SER C 363 -42.14 23.97 -4.68
CA SER C 363 -43.59 23.90 -4.72
C SER C 363 -44.05 23.08 -5.91
N MET C 364 -43.38 23.20 -7.05
CA MET C 364 -43.70 22.38 -8.21
C MET C 364 -43.51 20.89 -7.89
N MET C 365 -42.38 20.55 -7.27
CA MET C 365 -42.10 19.15 -6.98
C MET C 365 -43.07 18.59 -5.94
N SER C 366 -43.41 19.38 -4.92
CA SER C 366 -44.24 18.90 -3.83
C SER C 366 -45.67 18.66 -4.31
N TRP C 367 -46.36 17.80 -3.57
CA TRP C 367 -47.76 17.46 -3.85
C TRP C 367 -48.63 17.92 -2.69
N PRO C 368 -49.94 17.96 -2.93
CA PRO C 368 -50.90 18.43 -1.94
C PRO C 368 -51.68 17.29 -1.29
N ASP C 369 -51.43 16.05 -1.68
CA ASP C 369 -52.13 14.91 -1.11
C ASP C 369 -51.50 14.50 0.23
N ASP C 370 -52.28 13.78 1.02
CA ASP C 370 -51.79 13.29 2.32
C ASP C 370 -50.83 12.13 2.13
N VAL C 371 -51.31 11.04 1.53
CA VAL C 371 -50.47 9.89 1.21
C VAL C 371 -49.64 10.26 -0.02
N PRO C 372 -48.43 9.73 -0.17
CA PRO C 372 -47.61 10.04 -1.34
C PRO C 372 -48.27 9.51 -2.61
N PRO C 373 -48.24 10.29 -3.69
CA PRO C 373 -48.88 9.84 -4.94
C PRO C 373 -48.12 8.71 -5.61
N GLU C 374 -48.68 8.16 -6.68
CA GLU C 374 -48.01 7.12 -7.43
C GLU C 374 -46.82 7.69 -8.20
N GLY C 375 -45.78 6.88 -8.35
CA GLY C 375 -44.59 7.32 -9.04
C GLY C 375 -43.73 8.28 -8.27
N TRP C 376 -43.84 8.30 -6.94
CA TRP C 376 -43.04 9.21 -6.14
C TRP C 376 -41.59 8.77 -6.03
N ASN C 377 -41.34 7.46 -5.99
CA ASN C 377 -39.98 6.93 -5.93
C ASN C 377 -39.55 6.29 -7.23
N ARG C 378 -40.27 6.54 -8.33
CA ARG C 378 -39.91 6.00 -9.64
C ARG C 378 -39.69 7.11 -10.67
N THR C 379 -39.52 8.35 -10.22
CA THR C 379 -39.30 9.48 -11.10
C THR C 379 -37.93 10.09 -10.84
N ARG C 380 -37.29 10.55 -11.91
CA ARG C 380 -35.96 11.14 -11.83
C ARG C 380 -36.05 12.62 -12.16
N HIS C 381 -35.37 13.45 -11.38
CA HIS C 381 -35.43 14.89 -11.51
C HIS C 381 -34.07 15.44 -11.93
N VAL C 382 -34.09 16.33 -12.92
CA VAL C 382 -32.90 17.01 -13.40
C VAL C 382 -33.17 18.51 -13.37
N ILE C 383 -32.32 19.25 -12.66
CA ILE C 383 -32.37 20.70 -12.61
C ILE C 383 -31.17 21.21 -13.40
N ILE C 384 -31.42 22.12 -14.33
CA ILE C 384 -30.38 22.76 -15.12
C ILE C 384 -30.48 24.25 -14.88
N LEU C 385 -29.38 24.86 -14.46
CA LEU C 385 -29.37 26.27 -14.09
C LEU C 385 -28.29 27.00 -14.89
N MET C 386 -28.66 28.14 -15.45
CA MET C 386 -27.76 28.91 -16.30
C MET C 386 -27.46 30.27 -15.69
N THR C 387 -27.21 30.32 -14.38
CA THR C 387 -26.98 31.58 -13.70
C THR C 387 -25.66 32.21 -14.14
N ASP C 388 -25.72 33.50 -14.48
CA ASP C 388 -24.53 34.29 -14.79
C ASP C 388 -24.00 35.03 -13.57
N GLY C 389 -24.83 35.23 -12.56
CA GLY C 389 -24.50 35.96 -11.36
C GLY C 389 -24.41 35.09 -10.13
N LEU C 390 -25.53 35.03 -9.39
CA LEU C 390 -25.72 34.25 -8.17
C LEU C 390 -25.09 34.91 -6.95
N HIS C 391 -24.94 36.23 -6.97
CA HIS C 391 -24.68 36.98 -5.74
C HIS C 391 -25.94 36.96 -4.91
N ASN C 392 -25.89 36.27 -3.77
CA ASN C 392 -27.10 35.92 -3.03
C ASN C 392 -27.84 37.17 -2.55
N MET C 393 -29.17 37.12 -2.62
CA MET C 393 -30.04 38.19 -2.14
C MET C 393 -31.32 37.53 -1.62
N GLY C 394 -31.34 37.27 -0.32
CA GLY C 394 -32.49 36.63 0.29
C GLY C 394 -32.18 35.27 0.87
N GLY C 395 -30.90 34.98 1.08
CA GLY C 395 -30.47 33.73 1.68
C GLY C 395 -29.71 32.86 0.70
N ASP C 396 -29.36 31.67 1.18
CA ASP C 396 -28.65 30.70 0.37
C ASP C 396 -29.58 29.58 -0.10
N PRO C 397 -29.35 29.04 -1.28
CA PRO C 397 -30.24 27.99 -1.80
C PRO C 397 -29.84 26.59 -1.38
N ILE C 398 -28.98 26.46 -0.37
CA ILE C 398 -28.59 25.14 0.10
C ILE C 398 -29.75 24.47 0.84
N THR C 399 -30.44 25.21 1.70
CA THR C 399 -31.49 24.63 2.54
C THR C 399 -32.63 24.10 1.69
N VAL C 400 -33.00 24.81 0.62
CA VAL C 400 -34.06 24.34 -0.25
C VAL C 400 -33.66 23.11 -1.04
N ILE C 401 -32.38 22.97 -1.39
CA ILE C 401 -31.90 21.70 -1.96
C ILE C 401 -32.04 20.58 -0.95
N ASP C 402 -31.72 20.85 0.31
CA ASP C 402 -31.91 19.85 1.36
C ASP C 402 -33.38 19.46 1.46
N GLU C 403 -34.29 20.43 1.41
CA GLU C 403 -35.71 20.13 1.43
C GLU C 403 -36.12 19.27 0.24
N ILE C 404 -35.60 19.61 -0.95
CA ILE C 404 -35.95 18.88 -2.16
C ILE C 404 -35.53 17.42 -2.04
N ARG C 405 -34.31 17.18 -1.56
CA ARG C 405 -33.85 15.81 -1.43
C ARG C 405 -34.49 15.08 -0.24
N ASP C 406 -34.99 15.82 0.75
CA ASP C 406 -35.72 15.18 1.84
C ASP C 406 -37.13 14.77 1.42
N LEU C 407 -37.73 15.51 0.48
CA LEU C 407 -39.03 15.10 -0.03
C LEU C 407 -38.95 13.78 -0.80
N LEU C 408 -37.84 13.56 -1.49
CA LEU C 408 -37.64 12.35 -2.28
C LEU C 408 -36.93 11.24 -1.51
N TYR C 409 -36.66 11.44 -0.22
CA TYR C 409 -35.98 10.46 0.63
C TYR C 409 -34.60 10.11 0.05
N ILE C 410 -33.75 11.12 0.03
CA ILE C 410 -32.38 11.00 -0.45
C ILE C 410 -31.37 11.17 0.68
N GLY C 411 -31.53 12.21 1.49
CA GLY C 411 -30.60 12.50 2.55
C GLY C 411 -31.03 12.00 3.92
N LYS C 412 -31.58 10.79 3.98
CA LYS C 412 -32.04 10.23 5.24
C LYS C 412 -31.52 8.84 5.55
N ASP C 413 -31.16 8.03 4.55
CA ASP C 413 -30.67 6.68 4.78
C ASP C 413 -29.47 6.40 3.90
N ARG C 414 -28.62 5.49 4.35
CA ARG C 414 -27.45 5.07 3.59
C ARG C 414 -27.59 3.68 2.97
N LYS C 415 -28.52 2.86 3.45
CA LYS C 415 -28.77 1.57 2.82
C LYS C 415 -29.40 1.75 1.44
N ASN C 416 -30.27 2.76 1.30
CA ASN C 416 -30.90 3.09 0.02
C ASN C 416 -30.70 4.59 -0.20
N PRO C 417 -29.50 5.00 -0.58
CA PRO C 417 -29.24 6.45 -0.75
C PRO C 417 -30.14 7.10 -1.79
N ARG C 418 -30.42 6.40 -2.89
CA ARG C 418 -31.24 6.94 -3.98
C ARG C 418 -30.70 8.28 -4.48
N GLU C 419 -29.37 8.37 -4.56
CA GLU C 419 -28.72 9.62 -4.92
C GLU C 419 -28.87 9.97 -6.40
N ASP C 420 -29.22 8.98 -7.23
CA ASP C 420 -29.25 9.17 -8.68
C ASP C 420 -30.60 9.66 -9.19
N TYR C 421 -31.56 9.92 -8.30
CA TYR C 421 -32.87 10.39 -8.72
C TYR C 421 -32.97 11.90 -8.75
N LEU C 422 -31.96 12.62 -8.27
CA LEU C 422 -31.87 14.06 -8.41
C LEU C 422 -30.50 14.43 -8.92
N ASP C 423 -30.45 15.24 -9.97
CA ASP C 423 -29.18 15.72 -10.51
C ASP C 423 -29.31 17.20 -10.82
N VAL C 424 -28.37 17.99 -10.31
CA VAL C 424 -28.35 19.44 -10.52
C VAL C 424 -27.10 19.78 -11.32
N TYR C 425 -27.29 20.45 -12.45
CA TYR C 425 -26.22 20.91 -13.30
C TYR C 425 -26.27 22.43 -13.34
N VAL C 426 -25.14 23.09 -13.08
CA VAL C 426 -25.05 24.54 -13.09
C VAL C 426 -23.95 24.93 -14.06
N PHE C 427 -24.28 25.80 -15.01
CA PHE C 427 -23.33 26.28 -16.02
C PHE C 427 -22.93 27.70 -15.68
N GLY C 428 -21.61 27.96 -15.69
CA GLY C 428 -21.08 29.26 -15.37
C GLY C 428 -20.79 30.06 -16.62
N VAL C 429 -21.24 31.31 -16.62
CA VAL C 429 -21.08 32.20 -17.77
C VAL C 429 -20.40 33.48 -17.30
N GLY C 430 -19.43 33.94 -18.08
CA GLY C 430 -18.76 35.19 -17.79
C GLY C 430 -17.67 35.04 -16.74
N PRO C 431 -16.89 36.09 -16.55
CA PRO C 431 -15.80 36.05 -15.56
C PRO C 431 -16.21 36.45 -14.15
N LEU C 432 -17.47 36.86 -13.93
CA LEU C 432 -17.94 37.28 -12.62
C LEU C 432 -18.53 36.14 -11.81
N VAL C 433 -18.13 34.91 -12.09
CA VAL C 433 -18.72 33.73 -11.45
C VAL C 433 -17.99 33.45 -10.14
N ASN C 434 -18.74 32.98 -9.15
CA ASN C 434 -18.19 32.53 -7.88
C ASN C 434 -18.22 31.00 -7.89
N GLN C 435 -17.05 30.38 -8.02
CA GLN C 435 -17.01 28.94 -8.26
C GLN C 435 -17.39 28.14 -7.03
N VAL C 436 -17.06 28.62 -5.82
CA VAL C 436 -17.38 27.87 -4.63
C VAL C 436 -18.88 27.84 -4.38
N ASN C 437 -19.56 28.96 -4.65
CA ASN C 437 -21.01 29.01 -4.47
C ASN C 437 -21.73 28.10 -5.47
N ILE C 438 -21.27 28.11 -6.73
CA ILE C 438 -21.82 27.21 -7.74
C ILE C 438 -21.58 25.75 -7.36
N ASN C 439 -20.38 25.44 -6.88
CA ASN C 439 -20.07 24.06 -6.50
C ASN C 439 -20.90 23.61 -5.32
N ALA C 440 -21.10 24.48 -4.32
CA ALA C 440 -21.93 24.14 -3.18
C ALA C 440 -23.41 24.06 -3.55
N LEU C 441 -23.81 24.70 -4.65
CA LEU C 441 -25.20 24.65 -5.10
C LEU C 441 -25.50 23.44 -5.97
N ALA C 442 -24.52 22.93 -6.71
CA ALA C 442 -24.73 21.83 -7.64
C ALA C 442 -24.55 20.49 -6.92
N SER C 443 -24.64 19.40 -7.67
CA SER C 443 -24.47 18.06 -7.13
C SER C 443 -23.04 17.57 -7.34
N LYS C 444 -22.71 16.48 -6.65
CA LYS C 444 -21.38 15.90 -6.74
C LYS C 444 -21.48 14.39 -6.65
N LYS C 445 -21.08 13.70 -7.73
CA LYS C 445 -20.99 12.25 -7.76
C LYS C 445 -19.68 11.87 -8.42
N ASP C 446 -19.05 10.80 -7.94
CA ASP C 446 -17.70 10.49 -8.39
C ASP C 446 -17.67 10.11 -9.86
N ASN C 447 -16.52 10.35 -10.49
CA ASN C 447 -16.27 10.09 -11.91
C ASN C 447 -17.19 10.88 -12.82
N GLU C 448 -17.87 11.91 -12.31
CA GLU C 448 -18.80 12.69 -13.10
C GLU C 448 -18.63 14.17 -12.74
N GLN C 449 -18.89 15.02 -13.72
CA GLN C 449 -18.73 16.48 -13.57
C GLN C 449 -20.09 17.15 -13.73
N HIS C 450 -20.56 17.77 -12.65
CA HIS C 450 -21.84 18.49 -12.65
C HIS C 450 -21.68 20.00 -12.68
N VAL C 451 -20.45 20.51 -12.57
CA VAL C 451 -20.18 21.94 -12.56
C VAL C 451 -19.33 22.27 -13.77
N PHE C 452 -19.73 23.28 -14.53
CA PHE C 452 -19.05 23.69 -15.74
C PHE C 452 -18.75 25.18 -15.70
N LYS C 453 -18.05 25.66 -16.72
CA LYS C 453 -17.69 27.06 -16.84
C LYS C 453 -17.22 27.36 -18.26
N VAL C 454 -17.70 28.45 -18.85
CA VAL C 454 -17.35 28.79 -20.22
C VAL C 454 -16.87 30.24 -20.26
N LYS C 455 -16.07 30.55 -21.28
CA LYS C 455 -15.52 31.90 -21.42
C LYS C 455 -16.58 32.90 -21.83
N ASP C 456 -17.38 32.55 -22.83
CA ASP C 456 -18.35 33.47 -23.41
C ASP C 456 -19.68 32.73 -23.60
N MET C 457 -20.72 33.51 -23.92
CA MET C 457 -22.01 32.90 -24.22
C MET C 457 -21.95 32.03 -25.46
N GLU C 458 -20.99 32.30 -26.36
CA GLU C 458 -20.88 31.50 -27.58
C GLU C 458 -20.65 30.04 -27.27
N ASN C 459 -19.78 29.74 -26.30
CA ASN C 459 -19.52 28.35 -25.93
C ASN C 459 -20.77 27.66 -25.41
N LEU C 460 -21.72 28.42 -24.85
CA LEU C 460 -22.94 27.82 -24.33
C LEU C 460 -23.73 27.11 -25.41
N GLU C 461 -23.88 27.72 -26.58
CA GLU C 461 -24.51 27.04 -27.71
C GLU C 461 -23.53 26.20 -28.51
N ASP C 462 -22.22 26.44 -28.39
CA ASP C 462 -21.27 25.52 -28.99
C ASP C 462 -21.40 24.12 -28.39
N VAL C 463 -21.56 24.05 -27.06
CA VAL C 463 -21.72 22.77 -26.39
C VAL C 463 -22.91 22.00 -26.97
N PHE C 464 -24.06 22.67 -27.06
CA PHE C 464 -25.27 21.98 -27.48
C PHE C 464 -25.29 21.72 -28.99
N TYR C 465 -24.68 22.57 -29.80
CA TYR C 465 -24.54 22.24 -31.22
C TYR C 465 -23.63 21.04 -31.41
N GLN C 466 -22.57 20.93 -30.61
CA GLN C 466 -21.73 19.74 -30.66
C GLN C 466 -22.51 18.51 -30.23
N MET C 467 -23.35 18.64 -29.21
CA MET C 467 -24.16 17.51 -28.78
C MET C 467 -25.16 17.08 -29.86
N ILE C 468 -25.74 18.05 -30.58
CA ILE C 468 -26.60 17.72 -31.71
C ILE C 468 -25.81 17.01 -32.79
N ASP C 469 -24.63 17.54 -33.13
CA ASP C 469 -23.83 16.98 -34.21
C ASP C 469 -23.24 15.62 -33.87
N GLU C 470 -23.18 15.27 -32.58
CA GLU C 470 -22.62 13.97 -32.19
C GLU C 470 -23.43 12.83 -32.79
N SER C 471 -24.76 12.93 -32.76
CA SER C 471 -25.61 11.87 -33.31
C SER C 471 -25.71 11.91 -34.83
N GLN C 472 -25.20 12.96 -35.47
CA GLN C 472 -25.26 13.05 -36.92
C GLN C 472 -24.34 12.01 -37.57
N SER C 473 -24.67 11.65 -38.80
CA SER C 473 -23.81 10.74 -39.56
C SER C 473 -22.47 11.39 -39.84
N LEU C 474 -21.44 10.57 -39.99
CA LEU C 474 -20.07 11.05 -40.12
C LEU C 474 -19.83 11.78 -41.43
N SER C 475 -20.89 11.97 -42.24
CA SER C 475 -20.74 12.55 -43.56
C SER C 475 -20.27 14.01 -43.49
N LEU C 476 -20.85 14.81 -42.60
CA LEU C 476 -20.57 16.23 -42.61
C LEU C 476 -19.19 16.53 -42.04
N CYS C 477 -18.58 17.60 -42.55
CA CYS C 477 -17.25 18.02 -42.14
C CYS C 477 -17.32 18.90 -40.89
N GLY C 478 -16.15 19.08 -40.26
CA GLY C 478 -16.04 19.90 -39.07
C GLY C 478 -16.27 19.16 -37.76
N MET C 479 -16.62 17.89 -37.80
CA MET C 479 -16.88 17.12 -36.60
C MET C 479 -15.57 16.66 -35.97
N VAL C 480 -15.30 17.12 -34.75
CA VAL C 480 -14.14 16.67 -33.97
C VAL C 480 -14.62 16.45 -32.54
N TRP C 481 -14.55 15.22 -32.07
CA TRP C 481 -14.94 14.88 -30.72
C TRP C 481 -13.71 14.81 -29.82
N GLU C 482 -13.77 15.49 -28.67
CA GLU C 482 -12.67 15.51 -27.72
C GLU C 482 -12.76 14.28 -26.83
N HIS C 483 -12.20 13.18 -27.33
CA HIS C 483 -12.21 11.93 -26.58
CA HIS C 483 -12.21 11.93 -26.58
C HIS C 483 -11.33 12.05 -25.33
N ARG C 484 -11.74 11.32 -24.28
CA ARG C 484 -11.01 11.38 -23.02
C ARG C 484 -9.60 10.82 -23.16
N LYS C 485 -9.44 9.75 -23.92
CA LYS C 485 -8.15 9.08 -24.11
C LYS C 485 -7.68 9.18 -25.56
N GLY C 486 -7.83 10.35 -26.16
CA GLY C 486 -7.47 10.53 -27.54
C GLY C 486 -5.97 10.57 -27.76
N THR C 487 -5.58 10.42 -29.02
CA THR C 487 -4.19 10.46 -29.45
C THR C 487 -3.88 11.82 -30.07
N ASP C 488 -2.69 11.93 -30.68
CA ASP C 488 -2.28 13.19 -31.28
C ASP C 488 -3.23 13.61 -32.39
N TYR C 489 -3.51 12.71 -33.33
CA TYR C 489 -4.37 13.05 -34.46
C TYR C 489 -5.84 13.15 -34.08
N HIS C 490 -6.21 12.76 -32.87
CA HIS C 490 -7.59 12.92 -32.43
C HIS C 490 -7.98 14.37 -32.28
N LYS C 491 -7.02 15.29 -32.22
CA LYS C 491 -7.30 16.71 -32.13
C LYS C 491 -7.22 17.42 -33.47
N GLN C 492 -6.38 16.97 -34.39
CA GLN C 492 -6.23 17.54 -35.72
C GLN C 492 -6.26 16.41 -36.74
N PRO C 493 -7.46 15.89 -37.07
CA PRO C 493 -7.53 14.75 -37.99
C PRO C 493 -7.47 15.14 -39.46
N TRP C 494 -7.71 16.40 -39.80
CA TRP C 494 -7.72 16.83 -41.20
C TRP C 494 -6.32 16.85 -41.81
N GLN C 495 -5.28 16.92 -40.99
CA GLN C 495 -3.93 17.10 -41.50
C GLN C 495 -3.44 15.87 -42.25
N ALA C 496 -2.77 16.08 -43.38
CA ALA C 496 -2.13 15.02 -44.15
C ALA C 496 -0.72 15.45 -44.48
N LYS C 497 0.21 14.49 -44.47
CA LYS C 497 1.63 14.77 -44.72
C LYS C 497 2.02 14.20 -46.07
N ILE C 498 2.81 14.95 -46.83
CA ILE C 498 3.26 14.54 -48.14
C ILE C 498 4.79 14.60 -48.17
N SER C 499 5.41 13.51 -48.61
CA SER C 499 6.85 13.40 -48.75
C SER C 499 7.22 13.28 -50.22
N VAL C 500 8.26 14.00 -50.62
CA VAL C 500 8.77 14.01 -51.99
C VAL C 500 10.18 13.47 -51.97
N ILE C 501 10.42 12.42 -52.75
CA ILE C 501 11.73 11.78 -52.87
C ILE C 501 12.29 12.15 -54.23
N ARG C 502 13.50 12.71 -54.24
CA ARG C 502 14.14 13.13 -55.46
C ARG C 502 15.54 12.52 -55.57
N PRO C 503 16.01 12.26 -56.79
CA PRO C 503 17.32 11.61 -56.94
C PRO C 503 18.44 12.54 -56.50
N SER C 504 19.27 12.06 -55.57
CA SER C 504 20.42 12.78 -55.05
C SER C 504 20.04 14.12 -54.43
N LYS C 505 18.78 14.28 -54.04
CA LYS C 505 18.28 15.51 -53.44
C LYS C 505 17.50 15.19 -52.18
N GLY C 506 17.57 16.11 -51.22
CA GLY C 506 16.88 15.93 -49.95
C GLY C 506 15.39 15.79 -50.08
N HIS C 507 14.81 14.84 -49.35
CA HIS C 507 13.37 14.64 -49.36
C HIS C 507 12.66 15.87 -48.80
N GLU C 508 11.58 16.27 -49.46
CA GLU C 508 10.83 17.45 -49.07
C GLU C 508 9.54 17.04 -48.37
N SER C 509 9.31 17.58 -47.18
CA SER C 509 8.14 17.26 -46.37
C SER C 509 7.22 18.46 -46.29
N CYS C 510 5.96 18.26 -46.64
CA CYS C 510 4.95 19.31 -46.54
C CYS C 510 3.67 18.70 -45.99
N MET C 511 2.67 19.55 -45.76
CA MET C 511 1.38 19.08 -45.28
C MET C 511 0.24 19.83 -45.96
N GLY C 512 -0.93 19.21 -45.95
CA GLY C 512 -2.13 19.75 -46.53
C GLY C 512 -3.36 19.30 -45.78
N ALA C 513 -4.52 19.71 -46.27
CA ALA C 513 -5.80 19.43 -45.62
C ALA C 513 -6.62 18.50 -46.50
N VAL C 514 -7.22 17.49 -45.87
CA VAL C 514 -8.12 16.58 -46.56
C VAL C 514 -9.50 17.22 -46.60
N VAL C 515 -9.98 17.53 -47.80
CA VAL C 515 -11.25 18.23 -47.98
C VAL C 515 -12.37 17.30 -48.46
N SER C 516 -12.04 16.10 -48.89
CA SER C 516 -13.04 15.14 -49.38
C SER C 516 -12.44 13.76 -49.34
N GLU C 517 -13.12 12.79 -49.94
CA GLU C 517 -12.64 11.41 -50.02
C GLU C 517 -11.72 11.17 -51.19
N TYR C 518 -11.50 12.17 -52.05
CA TYR C 518 -10.64 11.99 -53.22
C TYR C 518 -9.64 13.10 -53.46
N PHE C 519 -9.79 14.28 -52.84
CA PHE C 519 -8.94 15.42 -53.15
C PHE C 519 -8.29 15.95 -51.88
N VAL C 520 -7.01 16.30 -52.00
CA VAL C 520 -6.24 16.91 -50.91
C VAL C 520 -5.72 18.25 -51.39
N LEU C 521 -6.02 19.31 -50.63
CA LEU C 521 -5.58 20.66 -50.95
C LEU C 521 -4.21 20.90 -50.32
N THR C 522 -3.28 21.43 -51.11
CA THR C 522 -1.95 21.71 -50.56
C THR C 522 -1.31 22.84 -51.35
N ALA C 523 -0.10 23.20 -50.95
CA ALA C 523 0.67 24.17 -51.71
C ALA C 523 1.26 23.52 -52.95
N ALA C 524 1.59 24.34 -53.94
CA ALA C 524 2.14 23.85 -55.19
C ALA C 524 3.66 23.97 -55.26
N HIS C 525 4.26 24.90 -54.51
CA HIS C 525 5.72 25.04 -54.55
C HIS C 525 6.43 23.88 -53.87
N CYS C 526 5.72 23.03 -53.14
CA CYS C 526 6.31 21.82 -52.58
C CYS C 526 6.55 20.75 -53.65
N PHE C 527 6.05 20.95 -54.86
CA PHE C 527 6.17 19.96 -55.92
C PHE C 527 6.53 20.64 -57.22
N THR C 528 7.12 19.87 -58.14
CA THR C 528 7.50 20.35 -59.45
C THR C 528 6.92 19.42 -60.51
N VAL C 529 6.77 19.95 -61.72
CA VAL C 529 6.32 19.15 -62.85
C VAL C 529 7.33 18.06 -63.18
N ASP C 530 8.59 18.24 -62.77
CA ASP C 530 9.59 17.20 -63.00
C ASP C 530 9.31 15.95 -62.18
N ASP C 531 8.60 16.08 -61.06
CA ASP C 531 8.32 14.93 -60.22
C ASP C 531 7.38 13.97 -60.91
N LYS C 532 7.65 12.67 -60.76
CA LYS C 532 6.85 11.62 -61.37
C LYS C 532 5.82 11.10 -60.37
N GLU C 533 4.98 10.18 -60.86
CA GLU C 533 3.92 9.62 -60.02
C GLU C 533 4.48 8.85 -58.84
N HIS C 534 5.58 8.11 -59.06
CA HIS C 534 6.14 7.26 -58.03
C HIS C 534 6.91 8.03 -56.96
N SER C 535 7.13 9.33 -57.14
CA SER C 535 8.01 10.10 -56.27
C SER C 535 7.26 10.85 -55.18
N ILE C 536 5.96 10.60 -55.00
CA ILE C 536 5.15 11.29 -54.00
C ILE C 536 4.52 10.25 -53.08
N LYS C 537 4.65 10.47 -51.78
CA LYS C 537 4.04 9.59 -50.77
C LYS C 537 3.16 10.42 -49.86
N VAL C 538 2.03 9.84 -49.45
CA VAL C 538 1.04 10.54 -48.63
C VAL C 538 0.78 9.69 -47.38
N SER C 539 0.78 10.34 -46.22
CA SER C 539 0.50 9.70 -44.94
C SER C 539 -0.61 10.47 -44.24
N VAL C 540 -1.53 9.74 -43.62
CA VAL C 540 -2.64 10.33 -42.88
C VAL C 540 -2.78 9.61 -41.55
N GLY C 541 -2.95 10.38 -40.47
CA GLY C 541 -3.19 9.81 -39.17
C GLY C 541 -2.06 8.99 -38.60
N GLY C 542 -0.83 9.25 -39.01
CA GLY C 542 0.31 8.50 -38.52
C GLY C 542 0.27 7.04 -38.89
N GLU C 543 -0.03 6.74 -40.16
CA GLU C 543 -0.16 5.38 -40.64
C GLU C 543 0.98 5.09 -41.62
N LYS C 544 1.62 3.93 -41.45
CA LYS C 544 2.74 3.55 -42.31
C LYS C 544 2.26 3.26 -43.73
N ARG C 545 1.09 2.66 -43.88
CA ARG C 545 0.58 2.31 -45.20
C ARG C 545 0.37 3.56 -46.04
N ASP C 546 0.84 3.52 -47.29
CA ASP C 546 0.74 4.63 -48.20
C ASP C 546 -0.41 4.43 -49.18
N LEU C 547 -0.77 5.50 -49.88
CA LEU C 547 -1.84 5.49 -50.87
C LEU C 547 -1.27 5.97 -52.20
N GLU C 548 -1.57 5.24 -53.26
CA GLU C 548 -1.09 5.61 -54.60
C GLU C 548 -1.77 6.90 -55.06
N ILE C 549 -1.02 7.69 -55.82
CA ILE C 549 -1.52 8.95 -56.34
C ILE C 549 -1.99 8.73 -57.77
N GLU C 550 -2.88 9.61 -58.23
CA GLU C 550 -3.42 9.54 -59.58
C GLU C 550 -3.05 10.75 -60.42
N VAL C 551 -3.28 11.96 -59.91
CA VAL C 551 -2.97 13.17 -60.67
C VAL C 551 -2.82 14.33 -59.69
N VAL C 552 -2.01 15.31 -60.08
CA VAL C 552 -1.86 16.56 -59.36
C VAL C 552 -2.25 17.70 -60.31
N LEU C 553 -3.12 18.58 -59.83
CA LEU C 553 -3.66 19.66 -60.64
C LEU C 553 -3.11 21.00 -60.15
N PHE C 554 -2.67 21.82 -61.11
CA PHE C 554 -2.08 23.12 -60.83
C PHE C 554 -2.91 24.20 -61.50
N HIS C 555 -2.85 25.40 -60.94
CA HIS C 555 -3.56 26.52 -61.52
C HIS C 555 -2.99 26.86 -62.89
N PRO C 556 -3.84 27.18 -63.88
CA PRO C 556 -3.32 27.50 -65.21
C PRO C 556 -2.39 28.69 -65.22
N ASN C 557 -2.61 29.67 -64.36
CA ASN C 557 -1.73 30.83 -64.26
C ASN C 557 -0.58 30.62 -63.28
N TYR C 558 -0.55 29.49 -62.59
CA TYR C 558 0.52 29.23 -61.63
C TYR C 558 1.83 28.93 -62.34
N ASN C 559 2.92 29.48 -61.81
CA ASN C 559 4.25 29.22 -62.34
C ASN C 559 5.27 29.57 -61.27
N ILE C 560 6.07 28.58 -60.87
CA ILE C 560 7.12 28.82 -59.88
C ILE C 560 8.41 29.34 -60.51
N ASN C 561 8.53 29.31 -61.83
CA ASN C 561 9.72 29.78 -62.51
C ASN C 561 9.78 31.31 -62.52
N LYS C 563 8.61 35.81 -63.61
CA LYS C 563 9.23 37.10 -63.35
C LYS C 563 10.74 36.95 -63.18
N LYS C 564 11.32 36.04 -63.98
CA LYS C 564 12.76 35.82 -63.93
C LYS C 564 13.54 37.03 -64.44
N GLU C 565 13.01 37.73 -65.43
CA GLU C 565 13.67 38.90 -66.00
C GLU C 565 13.37 40.18 -65.25
N ALA C 566 12.51 40.14 -64.24
CA ALA C 566 12.14 41.32 -63.46
C ALA C 566 13.02 41.51 -62.23
N GLY C 567 14.02 40.66 -62.02
CA GLY C 567 14.89 40.75 -60.86
C GLY C 567 14.34 40.09 -59.62
N ILE C 568 13.15 39.52 -59.67
CA ILE C 568 12.53 38.84 -58.53
C ILE C 568 12.83 37.35 -58.65
N PRO C 569 13.60 36.76 -57.74
CA PRO C 569 13.95 35.34 -57.90
C PRO C 569 12.79 34.40 -57.70
N GLU C 570 11.95 34.63 -56.69
CA GLU C 570 10.86 33.73 -56.34
C GLU C 570 9.52 34.45 -56.39
N PHE C 571 8.51 33.78 -56.92
CA PHE C 571 7.15 34.32 -56.99
C PHE C 571 6.17 33.22 -56.59
N TYR C 572 5.07 33.62 -55.96
CA TYR C 572 4.12 32.65 -55.43
C TYR C 572 2.69 32.94 -55.88
N ASP C 573 2.49 33.18 -57.16
CA ASP C 573 1.15 33.47 -57.68
C ASP C 573 0.39 32.18 -57.89
N TYR C 574 -0.78 32.08 -57.23
CA TYR C 574 -1.67 30.91 -57.35
C TYR C 574 -0.92 29.62 -57.03
N ASP C 575 -0.13 29.66 -55.96
CA ASP C 575 0.70 28.52 -55.54
C ASP C 575 -0.16 27.51 -54.77
N VAL C 576 -1.05 26.85 -55.51
CA VAL C 576 -1.95 25.85 -54.94
C VAL C 576 -1.89 24.59 -55.78
N ALA C 577 -2.18 23.45 -55.13
CA ALA C 577 -2.12 22.15 -55.77
C ALA C 577 -3.27 21.29 -55.27
N LEU C 578 -3.94 20.61 -56.20
CA LEU C 578 -5.04 19.69 -55.89
C LEU C 578 -4.63 18.27 -56.24
N ILE C 579 -4.44 17.44 -55.23
CA ILE C 579 -4.00 16.06 -55.42
C ILE C 579 -5.25 15.18 -55.43
N LYS C 580 -5.47 14.48 -56.53
CA LYS C 580 -6.61 13.57 -56.66
C LYS C 580 -6.16 12.16 -56.28
N LEU C 581 -6.80 11.57 -55.28
CA LEU C 581 -6.40 10.27 -54.79
C LEU C 581 -6.83 9.17 -55.75
N LYS C 582 -6.07 8.07 -55.75
CA LYS C 582 -6.38 6.95 -56.62
C LYS C 582 -7.68 6.27 -56.21
N ASN C 583 -7.94 6.14 -54.91
CA ASN C 583 -9.09 5.42 -54.40
C ASN C 583 -9.91 6.36 -53.52
N LYS C 584 -10.95 5.79 -52.90
CA LYS C 584 -11.77 6.53 -51.95
C LYS C 584 -11.23 6.38 -50.54
N LEU C 585 -11.50 7.39 -49.71
CA LEU C 585 -11.04 7.40 -48.33
C LEU C 585 -12.13 6.86 -47.42
N LYS C 586 -11.78 5.91 -46.55
CA LYS C 586 -12.69 5.40 -45.54
C LYS C 586 -12.59 6.26 -44.30
N TYR C 587 -13.74 6.76 -43.84
CA TYR C 587 -13.75 7.65 -42.68
C TYR C 587 -13.37 6.88 -41.42
N GLY C 588 -12.44 7.44 -40.66
CA GLY C 588 -11.97 6.82 -39.45
C GLY C 588 -11.95 7.77 -38.26
N GLN C 589 -11.37 7.32 -37.15
CA GLN C 589 -11.33 8.16 -35.96
C GLN C 589 -10.40 9.36 -36.15
N THR C 590 -9.32 9.19 -36.93
CA THR C 590 -8.37 10.26 -37.18
C THR C 590 -8.32 10.71 -38.63
N ILE C 591 -9.18 10.17 -39.49
CA ILE C 591 -9.27 10.57 -40.89
C ILE C 591 -10.67 11.11 -41.11
N ARG C 592 -10.77 12.41 -41.35
CA ARG C 592 -12.08 13.04 -41.37
C ARG C 592 -11.99 14.38 -42.07
N PRO C 593 -12.90 14.68 -42.99
CA PRO C 593 -12.73 15.80 -43.91
C PRO C 593 -12.96 17.15 -43.25
N ILE C 594 -12.71 18.20 -44.03
CA ILE C 594 -12.89 19.57 -43.59
C ILE C 594 -13.75 20.30 -44.62
N CYS C 595 -14.44 21.35 -44.16
CA CYS C 595 -15.34 22.09 -45.03
C CYS C 595 -14.57 23.09 -45.88
N LEU C 596 -15.27 23.69 -46.84
CA LEU C 596 -14.70 24.65 -47.77
C LEU C 596 -15.54 25.91 -47.78
N PRO C 597 -14.93 27.07 -48.05
CA PRO C 597 -15.69 28.33 -48.04
C PRO C 597 -16.76 28.36 -49.13
N CYS C 598 -17.85 29.04 -48.82
CA CYS C 598 -18.96 29.26 -49.75
C CYS C 598 -19.52 27.92 -50.25
N THR C 599 -19.93 27.09 -49.29
CA THR C 599 -20.53 25.79 -49.57
C THR C 599 -21.74 25.61 -48.66
N GLU C 600 -22.61 24.68 -49.04
CA GLU C 600 -23.79 24.40 -48.24
C GLU C 600 -23.41 23.84 -46.87
N GLY C 601 -22.36 23.02 -46.82
CA GLY C 601 -21.85 22.55 -45.54
C GLY C 601 -21.38 23.71 -44.67
N THR C 602 -20.69 24.68 -45.28
CA THR C 602 -20.31 25.88 -44.54
C THR C 602 -21.55 26.68 -44.11
N THR C 603 -22.57 26.71 -44.97
CA THR C 603 -23.79 27.45 -44.65
C THR C 603 -24.47 26.86 -43.42
N ARG C 604 -24.58 25.54 -43.35
CA ARG C 604 -25.18 24.90 -42.19
C ARG C 604 -24.23 24.86 -41.00
N ALA C 605 -22.92 25.03 -41.23
CA ALA C 605 -21.97 25.04 -40.12
C ALA C 605 -22.08 26.31 -39.31
N LEU C 606 -22.22 27.46 -39.98
CA LEU C 606 -22.31 28.75 -39.32
C LEU C 606 -23.70 29.01 -38.73
N ARG C 607 -24.59 28.03 -38.78
CA ARG C 607 -25.94 28.14 -38.22
C ARG C 607 -26.69 29.32 -38.81
N LEU C 608 -26.87 29.26 -40.12
CA LEU C 608 -27.54 30.31 -40.89
C LEU C 608 -28.48 29.65 -41.88
N PRO C 609 -29.51 30.38 -42.32
CA PRO C 609 -30.40 29.83 -43.34
C PRO C 609 -29.65 29.57 -44.62
N PRO C 610 -30.10 28.59 -45.43
CA PRO C 610 -29.38 28.26 -46.66
C PRO C 610 -29.34 29.40 -47.67
N THR C 611 -30.23 30.40 -47.55
CA THR C 611 -30.24 31.52 -48.48
C THR C 611 -29.04 32.46 -48.30
N THR C 612 -28.25 32.27 -47.25
CA THR C 612 -27.08 33.13 -47.03
C THR C 612 -26.11 33.03 -48.21
N THR C 613 -25.54 34.17 -48.58
CA THR C 613 -24.68 34.25 -49.75
C THR C 613 -23.23 34.01 -49.39
N CYS C 614 -22.42 33.75 -50.42
CA CYS C 614 -20.99 33.54 -50.23
C CYS C 614 -20.30 34.80 -49.73
N GLN C 615 -20.71 35.96 -50.24
CA GLN C 615 -20.14 37.22 -49.78
C GLN C 615 -20.45 37.46 -48.31
N GLN C 616 -21.67 37.11 -47.88
CA GLN C 616 -22.01 37.23 -46.46
C GLN C 616 -21.15 36.33 -45.60
N GLN C 617 -20.87 35.11 -46.08
CA GLN C 617 -19.98 34.21 -45.35
C GLN C 617 -18.57 34.78 -45.27
N LYS C 618 -18.09 35.38 -46.37
CA LYS C 618 -16.77 36.00 -46.34
C LYS C 618 -16.73 37.13 -45.32
N GLU C 619 -17.77 37.96 -45.29
CA GLU C 619 -17.82 39.05 -44.32
C GLU C 619 -17.86 38.53 -42.90
N GLU C 620 -18.64 37.47 -42.65
CA GLU C 620 -18.77 36.94 -41.29
C GLU C 620 -17.47 36.30 -40.81
N LEU C 621 -16.88 35.43 -41.64
CA LEU C 621 -15.66 34.74 -41.26
C LEU C 621 -14.44 35.65 -41.35
N LEU C 622 -14.44 36.60 -42.28
CA LEU C 622 -13.32 37.52 -42.49
C LEU C 622 -13.84 38.95 -42.48
N PRO C 623 -14.10 39.50 -41.30
CA PRO C 623 -14.54 40.90 -41.23
C PRO C 623 -13.38 41.85 -41.49
N ALA C 624 -13.72 43.14 -41.59
CA ALA C 624 -12.70 44.16 -41.83
C ALA C 624 -12.01 44.56 -40.54
N GLN C 625 -11.55 43.57 -39.78
CA GLN C 625 -10.83 43.77 -38.52
C GLN C 625 -9.87 42.60 -38.35
N ASP C 626 -9.35 42.43 -37.14
CA ASP C 626 -8.52 41.29 -36.83
C ASP C 626 -9.35 40.02 -36.81
N ILE C 627 -8.78 38.92 -37.30
CA ILE C 627 -9.47 37.64 -37.40
C ILE C 627 -8.65 36.59 -36.66
N LYS C 628 -9.31 35.85 -35.76
CA LYS C 628 -8.64 34.78 -35.04
C LYS C 628 -8.54 33.54 -35.91
N ALA C 629 -7.46 32.78 -35.74
CA ALA C 629 -7.31 31.49 -36.40
C ALA C 629 -6.15 30.76 -35.72
N LEU C 630 -5.87 29.56 -36.22
CA LEU C 630 -4.72 28.81 -35.73
C LEU C 630 -4.22 27.90 -36.84
N PHE C 631 -2.95 27.50 -36.73
CA PHE C 631 -2.34 26.60 -37.68
C PHE C 631 -1.67 25.45 -36.94
N VAL C 632 -1.67 24.28 -37.57
CA VAL C 632 -1.15 23.07 -36.93
C VAL C 632 0.34 22.96 -37.23
N SER C 633 1.14 22.77 -36.19
CA SER C 633 2.58 22.65 -36.30
C SER C 633 3.01 21.27 -35.81
N GLU C 634 4.11 20.77 -36.37
CA GLU C 634 4.69 19.49 -36.00
C GLU C 634 6.03 19.70 -35.31
N GLU C 635 6.18 19.14 -34.13
CA GLU C 635 7.41 19.26 -33.36
C GLU C 635 7.65 17.95 -32.63
N GLU C 636 8.74 17.26 -32.98
CA GLU C 636 9.10 15.98 -32.38
C GLU C 636 7.96 14.96 -32.55
N LYS C 637 7.64 14.68 -33.81
CA LYS C 637 6.63 13.69 -34.22
C LYS C 637 5.31 13.87 -33.46
N LYS C 638 5.04 15.09 -33.00
CA LYS C 638 3.81 15.42 -32.30
C LYS C 638 3.21 16.69 -32.91
N LEU C 639 1.89 16.78 -32.86
CA LEU C 639 1.15 17.86 -33.50
C LEU C 639 0.53 18.78 -32.45
N THR C 640 0.65 20.08 -32.68
CA THR C 640 0.06 21.07 -31.78
C THR C 640 -0.55 22.19 -32.62
N ARG C 641 -1.21 23.12 -31.93
CA ARG C 641 -1.86 24.26 -32.58
C ARG C 641 -1.21 25.55 -32.10
N LYS C 642 -0.91 26.45 -33.04
CA LYS C 642 -0.37 27.77 -32.73
C LYS C 642 -1.38 28.81 -33.23
N GLU C 643 -1.79 29.70 -32.34
CA GLU C 643 -2.78 30.70 -32.67
C GLU C 643 -2.15 31.82 -33.51
N VAL C 644 -2.82 32.20 -34.59
CA VAL C 644 -2.33 33.25 -35.49
C VAL C 644 -3.51 34.14 -35.87
N TYR C 645 -3.22 35.40 -36.13
CA TYR C 645 -4.24 36.40 -36.39
C TYR C 645 -4.05 37.01 -37.78
N ILE C 646 -5.17 37.17 -38.48
CA ILE C 646 -5.21 37.72 -39.83
C ILE C 646 -5.58 39.19 -39.75
N LYS C 647 -4.79 40.03 -40.42
CA LYS C 647 -5.03 41.47 -40.46
C LYS C 647 -5.73 41.78 -41.78
N ASN C 648 -7.03 42.04 -41.70
CA ASN C 648 -7.85 42.34 -42.87
C ASN C 648 -8.35 43.78 -42.89
N GLY C 649 -7.76 44.66 -42.08
CA GLY C 649 -8.20 46.04 -42.04
C GLY C 649 -7.08 47.03 -42.31
N ASP C 650 -6.88 47.97 -41.38
CA ASP C 650 -5.83 48.97 -41.54
C ASP C 650 -4.43 48.34 -41.46
N LYS C 651 -4.29 47.25 -40.70
CA LYS C 651 -2.99 46.62 -40.52
C LYS C 651 -2.53 45.83 -41.74
N LYS C 652 -3.41 45.62 -42.73
CA LYS C 652 -3.02 44.84 -43.90
C LYS C 652 -1.95 45.55 -44.71
N GLY C 653 -2.17 46.83 -45.05
CA GLY C 653 -1.26 47.54 -45.92
C GLY C 653 0.16 47.60 -45.37
N SER C 654 0.28 47.84 -44.06
CA SER C 654 1.59 47.79 -43.44
C SER C 654 2.16 46.37 -43.44
N CYS C 655 1.33 45.37 -43.16
CA CYS C 655 1.83 44.00 -43.04
C CYS C 655 2.42 43.52 -44.36
N GLU C 656 1.76 43.85 -45.48
CA GLU C 656 2.26 43.51 -46.79
C GLU C 656 3.65 44.08 -47.06
N ARG C 657 4.01 45.18 -46.40
CA ARG C 657 5.34 45.73 -46.57
C ARG C 657 6.43 44.86 -45.96
N ASP C 658 6.12 44.10 -44.91
CA ASP C 658 7.13 43.29 -44.23
C ASP C 658 7.79 42.28 -45.15
N ALA C 659 7.13 41.92 -46.26
CA ALA C 659 7.72 41.01 -47.23
C ALA C 659 9.02 41.54 -47.83
N GLN C 660 9.33 42.82 -47.67
CA GLN C 660 10.62 43.34 -48.12
C GLN C 660 11.77 42.65 -47.40
N TYR C 661 11.53 42.13 -46.19
CA TYR C 661 12.58 41.43 -45.48
C TYR C 661 12.84 40.03 -46.03
N ALA C 662 11.91 39.50 -46.84
CA ALA C 662 12.09 38.16 -47.40
C ALA C 662 13.23 38.15 -48.41
N PRO C 663 13.90 37.00 -48.58
CA PRO C 663 14.98 36.93 -49.56
C PRO C 663 14.46 37.21 -50.98
N GLY C 664 15.27 37.94 -51.74
CA GLY C 664 14.92 38.30 -53.10
C GLY C 664 13.90 39.41 -53.24
N TYR C 665 13.50 40.04 -52.13
CA TYR C 665 12.51 41.10 -52.17
C TYR C 665 13.08 42.45 -51.76
N ASP C 666 14.39 42.54 -51.52
CA ASP C 666 15.00 43.81 -51.14
C ASP C 666 15.15 44.76 -52.32
N LYS C 667 15.35 44.23 -53.53
CA LYS C 667 15.56 45.05 -54.72
C LYS C 667 14.29 45.28 -55.52
N VAL C 668 13.14 44.84 -55.02
CA VAL C 668 11.89 45.03 -55.76
C VAL C 668 11.48 46.49 -55.69
N LYS C 669 11.34 47.12 -56.86
CA LYS C 669 11.00 48.53 -56.92
C LYS C 669 9.58 48.78 -56.43
N ASP C 670 8.61 48.01 -56.94
CA ASP C 670 7.21 48.16 -56.58
C ASP C 670 6.86 47.11 -55.54
N ILE C 671 6.77 47.52 -54.27
CA ILE C 671 6.45 46.60 -53.19
C ILE C 671 5.04 46.03 -53.34
N SER C 672 4.15 46.72 -54.05
CA SER C 672 2.79 46.22 -54.24
C SER C 672 2.73 45.12 -55.28
N GLU C 673 3.67 45.12 -56.24
CA GLU C 673 3.63 44.12 -57.31
C GLU C 673 3.82 42.71 -56.77
N VAL C 674 4.75 42.53 -55.84
CA VAL C 674 5.02 41.20 -55.31
C VAL C 674 3.94 40.72 -54.36
N VAL C 675 3.13 41.62 -53.82
CA VAL C 675 2.07 41.23 -52.89
C VAL C 675 0.72 41.40 -53.57
N THR C 676 0.20 40.33 -54.15
CA THR C 676 -1.09 40.34 -54.80
C THR C 676 -2.21 40.36 -53.76
N PRO C 677 -3.39 40.87 -54.14
CA PRO C 677 -4.52 40.88 -53.19
C PRO C 677 -4.96 39.48 -52.76
N ARG C 678 -4.62 38.44 -53.51
CA ARG C 678 -4.98 37.08 -53.12
C ARG C 678 -4.18 36.57 -51.94
N PHE C 679 -3.14 37.31 -51.51
CA PHE C 679 -2.35 36.90 -50.37
C PHE C 679 -2.97 37.42 -49.07
N LEU C 680 -2.62 36.75 -47.97
CA LEU C 680 -3.03 37.15 -46.62
C LEU C 680 -1.80 37.19 -45.74
N CYS C 681 -1.63 38.30 -45.03
CA CYS C 681 -0.44 38.54 -44.22
C CYS C 681 -0.79 38.39 -42.75
N THR C 682 -0.10 37.49 -42.06
CA THR C 682 -0.40 37.16 -40.67
C THR C 682 0.91 37.14 -39.89
N GLY C 683 0.83 36.86 -38.60
CA GLY C 683 2.02 36.75 -37.78
C GLY C 683 2.49 38.10 -37.27
N GLY C 684 3.70 38.07 -36.70
CA GLY C 684 4.31 39.27 -36.18
C GLY C 684 3.87 39.59 -34.76
N VAL C 685 4.32 40.77 -34.30
CA VAL C 685 3.98 41.25 -32.97
C VAL C 685 2.81 42.22 -32.96
N SER C 686 2.40 42.72 -34.12
CA SER C 686 1.29 43.66 -34.21
C SER C 686 0.09 42.99 -34.88
N PRO C 687 -1.10 43.05 -34.26
CA PRO C 687 -1.32 43.75 -32.99
C PRO C 687 -1.03 42.88 -31.77
N TYR C 688 -0.73 41.59 -32.01
CA TYR C 688 -0.44 40.65 -30.94
C TYR C 688 0.72 39.76 -31.36
N ALA C 689 1.41 39.21 -30.37
CA ALA C 689 2.57 38.36 -30.63
C ALA C 689 2.13 37.03 -31.22
N ASP C 690 2.63 36.72 -32.42
CA ASP C 690 2.26 35.51 -33.13
C ASP C 690 3.52 34.75 -33.51
N PRO C 691 3.60 33.45 -33.22
CA PRO C 691 4.75 32.65 -33.66
C PRO C 691 4.74 32.46 -35.17
N ASN C 692 5.93 32.23 -35.70
CA ASN C 692 6.10 32.03 -37.14
C ASN C 692 6.05 30.55 -37.50
N THR C 693 5.76 30.28 -38.77
CA THR C 693 5.75 28.92 -39.28
C THR C 693 7.16 28.42 -39.49
N CYS C 694 7.38 27.14 -39.23
CA CYS C 694 8.71 26.57 -39.37
C CYS C 694 8.98 26.18 -40.81
N ARG C 695 10.26 25.84 -41.08
CA ARG C 695 10.67 25.49 -42.44
C ARG C 695 9.93 24.25 -42.93
N GLY C 696 9.80 23.24 -42.08
CA GLY C 696 9.00 22.08 -42.40
C GLY C 696 7.52 22.24 -42.17
N ASP C 697 7.10 23.38 -41.64
CA ASP C 697 5.69 23.66 -41.35
C ASP C 697 5.00 24.43 -42.47
N SER C 698 5.71 24.77 -43.54
CA SER C 698 5.12 25.56 -44.62
C SER C 698 4.11 24.73 -45.41
N GLY C 699 3.12 25.41 -45.98
CA GLY C 699 2.10 24.77 -46.79
C GLY C 699 0.90 24.25 -46.03
N GLY C 700 0.85 24.44 -44.72
CA GLY C 700 -0.25 23.95 -43.92
C GLY C 700 -1.54 24.71 -44.16
N PRO C 701 -2.66 24.17 -43.70
CA PRO C 701 -3.94 24.86 -43.89
C PRO C 701 -4.25 25.84 -42.76
N LEU C 702 -4.56 27.09 -43.12
CA LEU C 702 -5.02 28.08 -42.16
C LEU C 702 -6.52 27.89 -41.96
N ILE C 703 -6.94 27.72 -40.70
CA ILE C 703 -8.31 27.35 -40.38
C ILE C 703 -8.84 28.33 -39.34
N VAL C 704 -10.05 28.83 -39.58
CA VAL C 704 -10.75 29.71 -38.63
C VAL C 704 -11.82 28.86 -37.94
N HIS C 705 -11.75 28.81 -36.61
CA HIS C 705 -12.69 28.01 -35.83
C HIS C 705 -13.92 28.83 -35.47
N LYS C 706 -15.08 28.19 -35.58
CA LYS C 706 -16.33 28.87 -35.27
C LYS C 706 -17.42 27.83 -34.97
N ARG C 707 -18.10 28.00 -33.84
CA ARG C 707 -19.19 27.11 -33.44
C ARG C 707 -18.72 25.66 -33.34
N SER C 708 -17.52 25.46 -32.81
CA SER C 708 -16.90 24.13 -32.73
C SER C 708 -16.78 23.50 -34.11
N ARG C 709 -16.51 24.32 -35.12
CA ARG C 709 -16.37 23.88 -36.49
C ARG C 709 -15.07 24.43 -37.07
N PHE C 710 -14.40 23.60 -37.85
CA PHE C 710 -13.13 23.93 -38.49
C PHE C 710 -13.37 24.18 -39.97
N ILE C 711 -13.12 25.40 -40.42
CA ILE C 711 -13.25 25.79 -41.82
C ILE C 711 -11.95 26.43 -42.25
N GLN C 712 -11.36 25.89 -43.33
CA GLN C 712 -10.10 26.43 -43.84
C GLN C 712 -10.36 27.65 -44.71
N VAL C 713 -9.57 28.69 -44.49
CA VAL C 713 -9.68 29.95 -45.21
C VAL C 713 -8.51 30.20 -46.14
N GLY C 714 -7.51 29.33 -46.16
CA GLY C 714 -6.37 29.53 -47.03
C GLY C 714 -5.31 28.48 -46.81
N VAL C 715 -4.25 28.59 -47.61
CA VAL C 715 -3.12 27.67 -47.58
C VAL C 715 -1.86 28.49 -47.35
N ILE C 716 -1.02 28.03 -46.42
CA ILE C 716 0.24 28.70 -46.11
C ILE C 716 1.14 28.70 -47.34
N SER C 717 1.73 29.84 -47.66
CA SER C 717 2.57 30.00 -48.83
C SER C 717 4.05 30.14 -48.48
N TRP C 718 4.39 31.12 -47.65
CA TRP C 718 5.79 31.34 -47.27
C TRP C 718 5.80 32.25 -46.05
N GLY C 719 7.00 32.72 -45.66
CA GLY C 719 7.15 33.60 -44.52
C GLY C 719 8.20 34.65 -44.78
N VAL C 720 8.28 35.61 -43.86
CA VAL C 720 9.24 36.70 -44.01
C VAL C 720 10.66 36.20 -43.76
N VAL C 721 10.89 35.61 -42.58
CA VAL C 721 12.20 35.10 -42.20
C VAL C 721 12.04 33.72 -41.58
N ASP C 722 13.14 32.96 -41.59
CA ASP C 722 13.17 31.61 -41.02
C ASP C 722 13.82 31.70 -39.63
N VAL C 723 13.01 32.07 -38.65
CA VAL C 723 13.48 32.24 -37.28
C VAL C 723 12.60 31.40 -36.36
N CYS C 724 11.92 30.40 -36.94
CA CYS C 724 10.98 29.57 -36.18
C CYS C 724 11.66 28.80 -35.06
N LYS C 725 12.84 28.23 -35.33
CA LYS C 725 13.53 27.40 -34.34
C LYS C 725 13.94 28.18 -33.10
N ASN C 726 13.93 29.50 -33.16
CA ASN C 726 14.20 30.34 -32.00
C ASN C 726 13.05 30.37 -31.00
N GLN C 727 11.90 29.80 -31.35
CA GLN C 727 10.74 29.84 -30.45
C GLN C 727 11.05 29.18 -29.12
N LYS C 728 11.65 27.99 -29.15
CA LYS C 728 12.12 27.35 -27.94
C LYS C 728 13.42 27.96 -27.43
N ARG C 729 14.16 28.65 -28.29
CA ARG C 729 15.46 29.19 -27.93
C ARG C 729 15.52 30.70 -28.12
N GLN C 732 13.73 34.98 -29.33
CA GLN C 732 14.47 35.84 -30.23
C GLN C 732 13.86 35.82 -31.63
N VAL C 733 12.82 36.63 -31.83
CA VAL C 733 12.11 36.70 -33.10
C VAL C 733 11.99 38.15 -33.53
N PRO C 734 12.37 38.50 -34.76
CA PRO C 734 12.21 39.89 -35.22
C PRO C 734 10.74 40.29 -35.26
N ALA C 735 10.49 41.58 -35.01
CA ALA C 735 9.13 42.09 -34.98
C ALA C 735 8.51 42.15 -36.36
N HIS C 736 9.31 42.05 -37.42
CA HIS C 736 8.81 42.08 -38.79
C HIS C 736 8.54 40.70 -39.35
N ALA C 737 8.73 39.64 -38.55
CA ALA C 737 8.55 38.28 -39.03
C ALA C 737 7.07 38.00 -39.27
N ARG C 738 6.67 37.91 -40.52
CA ARG C 738 5.29 37.68 -40.91
C ARG C 738 5.19 36.47 -41.83
N ASP C 739 4.00 35.88 -41.88
CA ASP C 739 3.74 34.71 -42.71
C ASP C 739 2.67 35.06 -43.74
N PHE C 740 2.94 34.74 -45.00
CA PHE C 740 2.03 35.03 -46.09
C PHE C 740 1.41 33.73 -46.60
N HIS C 741 0.09 33.75 -46.76
CA HIS C 741 -0.66 32.57 -47.17
C HIS C 741 -1.53 32.92 -48.38
N ILE C 742 -1.97 31.89 -49.08
CA ILE C 742 -2.77 32.07 -50.29
C ILE C 742 -4.25 31.88 -49.94
N ASN C 743 -5.07 32.86 -50.29
CA ASN C 743 -6.49 32.81 -49.99
C ASN C 743 -7.20 31.80 -50.89
N LEU C 744 -8.36 31.33 -50.41
CA LEU C 744 -9.19 30.40 -51.15
C LEU C 744 -10.35 31.06 -51.87
N PHE C 745 -10.70 32.29 -51.50
CA PHE C 745 -11.82 32.99 -52.12
C PHE C 745 -11.50 33.52 -53.51
N GLN C 746 -10.23 33.52 -53.92
CA GLN C 746 -9.84 33.99 -55.23
C GLN C 746 -9.76 32.87 -56.26
N VAL C 747 -10.06 31.63 -55.87
CA VAL C 747 -9.98 30.49 -56.77
C VAL C 747 -11.30 29.72 -56.74
N LEU C 748 -12.38 30.42 -56.39
CA LEU C 748 -13.68 29.76 -56.27
C LEU C 748 -14.14 29.10 -57.56
N PRO C 749 -14.09 29.74 -58.74
CA PRO C 749 -14.50 29.02 -59.96
C PRO C 749 -13.70 27.77 -60.22
N TRP C 750 -12.38 27.80 -59.97
CA TRP C 750 -11.55 26.62 -60.18
C TRP C 750 -11.93 25.51 -59.21
N LEU C 751 -12.19 25.86 -57.95
CA LEU C 751 -12.63 24.87 -56.98
C LEU C 751 -13.97 24.26 -57.38
N LYS C 752 -14.90 25.09 -57.86
CA LYS C 752 -16.18 24.57 -58.32
C LYS C 752 -16.02 23.62 -59.50
N GLU C 753 -15.15 23.99 -60.45
CA GLU C 753 -14.96 23.16 -61.63
C GLU C 753 -14.31 21.83 -61.28
N LYS C 754 -13.21 21.86 -60.53
CA LYS C 754 -12.46 20.63 -60.27
C LYS C 754 -13.14 19.73 -59.26
N LEU C 755 -13.87 20.31 -58.31
CA LEU C 755 -14.51 19.54 -57.23
C LEU C 755 -16.02 19.51 -57.39
N GLN C 756 -16.50 19.39 -58.63
CA GLN C 756 -17.93 19.36 -58.88
C GLN C 756 -18.53 17.98 -58.69
N ASP C 757 -17.72 16.93 -58.59
CA ASP C 757 -18.21 15.57 -58.41
C ASP C 757 -18.07 15.07 -56.99
N GLU C 758 -17.65 15.92 -56.05
CA GLU C 758 -17.46 15.52 -54.67
C GLU C 758 -18.70 15.72 -53.81
N ASP C 759 -19.75 16.34 -54.34
CA ASP C 759 -21.01 16.57 -53.64
C ASP C 759 -20.78 17.33 -52.33
N LEU C 760 -20.24 18.54 -52.46
CA LEU C 760 -19.92 19.38 -51.31
C LEU C 760 -20.91 20.51 -51.13
N GLY C 761 -22.00 20.53 -51.89
CA GLY C 761 -22.99 21.58 -51.77
C GLY C 761 -22.46 22.95 -52.12
N PHE C 762 -21.75 23.05 -53.23
CA PHE C 762 -21.19 24.32 -53.65
C PHE C 762 -22.31 25.32 -53.97
N LEU C 763 -22.08 26.58 -53.62
CA LEU C 763 -23.04 27.64 -53.88
C LEU C 763 -22.70 28.37 -55.18
N ASP D 1 -31.07 -10.25 3.52
CA ASP D 1 -30.61 -11.62 3.39
C ASP D 1 -29.51 -11.72 2.33
N GLY D 2 -29.68 -11.00 1.24
CA GLY D 2 -28.71 -10.95 0.17
C GLY D 2 -29.11 -11.81 -1.02
N ASP D 3 -28.54 -11.47 -2.17
CA ASP D 3 -28.78 -12.21 -3.41
C ASP D 3 -27.64 -13.20 -3.60
N GLU D 4 -27.93 -14.48 -3.49
CA GLU D 4 -26.91 -15.52 -3.55
C GLU D 4 -26.92 -16.16 -4.93
N TYR D 5 -25.79 -16.08 -5.62
CA TYR D 5 -25.60 -16.69 -6.93
C TYR D 5 -24.64 -17.85 -6.78
N PHE D 6 -25.03 -19.01 -7.32
CA PHE D 6 -24.32 -20.25 -7.09
C PHE D 6 -23.78 -20.80 -8.41
N ILE D 7 -22.56 -21.33 -8.37
CA ILE D 7 -21.99 -22.14 -9.42
C ILE D 7 -21.54 -23.44 -8.77
N GLY D 8 -22.12 -24.56 -9.21
CA GLY D 8 -21.81 -25.83 -8.60
C GLY D 8 -22.61 -26.08 -7.35
N LYS D 9 -22.23 -27.15 -6.64
CA LYS D 9 -22.92 -27.60 -5.44
C LYS D 9 -22.04 -27.38 -4.22
N TYR D 10 -22.64 -26.82 -3.17
CA TYR D 10 -21.92 -26.62 -1.92
C TYR D 10 -21.75 -27.95 -1.20
N LYS D 11 -20.57 -28.13 -0.59
CA LYS D 11 -20.29 -29.28 0.25
C LYS D 11 -19.90 -28.80 1.63
N GLU D 12 -20.48 -29.41 2.66
CA GLU D 12 -20.24 -29.01 4.04
C GLU D 12 -18.97 -29.60 4.62
N LYS D 13 -18.36 -30.59 3.96
CA LYS D 13 -17.21 -31.31 4.50
C LYS D 13 -15.91 -30.94 3.78
N ASP D 14 -15.89 -29.82 3.07
CA ASP D 14 -14.71 -29.39 2.33
C ASP D 14 -14.19 -28.07 2.89
N GLU D 15 -13.13 -27.57 2.27
CA GLU D 15 -12.50 -26.32 2.64
C GLU D 15 -12.64 -25.30 1.52
N THR D 16 -12.39 -24.04 1.85
CA THR D 16 -12.55 -22.95 0.91
C THR D 16 -11.19 -22.51 0.38
N LEU D 17 -11.13 -22.24 -0.93
CA LEU D 17 -9.89 -21.76 -1.53
C LEU D 17 -9.52 -20.39 -0.97
N PHE D 18 -10.49 -19.47 -0.96
CA PHE D 18 -10.32 -18.20 -0.26
C PHE D 18 -11.69 -17.58 -0.07
N PHE D 19 -11.72 -16.48 0.68
CA PHE D 19 -12.94 -15.74 0.96
C PHE D 19 -12.58 -14.27 1.12
N ALA D 20 -13.20 -13.41 0.33
CA ALA D 20 -12.91 -11.98 0.38
C ALA D 20 -14.16 -11.18 0.12
N SER D 21 -14.25 -10.01 0.75
CA SER D 21 -15.32 -9.06 0.53
C SER D 21 -14.81 -7.98 -0.42
N TYR D 22 -15.59 -7.69 -1.46
CA TYR D 22 -15.19 -6.75 -2.50
C TYR D 22 -16.19 -5.61 -2.60
N GLY D 23 -15.70 -4.39 -2.56
CA GLY D 23 -16.53 -3.24 -2.82
C GLY D 23 -16.71 -3.04 -4.31
N LEU D 24 -17.92 -3.27 -4.82
CA LEU D 24 -18.17 -3.24 -6.25
C LEU D 24 -18.11 -1.84 -6.84
N LYS D 25 -18.15 -0.80 -6.01
CA LYS D 25 -18.01 0.57 -6.49
C LYS D 25 -16.56 1.05 -6.44
N ARG D 26 -15.63 0.22 -5.98
CA ARG D 26 -14.23 0.58 -5.96
C ARG D 26 -13.64 0.49 -7.37
N ASP D 27 -12.70 1.39 -7.66
CA ASP D 27 -12.08 1.45 -8.98
C ASP D 27 -10.59 1.72 -8.83
N PRO D 28 -9.75 0.66 -8.88
CA PRO D 28 -10.10 -0.75 -9.00
C PRO D 28 -10.14 -1.45 -7.65
N CYS D 29 -10.18 -2.78 -7.63
CA CYS D 29 -10.26 -3.48 -6.35
C CYS D 29 -8.94 -3.39 -5.59
N GLN D 30 -8.91 -4.13 -4.49
CA GLN D 30 -7.69 -4.42 -3.77
C GLN D 30 -7.25 -5.82 -4.15
N ILE D 31 -6.01 -5.95 -4.62
CA ILE D 31 -5.47 -7.25 -5.03
C ILE D 31 -5.19 -8.04 -3.75
N VAL D 32 -6.10 -8.93 -3.40
CA VAL D 32 -6.01 -9.71 -2.18
C VAL D 32 -5.32 -11.02 -2.49
N LEU D 33 -4.17 -11.24 -1.86
CA LEU D 33 -3.36 -12.46 -1.99
C LEU D 33 -2.84 -12.67 -3.41
N GLY D 34 -3.00 -11.70 -4.30
CA GLY D 34 -2.41 -11.78 -5.62
C GLY D 34 -3.36 -12.12 -6.74
N TYR D 35 -4.59 -11.61 -6.69
CA TYR D 35 -5.59 -11.85 -7.72
C TYR D 35 -6.07 -10.52 -8.28
N LYS D 36 -6.23 -10.47 -9.60
CA LYS D 36 -6.52 -9.24 -10.32
C LYS D 36 -8.01 -9.09 -10.61
N CYS D 37 -8.43 -7.84 -10.80
CA CYS D 37 -9.81 -7.49 -11.12
C CYS D 37 -9.91 -6.81 -12.48
N SER D 38 -11.16 -6.62 -12.87
CA SER D 38 -11.54 -5.68 -13.92
C SER D 38 -12.96 -5.24 -13.60
N ASN D 39 -13.12 -3.98 -13.20
CA ASN D 39 -14.40 -3.47 -12.75
C ASN D 39 -14.88 -2.37 -13.69
N ASN D 40 -16.15 -2.46 -14.09
CA ASN D 40 -16.74 -1.53 -15.03
C ASN D 40 -18.13 -1.20 -14.50
N GLN D 41 -18.88 -0.36 -15.22
CA GLN D 41 -20.26 -0.13 -14.81
C GLN D 41 -21.10 -1.40 -14.90
N THR D 42 -20.87 -2.22 -15.92
CA THR D 42 -21.72 -3.37 -16.18
C THR D 42 -21.04 -4.71 -15.93
N HIS D 43 -19.79 -4.75 -15.51
CA HIS D 43 -19.10 -6.03 -15.36
C HIS D 43 -18.13 -5.98 -14.19
N PHE D 44 -17.90 -7.16 -13.60
CA PHE D 44 -16.92 -7.35 -12.54
C PHE D 44 -16.25 -8.69 -12.79
N VAL D 45 -14.94 -8.67 -13.04
CA VAL D 45 -14.18 -9.86 -13.40
C VAL D 45 -13.08 -10.08 -12.38
N LEU D 46 -12.98 -11.31 -11.89
CA LEU D 46 -11.93 -11.72 -10.96
C LEU D 46 -11.09 -12.79 -11.66
N ASN D 47 -9.82 -12.48 -11.91
CA ASN D 47 -8.91 -13.43 -12.55
C ASN D 47 -8.18 -14.26 -11.48
N PHE D 48 -8.97 -15.05 -10.76
CA PHE D 48 -8.46 -15.84 -9.66
C PHE D 48 -7.64 -17.02 -10.18
N LYS D 49 -6.57 -17.33 -9.46
CA LYS D 49 -5.78 -18.52 -9.74
C LYS D 49 -5.09 -18.97 -8.46
N THR D 50 -5.14 -20.27 -8.18
CA THR D 50 -4.64 -20.80 -6.93
C THR D 50 -3.31 -21.53 -7.15
N ASN D 51 -2.55 -21.63 -6.07
CA ASN D 51 -1.24 -22.28 -6.08
C ASN D 51 -1.25 -23.53 -5.20
N LYS D 52 -2.34 -24.28 -5.23
CA LYS D 52 -2.50 -25.49 -4.44
C LYS D 52 -2.91 -26.64 -5.34
N LYS D 53 -2.58 -27.86 -4.90
CA LYS D 53 -2.89 -29.07 -5.65
C LYS D 53 -4.34 -29.49 -5.37
N SER D 54 -5.26 -28.69 -5.92
CA SER D 54 -6.68 -28.90 -5.71
C SER D 54 -7.43 -28.35 -6.91
N CYS D 55 -8.70 -28.73 -7.00
CA CYS D 55 -9.58 -28.34 -8.09
C CYS D 55 -10.81 -27.62 -7.54
N ILE D 56 -11.23 -26.56 -8.23
CA ILE D 56 -12.39 -25.80 -7.80
C ILE D 56 -13.63 -26.69 -7.81
N SER D 57 -14.43 -26.60 -6.75
CA SER D 57 -15.64 -27.38 -6.60
C SER D 57 -16.92 -26.55 -6.66
N ALA D 58 -16.90 -25.33 -6.13
CA ALA D 58 -18.09 -24.48 -6.15
C ALA D 58 -17.67 -23.04 -5.98
N ILE D 59 -18.57 -22.14 -6.37
CA ILE D 59 -18.40 -20.71 -6.22
C ILE D 59 -19.72 -20.12 -5.76
N LYS D 60 -19.68 -19.25 -4.75
CA LYS D 60 -20.89 -18.59 -4.27
C LYS D 60 -20.61 -17.12 -4.08
N LEU D 61 -21.42 -16.27 -4.70
CA LEU D 61 -21.30 -14.84 -4.59
C LEU D 61 -22.55 -14.27 -3.96
N THR D 62 -22.39 -13.42 -2.94
CA THR D 62 -23.51 -12.84 -2.24
C THR D 62 -23.49 -11.34 -2.46
N SER D 63 -24.55 -10.81 -3.06
CA SER D 63 -24.64 -9.41 -3.43
C SER D 63 -25.61 -8.67 -2.51
N TYR D 64 -25.23 -7.46 -2.13
CA TYR D 64 -26.01 -6.61 -1.24
C TYR D 64 -26.25 -5.26 -1.90
N PRO D 65 -27.41 -4.64 -1.68
CA PRO D 65 -28.54 -5.18 -0.91
C PRO D 65 -29.38 -6.16 -1.72
N LYS D 66 -30.27 -6.87 -1.05
CA LYS D 66 -31.15 -7.81 -1.74
C LYS D 66 -32.14 -7.06 -2.62
N ILE D 67 -32.19 -7.42 -3.89
CA ILE D 67 -33.11 -6.83 -4.86
C ILE D 67 -34.01 -7.93 -5.39
N ASN D 68 -35.32 -7.69 -5.35
CA ASN D 68 -36.31 -8.72 -5.68
C ASN D 68 -36.36 -8.92 -7.18
N GLN D 69 -35.41 -9.72 -7.67
CA GLN D 69 -35.40 -10.16 -9.06
C GLN D 69 -35.06 -11.64 -9.10
N ASN D 70 -35.80 -12.40 -9.91
CA ASN D 70 -35.58 -13.83 -10.01
C ASN D 70 -34.24 -14.11 -10.69
N SER D 71 -33.50 -15.08 -10.15
CA SER D 71 -32.19 -15.43 -10.66
C SER D 71 -32.23 -16.40 -11.81
N ASP D 72 -33.38 -17.01 -12.10
CA ASP D 72 -33.51 -18.00 -13.17
C ASP D 72 -33.93 -17.39 -14.49
N LEU D 73 -34.14 -16.07 -14.55
CA LEU D 73 -34.49 -15.45 -15.82
C LEU D 73 -33.29 -15.37 -16.76
N THR D 74 -32.12 -15.02 -16.23
CA THR D 74 -30.89 -14.93 -17.01
C THR D 74 -29.75 -15.53 -16.18
N ARG D 75 -28.54 -15.37 -16.69
CA ARG D 75 -27.33 -15.86 -16.02
C ARG D 75 -26.49 -14.68 -15.54
N ASN D 76 -25.91 -14.82 -14.36
CA ASN D 76 -25.14 -13.76 -13.73
C ASN D 76 -23.68 -14.12 -13.52
N LEU D 77 -23.40 -15.26 -12.89
CA LEU D 77 -22.03 -15.72 -12.65
C LEU D 77 -21.62 -16.73 -13.70
N TYR D 78 -20.38 -16.61 -14.18
CA TYR D 78 -19.82 -17.67 -15.00
C TYR D 78 -18.31 -17.51 -15.05
N CYS D 79 -17.59 -18.63 -15.04
CA CYS D 79 -16.14 -18.60 -15.22
C CYS D 79 -15.85 -18.55 -16.71
N GLN D 80 -15.35 -17.40 -17.18
CA GLN D 80 -15.10 -17.22 -18.60
C GLN D 80 -14.01 -18.18 -19.10
N THR D 81 -12.96 -18.36 -18.33
CA THR D 81 -11.92 -19.34 -18.61
C THR D 81 -11.99 -20.42 -17.53
N GLY D 82 -11.74 -21.67 -17.92
CA GLY D 82 -11.78 -22.74 -16.94
C GLY D 82 -13.17 -22.91 -16.34
N GLY D 83 -13.22 -23.21 -15.06
CA GLY D 83 -14.48 -23.35 -14.36
C GLY D 83 -14.36 -24.38 -13.25
N ILE D 84 -15.50 -25.00 -12.94
CA ILE D 84 -15.56 -25.98 -11.88
C ILE D 84 -14.78 -27.23 -12.29
N GLY D 85 -13.98 -27.75 -11.36
CA GLY D 85 -13.12 -28.88 -11.63
C GLY D 85 -11.71 -28.52 -12.00
N THR D 86 -11.43 -27.25 -12.31
CA THR D 86 -10.09 -26.78 -12.60
C THR D 86 -9.51 -26.10 -11.37
N ASP D 87 -8.28 -25.59 -11.49
CA ASP D 87 -7.62 -24.89 -10.40
C ASP D 87 -7.80 -23.37 -10.48
N ASN D 88 -8.38 -22.86 -11.54
CA ASN D 88 -8.54 -21.42 -11.69
C ASN D 88 -9.61 -21.12 -12.73
N CYS D 89 -10.40 -20.07 -12.50
CA CYS D 89 -11.32 -19.62 -13.52
C CYS D 89 -11.46 -18.11 -13.47
N LYS D 90 -11.59 -17.50 -14.63
CA LYS D 90 -11.85 -16.07 -14.76
C LYS D 90 -13.33 -15.84 -14.51
N LEU D 91 -13.67 -15.46 -13.28
CA LEU D 91 -15.06 -15.39 -12.85
C LEU D 91 -15.65 -14.02 -13.18
N VAL D 92 -16.68 -14.01 -14.02
CA VAL D 92 -17.34 -12.81 -14.47
C VAL D 92 -18.74 -12.76 -13.88
N PHE D 93 -19.10 -11.61 -13.32
CA PHE D 93 -20.40 -11.34 -12.73
C PHE D 93 -20.85 -9.96 -13.17
N LYS D 94 -22.12 -9.83 -13.54
CA LYS D 94 -22.66 -8.56 -14.02
C LYS D 94 -23.42 -7.87 -12.90
N LYS D 95 -23.15 -6.58 -12.72
CA LYS D 95 -23.63 -5.83 -11.57
C LYS D 95 -24.88 -5.03 -11.93
N ARG D 96 -25.42 -4.35 -10.91
CA ARG D 96 -26.58 -3.48 -11.05
C ARG D 96 -26.31 -2.18 -10.32
N LYS D 97 -27.12 -1.17 -10.64
CA LYS D 97 -26.97 0.14 -10.02
C LYS D 97 -27.27 0.12 -8.53
N ARG D 98 -27.95 -0.91 -8.04
CA ARG D 98 -28.27 -1.02 -6.63
C ARG D 98 -27.23 -1.81 -5.86
N GLN D 99 -26.71 -2.89 -6.44
CA GLN D 99 -25.68 -3.68 -5.79
C GLN D 99 -24.38 -2.89 -5.69
N ILE D 100 -23.81 -2.82 -4.49
CA ILE D 100 -22.65 -1.97 -4.24
C ILE D 100 -21.55 -2.76 -3.52
N ALA D 101 -21.89 -3.96 -3.05
CA ALA D 101 -20.94 -4.77 -2.31
C ALA D 101 -21.10 -6.23 -2.73
N ALA D 102 -20.04 -7.01 -2.49
CA ALA D 102 -20.05 -8.42 -2.82
C ALA D 102 -19.21 -9.18 -1.80
N ASN D 103 -19.47 -10.48 -1.70
CA ASN D 103 -18.75 -11.34 -0.76
C ASN D 103 -18.53 -12.67 -1.47
N ILE D 104 -17.29 -12.94 -1.86
CA ILE D 104 -16.97 -14.06 -2.74
C ILE D 104 -16.19 -15.09 -1.93
N GLU D 105 -16.73 -16.30 -1.84
CA GLU D 105 -16.04 -17.44 -1.28
C GLU D 105 -15.91 -18.51 -2.35
N ILE D 106 -14.75 -19.15 -2.43
CA ILE D 106 -14.50 -20.16 -3.45
C ILE D 106 -13.94 -21.41 -2.77
N TYR D 107 -14.46 -22.57 -3.16
CA TYR D 107 -14.13 -23.83 -2.52
C TYR D 107 -13.36 -24.73 -3.47
N GLY D 108 -12.42 -25.48 -2.91
CA GLY D 108 -11.64 -26.42 -3.69
C GLY D 108 -11.47 -27.73 -2.95
N ILE D 109 -11.34 -28.80 -3.72
CA ILE D 109 -11.22 -30.14 -3.15
C ILE D 109 -9.95 -30.79 -3.69
N PRO D 110 -9.34 -31.75 -2.99
CA PRO D 110 -8.06 -32.29 -3.43
C PRO D 110 -8.12 -32.86 -4.84
N ALA D 111 -7.05 -32.62 -5.60
CA ALA D 111 -7.01 -33.04 -7.00
C ALA D 111 -6.99 -34.55 -7.17
N LYS D 112 -6.64 -35.30 -6.11
CA LYS D 112 -6.63 -36.75 -6.21
C LYS D 112 -8.03 -37.28 -6.48
N LYS D 113 -8.93 -37.15 -5.50
CA LYS D 113 -10.32 -37.56 -5.67
C LYS D 113 -11.18 -36.38 -6.13
N CYS D 114 -10.80 -35.82 -7.27
CA CYS D 114 -11.52 -34.69 -7.86
C CYS D 114 -12.69 -35.24 -8.67
N SER D 115 -13.76 -35.58 -7.95
CA SER D 115 -14.98 -36.10 -8.57
C SER D 115 -16.18 -35.42 -7.95
N PHE D 116 -17.27 -35.35 -8.73
CA PHE D 116 -18.51 -34.74 -8.29
C PHE D 116 -19.66 -35.73 -8.29
N LYS D 117 -19.37 -37.04 -8.42
CA LYS D 117 -20.41 -38.05 -8.42
C LYS D 117 -21.09 -38.18 -7.06
N ASP D 118 -20.46 -37.69 -6.00
CA ASP D 118 -20.98 -37.84 -4.64
C ASP D 118 -21.91 -36.72 -4.21
N ARG D 119 -22.10 -35.70 -5.04
CA ARG D 119 -22.94 -34.56 -4.68
C ARG D 119 -24.03 -34.22 -5.68
N TYR D 120 -23.89 -34.61 -6.94
CA TYR D 120 -24.90 -34.33 -7.95
C TYR D 120 -25.92 -35.45 -8.12
N ILE D 121 -25.80 -36.52 -7.35
CA ILE D 121 -26.68 -37.68 -7.48
C ILE D 121 -27.79 -37.65 -6.44
N GLY D 122 -27.47 -37.36 -5.19
CA GLY D 122 -28.45 -37.37 -4.13
C GLY D 122 -28.77 -38.78 -3.65
N ALA D 123 -29.83 -38.86 -2.86
CA ALA D 123 -30.23 -40.15 -2.30
C ALA D 123 -30.97 -41.00 -3.33
N ASP D 124 -32.09 -40.49 -3.83
CA ASP D 124 -32.90 -41.21 -4.82
C ASP D 124 -32.95 -40.43 -6.12
N PRO D 125 -32.13 -40.78 -7.11
CA PRO D 125 -32.21 -40.10 -8.41
C PRO D 125 -33.39 -40.53 -9.26
N LEU D 126 -34.16 -41.52 -8.81
CA LEU D 126 -35.26 -42.04 -9.63
C LEU D 126 -36.34 -40.98 -9.85
N HIS D 127 -36.68 -40.23 -8.80
CA HIS D 127 -37.71 -39.20 -8.91
C HIS D 127 -37.15 -37.79 -8.99
N VAL D 128 -35.92 -37.57 -8.52
CA VAL D 128 -35.33 -36.24 -8.43
C VAL D 128 -34.06 -36.20 -9.27
N ASP D 129 -33.95 -35.21 -10.13
CA ASP D 129 -32.79 -35.06 -11.00
C ASP D 129 -31.68 -34.31 -10.25
N SER D 130 -30.65 -33.89 -10.98
CA SER D 130 -29.56 -33.14 -10.36
C SER D 130 -30.01 -31.78 -9.86
N TYR D 131 -30.97 -31.16 -10.55
CA TYR D 131 -31.47 -29.85 -10.15
C TYR D 131 -32.23 -29.89 -8.83
N GLY D 132 -32.58 -31.07 -8.33
CA GLY D 132 -33.40 -31.18 -7.13
C GLY D 132 -34.88 -31.09 -7.36
N LEU D 133 -35.32 -30.96 -8.61
CA LEU D 133 -36.73 -30.85 -8.92
C LEU D 133 -37.32 -32.23 -9.19
N SER D 134 -38.57 -32.43 -8.75
CA SER D 134 -39.22 -33.71 -8.93
C SER D 134 -39.59 -33.91 -10.40
N TYR D 135 -39.76 -35.18 -10.77
CA TYR D 135 -40.15 -35.55 -12.11
C TYR D 135 -41.66 -35.49 -12.26
N GLN D 136 -42.12 -34.94 -13.38
CA GLN D 136 -43.55 -34.84 -13.69
C GLN D 136 -43.83 -35.61 -14.97
N PHE D 137 -44.93 -36.36 -14.96
CA PHE D 137 -45.31 -37.21 -16.07
C PHE D 137 -46.71 -36.87 -16.57
N ASP D 138 -47.00 -37.29 -17.80
CA ASP D 138 -48.29 -37.09 -18.41
C ASP D 138 -48.95 -38.44 -18.70
N GLN D 139 -50.27 -38.46 -18.64
CA GLN D 139 -51.05 -39.67 -18.85
C GLN D 139 -51.44 -39.89 -20.30
N GLU D 140 -51.07 -38.98 -21.20
CA GLU D 140 -51.37 -39.16 -22.61
C GLU D 140 -50.68 -40.39 -23.18
N HIS D 141 -49.40 -40.58 -22.81
CA HIS D 141 -48.66 -41.76 -23.26
C HIS D 141 -47.82 -42.38 -22.14
N GLY D 142 -48.02 -41.96 -20.90
CA GLY D 142 -47.24 -42.50 -19.79
C GLY D 142 -45.76 -42.18 -19.86
N TRP D 143 -45.42 -40.95 -20.25
CA TRP D 143 -44.03 -40.54 -20.34
C TRP D 143 -43.79 -39.25 -19.56
N ASN D 144 -42.61 -38.65 -19.72
CA ASN D 144 -42.22 -37.50 -18.93
C ASN D 144 -42.91 -36.24 -19.46
N LEU D 145 -42.52 -35.08 -18.93
CA LEU D 145 -43.11 -33.80 -19.30
C LEU D 145 -42.00 -32.76 -19.39
N GLU D 146 -42.39 -31.50 -19.44
CA GLU D 146 -41.46 -30.38 -19.59
C GLU D 146 -41.63 -29.40 -18.44
N ARG D 147 -40.52 -28.78 -18.05
CA ARG D 147 -40.50 -27.79 -16.98
C ARG D 147 -40.28 -26.41 -17.57
N ASN D 148 -41.00 -25.42 -17.05
CA ASN D 148 -40.98 -24.06 -17.57
C ASN D 148 -40.86 -23.05 -16.43
N ASN D 149 -39.93 -23.30 -15.50
CA ASN D 149 -39.68 -22.39 -14.40
C ASN D 149 -38.22 -21.97 -14.31
N ILE D 150 -37.39 -22.31 -15.29
CA ILE D 150 -35.98 -22.01 -15.29
C ILE D 150 -35.59 -21.39 -16.63
N PHE D 151 -34.30 -21.12 -16.79
CA PHE D 151 -33.78 -20.50 -18.00
C PHE D 151 -33.54 -21.57 -19.05
N LYS D 152 -34.19 -21.41 -20.21
CA LYS D 152 -34.09 -22.37 -21.30
C LYS D 152 -33.88 -21.64 -22.62
N ASP D 153 -33.28 -22.35 -23.57
CA ASP D 153 -33.07 -21.81 -24.91
C ASP D 153 -33.12 -22.94 -25.91
N THR D 154 -33.44 -22.60 -27.16
CA THR D 154 -33.55 -23.56 -28.24
C THR D 154 -32.85 -23.03 -29.48
N ARG D 155 -32.31 -23.94 -30.28
CA ARG D 155 -31.69 -23.60 -31.55
C ARG D 155 -32.39 -24.24 -32.73
N PHE D 156 -32.61 -25.55 -32.70
CA PHE D 156 -33.30 -26.27 -33.75
C PHE D 156 -34.56 -26.92 -33.19
N SER D 157 -35.23 -27.72 -34.03
CA SER D 157 -36.44 -28.41 -33.60
C SER D 157 -36.12 -29.49 -32.58
N THR D 158 -36.97 -29.59 -31.56
CA THR D 158 -36.85 -30.61 -30.52
C THR D 158 -35.48 -30.60 -29.87
N GLU D 159 -35.00 -29.39 -29.54
CA GLU D 159 -33.72 -29.21 -28.85
C GLU D 159 -33.99 -28.67 -27.45
N VAL D 160 -33.46 -29.35 -26.44
CA VAL D 160 -33.66 -28.99 -25.05
C VAL D 160 -32.34 -28.49 -24.47
N PHE D 161 -32.39 -27.35 -23.79
CA PHE D 161 -31.22 -26.75 -23.15
C PHE D 161 -31.68 -26.07 -21.87
N TYR D 162 -31.11 -26.48 -20.74
CA TYR D 162 -31.44 -25.90 -19.45
C TYR D 162 -30.18 -25.36 -18.79
N HIS D 163 -30.33 -24.26 -18.06
CA HIS D 163 -29.21 -23.65 -17.35
C HIS D 163 -29.67 -23.29 -15.95
N LYS D 164 -29.04 -23.89 -14.95
CA LYS D 164 -29.36 -23.57 -13.56
C LYS D 164 -28.16 -23.85 -12.67
N ASN D 165 -27.81 -22.87 -11.84
CA ASN D 165 -26.66 -22.97 -10.92
C ASN D 165 -25.38 -23.30 -11.67
N GLY D 166 -25.18 -22.68 -12.83
CA GLY D 166 -24.02 -22.94 -13.65
C GLY D 166 -24.04 -24.26 -14.38
N LEU D 167 -25.10 -25.04 -14.23
CA LEU D 167 -25.23 -26.35 -14.84
C LEU D 167 -25.95 -26.21 -16.17
N PHE D 168 -25.37 -26.79 -17.22
CA PHE D 168 -26.04 -26.91 -18.50
C PHE D 168 -26.52 -28.35 -18.67
N ASN D 169 -27.80 -28.49 -19.00
CA ASN D 169 -28.49 -29.76 -18.94
C ASN D 169 -29.25 -30.04 -20.25
N THR D 170 -29.22 -31.29 -20.67
CA THR D 170 -29.98 -31.74 -21.82
C THR D 170 -30.43 -33.18 -21.61
N GLN D 171 -31.54 -33.54 -22.27
CA GLN D 171 -32.11 -34.89 -22.20
C GLN D 171 -32.33 -35.41 -23.61
N ILE D 172 -31.89 -36.63 -23.87
CA ILE D 172 -32.07 -37.30 -25.16
C ILE D 172 -32.59 -38.71 -24.87
N THR D 173 -33.85 -38.96 -25.16
CA THR D 173 -34.77 -37.94 -25.63
C THR D 173 -35.89 -37.75 -24.61
N TYR D 174 -36.49 -38.87 -24.19
CA TYR D 174 -37.55 -38.85 -23.19
C TYR D 174 -37.48 -40.14 -22.39
N LEU D 175 -38.09 -40.11 -21.19
CA LEU D 175 -37.99 -41.19 -20.23
C LEU D 175 -39.37 -41.66 -19.83
N ALA D 176 -39.52 -42.98 -19.69
CA ALA D 176 -40.77 -43.59 -19.26
C ALA D 176 -40.76 -43.83 -17.76
N GLU D 177 -41.96 -43.99 -17.19
CA GLU D 177 -42.08 -44.19 -15.75
C GLU D 177 -41.49 -45.52 -15.30
N GLU D 178 -41.77 -46.59 -16.05
CA GLU D 178 -41.40 -47.94 -15.61
C GLU D 178 -39.91 -48.24 -15.72
N ASP D 179 -39.14 -47.39 -16.38
CA ASP D 179 -37.72 -47.64 -16.53
C ASP D 179 -36.99 -47.55 -15.20
N SER D 180 -35.96 -48.37 -15.05
CA SER D 180 -35.19 -48.46 -13.82
C SER D 180 -33.78 -47.93 -14.06
N PHE D 181 -33.35 -47.01 -13.19
CA PHE D 181 -32.03 -46.42 -13.30
C PHE D 181 -30.95 -47.44 -12.98
N SER D 182 -29.93 -47.52 -13.83
CA SER D 182 -28.85 -48.48 -13.63
C SER D 182 -27.64 -47.86 -12.93
N GLU D 183 -27.01 -46.87 -13.55
CA GLU D 183 -25.77 -46.30 -13.02
C GLU D 183 -25.46 -45.01 -13.77
N ALA D 184 -24.26 -44.49 -13.52
CA ALA D 184 -23.82 -43.22 -14.07
C ALA D 184 -22.32 -43.27 -14.36
N ARG D 185 -21.87 -42.32 -15.17
CA ARG D 185 -20.47 -42.18 -15.54
C ARG D 185 -20.06 -40.72 -15.44
N GLU D 186 -18.77 -40.50 -15.18
CA GLU D 186 -18.21 -39.16 -15.03
C GLU D 186 -17.00 -39.02 -15.94
N ILE D 187 -16.71 -37.77 -16.33
CA ILE D 187 -15.57 -37.47 -17.18
C ILE D 187 -14.75 -36.37 -16.49
N THR D 188 -13.47 -36.65 -16.28
CA THR D 188 -12.58 -35.71 -15.63
C THR D 188 -12.00 -34.72 -16.65
N ALA D 189 -11.27 -33.73 -16.12
CA ALA D 189 -10.68 -32.72 -16.99
C ALA D 189 -9.57 -33.31 -17.86
N LYS D 190 -8.81 -34.27 -17.31
CA LYS D 190 -7.72 -34.87 -18.06
C LYS D 190 -8.21 -35.71 -19.25
N ASP D 191 -9.49 -36.11 -19.24
CA ASP D 191 -10.05 -36.92 -20.31
C ASP D 191 -10.90 -36.09 -21.28
N ILE D 192 -10.80 -34.77 -21.23
CA ILE D 192 -11.64 -33.89 -22.02
C ILE D 192 -10.79 -33.26 -23.12
N LYS D 193 -11.26 -33.38 -24.36
CA LYS D 193 -10.63 -32.73 -25.51
C LYS D 193 -11.68 -31.92 -26.26
N LYS D 194 -11.33 -31.40 -27.43
CA LYS D 194 -12.29 -30.65 -28.23
C LYS D 194 -13.44 -31.55 -28.67
N LYS D 195 -13.12 -32.79 -29.08
CA LYS D 195 -14.11 -33.76 -29.50
C LYS D 195 -13.84 -35.08 -28.79
N PHE D 196 -14.91 -35.73 -28.30
CA PHE D 196 -14.76 -37.01 -27.63
C PHE D 196 -16.07 -37.77 -27.70
N SER D 197 -15.98 -39.08 -27.44
CA SER D 197 -17.10 -39.98 -27.60
C SER D 197 -17.22 -40.86 -26.35
N ILE D 198 -18.32 -41.61 -26.27
CA ILE D 198 -18.57 -42.52 -25.17
C ILE D 198 -19.03 -43.86 -25.72
N ILE D 199 -18.89 -44.90 -24.90
CA ILE D 199 -19.32 -46.25 -25.22
C ILE D 199 -20.11 -46.79 -24.05
N LEU D 200 -21.31 -47.31 -24.31
CA LEU D 200 -22.16 -47.80 -23.25
C LEU D 200 -22.71 -49.18 -23.59
N PRO D 201 -22.92 -50.03 -22.57
CA PRO D 201 -23.50 -51.36 -22.83
C PRO D 201 -24.94 -51.25 -23.27
N ASN D 202 -25.32 -52.10 -24.22
CA ASN D 202 -26.67 -52.10 -24.79
C ASN D 202 -27.16 -53.52 -25.00
N GLU D 203 -26.96 -54.38 -24.01
CA GLU D 203 -27.35 -55.78 -24.14
C GLU D 203 -28.05 -56.27 -22.88
N GLU D 204 -28.91 -57.27 -23.07
CA GLU D 204 -29.63 -57.96 -21.99
C GLU D 204 -30.46 -56.92 -21.24
N TYR D 205 -30.19 -56.68 -19.94
CA TYR D 205 -30.94 -55.69 -19.18
C TYR D 205 -30.38 -54.28 -19.33
N LYS D 206 -29.30 -54.10 -20.10
CA LYS D 206 -28.65 -52.82 -20.26
C LYS D 206 -29.06 -52.10 -21.54
N ARG D 207 -30.26 -52.37 -22.04
CA ARG D 207 -30.73 -51.72 -23.26
C ARG D 207 -30.97 -50.23 -23.00
N ILE D 208 -30.26 -49.39 -23.76
CA ILE D 208 -30.33 -47.94 -23.57
C ILE D 208 -31.73 -47.47 -23.93
N SER D 209 -32.32 -46.65 -23.06
CA SER D 209 -33.64 -46.09 -23.32
C SER D 209 -33.67 -44.57 -23.25
N PHE D 210 -32.90 -43.97 -22.35
CA PHE D 210 -32.90 -42.53 -22.17
C PHE D 210 -31.58 -42.11 -21.55
N LEU D 211 -31.07 -40.94 -21.95
CA LEU D 211 -29.81 -40.42 -21.44
C LEU D 211 -29.98 -38.95 -21.11
N ASP D 212 -29.23 -38.50 -20.12
CA ASP D 212 -29.19 -37.08 -19.77
C ASP D 212 -27.73 -36.64 -19.60
N VAL D 213 -27.48 -35.38 -19.91
CA VAL D 213 -26.13 -34.82 -19.88
C VAL D 213 -26.15 -33.53 -19.06
N TYR D 214 -25.29 -33.47 -18.04
CA TYR D 214 -25.05 -32.27 -17.27
C TYR D 214 -23.59 -31.89 -17.43
N TRP D 215 -23.31 -30.61 -17.60
CA TRP D 215 -21.94 -30.19 -17.80
C TRP D 215 -21.72 -28.74 -17.36
N PHE D 216 -20.44 -28.42 -17.19
CA PHE D 216 -19.95 -27.07 -16.96
C PHE D 216 -19.11 -26.67 -18.15
N GLN D 217 -19.43 -25.52 -18.76
CA GLN D 217 -18.70 -25.05 -19.91
C GLN D 217 -18.37 -23.57 -19.76
N GLU D 218 -17.43 -23.12 -20.57
CA GLU D 218 -16.98 -21.74 -20.57
C GLU D 218 -17.87 -20.90 -21.49
N THR D 219 -17.73 -19.59 -21.37
CA THR D 219 -18.42 -18.65 -22.24
C THR D 219 -17.45 -17.57 -22.71
N MET D 220 -17.62 -17.14 -23.95
CA MET D 220 -16.92 -15.97 -24.47
C MET D 220 -17.81 -14.74 -24.49
N ARG D 221 -19.05 -14.86 -24.02
CA ARG D 221 -20.00 -13.77 -24.03
C ARG D 221 -21.10 -14.09 -23.02
N LYS D 222 -21.96 -13.10 -22.77
CA LYS D 222 -23.12 -13.34 -21.91
C LYS D 222 -24.03 -14.41 -22.50
N LYS D 223 -24.24 -14.37 -23.82
CA LYS D 223 -25.01 -15.40 -24.50
C LYS D 223 -24.07 -16.53 -24.92
N PRO D 224 -24.24 -17.74 -24.40
CA PRO D 224 -23.34 -18.84 -24.75
C PRO D 224 -23.64 -19.42 -26.12
N LYS D 225 -22.66 -20.14 -26.65
CA LYS D 225 -22.78 -20.90 -27.89
C LYS D 225 -22.82 -22.38 -27.51
N TYR D 226 -24.01 -22.97 -27.55
CA TYR D 226 -24.19 -24.32 -27.05
C TYR D 226 -23.45 -25.33 -27.92
N PRO D 227 -22.91 -26.39 -27.33
CA PRO D 227 -22.26 -27.43 -28.12
C PRO D 227 -23.27 -28.19 -28.97
N TYR D 228 -22.80 -28.68 -30.12
CA TYR D 228 -23.65 -29.42 -31.04
C TYR D 228 -23.58 -30.90 -30.67
N ILE D 229 -24.47 -31.31 -29.78
CA ILE D 229 -24.54 -32.70 -29.35
C ILE D 229 -25.57 -33.42 -30.21
N HIS D 230 -25.13 -34.46 -30.92
CA HIS D 230 -26.01 -35.24 -31.78
C HIS D 230 -25.61 -36.70 -31.70
N TYR D 231 -26.61 -37.57 -31.77
CA TYR D 231 -26.37 -39.01 -31.77
C TYR D 231 -25.96 -39.48 -33.15
N ASN D 232 -25.03 -40.43 -33.19
CA ASN D 232 -24.53 -40.99 -34.44
C ASN D 232 -25.01 -42.42 -34.58
N GLY D 233 -25.64 -42.73 -35.71
CA GLY D 233 -26.15 -44.06 -35.93
C GLY D 233 -27.41 -44.34 -35.12
N GLU D 234 -27.75 -45.62 -35.07
CA GLU D 234 -28.94 -46.10 -34.36
C GLU D 234 -28.52 -47.05 -33.26
N CYS D 235 -29.04 -46.83 -32.05
CA CYS D 235 -28.77 -47.70 -30.90
C CYS D 235 -29.76 -48.86 -30.93
N SER D 236 -29.59 -49.73 -31.92
CA SER D 236 -30.47 -50.86 -32.14
C SER D 236 -30.03 -52.07 -31.31
N ASN D 237 -30.82 -53.13 -31.38
CA ASN D 237 -30.53 -54.33 -30.61
C ASN D 237 -29.36 -55.12 -31.17
N GLU D 238 -29.02 -54.92 -32.45
CA GLU D 238 -27.94 -55.69 -33.06
C GLU D 238 -26.58 -55.24 -32.55
N ASN D 239 -26.27 -53.96 -32.69
CA ASN D 239 -24.99 -53.44 -32.20
C ASN D 239 -24.98 -53.49 -30.68
N LYS D 240 -24.08 -54.30 -30.13
CA LYS D 240 -24.09 -54.55 -28.68
C LYS D 240 -23.61 -53.34 -27.87
N THR D 241 -22.76 -52.50 -28.45
CA THR D 241 -22.20 -51.34 -27.74
C THR D 241 -22.60 -50.08 -28.49
N CYS D 242 -23.43 -49.24 -27.86
CA CYS D 242 -23.84 -47.99 -28.46
C CYS D 242 -22.83 -46.88 -28.13
N GLU D 243 -22.68 -45.96 -29.08
CA GLU D 243 -21.71 -44.88 -28.96
C GLU D 243 -22.39 -43.54 -29.23
N LEU D 244 -21.77 -42.48 -28.70
CA LEU D 244 -22.26 -41.13 -28.88
C LEU D 244 -21.07 -40.19 -28.90
N VAL D 245 -21.06 -39.29 -29.88
CA VAL D 245 -19.96 -38.34 -30.08
C VAL D 245 -20.44 -36.95 -29.69
N PHE D 246 -19.49 -36.09 -29.32
CA PHE D 246 -19.78 -34.73 -28.93
C PHE D 246 -18.92 -33.77 -29.74
N ASP D 247 -19.55 -32.75 -30.32
CA ASP D 247 -18.86 -31.69 -31.04
C ASP D 247 -19.06 -30.38 -30.28
N THR D 248 -17.96 -29.73 -29.94
CA THR D 248 -17.97 -28.60 -29.02
C THR D 248 -17.43 -27.35 -29.71
N ASP D 249 -18.21 -26.26 -29.64
CA ASP D 249 -17.69 -24.96 -30.05
C ASP D 249 -16.77 -24.38 -28.98
N GLU D 250 -17.10 -24.61 -27.70
CA GLU D 250 -16.30 -24.17 -26.57
C GLU D 250 -15.89 -25.37 -25.74
N LEU D 251 -14.65 -25.34 -25.24
CA LEU D 251 -14.12 -26.46 -24.48
C LEU D 251 -14.92 -26.67 -23.20
N MET D 252 -15.24 -27.93 -22.91
CA MET D 252 -15.93 -28.29 -21.68
C MET D 252 -14.93 -28.50 -20.55
N THR D 253 -15.44 -28.40 -19.32
CA THR D 253 -14.65 -28.60 -18.11
C THR D 253 -15.04 -29.83 -17.32
N TYR D 254 -16.33 -30.16 -17.26
CA TYR D 254 -16.80 -31.34 -16.55
C TYR D 254 -17.97 -31.95 -17.31
N ALA D 255 -18.16 -33.25 -17.12
CA ALA D 255 -19.24 -33.97 -17.79
C ALA D 255 -19.74 -35.11 -16.91
N LEU D 256 -21.05 -35.22 -16.80
CA LEU D 256 -21.70 -36.28 -16.04
C LEU D 256 -22.82 -36.87 -16.87
N VAL D 257 -22.96 -38.20 -16.85
CA VAL D 257 -23.93 -38.89 -17.69
C VAL D 257 -24.63 -39.94 -16.83
N LYS D 258 -25.94 -40.07 -17.00
CA LYS D 258 -26.74 -41.06 -16.30
C LYS D 258 -27.34 -42.03 -17.32
N VAL D 259 -27.44 -43.30 -16.95
CA VAL D 259 -27.87 -44.36 -17.87
C VAL D 259 -29.22 -44.88 -17.40
N PHE D 260 -30.18 -44.93 -18.33
CA PHE D 260 -31.49 -45.51 -18.08
C PHE D 260 -31.72 -46.68 -19.02
N THR D 261 -32.17 -47.80 -18.47
CA THR D 261 -32.28 -49.04 -19.22
C THR D 261 -33.68 -49.62 -19.11
N ASN D 262 -34.14 -50.22 -20.21
CA ASN D 262 -35.39 -50.95 -20.27
C ASN D 262 -35.33 -51.99 -21.38
N PRO D 263 -35.34 -53.28 -21.04
CA PRO D 263 -35.28 -54.31 -22.09
C PRO D 263 -36.44 -54.25 -23.06
N GLU D 264 -37.62 -53.82 -22.61
CA GLU D 264 -38.80 -53.78 -23.46
C GLU D 264 -38.79 -52.61 -24.44
N SER D 265 -37.86 -51.67 -24.30
CA SER D 265 -37.79 -50.54 -25.20
C SER D 265 -37.40 -50.98 -26.61
N ASP D 266 -37.91 -50.26 -27.61
CA ASP D 266 -37.64 -50.56 -29.01
C ASP D 266 -36.41 -49.83 -29.55
N GLY D 267 -35.78 -48.98 -28.75
CA GLY D 267 -34.60 -48.25 -29.18
C GLY D 267 -34.86 -46.91 -29.82
N SER D 268 -36.12 -46.56 -30.08
CA SER D 268 -36.48 -45.28 -30.67
C SER D 268 -37.57 -44.62 -29.84
N ARG D 269 -37.46 -43.32 -29.64
CA ARG D 269 -38.42 -42.55 -28.85
C ARG D 269 -38.64 -41.21 -29.51
N LEU D 270 -39.86 -40.96 -29.99
CA LEU D 270 -40.20 -39.69 -30.61
C LEU D 270 -41.72 -39.56 -30.65
N LYS D 271 -42.21 -38.38 -30.32
CA LYS D 271 -43.65 -38.14 -30.32
C LYS D 271 -44.19 -38.09 -31.74
N GLU D 272 -45.51 -38.24 -31.87
CA GLU D 272 -46.19 -38.17 -33.15
C GLU D 272 -46.35 -36.70 -33.56
N GLU D 273 -45.22 -36.09 -33.87
CA GLU D 273 -45.18 -34.68 -34.23
C GLU D 273 -44.27 -34.49 -35.44
N ASP D 274 -44.49 -33.41 -36.16
CA ASP D 274 -43.70 -33.09 -37.34
C ASP D 274 -43.49 -31.58 -37.48
C1 NAG E . 9.83 30.22 -17.51
C2 NAG E . 11.30 30.02 -17.88
C3 NAG E . 12.14 31.19 -17.36
C4 NAG E . 11.56 32.51 -17.84
C5 NAG E . 10.08 32.60 -17.46
C6 NAG E . 9.39 33.84 -17.99
C7 NAG E . 11.86 28.40 -16.10
C8 NAG E . 12.43 27.04 -15.81
N2 NAG E . 11.82 28.75 -17.39
O3 NAG E . 13.48 31.05 -17.83
O4 NAG E . 12.25 33.60 -17.24
O5 NAG E . 9.38 31.47 -18.00
O6 NAG E . 8.90 33.63 -19.31
O7 NAG E . 11.47 29.14 -15.20
C1 NAG E . 13.22 34.15 -18.18
C2 NAG E . 12.51 34.78 -19.38
C3 NAG E . 12.35 36.29 -19.21
C4 NAG E . 12.19 36.65 -17.74
C5 NAG E . 13.46 36.30 -16.97
C6 NAG E . 13.21 36.00 -15.51
C7 NAG E . 12.61 34.48 -21.82
C8 NAG E . 13.48 34.14 -22.98
N2 NAG E . 13.21 34.48 -20.62
O3 NAG E . 11.21 36.71 -19.95
O4 NAG E . 11.88 38.03 -17.54
O5 NAG E . 14.10 35.15 -17.54
O6 NAG E . 11.84 36.14 -15.18
O7 NAG E . 11.42 34.73 -21.95
C1 BMA E . 12.51 39.00 -18.42
C2 BMA E . 12.15 40.40 -17.82
C3 BMA E . 13.33 40.99 -17.04
C4 BMA E . 14.65 41.03 -17.87
C5 BMA E . 14.57 40.05 -19.05
C6 BMA E . 15.92 39.68 -19.60
O2 BMA E . 11.06 40.30 -16.91
O3 BMA E . 13.54 40.31 -15.81
O4 BMA E . 14.91 42.34 -18.34
O5 BMA E . 13.93 38.86 -18.56
O6 BMA E . 15.75 39.22 -20.94
C1 NAG F . -16.87 -2.94 -19.27
C2 NAG F . -16.84 -2.91 -20.79
C3 NAG F . -16.83 -4.34 -21.32
C4 NAG F . -15.69 -5.14 -20.70
C5 NAG F . -15.71 -5.02 -19.18
C6 NAG F . -14.51 -5.66 -18.52
C7 NAG F . -17.84 -0.95 -21.87
C8 NAG F . -16.46 -0.37 -21.89
N2 NAG F . -17.97 -2.17 -21.32
O3 NAG F . -16.70 -4.32 -22.74
O4 NAG F . -15.80 -6.51 -21.08
O5 NAG F . -15.73 -3.65 -18.78
O6 NAG F . -14.58 -5.59 -17.11
O7 NAG F . -18.81 -0.34 -22.31
C1 NAG F . -14.70 -6.86 -21.95
C2 NAG F . -14.76 -8.37 -22.20
C3 NAG F . -13.61 -8.79 -23.12
C4 NAG F . -13.61 -7.96 -24.40
C5 NAG F . -13.66 -6.46 -24.08
C6 NAG F . -13.84 -5.60 -25.30
C7 NAG F . -15.76 -9.77 -20.47
C8 NAG F . -15.54 -10.48 -19.17
N2 NAG F . -14.71 -9.11 -20.96
O3 NAG F . -13.75 -10.16 -23.43
O4 NAG F . -12.42 -8.21 -25.14
O5 NAG F . -14.76 -6.17 -23.20
O6 NAG F . -15.21 -5.48 -25.66
O7 NAG F . -16.85 -9.80 -21.04
C1 BMA F . -12.65 -9.15 -26.20
C2 BMA F . -12.78 -8.38 -27.53
C3 BMA F . -12.80 -9.36 -28.72
C4 BMA F . -11.66 -10.37 -28.63
C5 BMA F . -11.72 -11.09 -27.29
C6 BMA F . -10.61 -12.11 -27.10
O2 BMA F . -11.68 -7.52 -27.74
O3 BMA F . -12.74 -8.67 -29.96
O4 BMA F . -11.75 -11.32 -29.68
O5 BMA F . -11.59 -10.10 -26.25
O6 BMA F . -10.32 -12.68 -28.37
C1 NAG G . -23.68 -50.29 -34.66
C2 NAG G . -24.22 -48.87 -34.47
C3 NAG G . -25.09 -48.47 -35.66
C4 NAG G . -24.31 -48.64 -36.95
C5 NAG G . -23.76 -50.06 -37.06
C6 NAG G . -22.91 -50.27 -38.29
C7 NAG G . -24.84 -47.74 -32.37
C8 NAG G . -23.84 -46.68 -32.76
N2 NAG G . -24.97 -48.77 -33.22
O3 NAG G . -25.51 -47.13 -35.50
O4 NAG G . -25.16 -48.38 -38.07
O5 NAG G . -22.95 -50.37 -35.91
O6 NAG G . -21.60 -49.73 -38.15
O7 NAG G . -25.48 -47.68 -31.33
C1 NAG G . -21.42 -48.62 -39.06
C2 NAG G . -19.99 -48.04 -38.91
C3 NAG G . -19.09 -48.44 -40.08
C4 NAG G . -19.43 -49.85 -40.53
C5 NAG G . -20.80 -49.83 -41.20
C6 NAG G . -21.46 -51.19 -41.26
C7 NAG G . -20.47 -45.73 -39.64
C8 NAG G . -20.39 -44.28 -39.27
N2 NAG G . -20.01 -46.59 -38.73
O3 NAG G . -17.72 -48.36 -39.69
O4 NAG G . -18.44 -50.35 -41.43
O5 NAG G . -21.70 -48.94 -40.50
O6 NAG G . -22.86 -51.08 -41.49
O7 NAG G . -20.94 -46.09 -40.73
C1 BMA G . -18.51 -49.72 -42.73
C2 BMA G . -17.08 -49.26 -43.12
C3 BMA G . -17.03 -48.81 -44.59
C4 BMA G . -17.73 -49.83 -45.52
C5 BMA G . -19.15 -50.08 -45.02
C6 BMA G . -19.92 -51.06 -45.87
O2 BMA G . -16.16 -50.33 -42.99
O3 BMA G . -15.71 -48.59 -45.03
O4 BMA G . -17.77 -49.33 -46.85
O5 BMA G . -19.05 -50.62 -43.69
O6 BMA G . -21.30 -50.94 -45.57
C1 NAG H . -7.09 2.49 27.65
C2 NAG H . -6.63 1.04 27.81
C3 NAG H . -5.66 0.91 28.97
C4 NAG H . -4.51 1.88 28.82
C5 NAG H . -5.04 3.30 28.59
C6 NAG H . -3.94 4.30 28.28
C7 NAG H . -8.44 -0.41 26.96
C8 NAG H . -9.59 -1.29 27.32
N2 NAG H . -7.78 0.15 27.98
O3 NAG H . -5.17 -0.43 29.03
O4 NAG H . -3.70 1.87 29.98
O5 NAG H . -5.94 3.32 27.47
O6 NAG H . -4.44 5.62 28.22
O7 NAG H . -8.10 -0.21 25.80
C1 NAG I . -38.43 40.40 -26.76
C2 NAG I . -38.45 41.29 -28.01
C3 NAG I . -39.50 42.39 -27.84
C4 NAG I . -40.85 41.78 -27.51
C5 NAG I . -40.74 40.85 -26.29
C6 NAG I . -42.02 40.11 -25.99
C7 NAG I . -36.54 41.86 -29.44
C8 NAG I . -37.31 41.19 -30.56
N2 NAG I . -37.14 41.88 -28.26
O3 NAG I . -39.59 43.13 -29.05
O4 NAG I . -41.79 42.80 -27.23
O5 NAG I . -39.74 39.86 -26.53
O6 NAG I . -41.81 38.71 -25.92
O7 NAG I . -35.43 42.36 -29.63
C1 NAG J . -41.90 2.92 -3.74
C2 NAG J . -41.31 1.52 -3.91
C3 NAG J . -42.39 0.46 -3.75
C4 NAG J . -43.12 0.65 -2.42
C5 NAG J . -43.64 2.07 -2.31
C6 NAG J . -44.27 2.36 -0.97
C7 NAG J . -39.43 0.89 -5.37
C8 NAG J . -38.73 0.46 -4.11
N2 NAG J . -40.66 1.39 -5.21
O3 NAG J . -41.80 -0.83 -3.80
O4 NAG J . -44.21 -0.26 -2.33
O5 NAG J . -42.57 3.00 -2.46
O6 NAG J . -44.66 1.16 -0.31
O7 NAG J . -38.91 0.79 -6.47
C1 NAG K . 8.03 10.19 -20.28
C2 NAG K . 8.20 8.76 -20.78
C3 NAG K . 9.67 8.38 -20.85
C4 NAG K . 10.44 9.40 -21.68
C5 NAG K . 10.18 10.82 -21.15
C6 NAG K . 10.80 11.89 -22.01
C7 NAG K . 6.49 7.03 -20.36
C8 NAG K . 6.15 7.15 -21.82
N2 NAG K . 7.47 7.83 -19.92
O3 NAG K . 9.81 7.09 -21.43
O4 NAG K . 11.84 9.13 -21.63
O5 NAG K . 8.77 11.07 -21.13
O6 NAG K . 9.88 12.94 -22.28
O7 NAG K . 5.90 6.26 -19.62
#